data_7YO0
#
_entry.id   7YO0
#
_cell.length_a   1.00
_cell.length_b   1.00
_cell.length_c   1.00
_cell.angle_alpha   90.00
_cell.angle_beta   90.00
_cell.angle_gamma   90.00
#
_symmetry.space_group_name_H-M   'P 1'
#
loop_
_entity.id
_entity.type
_entity.pdbx_description
1 polymer 'Calcium-activated potassium channel subunit alpha-1'
2 polymer 'Leucine-rich repeat-containing protein 26'
3 non-polymer '(1R)-2-{[(S)-{[(2S)-2,3-dihydroxypropyl]oxy}(hydroxy)phosphoryl]oxy}-1-[(hexadecanoyloxy)methyl]ethyl (9Z)-octadec-9-enoate'
4 non-polymer 'MAGNESIUM ION'
5 non-polymer 'CALCIUM ION'
#
loop_
_entity_poly.entity_id
_entity_poly.type
_entity_poly.pdbx_seq_one_letter_code
_entity_poly.pdbx_strand_id
1 'polypeptide(L)'
;MDALIIPVTMEVPCDSRGQRMWWAFLASSMVTFFGGLFIILLWRTLKYLWTVCCHCGGKTKEAQKINNGSSQADGTLKPV
DEKEEAVAAEVGWMTSVKDWAGVMISAQTLTGRVLVVLVFALSIGALVIYFIDSSNPIESCQNFYKDFTLQIDMAFNVFF
LLYFGLRFIAANDKLWFWLEVNSVVDFFTVPPVFVSVYLNRSWLGLRFLRALRLIQFSEILQFLNILKTSNSIKLVNLLS
IFISTWLTAAGFIHLVENSGDPWENFQNNQALTYWECVYLLMVTMSTVGYGDVYAKTTLGRLFMVFFILGGLAMFASYVP
EIIELIGNRKKYGGSYSAVSGRKHIVVCGHITLESVSNFLKDFLHKDRDDVNVEIVFLHNISPNLELEALFKRHFTQVEF
YQGSVLNPHDLARVKIESADACLILANKYCADPDAEDASNIMRVISIKNYHPKIRIITQMLQYHNKAHLLNIPSWNWKEG
DDAICLAELKLGFIAQSCLAQGLSTMLANLFSMRSFIKIEEDTWQKYYLEGVSNEMYTEYLSSAFVGLSFPTVCELCFVK
LKLLMIAIEYKSANRESRSRSRILINPGNHLKIQEGTLGFFIASDAKEVKRAFFYCKACHDDITDPKRIKKCGCKRLEDE
QPSTLSPKKKQRNGGMRNSPNTSPKLMRHDPLLIPGNDQIDNMDSNVKKYDSTGMFHWCAPKEIEKVILTRSEAAMTVLS
GHVVVCIFGDVSSALIGLRNLVMPLRASNFHYHELKHIVFVGSIEYLKREWETLHNFPKVSILPGTPLSRADLRAVNINL
CDMCVILSANQNNIDDTSLQDKECILASLNIKSMQFDDSIGVLQANSQGFTPPGMDRSSPDNSPVHGMLRQPSITTGVNI
PIITELVNDTNVQFLDQDDDDDPDTELYLTQPFACGTAFAVSVLDSLMSATYFNDNILTLIRTLVTGGATPELEALIAEE
NALRGGYSTPQTLANRDRCRVAQLALLDGPFADLGDGGCYGDLFCKALKTYNMLCFGIYRLRDAHLSTPSQCTKRYVITN
PPYEFELVPTDLIFCLMQFD
;
A,C,E,G
2 'polypeptide(L)'
;MRGPSWSRPRPLLLLLLLLSPWPVWAQVSATASPSGSLGAPDCPEVCTCVPGGLASCSALSLPAVPPGLSLRLRALLLDH
NRVRALPPGAFAGAGALQRLDLRENGLHSVHVRAFWGLGALQLLDLSANQLEALAPGTFAPLRALRNLSLAGNRLARLEP
AALGALPLLRSLSLQDNELAALAPGLLGRLPALDALHLRGNPWGCGCALRPLCAWLRRHPLPASEAETVLCVWPGRLTLS
PLTAFSDAAFSHCAQPLALRDLAVVYTLGPASFLVSLASCLALGSGLTACRARRRRLRTAALRPPRPPDPNPDPDPHGCA
SPADPGSPAAAAQA
;
B,D,F,H
#
# COMPACT_ATOMS: atom_id res chain seq x y z
N PRO A 13 30.39 3.39 -56.40
CA PRO A 13 30.51 1.99 -55.96
C PRO A 13 29.88 1.75 -54.59
N CYS A 14 30.02 0.54 -54.08
CA CYS A 14 29.49 0.16 -52.78
C CYS A 14 30.59 -0.50 -51.95
N ASP A 15 30.21 -0.96 -50.76
CA ASP A 15 31.15 -1.56 -49.81
C ASP A 15 32.33 -0.63 -49.53
N SER A 16 32.01 0.53 -48.98
CA SER A 16 32.99 1.58 -48.76
C SER A 16 33.66 1.52 -47.39
N ARG A 17 33.41 0.47 -46.60
CA ARG A 17 33.91 0.39 -45.23
C ARG A 17 34.87 -0.80 -45.13
N GLY A 18 36.17 -0.51 -45.20
CA GLY A 18 37.17 -1.55 -44.98
C GLY A 18 37.52 -1.73 -43.52
N GLN A 19 37.56 -0.63 -42.77
CA GLN A 19 37.89 -0.67 -41.35
C GLN A 19 37.05 0.32 -40.57
N ARG A 20 37.29 0.45 -39.27
CA ARG A 20 36.51 1.34 -38.42
C ARG A 20 37.39 2.47 -37.90
N MET A 21 36.86 3.70 -37.98
CA MET A 21 37.47 4.87 -37.37
C MET A 21 36.47 5.57 -36.47
N TRP A 22 35.72 4.78 -35.70
CA TRP A 22 34.68 5.32 -34.82
C TRP A 22 35.25 6.26 -33.77
N TRP A 23 36.55 6.16 -33.47
CA TRP A 23 37.11 6.96 -32.39
C TRP A 23 37.08 8.46 -32.70
N ALA A 24 37.03 8.82 -33.99
CA ALA A 24 37.08 10.23 -34.37
C ALA A 24 35.89 11.00 -33.82
N PHE A 25 34.68 10.49 -34.08
CA PHE A 25 33.47 11.17 -33.59
C PHE A 25 33.42 11.16 -32.07
N LEU A 26 33.73 10.02 -31.47
CA LEU A 26 33.74 9.92 -30.00
C LEU A 26 34.80 10.84 -29.41
N ALA A 27 35.98 10.89 -30.02
CA ALA A 27 37.02 11.79 -29.53
C ALA A 27 36.59 13.24 -29.62
N SER A 28 35.93 13.62 -30.73
CA SER A 28 35.48 14.99 -30.88
C SER A 28 34.45 15.35 -29.82
N SER A 29 33.45 14.49 -29.60
CA SER A 29 32.44 14.78 -28.60
C SER A 29 33.04 14.83 -27.20
N MET A 30 33.90 13.87 -26.86
CA MET A 30 34.50 13.84 -25.53
C MET A 30 35.40 15.05 -25.31
N VAL A 31 36.18 15.43 -26.32
CA VAL A 31 37.07 16.57 -26.16
C VAL A 31 36.28 17.86 -26.02
N THR A 32 35.16 17.98 -26.75
CA THR A 32 34.31 19.15 -26.58
C THR A 32 33.78 19.23 -25.15
N PHE A 33 33.17 18.13 -24.67
CA PHE A 33 32.57 18.15 -23.33
C PHE A 33 33.62 18.38 -22.25
N PHE A 34 34.76 17.70 -22.35
CA PHE A 34 35.77 17.78 -21.31
C PHE A 34 36.52 19.11 -21.37
N GLY A 35 36.70 19.68 -22.56
CA GLY A 35 37.29 21.00 -22.65
C GLY A 35 36.38 22.06 -22.08
N GLY A 36 35.07 21.94 -22.31
CA GLY A 36 34.13 22.84 -21.67
C GLY A 36 34.19 22.76 -20.16
N LEU A 37 34.18 21.53 -19.63
CA LEU A 37 34.28 21.34 -18.18
C LEU A 37 35.58 21.92 -17.64
N PHE A 38 36.70 21.66 -18.33
CA PHE A 38 37.99 22.11 -17.84
C PHE A 38 38.11 23.63 -17.88
N ILE A 39 37.60 24.26 -18.94
CA ILE A 39 37.69 25.72 -19.02
C ILE A 39 36.77 26.36 -17.99
N ILE A 40 35.61 25.76 -17.72
CA ILE A 40 34.74 26.31 -16.69
C ILE A 40 35.38 26.17 -15.31
N LEU A 41 36.00 25.01 -15.03
CA LEU A 41 36.66 24.82 -13.75
C LEU A 41 37.86 25.74 -13.60
N LEU A 42 38.60 25.96 -14.70
CA LEU A 42 39.73 26.87 -14.65
C LEU A 42 39.28 28.30 -14.39
N TRP A 43 38.16 28.71 -15.02
CA TRP A 43 37.60 30.03 -14.74
C TRP A 43 37.20 30.14 -13.27
N ARG A 44 36.57 29.11 -12.74
CA ARG A 44 36.15 29.14 -11.33
C ARG A 44 37.35 29.23 -10.39
N THR A 45 38.41 28.47 -10.69
CA THR A 45 39.60 28.49 -9.83
C THR A 45 40.34 29.82 -9.95
N LEU A 46 40.42 30.39 -11.16
CA LEU A 46 41.05 31.68 -11.33
C LEU A 46 40.29 32.77 -10.59
N LYS A 47 38.96 32.73 -10.64
CA LYS A 47 38.17 33.66 -9.84
C LYS A 47 38.40 33.44 -8.35
N TYR A 48 38.52 32.18 -7.94
CA TYR A 48 38.81 31.88 -6.53
C TYR A 48 40.18 32.39 -6.12
N LEU A 49 41.18 32.25 -6.99
CA LEU A 49 42.56 32.64 -6.70
C LEU A 49 42.88 34.04 -7.20
N TRP A 50 41.89 34.78 -7.68
CA TRP A 50 42.04 36.14 -8.23
C TRP A 50 43.30 36.30 -9.10
N GLU A 90 26.34 52.26 -17.35
CA GLU A 90 24.91 52.14 -17.66
C GLU A 90 24.23 51.18 -16.68
N VAL A 91 23.73 50.06 -17.22
CA VAL A 91 23.05 49.05 -16.42
C VAL A 91 23.61 47.66 -16.63
N GLY A 92 24.66 47.49 -17.43
CA GLY A 92 25.24 46.19 -17.67
C GLY A 92 24.88 45.62 -19.02
N TRP A 93 25.86 45.59 -19.94
CA TRP A 93 25.60 45.07 -21.27
C TRP A 93 25.47 43.54 -21.27
N MET A 94 26.26 42.86 -20.44
CA MET A 94 26.14 41.41 -20.34
C MET A 94 24.79 41.02 -19.75
N THR A 95 24.32 41.76 -18.74
CA THR A 95 22.99 41.52 -18.19
C THR A 95 21.91 41.73 -19.23
N SER A 96 22.07 42.72 -20.11
CA SER A 96 21.08 42.98 -21.14
C SER A 96 20.95 41.80 -22.10
N VAL A 97 22.08 41.27 -22.57
CA VAL A 97 22.01 40.14 -23.49
C VAL A 97 21.55 38.88 -22.78
N LYS A 98 21.91 38.72 -21.50
CA LYS A 98 21.41 37.57 -20.73
C LYS A 98 19.89 37.63 -20.60
N ASP A 99 19.35 38.81 -20.29
CA ASP A 99 17.90 38.96 -20.21
C ASP A 99 17.23 38.75 -21.56
N TRP A 100 17.87 39.24 -22.62
CA TRP A 100 17.31 39.04 -23.97
C TRP A 100 17.24 37.56 -24.32
N ALA A 101 18.30 36.81 -24.02
CA ALA A 101 18.29 35.37 -24.28
C ALA A 101 17.26 34.66 -23.41
N GLY A 102 17.16 35.05 -22.14
CA GLY A 102 16.16 34.45 -21.27
C GLY A 102 14.75 34.68 -21.75
N VAL A 103 14.47 35.87 -22.27
CA VAL A 103 13.16 36.13 -22.88
C VAL A 103 12.99 35.30 -24.14
N MET A 104 14.06 35.15 -24.93
CA MET A 104 13.97 34.38 -26.16
C MET A 104 13.74 32.90 -25.88
N ILE A 105 14.41 32.35 -24.86
CA ILE A 105 14.23 30.93 -24.54
C ILE A 105 12.78 30.66 -24.12
N SER A 106 12.24 31.51 -23.26
CA SER A 106 10.85 31.38 -22.87
C SER A 106 9.94 31.85 -24.01
N ALA A 107 8.67 31.44 -23.92
CA ALA A 107 7.67 31.83 -24.93
C ALA A 107 6.93 33.09 -24.46
N GLN A 108 7.71 34.12 -24.16
CA GLN A 108 7.17 35.39 -23.72
C GLN A 108 6.95 36.38 -24.86
N THR A 109 7.58 36.15 -26.01
CA THR A 109 7.41 36.98 -27.20
C THR A 109 7.07 36.09 -28.37
N LEU A 110 6.63 36.72 -29.47
CA LEU A 110 6.28 35.96 -30.67
C LEU A 110 7.47 35.19 -31.21
N THR A 111 8.64 35.83 -31.23
CA THR A 111 9.85 35.14 -31.67
C THR A 111 10.19 33.99 -30.74
N GLY A 112 10.01 34.17 -29.43
CA GLY A 112 10.26 33.09 -28.50
C GLY A 112 9.34 31.90 -28.71
N ARG A 113 8.05 32.16 -28.93
CA ARG A 113 7.11 31.07 -29.22
C ARG A 113 7.47 30.37 -30.52
N VAL A 114 7.85 31.15 -31.54
CA VAL A 114 8.25 30.55 -32.82
C VAL A 114 9.47 29.65 -32.63
N LEU A 115 10.47 30.13 -31.87
CA LEU A 115 11.66 29.33 -31.61
C LEU A 115 11.33 28.07 -30.83
N VAL A 116 10.42 28.17 -29.86
CA VAL A 116 10.03 27.00 -29.06
C VAL A 116 9.34 25.96 -29.95
N VAL A 117 8.41 26.40 -30.79
CA VAL A 117 7.72 25.49 -31.69
C VAL A 117 8.70 24.86 -32.67
N LEU A 118 9.66 25.66 -33.15
CA LEU A 118 10.68 25.13 -34.05
C LEU A 118 11.54 24.08 -33.36
N VAL A 119 11.89 24.32 -32.09
CA VAL A 119 12.67 23.34 -31.34
C VAL A 119 11.90 22.04 -31.21
N PHE A 120 10.61 22.13 -30.87
CA PHE A 120 9.77 20.94 -30.79
C PHE A 120 9.76 20.18 -32.11
N ALA A 121 9.46 20.90 -33.19
CA ALA A 121 9.31 20.26 -34.51
C ALA A 121 10.63 19.65 -34.96
N LEU A 122 11.74 20.33 -34.77
CA LEU A 122 13.02 19.82 -35.23
C LEU A 122 13.54 18.70 -34.35
N SER A 123 13.20 18.68 -33.06
CA SER A 123 13.51 17.51 -32.24
C SER A 123 12.77 16.29 -32.75
N ILE A 124 11.47 16.47 -33.06
CA ILE A 124 10.70 15.35 -33.62
C ILE A 124 11.31 14.92 -34.96
N GLY A 125 11.70 15.88 -35.78
CA GLY A 125 12.29 15.56 -37.07
C GLY A 125 13.62 14.83 -36.95
N ALA A 126 14.45 15.25 -35.99
CA ALA A 126 15.72 14.56 -35.76
C ALA A 126 15.49 13.14 -35.28
N LEU A 127 14.49 12.94 -34.41
CA LEU A 127 14.16 11.57 -33.98
C LEU A 127 13.72 10.73 -35.19
N VAL A 128 12.89 11.30 -36.06
CA VAL A 128 12.44 10.57 -37.25
C VAL A 128 13.62 10.26 -38.16
N ILE A 129 14.54 11.21 -38.32
CA ILE A 129 15.71 11.00 -39.17
C ILE A 129 16.58 9.88 -38.63
N TYR A 130 16.79 9.87 -37.30
CA TYR A 130 17.54 8.77 -36.70
C TYR A 130 16.83 7.44 -36.89
N PHE A 131 15.49 7.45 -36.81
CA PHE A 131 14.73 6.24 -37.05
C PHE A 131 14.94 5.73 -38.47
N ILE A 132 14.93 6.64 -39.45
CA ILE A 132 15.12 6.25 -40.84
C ILE A 132 16.54 5.74 -41.07
N ASP A 133 17.53 6.45 -40.51
CA ASP A 133 18.93 6.10 -40.74
C ASP A 133 19.35 4.85 -40.01
N SER A 134 18.49 4.30 -39.14
CA SER A 134 18.85 3.10 -38.40
C SER A 134 18.98 1.89 -39.32
N SER A 135 18.22 1.86 -40.43
CA SER A 135 18.29 0.74 -41.34
C SER A 135 19.63 0.65 -42.06
N ASN A 136 20.33 1.77 -42.18
CA ASN A 136 21.62 1.77 -42.83
C ASN A 136 22.66 1.04 -41.96
N PRO A 137 23.74 0.55 -42.57
CA PRO A 137 24.79 -0.12 -41.79
C PRO A 137 25.40 0.81 -40.76
N ILE A 138 26.24 0.22 -39.90
CA ILE A 138 26.87 0.99 -38.83
C ILE A 138 27.76 2.08 -39.40
N GLU A 139 28.56 1.75 -40.40
CA GLU A 139 29.42 2.71 -41.08
C GLU A 139 29.15 2.68 -42.58
N SER A 140 29.22 3.85 -43.20
CA SER A 140 29.02 3.97 -44.64
C SER A 140 29.61 5.28 -45.11
N CYS A 141 29.80 5.39 -46.42
CA CYS A 141 30.27 6.62 -47.06
C CYS A 141 29.15 7.18 -47.92
N GLN A 142 28.74 8.41 -47.62
CA GLN A 142 27.68 9.08 -48.35
C GLN A 142 28.11 10.49 -48.68
N ASN A 143 27.85 10.90 -49.92
CA ASN A 143 28.25 12.21 -50.42
C ASN A 143 27.27 13.26 -49.93
N PHE A 144 27.80 14.32 -49.33
CA PHE A 144 26.94 15.32 -48.70
C PHE A 144 26.06 16.04 -49.72
N TYR A 145 26.64 16.44 -50.85
CA TYR A 145 25.89 17.20 -51.85
C TYR A 145 25.11 16.31 -52.81
N LYS A 146 25.22 14.99 -52.68
CA LYS A 146 24.41 14.07 -53.47
C LYS A 146 23.41 13.29 -52.62
N ASP A 147 23.20 13.70 -51.37
CA ASP A 147 22.26 13.03 -50.47
C ASP A 147 21.26 14.04 -49.95
N PHE A 148 20.03 13.56 -49.74
CA PHE A 148 18.93 14.41 -49.28
C PHE A 148 18.75 14.40 -47.77
N THR A 149 19.25 13.37 -47.08
CA THR A 149 19.06 13.29 -45.63
C THR A 149 20.15 14.05 -44.89
N LEU A 150 21.39 13.99 -45.37
CA LEU A 150 22.50 14.61 -44.67
C LEU A 150 22.35 16.13 -44.60
N GLN A 151 21.85 16.75 -45.68
CA GLN A 151 21.64 18.20 -45.66
C GLN A 151 20.60 18.59 -44.62
N ILE A 152 19.49 17.84 -44.55
CA ILE A 152 18.47 18.14 -43.55
C ILE A 152 19.01 17.94 -42.14
N ASP A 153 19.80 16.89 -41.93
CA ASP A 153 20.41 16.67 -40.63
C ASP A 153 21.37 17.80 -40.26
N MET A 154 22.14 18.28 -41.25
CA MET A 154 23.05 19.39 -41.00
C MET A 154 22.29 20.64 -40.61
N ALA A 155 21.19 20.94 -41.31
CA ALA A 155 20.37 22.09 -40.94
C ALA A 155 19.80 21.93 -39.54
N PHE A 156 19.31 20.72 -39.22
CA PHE A 156 18.73 20.48 -37.90
C PHE A 156 19.75 20.69 -36.79
N ASN A 157 20.95 20.14 -36.95
CA ASN A 157 21.95 20.29 -35.90
C ASN A 157 22.54 21.69 -35.85
N VAL A 158 22.54 22.42 -36.97
CA VAL A 158 22.93 23.83 -36.91
C VAL A 158 21.91 24.62 -36.10
N PHE A 159 20.62 24.37 -36.32
CA PHE A 159 19.60 25.03 -35.51
C PHE A 159 19.74 24.64 -34.04
N PHE A 160 20.04 23.37 -33.77
CA PHE A 160 20.24 22.92 -32.39
C PHE A 160 21.44 23.61 -31.76
N LEU A 161 22.51 23.81 -32.53
CA LEU A 161 23.67 24.54 -32.03
C LEU A 161 23.32 25.98 -31.69
N LEU A 162 22.54 26.64 -32.55
CA LEU A 162 22.12 28.01 -32.27
C LEU A 162 21.26 28.05 -31.01
N TYR A 163 20.34 27.08 -30.85
CA TYR A 163 19.52 27.02 -29.65
C TYR A 163 20.35 26.78 -28.41
N PHE A 164 21.37 25.93 -28.52
CA PHE A 164 22.27 25.70 -27.40
C PHE A 164 23.02 26.97 -27.02
N GLY A 165 23.48 27.73 -28.02
CA GLY A 165 24.13 28.99 -27.72
C GLY A 165 23.20 29.97 -27.02
N LEU A 166 21.94 30.04 -27.48
CA LEU A 166 20.96 30.91 -26.84
C LEU A 166 20.72 30.48 -25.39
N ARG A 167 20.63 29.16 -25.15
CA ARG A 167 20.45 28.66 -23.80
C ARG A 167 21.66 28.97 -22.93
N PHE A 168 22.87 28.84 -23.49
CA PHE A 168 24.08 29.10 -22.73
C PHE A 168 24.19 30.58 -22.34
N ILE A 169 23.77 31.48 -23.23
CA ILE A 169 23.79 32.90 -22.89
C ILE A 169 22.86 33.18 -21.72
N ALA A 170 21.68 32.57 -21.71
CA ALA A 170 20.70 32.78 -20.66
C ALA A 170 20.93 31.90 -19.43
N ALA A 171 21.89 30.99 -19.47
CA ALA A 171 22.11 30.09 -18.35
C ALA A 171 22.61 30.86 -17.13
N ASN A 172 22.09 30.49 -15.96
CA ASN A 172 22.49 31.14 -14.71
C ASN A 172 23.87 30.65 -14.26
N ASP A 173 23.99 29.35 -14.01
CA ASP A 173 25.26 28.74 -13.64
C ASP A 173 25.81 27.97 -14.83
N LYS A 174 27.03 28.30 -15.24
CA LYS A 174 27.59 27.69 -16.43
C LYS A 174 27.99 26.23 -16.19
N LEU A 175 28.59 25.95 -15.04
CA LEU A 175 29.05 24.58 -14.75
C LEU A 175 27.88 23.62 -14.67
N TRP A 176 26.80 24.02 -13.99
CA TRP A 176 25.64 23.13 -13.86
C TRP A 176 24.79 23.11 -15.13
N PHE A 177 24.93 24.11 -15.99
CA PHE A 177 24.29 24.02 -17.31
C PHE A 177 25.05 23.08 -18.23
N TRP A 178 26.37 22.99 -18.04
CA TRP A 178 27.18 22.07 -18.85
C TRP A 178 26.80 20.63 -18.59
N LEU A 179 26.28 20.32 -17.40
CA LEU A 179 25.95 18.95 -17.01
C LEU A 179 24.50 18.59 -17.25
N GLU A 180 23.71 19.47 -17.87
CA GLU A 180 22.32 19.14 -18.16
C GLU A 180 22.24 18.08 -19.27
N VAL A 181 21.12 17.36 -19.29
CA VAL A 181 20.96 16.27 -20.24
C VAL A 181 20.90 16.81 -21.67
N ASN A 182 20.22 17.93 -21.88
CA ASN A 182 20.12 18.49 -23.23
C ASN A 182 21.49 18.95 -23.72
N SER A 183 22.28 19.55 -22.84
CA SER A 183 23.64 19.95 -23.22
C SER A 183 24.49 18.75 -23.61
N VAL A 184 24.39 17.66 -22.85
CA VAL A 184 25.20 16.48 -23.12
C VAL A 184 24.84 15.88 -24.48
N VAL A 185 23.53 15.76 -24.76
CA VAL A 185 23.12 15.21 -26.04
C VAL A 185 23.50 16.14 -27.18
N ASP A 186 23.45 17.46 -26.99
CA ASP A 186 23.94 18.36 -28.03
C ASP A 186 25.43 18.13 -28.28
N PHE A 187 26.22 18.02 -27.21
CA PHE A 187 27.66 17.81 -27.34
C PHE A 187 27.98 16.50 -28.06
N PHE A 188 27.23 15.44 -27.77
CA PHE A 188 27.49 14.15 -28.37
C PHE A 188 26.69 13.91 -29.64
N THR A 189 25.93 14.88 -30.10
CA THR A 189 25.17 14.72 -31.33
C THR A 189 25.62 15.64 -32.46
N VAL A 190 25.90 16.91 -32.18
CA VAL A 190 26.19 17.85 -33.26
C VAL A 190 27.61 17.69 -33.80
N PRO A 191 28.66 17.67 -32.98
CA PRO A 191 30.03 17.53 -33.50
C PRO A 191 30.22 16.26 -34.33
N PRO A 192 29.66 15.10 -33.93
CA PRO A 192 29.80 13.93 -34.80
C PRO A 192 29.19 14.11 -36.18
N VAL A 193 28.04 14.78 -36.29
CA VAL A 193 27.45 15.01 -37.60
C VAL A 193 28.31 16.00 -38.39
N PHE A 194 28.87 17.01 -37.73
CA PHE A 194 29.79 17.91 -38.41
C PHE A 194 30.99 17.17 -38.97
N VAL A 195 31.57 16.26 -38.17
CA VAL A 195 32.72 15.50 -38.63
C VAL A 195 32.33 14.56 -39.78
N SER A 196 31.14 13.96 -39.69
CA SER A 196 30.67 13.09 -40.76
C SER A 196 30.51 13.86 -42.07
N VAL A 197 29.96 15.07 -42.00
CA VAL A 197 29.86 15.91 -43.20
C VAL A 197 31.25 16.27 -43.71
N TYR A 198 32.18 16.57 -42.79
CA TYR A 198 33.55 16.90 -43.20
C TYR A 198 34.24 15.71 -43.87
N LEU A 199 34.14 14.52 -43.27
CA LEU A 199 34.86 13.36 -43.75
C LEU A 199 34.11 12.55 -44.80
N ASN A 200 32.88 12.95 -45.14
CA ASN A 200 32.04 12.22 -46.11
C ASN A 200 31.87 10.77 -45.70
N ARG A 201 31.73 10.54 -44.39
CA ARG A 201 31.59 9.19 -43.85
C ARG A 201 30.71 9.26 -42.61
N SER A 202 29.62 8.51 -42.60
CA SER A 202 28.63 8.56 -41.55
C SER A 202 28.72 7.29 -40.70
N TRP A 203 28.82 7.49 -39.38
CA TRP A 203 28.84 6.39 -38.42
C TRP A 203 27.66 6.54 -37.48
N LEU A 204 26.88 5.47 -37.34
CA LEU A 204 25.73 5.46 -36.44
C LEU A 204 26.26 5.15 -35.03
N GLY A 205 26.77 6.16 -34.36
CA GLY A 205 27.32 5.99 -33.03
C GLY A 205 26.34 6.35 -31.94
N LEU A 206 26.57 7.50 -31.28
CA LEU A 206 25.70 7.98 -30.21
C LEU A 206 24.55 8.82 -30.74
N ARG A 207 24.13 8.59 -31.98
CA ARG A 207 23.02 9.35 -32.56
C ARG A 207 21.70 9.02 -31.86
N PHE A 208 21.65 7.89 -31.15
CA PHE A 208 20.43 7.52 -30.44
C PHE A 208 20.14 8.46 -29.27
N LEU A 209 21.08 9.30 -28.87
CA LEU A 209 20.86 10.22 -27.76
C LEU A 209 19.84 11.29 -28.10
N ARG A 210 19.48 11.44 -29.39
CA ARG A 210 18.49 12.43 -29.77
C ARG A 210 17.14 12.18 -29.09
N ALA A 211 16.84 10.92 -28.77
CA ALA A 211 15.60 10.63 -28.07
C ALA A 211 15.57 11.26 -26.69
N LEU A 212 16.74 11.50 -26.09
CA LEU A 212 16.78 12.22 -24.83
C LEU A 212 16.29 13.65 -24.98
N ARG A 213 16.48 14.26 -26.15
CA ARG A 213 15.88 15.56 -26.44
C ARG A 213 14.37 15.53 -26.35
N LEU A 214 13.76 14.35 -26.47
CA LEU A 214 12.33 14.18 -26.28
C LEU A 214 11.89 14.49 -24.86
N ILE A 215 12.82 14.48 -23.90
CA ILE A 215 12.46 14.73 -22.51
C ILE A 215 11.95 16.17 -22.34
N GLN A 216 12.63 17.13 -22.96
CA GLN A 216 12.28 18.54 -22.81
C GLN A 216 11.06 18.89 -23.67
N PHE A 217 9.93 18.31 -23.28
CA PHE A 217 8.64 18.60 -23.89
C PHE A 217 7.63 19.22 -22.93
N SER A 218 7.63 18.79 -21.67
CA SER A 218 6.75 19.41 -20.69
C SER A 218 7.11 20.87 -20.47
N GLU A 219 8.42 21.17 -20.41
CA GLU A 219 8.85 22.56 -20.30
C GLU A 219 8.45 23.36 -21.53
N ILE A 220 8.54 22.74 -22.71
CA ILE A 220 8.12 23.39 -23.95
C ILE A 220 6.64 23.73 -23.90
N LEU A 221 5.81 22.79 -23.43
CA LEU A 221 4.37 23.03 -23.38
C LEU A 221 4.02 24.06 -22.31
N GLN A 222 4.74 24.05 -21.19
CA GLN A 222 4.48 25.01 -20.12
C GLN A 222 4.90 26.42 -20.53
N PHE A 223 5.97 26.55 -21.32
CA PHE A 223 6.36 27.87 -21.80
C PHE A 223 5.28 28.47 -22.69
N LEU A 224 4.62 27.65 -23.50
CA LEU A 224 3.59 28.11 -24.42
C LEU A 224 2.22 28.28 -23.76
N ASN A 225 2.13 28.04 -22.45
CA ASN A 225 0.91 28.18 -21.65
C ASN A 225 -0.18 27.20 -22.05
N ILE A 226 0.12 26.24 -22.93
CA ILE A 226 -0.87 25.23 -23.30
C ILE A 226 -1.13 24.28 -22.14
N LEU A 227 -0.09 23.94 -21.38
CA LEU A 227 -0.16 22.92 -20.34
C LEU A 227 -0.16 23.61 -18.98
N LYS A 228 -1.32 23.64 -18.32
CA LYS A 228 -1.49 24.38 -17.09
C LYS A 228 -1.83 23.50 -15.90
N THR A 229 -2.86 22.66 -16.01
CA THR A 229 -3.33 21.89 -14.87
C THR A 229 -2.28 20.87 -14.42
N SER A 230 -2.28 20.59 -13.12
CA SER A 230 -1.24 19.75 -12.54
C SER A 230 -1.28 18.32 -13.07
N ASN A 231 -2.48 17.76 -13.21
CA ASN A 231 -2.59 16.38 -13.66
C ASN A 231 -2.02 16.19 -15.06
N SER A 232 -2.34 17.09 -15.99
CA SER A 232 -1.85 16.96 -17.35
C SER A 232 -0.34 17.18 -17.42
N ILE A 233 0.18 18.11 -16.62
CA ILE A 233 1.62 18.33 -16.56
C ILE A 233 2.33 17.04 -16.13
N LYS A 234 1.81 16.40 -15.08
CA LYS A 234 2.43 15.19 -14.56
C LYS A 234 2.32 14.04 -15.56
N LEU A 235 1.17 13.94 -16.24
CA LEU A 235 1.01 12.90 -17.25
C LEU A 235 1.99 13.09 -18.40
N VAL A 236 2.14 14.33 -18.88
CA VAL A 236 3.09 14.58 -19.97
C VAL A 236 4.51 14.30 -19.52
N ASN A 237 4.86 14.70 -18.29
CA ASN A 237 6.19 14.39 -17.76
C ASN A 237 6.46 12.90 -17.75
N LEU A 238 5.52 12.12 -17.20
CA LEU A 238 5.71 10.68 -17.10
C LEU A 238 5.83 10.05 -18.49
N LEU A 239 4.95 10.44 -19.41
CA LEU A 239 4.97 9.87 -20.76
C LEU A 239 6.28 10.20 -21.47
N SER A 240 6.72 11.46 -21.38
CA SER A 240 7.95 11.86 -22.06
C SER A 240 9.15 11.12 -21.48
N ILE A 241 9.24 11.04 -20.15
CA ILE A 241 10.37 10.35 -19.54
C ILE A 241 10.39 8.88 -19.92
N PHE A 242 9.22 8.22 -19.87
CA PHE A 242 9.14 6.81 -20.19
C PHE A 242 9.55 6.55 -21.63
N ILE A 243 8.96 7.29 -22.57
CA ILE A 243 9.24 7.05 -23.98
C ILE A 243 10.70 7.37 -24.30
N SER A 244 11.22 8.47 -23.75
CA SER A 244 12.61 8.84 -24.03
C SER A 244 13.58 7.79 -23.50
N THR A 245 13.37 7.33 -22.27
CA THR A 245 14.25 6.30 -21.71
C THR A 245 14.16 5.01 -22.52
N TRP A 246 12.95 4.61 -22.89
CA TRP A 246 12.77 3.40 -23.69
C TRP A 246 13.53 3.50 -25.01
N LEU A 247 13.35 4.60 -25.74
CA LEU A 247 14.00 4.76 -27.03
C LEU A 247 15.52 4.84 -26.89
N THR A 248 16.00 5.55 -25.86
CA THR A 248 17.45 5.67 -25.68
C THR A 248 18.07 4.32 -25.35
N ALA A 249 17.44 3.54 -24.47
CA ALA A 249 17.96 2.22 -24.15
C ALA A 249 17.94 1.31 -25.38
N ALA A 250 16.86 1.37 -26.17
CA ALA A 250 16.80 0.57 -27.38
C ALA A 250 17.89 0.95 -28.36
N GLY A 251 18.13 2.25 -28.53
CA GLY A 251 19.20 2.68 -29.42
C GLY A 251 20.57 2.26 -28.95
N PHE A 252 20.81 2.34 -27.64
CA PHE A 252 22.09 1.89 -27.11
C PHE A 252 22.29 0.39 -27.33
N ILE A 253 21.24 -0.40 -27.12
CA ILE A 253 21.32 -1.84 -27.38
C ILE A 253 21.59 -2.10 -28.85
N HIS A 254 20.93 -1.35 -29.74
CA HIS A 254 21.15 -1.52 -31.18
C HIS A 254 22.61 -1.24 -31.52
N LEU A 255 23.16 -0.14 -31.01
CA LEU A 255 24.55 0.21 -31.30
C LEU A 255 25.50 -0.85 -30.75
N VAL A 256 25.25 -1.34 -29.53
CA VAL A 256 26.17 -2.29 -28.92
C VAL A 256 26.11 -3.64 -29.63
N GLU A 257 24.91 -4.11 -29.95
CA GLU A 257 24.78 -5.42 -30.58
C GLU A 257 25.28 -5.41 -32.03
N ASN A 258 25.01 -4.32 -32.76
CA ASN A 258 25.47 -4.24 -34.14
C ASN A 258 26.98 -4.07 -34.21
N SER A 259 27.56 -3.31 -33.27
CA SER A 259 29.00 -3.06 -33.20
C SER A 259 29.55 -3.85 -32.02
N GLY A 260 30.08 -5.04 -32.30
CA GLY A 260 30.59 -5.93 -31.28
C GLY A 260 31.64 -5.33 -30.36
N ASP A 261 31.94 -6.03 -29.26
CA ASP A 261 32.89 -5.52 -28.29
C ASP A 261 34.26 -5.35 -28.93
N PRO A 262 34.94 -4.23 -28.70
CA PRO A 262 36.23 -3.98 -29.37
C PRO A 262 37.30 -5.01 -29.07
N TRP A 263 37.35 -5.54 -27.85
CA TRP A 263 38.40 -6.48 -27.49
C TRP A 263 38.26 -7.82 -28.20
N GLU A 264 37.11 -8.10 -28.81
CA GLU A 264 36.90 -9.32 -29.58
C GLU A 264 36.97 -9.08 -31.09
N ASN A 265 37.55 -7.94 -31.50
CA ASN A 265 37.73 -7.60 -32.91
C ASN A 265 36.39 -7.49 -33.65
N PHE A 266 35.36 -7.05 -32.93
CA PHE A 266 34.04 -6.81 -33.51
C PHE A 266 33.50 -8.05 -34.22
N GLN A 267 33.65 -9.20 -33.59
CA GLN A 267 33.24 -10.48 -34.16
C GLN A 267 31.94 -11.00 -33.56
N ASN A 268 31.16 -10.16 -32.89
CA ASN A 268 29.92 -10.56 -32.25
C ASN A 268 28.73 -9.77 -32.79
N ASN A 269 28.72 -9.51 -34.10
CA ASN A 269 27.61 -8.80 -34.72
C ASN A 269 26.36 -9.67 -34.73
N GLN A 270 25.39 -9.32 -33.89
CA GLN A 270 24.13 -10.07 -33.82
C GLN A 270 23.14 -9.67 -34.90
N ALA A 271 23.36 -8.53 -35.57
CA ALA A 271 22.49 -8.06 -36.65
C ALA A 271 21.04 -7.90 -36.16
N LEU A 272 20.87 -7.01 -35.20
CA LEU A 272 19.55 -6.72 -34.62
C LEU A 272 19.01 -5.42 -35.19
N THR A 273 17.81 -5.48 -35.74
CA THR A 273 17.14 -4.27 -36.21
C THR A 273 16.73 -3.40 -35.02
N TYR A 274 16.54 -2.11 -35.30
CA TYR A 274 16.17 -1.18 -34.24
C TYR A 274 14.81 -1.53 -33.64
N TRP A 275 13.88 -1.96 -34.48
CA TRP A 275 12.57 -2.39 -33.97
C TRP A 275 12.71 -3.62 -33.06
N GLU A 276 13.60 -4.55 -33.44
CA GLU A 276 13.84 -5.71 -32.60
C GLU A 276 14.40 -5.30 -31.25
N CYS A 277 15.29 -4.30 -31.22
CA CYS A 277 15.83 -3.82 -29.96
C CYS A 277 14.75 -3.13 -29.13
N VAL A 278 13.85 -2.39 -29.78
CA VAL A 278 12.73 -1.77 -29.06
C VAL A 278 11.86 -2.85 -28.42
N TYR A 279 11.58 -3.91 -29.17
CA TYR A 279 10.80 -5.02 -28.64
C TYR A 279 11.51 -5.71 -27.48
N LEU A 280 12.82 -5.90 -27.60
CA LEU A 280 13.59 -6.53 -26.53
C LEU A 280 13.57 -5.68 -25.27
N LEU A 281 13.73 -4.36 -25.40
CA LEU A 281 13.68 -3.48 -24.24
C LEU A 281 12.29 -3.47 -23.62
N MET A 282 11.24 -3.50 -24.44
CA MET A 282 9.88 -3.55 -23.90
C MET A 282 9.65 -4.85 -23.13
N VAL A 283 10.17 -5.96 -23.65
CA VAL A 283 9.96 -7.25 -22.99
C VAL A 283 10.77 -7.33 -21.70
N THR A 284 12.02 -6.86 -21.72
CA THR A 284 12.91 -7.02 -20.58
C THR A 284 12.43 -6.19 -19.38
N MET A 285 12.10 -4.92 -19.62
CA MET A 285 11.65 -4.07 -18.52
C MET A 285 10.24 -4.37 -18.08
N SER A 286 9.51 -5.21 -18.83
CA SER A 286 8.19 -5.66 -18.42
C SER A 286 8.24 -6.97 -17.61
N THR A 287 9.44 -7.48 -17.32
CA THR A 287 9.70 -8.67 -16.50
C THR A 287 9.31 -9.96 -17.21
N VAL A 288 8.66 -9.88 -18.38
CA VAL A 288 8.12 -11.08 -19.02
C VAL A 288 9.26 -11.99 -19.48
N GLY A 289 10.13 -11.48 -20.35
CA GLY A 289 11.33 -12.22 -20.71
C GLY A 289 11.10 -13.47 -21.51
N TYR A 290 10.63 -13.32 -22.76
CA TYR A 290 10.46 -14.48 -23.63
C TYR A 290 11.76 -15.20 -23.87
N GLY A 291 12.84 -14.45 -24.10
CA GLY A 291 14.13 -15.04 -24.39
C GLY A 291 14.41 -15.31 -25.86
N ASP A 292 13.45 -15.06 -26.74
CA ASP A 292 13.69 -15.22 -28.17
C ASP A 292 14.71 -14.22 -28.67
N VAL A 293 14.65 -12.98 -28.18
CA VAL A 293 15.60 -11.93 -28.51
C VAL A 293 16.29 -11.50 -27.23
N TYR A 294 17.62 -11.47 -27.24
CA TYR A 294 18.38 -11.08 -26.07
C TYR A 294 19.77 -10.64 -26.52
N ALA A 295 20.46 -9.94 -25.62
CA ALA A 295 21.80 -9.46 -25.89
C ALA A 295 22.83 -10.56 -25.65
N LYS A 296 23.75 -10.71 -26.59
CA LYS A 296 24.79 -11.73 -26.51
C LYS A 296 26.19 -11.16 -26.33
N THR A 297 26.42 -9.91 -26.71
CA THR A 297 27.73 -9.30 -26.53
C THR A 297 27.99 -9.00 -25.06
N THR A 298 29.27 -8.89 -24.70
CA THR A 298 29.64 -8.60 -23.32
C THR A 298 29.13 -7.24 -22.87
N LEU A 299 29.27 -6.23 -23.73
CA LEU A 299 28.77 -4.90 -23.38
C LEU A 299 27.25 -4.88 -23.32
N GLY A 300 26.59 -5.60 -24.21
CA GLY A 300 25.13 -5.65 -24.18
C GLY A 300 24.59 -6.30 -22.91
N ARG A 301 25.21 -7.40 -22.49
CA ARG A 301 24.79 -8.04 -21.25
C ARG A 301 25.06 -7.15 -20.05
N LEU A 302 26.19 -6.44 -20.06
CA LEU A 302 26.50 -5.52 -18.96
C LEU A 302 25.47 -4.40 -18.88
N PHE A 303 25.10 -3.83 -20.03
CA PHE A 303 24.10 -2.76 -20.02
C PHE A 303 22.74 -3.30 -19.61
N MET A 304 22.40 -4.52 -20.02
CA MET A 304 21.16 -5.13 -19.57
C MET A 304 21.14 -5.29 -18.07
N VAL A 305 22.25 -5.75 -17.49
CA VAL A 305 22.32 -5.94 -16.04
C VAL A 305 22.19 -4.60 -15.33
N PHE A 306 22.90 -3.58 -15.80
CA PHE A 306 22.85 -2.27 -15.16
C PHE A 306 21.59 -1.49 -15.48
N PHE A 307 20.79 -1.94 -16.45
CA PHE A 307 19.55 -1.27 -16.82
C PHE A 307 18.32 -1.93 -16.20
N ILE A 308 18.40 -3.22 -15.86
CA ILE A 308 17.26 -3.88 -15.23
C ILE A 308 16.88 -3.18 -13.93
N LEU A 309 17.88 -2.87 -13.10
CA LEU A 309 17.61 -2.27 -11.80
C LEU A 309 16.91 -0.92 -11.94
N GLY A 310 17.37 -0.09 -12.89
CA GLY A 310 16.79 1.21 -13.09
C GLY A 310 15.59 1.27 -14.01
N GLY A 311 15.25 0.17 -14.66
CA GLY A 311 14.14 0.17 -15.59
C GLY A 311 12.92 -0.60 -15.14
N LEU A 312 13.10 -1.69 -14.39
CA LEU A 312 11.95 -2.42 -13.88
C LEU A 312 11.14 -1.56 -12.92
N ALA A 313 11.82 -0.87 -12.00
CA ALA A 313 11.13 0.03 -11.08
C ALA A 313 10.47 1.17 -11.84
N MET A 314 11.14 1.72 -12.84
CA MET A 314 10.57 2.80 -13.64
C MET A 314 9.30 2.35 -14.32
N PHE A 315 9.31 1.17 -14.94
CA PHE A 315 8.12 0.66 -15.62
C PHE A 315 6.99 0.43 -14.61
N ALA A 316 7.29 -0.26 -13.51
CA ALA A 316 6.26 -0.59 -12.53
C ALA A 316 5.70 0.64 -11.84
N SER A 317 6.45 1.74 -11.77
CA SER A 317 5.96 2.95 -11.14
C SER A 317 5.33 3.92 -12.12
N TYR A 318 5.64 3.81 -13.42
CA TYR A 318 5.10 4.73 -14.42
C TYR A 318 3.87 4.21 -15.13
N VAL A 319 3.88 2.95 -15.58
CA VAL A 319 2.76 2.45 -16.40
C VAL A 319 1.44 2.45 -15.63
N PRO A 320 1.33 1.88 -14.43
CA PRO A 320 0.05 1.98 -13.71
C PRO A 320 -0.34 3.41 -13.40
N GLU A 321 0.64 4.26 -13.07
CA GLU A 321 0.33 5.65 -12.76
C GLU A 321 -0.10 6.41 -14.01
N ILE A 322 0.55 6.15 -15.15
CA ILE A 322 0.13 6.77 -16.40
C ILE A 322 -1.28 6.35 -16.74
N ILE A 323 -1.60 5.06 -16.55
CA ILE A 323 -2.96 4.59 -16.79
C ILE A 323 -3.94 5.31 -15.86
N GLU A 324 -3.56 5.49 -14.59
CA GLU A 324 -4.44 6.15 -13.64
C GLU A 324 -4.73 7.59 -14.03
N LEU A 325 -3.70 8.33 -14.45
CA LEU A 325 -3.93 9.72 -14.87
C LEU A 325 -4.75 9.79 -16.16
N ILE A 326 -4.56 8.83 -17.07
CA ILE A 326 -5.36 8.80 -18.29
C ILE A 326 -6.83 8.52 -17.97
N GLY A 327 -7.09 7.68 -16.97
CA GLY A 327 -8.43 7.28 -16.63
C GLY A 327 -9.24 8.28 -15.84
N ASN A 328 -8.68 9.44 -15.54
CA ASN A 328 -9.39 10.48 -14.80
C ASN A 328 -10.43 11.12 -15.73
N ARG A 329 -11.71 10.81 -15.50
CA ARG A 329 -12.77 11.32 -16.35
C ARG A 329 -14.04 11.44 -15.52
N LYS A 330 -14.97 12.26 -16.02
CA LYS A 330 -16.27 12.44 -15.38
C LYS A 330 -17.27 11.52 -16.07
N LYS A 331 -17.65 10.44 -15.38
CA LYS A 331 -18.57 9.47 -15.97
C LYS A 331 -19.96 10.07 -16.17
N TYR A 332 -20.52 10.69 -15.13
CA TYR A 332 -21.87 11.23 -15.17
C TYR A 332 -21.84 12.73 -15.49
N GLY A 333 -21.38 13.05 -16.70
CA GLY A 333 -21.36 14.40 -17.20
C GLY A 333 -22.49 14.67 -18.17
N GLY A 334 -22.37 15.79 -18.89
CA GLY A 334 -23.35 16.15 -19.88
C GLY A 334 -24.57 16.83 -19.28
N SER A 335 -25.47 17.24 -20.17
CA SER A 335 -26.69 17.93 -19.80
C SER A 335 -27.89 17.04 -20.10
N TYR A 336 -29.06 17.48 -19.63
CA TYR A 336 -30.31 16.76 -19.83
C TYR A 336 -31.07 17.41 -20.97
N SER A 337 -31.56 16.59 -21.90
CA SER A 337 -32.33 17.07 -23.03
C SER A 337 -33.80 17.17 -22.63
N ALA A 338 -34.39 18.34 -22.81
CA ALA A 338 -35.78 18.58 -22.44
C ALA A 338 -36.69 18.02 -23.54
N VAL A 339 -37.46 16.99 -23.19
CA VAL A 339 -38.39 16.39 -24.14
C VAL A 339 -39.72 17.11 -24.07
N SER A 340 -40.26 17.47 -25.23
CA SER A 340 -41.53 18.18 -25.30
C SER A 340 -42.69 17.25 -24.97
N GLY A 341 -43.68 17.79 -24.27
CA GLY A 341 -44.87 17.03 -23.91
C GLY A 341 -44.71 16.17 -22.67
N ARG A 342 -43.53 16.15 -22.04
CA ARG A 342 -43.31 15.36 -20.84
C ARG A 342 -42.54 16.22 -19.85
N LYS A 343 -43.19 16.57 -18.74
CA LYS A 343 -42.55 17.39 -17.72
C LYS A 343 -41.57 16.56 -16.91
N HIS A 344 -40.55 17.24 -16.37
CA HIS A 344 -39.51 16.59 -15.59
C HIS A 344 -39.26 17.38 -14.31
N ILE A 345 -38.77 16.69 -13.29
CA ILE A 345 -38.46 17.31 -12.00
C ILE A 345 -37.01 17.01 -11.67
N VAL A 346 -36.44 17.88 -10.82
CA VAL A 346 -35.05 17.76 -10.38
C VAL A 346 -35.03 17.46 -8.89
N VAL A 347 -34.30 16.42 -8.52
CA VAL A 347 -34.18 16.00 -7.13
C VAL A 347 -32.71 16.13 -6.71
N CYS A 348 -32.46 16.88 -5.65
CA CYS A 348 -31.12 17.07 -5.13
C CYS A 348 -31.16 16.96 -3.61
N GLY A 349 -30.03 17.25 -2.98
CA GLY A 349 -29.93 17.19 -1.53
C GLY A 349 -29.20 15.92 -1.09
N HIS A 350 -29.72 15.28 -0.04
CA HIS A 350 -29.14 14.05 0.48
C HIS A 350 -29.60 12.89 -0.39
N ILE A 351 -28.70 12.40 -1.23
CA ILE A 351 -28.97 11.29 -2.13
C ILE A 351 -28.23 10.07 -1.62
N THR A 352 -28.97 9.00 -1.35
CA THR A 352 -28.40 7.77 -0.81
C THR A 352 -29.20 6.60 -1.37
N LEU A 353 -28.62 5.41 -1.28
CA LEU A 353 -29.25 4.23 -1.87
C LEU A 353 -30.64 3.99 -1.28
N GLU A 354 -30.77 4.08 0.04
CA GLU A 354 -32.06 3.81 0.67
C GLU A 354 -33.05 4.94 0.40
N SER A 355 -32.62 6.20 0.53
CA SER A 355 -33.53 7.33 0.33
C SER A 355 -34.00 7.40 -1.11
N VAL A 356 -33.09 7.22 -2.07
CA VAL A 356 -33.47 7.26 -3.47
C VAL A 356 -34.41 6.10 -3.81
N SER A 357 -34.14 4.91 -3.28
CA SER A 357 -35.00 3.77 -3.54
C SER A 357 -36.40 4.00 -2.98
N ASN A 358 -36.49 4.52 -1.75
CA ASN A 358 -37.79 4.81 -1.16
C ASN A 358 -38.55 5.86 -1.97
N PHE A 359 -37.85 6.93 -2.37
CA PHE A 359 -38.49 7.97 -3.16
C PHE A 359 -38.99 7.43 -4.49
N LEU A 360 -38.18 6.58 -5.15
CA LEU A 360 -38.58 6.02 -6.44
C LEU A 360 -39.77 5.07 -6.29
N LYS A 361 -39.76 4.23 -5.26
CA LYS A 361 -40.85 3.28 -5.11
C LYS A 361 -42.13 3.97 -4.65
N ASP A 362 -42.02 5.15 -4.02
CA ASP A 362 -43.22 5.88 -3.63
C ASP A 362 -43.69 6.81 -4.73
N PHE A 363 -42.76 7.42 -5.48
CA PHE A 363 -43.15 8.32 -6.57
C PHE A 363 -43.73 7.54 -7.74
N LEU A 364 -43.10 6.42 -8.10
CA LEU A 364 -43.45 5.67 -9.30
C LEU A 364 -44.36 4.48 -9.02
N HIS A 365 -45.14 4.52 -7.93
CA HIS A 365 -46.04 3.42 -7.63
C HIS A 365 -47.17 3.35 -8.65
N LYS A 366 -47.64 2.13 -8.92
CA LYS A 366 -48.74 1.94 -9.87
C LYS A 366 -50.06 2.44 -9.33
N ASP A 367 -50.13 2.77 -8.04
CA ASP A 367 -51.40 3.23 -7.46
C ASP A 367 -51.84 4.56 -8.07
N ARG A 368 -50.91 5.46 -8.33
CA ARG A 368 -51.24 6.75 -8.90
C ARG A 368 -51.69 6.61 -10.35
N ASP A 369 -52.21 7.69 -10.90
CA ASP A 369 -52.72 7.70 -12.26
C ASP A 369 -51.59 7.53 -13.26
N ASP A 370 -51.97 7.29 -14.53
CA ASP A 370 -51.01 7.08 -15.61
C ASP A 370 -50.39 8.43 -15.97
N VAL A 371 -49.37 8.82 -15.20
CA VAL A 371 -48.67 10.08 -15.38
C VAL A 371 -47.21 9.78 -15.69
N ASN A 372 -46.67 10.46 -16.69
CA ASN A 372 -45.31 10.23 -17.17
C ASN A 372 -44.44 11.45 -16.82
N VAL A 373 -43.91 11.46 -15.61
CA VAL A 373 -42.99 12.49 -15.14
C VAL A 373 -41.62 11.85 -14.96
N GLU A 374 -40.62 12.47 -15.57
CA GLU A 374 -39.25 11.96 -15.56
C GLU A 374 -38.46 12.63 -14.44
N ILE A 375 -37.69 11.84 -13.70
CA ILE A 375 -36.96 12.32 -12.54
C ILE A 375 -35.49 12.46 -12.90
N VAL A 376 -34.89 13.60 -12.56
CA VAL A 376 -33.48 13.87 -12.82
C VAL A 376 -32.81 14.14 -11.47
N PHE A 377 -31.75 13.39 -11.18
CA PHE A 377 -31.01 13.54 -9.94
C PHE A 377 -29.76 14.37 -10.16
N LEU A 378 -29.37 15.14 -9.14
CA LEU A 378 -28.21 16.02 -9.20
C LEU A 378 -27.49 15.94 -7.86
N HIS A 379 -26.38 15.21 -7.83
CA HIS A 379 -25.61 15.04 -6.60
C HIS A 379 -24.12 15.19 -6.93
N ASN A 380 -23.37 15.68 -5.93
CA ASN A 380 -21.93 15.85 -6.12
C ASN A 380 -21.19 14.52 -6.13
N ILE A 381 -21.53 13.64 -5.19
CA ILE A 381 -20.84 12.36 -5.07
C ILE A 381 -21.37 11.39 -6.14
N SER A 382 -20.46 10.76 -6.87
CA SER A 382 -20.85 9.79 -7.87
C SER A 382 -21.50 8.58 -7.21
N PRO A 383 -22.55 8.02 -7.80
CA PRO A 383 -23.22 6.88 -7.18
C PRO A 383 -22.33 5.64 -7.16
N ASN A 384 -22.54 4.82 -6.15
CA ASN A 384 -21.81 3.56 -6.04
C ASN A 384 -22.48 2.50 -6.92
N LEU A 385 -21.95 1.27 -6.86
CA LEU A 385 -22.46 0.20 -7.72
C LEU A 385 -23.92 -0.11 -7.43
N GLU A 386 -24.30 -0.11 -6.14
CA GLU A 386 -25.69 -0.39 -5.79
C GLU A 386 -26.63 0.68 -6.31
N LEU A 387 -26.24 1.96 -6.19
CA LEU A 387 -27.09 3.03 -6.70
C LEU A 387 -27.16 3.02 -8.22
N GLU A 388 -26.04 2.73 -8.88
CA GLU A 388 -26.06 2.59 -10.34
C GLU A 388 -26.95 1.43 -10.75
N ALA A 389 -26.89 0.31 -10.02
CA ALA A 389 -27.76 -0.82 -10.32
C ALA A 389 -29.23 -0.45 -10.14
N LEU A 390 -29.54 0.32 -9.09
CA LEU A 390 -30.90 0.79 -8.90
C LEU A 390 -31.35 1.68 -10.04
N PHE A 391 -30.46 2.56 -10.51
CA PHE A 391 -30.81 3.42 -11.63
C PHE A 391 -30.98 2.63 -12.92
N LYS A 392 -30.26 1.50 -13.06
CA LYS A 392 -30.41 0.68 -14.25
C LYS A 392 -31.80 0.06 -14.32
N ARG A 393 -32.36 -0.34 -13.18
CA ARG A 393 -33.71 -0.88 -13.14
C ARG A 393 -34.77 0.17 -13.44
N HIS A 394 -34.39 1.46 -13.48
CA HIS A 394 -35.30 2.54 -13.84
C HIS A 394 -34.74 3.26 -15.07
N PHE A 395 -34.34 2.47 -16.08
CA PHE A 395 -33.56 3.01 -17.20
C PHE A 395 -34.29 4.13 -17.92
N THR A 396 -35.58 3.96 -18.20
CA THR A 396 -36.32 4.93 -19.00
C THR A 396 -37.04 5.98 -18.15
N GLN A 397 -36.86 5.95 -16.83
CA GLN A 397 -37.61 6.83 -15.95
C GLN A 397 -36.76 7.80 -15.15
N VAL A 398 -35.48 7.49 -14.90
CA VAL A 398 -34.61 8.36 -14.12
C VAL A 398 -33.30 8.57 -14.86
N GLU A 399 -32.64 9.69 -14.53
CA GLU A 399 -31.30 9.99 -15.01
C GLU A 399 -30.50 10.64 -13.88
N PHE A 400 -29.19 10.46 -13.93
CA PHE A 400 -28.28 11.04 -12.96
C PHE A 400 -27.28 11.93 -13.66
N TYR A 401 -27.00 13.10 -13.08
CA TYR A 401 -26.00 14.02 -13.59
C TYR A 401 -25.16 14.51 -12.42
N GLN A 402 -23.88 14.18 -12.43
CA GLN A 402 -23.00 14.55 -11.33
C GLN A 402 -22.68 16.04 -11.39
N GLY A 403 -22.88 16.72 -10.27
CA GLY A 403 -22.62 18.15 -10.21
C GLY A 403 -23.05 18.70 -8.88
N SER A 404 -22.81 19.99 -8.70
CA SER A 404 -23.13 20.71 -7.47
C SER A 404 -24.32 21.62 -7.72
N VAL A 405 -25.31 21.57 -6.83
CA VAL A 405 -26.47 22.44 -6.94
C VAL A 405 -26.09 23.90 -6.70
N LEU A 406 -24.98 24.15 -5.99
CA LEU A 406 -24.55 25.52 -5.76
C LEU A 406 -24.05 26.17 -7.05
N ASN A 407 -23.47 25.37 -7.94
CA ASN A 407 -22.95 25.91 -9.19
C ASN A 407 -24.09 26.27 -10.14
N PRO A 408 -24.18 27.52 -10.58
CA PRO A 408 -25.23 27.87 -11.56
C PRO A 408 -25.09 27.14 -12.89
N HIS A 409 -23.88 26.67 -13.22
CA HIS A 409 -23.69 25.94 -14.48
C HIS A 409 -24.39 24.58 -14.42
N ASP A 410 -24.28 23.89 -13.29
CA ASP A 410 -24.95 22.60 -13.14
C ASP A 410 -26.47 22.75 -13.14
N LEU A 411 -26.98 23.86 -12.60
CA LEU A 411 -28.41 24.11 -12.67
C LEU A 411 -28.88 24.28 -14.11
N ALA A 412 -28.09 24.95 -14.94
CA ALA A 412 -28.39 25.03 -16.36
C ALA A 412 -28.23 23.68 -17.04
N ARG A 413 -27.34 22.82 -16.54
CA ARG A 413 -27.14 21.51 -17.15
C ARG A 413 -28.38 20.64 -17.02
N VAL A 414 -29.05 20.68 -15.86
CA VAL A 414 -30.27 19.90 -15.67
C VAL A 414 -31.51 20.60 -16.18
N LYS A 415 -31.38 21.81 -16.71
CA LYS A 415 -32.48 22.56 -17.33
C LYS A 415 -33.63 22.77 -16.36
N ILE A 416 -33.35 23.52 -15.30
CA ILE A 416 -34.39 23.91 -14.35
C ILE A 416 -35.39 24.86 -14.99
N GLU A 417 -35.03 25.50 -16.10
CA GLU A 417 -35.94 26.42 -16.77
C GLU A 417 -37.25 25.73 -17.15
N SER A 418 -37.17 24.48 -17.61
CA SER A 418 -38.34 23.70 -17.98
C SER A 418 -38.72 22.69 -16.90
N ALA A 419 -38.00 22.65 -15.78
CA ALA A 419 -38.33 21.71 -14.72
C ALA A 419 -39.65 22.07 -14.07
N ASP A 420 -40.44 21.04 -13.75
CA ASP A 420 -41.73 21.26 -13.11
C ASP A 420 -41.57 21.63 -11.63
N ALA A 421 -40.64 20.98 -10.93
CA ALA A 421 -40.45 21.23 -9.52
C ALA A 421 -39.04 20.83 -9.13
N CYS A 422 -38.59 21.35 -7.99
CA CYS A 422 -37.29 21.03 -7.43
C CYS A 422 -37.50 20.41 -6.05
N LEU A 423 -36.88 19.25 -5.83
CA LEU A 423 -37.07 18.48 -4.61
C LEU A 423 -35.73 18.33 -3.90
N ILE A 424 -35.69 18.69 -2.62
CA ILE A 424 -34.47 18.64 -1.83
C ILE A 424 -34.71 17.67 -0.67
N LEU A 425 -33.91 16.61 -0.60
CA LEU A 425 -33.98 15.69 0.52
C LEU A 425 -33.05 16.17 1.63
N ALA A 426 -33.35 15.73 2.86
CA ALA A 426 -32.61 16.13 4.04
C ALA A 426 -32.09 14.91 4.78
N ASN A 427 -30.89 15.07 5.37
CA ASN A 427 -30.28 14.01 6.18
C ASN A 427 -30.84 14.12 7.58
N LYS A 428 -31.94 13.40 7.82
CA LYS A 428 -32.61 13.48 9.12
C LYS A 428 -31.73 12.95 10.24
N TYR A 429 -31.03 11.86 10.00
CA TYR A 429 -30.25 11.17 11.02
C TYR A 429 -28.84 11.76 11.14
N CYS A 430 -28.78 13.07 11.37
CA CYS A 430 -27.53 13.81 11.39
C CYS A 430 -27.09 14.11 12.82
N ALA A 431 -25.81 14.47 12.96
CA ALA A 431 -25.28 14.90 14.25
C ALA A 431 -25.40 16.39 14.47
N ASP A 432 -25.78 17.17 13.46
CA ASP A 432 -25.92 18.62 13.59
C ASP A 432 -27.11 19.07 12.76
N PRO A 433 -28.31 19.06 13.33
CA PRO A 433 -29.48 19.56 12.58
C PRO A 433 -29.34 21.00 12.14
N ASP A 434 -28.68 21.85 12.94
CA ASP A 434 -28.46 23.24 12.54
C ASP A 434 -27.58 23.31 11.29
N ALA A 435 -26.50 22.52 11.26
CA ALA A 435 -25.63 22.52 10.08
C ALA A 435 -26.35 21.98 8.85
N GLU A 436 -27.14 20.92 9.03
CA GLU A 436 -27.89 20.37 7.90
C GLU A 436 -28.92 21.37 7.38
N ASP A 437 -29.59 22.08 8.28
CA ASP A 437 -30.54 23.10 7.85
C ASP A 437 -29.84 24.26 7.16
N ALA A 438 -28.62 24.53 7.59
CA ALA A 438 -27.85 25.58 6.95
C ALA A 438 -27.49 25.24 5.52
N SER A 439 -26.92 24.07 5.29
CA SER A 439 -26.58 23.65 3.94
C SER A 439 -27.82 23.66 3.08
N ASN A 440 -28.90 23.14 3.63
CA ASN A 440 -30.13 23.06 2.87
C ASN A 440 -30.69 24.43 2.59
N ILE A 441 -30.58 25.36 3.52
CA ILE A 441 -31.03 26.71 3.23
C ILE A 441 -30.17 27.29 2.11
N MET A 442 -28.90 26.90 2.06
CA MET A 442 -28.05 27.36 0.96
C MET A 442 -28.54 26.89 -0.39
N ARG A 443 -28.89 25.62 -0.54
CA ARG A 443 -29.44 25.16 -1.81
C ARG A 443 -30.71 25.89 -2.10
N VAL A 444 -31.52 26.07 -1.08
CA VAL A 444 -32.76 26.74 -1.27
C VAL A 444 -32.43 28.01 -1.98
N ILE A 445 -31.54 28.81 -1.39
CA ILE A 445 -31.15 30.08 -1.99
C ILE A 445 -30.53 29.89 -3.34
N SER A 446 -29.50 29.05 -3.43
CA SER A 446 -28.79 28.91 -4.70
C SER A 446 -29.76 28.59 -5.83
N ILE A 447 -30.74 27.72 -5.58
CA ILE A 447 -31.75 27.43 -6.60
C ILE A 447 -32.58 28.67 -6.90
N LYS A 448 -32.93 29.44 -5.87
CA LYS A 448 -33.73 30.65 -6.06
C LYS A 448 -32.99 31.69 -6.87
N ASN A 449 -31.68 31.83 -6.65
CA ASN A 449 -30.90 32.83 -7.37
C ASN A 449 -30.93 32.58 -8.86
N TYR A 450 -30.82 31.32 -9.27
CA TYR A 450 -30.82 30.99 -10.70
C TYR A 450 -32.21 31.16 -11.31
N HIS A 451 -33.25 30.70 -10.61
CA HIS A 451 -34.61 30.72 -11.16
C HIS A 451 -35.60 30.88 -10.01
N PRO A 452 -36.03 32.10 -9.72
CA PRO A 452 -37.05 32.30 -8.67
C PRO A 452 -38.37 31.61 -8.98
N LYS A 453 -38.74 31.48 -10.25
CA LYS A 453 -40.05 30.97 -10.62
C LYS A 453 -40.24 29.49 -10.30
N ILE A 454 -39.17 28.76 -10.04
CA ILE A 454 -39.30 27.33 -9.75
C ILE A 454 -39.95 27.14 -8.38
N ARG A 455 -40.68 26.04 -8.23
CA ARG A 455 -41.30 25.67 -6.97
C ARG A 455 -40.44 24.63 -6.26
N ILE A 456 -40.39 24.73 -4.93
CA ILE A 456 -39.48 23.93 -4.12
C ILE A 456 -40.27 23.17 -3.06
N ILE A 457 -40.06 21.87 -3.00
CA ILE A 457 -40.56 21.01 -1.92
C ILE A 457 -39.37 20.49 -1.16
N THR A 458 -39.26 20.86 0.12
CA THR A 458 -38.06 20.58 0.89
C THR A 458 -38.43 20.13 2.30
N GLN A 459 -37.47 19.48 2.95
CA GLN A 459 -37.62 18.99 4.32
C GLN A 459 -36.77 19.84 5.26
N MET A 460 -37.38 20.27 6.36
CA MET A 460 -36.68 21.07 7.38
C MET A 460 -36.75 20.34 8.70
N LEU A 461 -35.61 20.23 9.39
CA LEU A 461 -35.54 19.50 10.64
C LEU A 461 -35.92 20.36 11.84
N GLN A 462 -35.99 21.68 11.69
CA GLN A 462 -36.34 22.58 12.78
C GLN A 462 -37.35 23.61 12.30
N TYR A 463 -38.04 24.23 13.26
CA TYR A 463 -39.08 25.20 12.92
C TYR A 463 -38.50 26.60 12.74
N HIS A 464 -37.44 26.96 13.46
CA HIS A 464 -36.85 28.28 13.28
C HIS A 464 -36.19 28.41 11.92
N ASN A 465 -35.58 27.34 11.41
CA ASN A 465 -35.05 27.37 10.06
C ASN A 465 -36.15 27.50 9.02
N LYS A 466 -37.29 26.83 9.24
CA LYS A 466 -38.44 27.00 8.35
C LYS A 466 -38.93 28.45 8.36
N ALA A 467 -38.96 29.06 9.55
CA ALA A 467 -39.30 30.48 9.63
C ALA A 467 -38.29 31.34 8.88
N HIS A 468 -37.01 31.00 8.99
CA HIS A 468 -35.98 31.71 8.23
C HIS A 468 -36.20 31.56 6.72
N LEU A 469 -36.76 30.42 6.31
CA LEU A 469 -37.04 30.21 4.88
C LEU A 469 -38.05 31.23 4.37
N LEU A 470 -38.94 31.71 5.24
CA LEU A 470 -39.90 32.73 4.84
C LEU A 470 -39.23 34.07 4.52
N ASN A 471 -38.03 34.31 5.08
CA ASN A 471 -37.32 35.55 4.81
C ASN A 471 -36.72 35.59 3.41
N ILE A 472 -36.68 34.47 2.70
CA ILE A 472 -36.18 34.46 1.32
C ILE A 472 -37.10 35.31 0.46
N PRO A 473 -36.57 36.16 -0.41
CA PRO A 473 -37.45 37.04 -1.21
C PRO A 473 -38.48 36.28 -2.03
N SER A 474 -38.08 35.27 -2.79
CA SER A 474 -38.99 34.54 -3.67
C SER A 474 -39.51 33.27 -3.01
N TRP A 475 -40.12 33.40 -1.83
CA TRP A 475 -40.75 32.25 -1.17
C TRP A 475 -42.25 32.26 -1.47
N ASN A 476 -42.57 32.18 -2.75
CA ASN A 476 -43.94 32.33 -3.25
C ASN A 476 -44.72 31.06 -2.96
N TRP A 477 -45.31 31.00 -1.76
CA TRP A 477 -46.13 29.86 -1.38
C TRP A 477 -47.54 29.90 -1.95
N LYS A 478 -47.92 31.01 -2.59
CA LYS A 478 -49.29 31.13 -3.09
C LYS A 478 -49.51 30.27 -4.32
N GLU A 479 -48.75 30.53 -5.39
CA GLU A 479 -48.86 29.70 -6.60
C GLU A 479 -48.39 28.28 -6.33
N GLY A 480 -47.22 28.14 -5.70
CA GLY A 480 -46.76 26.85 -5.22
C GLY A 480 -45.40 26.91 -4.59
N ASP A 481 -45.29 26.33 -3.40
CA ASP A 481 -44.05 26.20 -2.64
C ASP A 481 -44.38 25.43 -1.37
N ASP A 482 -43.41 24.65 -0.90
CA ASP A 482 -43.64 23.79 0.26
C ASP A 482 -42.36 23.68 1.09
N ALA A 483 -42.55 23.47 2.39
CA ALA A 483 -41.43 23.26 3.31
C ALA A 483 -41.93 22.36 4.43
N ILE A 484 -41.67 21.07 4.30
CA ILE A 484 -42.13 20.09 5.27
C ILE A 484 -41.21 20.12 6.48
N CYS A 485 -41.71 20.62 7.60
CA CYS A 485 -40.97 20.61 8.86
C CYS A 485 -41.24 19.27 9.54
N LEU A 486 -40.24 18.38 9.52
CA LEU A 486 -40.42 17.04 10.04
C LEU A 486 -40.68 17.04 11.54
N ALA A 487 -39.95 17.88 12.29
CA ALA A 487 -40.18 17.99 13.72
C ALA A 487 -41.58 18.50 14.01
N GLU A 488 -42.02 19.53 13.29
CA GLU A 488 -43.36 20.07 13.48
C GLU A 488 -44.43 19.03 13.19
N LEU A 489 -44.30 18.34 12.05
CA LEU A 489 -45.30 17.34 11.70
C LEU A 489 -45.27 16.15 12.63
N LYS A 490 -44.08 15.73 13.06
CA LYS A 490 -43.98 14.64 14.03
C LYS A 490 -44.67 15.00 15.34
N LEU A 491 -44.39 16.20 15.86
CA LEU A 491 -45.01 16.62 17.11
C LEU A 491 -46.52 16.80 16.95
N GLY A 492 -46.97 17.29 15.79
CA GLY A 492 -48.39 17.39 15.55
C GLY A 492 -49.07 16.04 15.52
N PHE A 493 -48.44 15.05 14.90
CA PHE A 493 -48.98 13.70 14.88
C PHE A 493 -49.01 13.11 16.30
N ILE A 494 -47.97 13.38 17.09
CA ILE A 494 -47.96 12.91 18.47
C ILE A 494 -49.10 13.53 19.26
N ALA A 495 -49.32 14.83 19.11
CA ALA A 495 -50.41 15.50 19.81
C ALA A 495 -51.77 14.98 19.34
N GLN A 496 -51.89 14.70 18.04
CA GLN A 496 -53.14 14.13 17.53
C GLN A 496 -53.40 12.75 18.12
N SER A 497 -52.36 11.92 18.23
CA SER A 497 -52.50 10.63 18.90
C SER A 497 -52.87 10.82 20.36
N CYS A 498 -52.35 11.86 21.00
CA CYS A 498 -52.74 12.16 22.37
C CYS A 498 -54.21 12.49 22.46
N LEU A 499 -54.72 13.29 21.52
CA LEU A 499 -56.16 13.59 21.50
C LEU A 499 -56.98 12.36 21.22
N ALA A 500 -56.55 11.54 20.26
CA ALA A 500 -57.25 10.30 19.91
C ALA A 500 -56.19 9.27 19.53
N GLN A 501 -56.09 8.20 20.33
CA GLN A 501 -55.03 7.23 20.14
C GLN A 501 -55.17 6.52 18.80
N GLY A 502 -54.03 6.23 18.17
CA GLY A 502 -54.00 5.58 16.88
C GLY A 502 -54.18 6.50 15.69
N LEU A 503 -54.34 7.81 15.92
CA LEU A 503 -54.51 8.72 14.80
C LEU A 503 -53.21 8.92 14.03
N SER A 504 -52.07 8.91 14.73
CA SER A 504 -50.79 9.11 14.04
C SER A 504 -50.50 7.99 13.05
N THR A 505 -50.80 6.74 13.44
CA THR A 505 -50.54 5.61 12.56
C THR A 505 -51.35 5.71 11.28
N MET A 506 -52.65 5.97 11.40
CA MET A 506 -53.48 6.06 10.20
C MET A 506 -53.15 7.29 9.36
N LEU A 507 -52.79 8.40 10.01
CA LEU A 507 -52.37 9.58 9.26
C LEU A 507 -51.11 9.31 8.46
N ALA A 508 -50.14 8.60 9.06
CA ALA A 508 -48.94 8.24 8.33
C ALA A 508 -49.22 7.25 7.21
N ASN A 509 -50.11 6.29 7.45
CA ASN A 509 -50.44 5.29 6.44
C ASN A 509 -51.25 5.86 5.29
N LEU A 510 -52.00 6.94 5.52
CA LEU A 510 -52.80 7.54 4.45
C LEU A 510 -51.94 8.17 3.36
N PHE A 511 -50.69 8.48 3.65
CA PHE A 511 -49.82 9.16 2.72
C PHE A 511 -48.87 8.22 1.97
N SER A 512 -48.49 7.11 2.59
CA SER A 512 -47.66 6.13 1.92
C SER A 512 -48.50 5.35 0.90
N MET A 513 -47.95 5.15 -0.29
CA MET A 513 -48.65 4.45 -1.35
C MET A 513 -48.46 2.95 -1.16
N ARG A 514 -49.55 2.24 -0.87
CA ARG A 514 -49.51 0.82 -0.58
C ARG A 514 -50.55 0.10 -1.44
N SER A 515 -50.13 -0.96 -2.11
CA SER A 515 -51.05 -1.78 -2.89
C SER A 515 -51.75 -2.79 -1.99
N PHE A 516 -52.92 -3.23 -2.43
CA PHE A 516 -53.70 -4.18 -1.64
C PHE A 516 -53.00 -5.52 -1.57
N ILE A 517 -52.99 -6.11 -0.36
CA ILE A 517 -52.36 -7.39 -0.11
C ILE A 517 -53.31 -8.24 0.72
N LYS A 518 -53.29 -9.55 0.48
CA LYS A 518 -54.14 -10.50 1.18
C LYS A 518 -53.30 -11.62 1.75
N ILE A 519 -53.71 -12.11 2.93
CA ILE A 519 -53.05 -13.23 3.60
C ILE A 519 -54.08 -14.29 3.92
N GLU A 520 -53.70 -15.56 3.74
CA GLU A 520 -54.64 -16.66 3.94
C GLU A 520 -55.06 -16.77 5.41
N GLU A 521 -54.09 -16.73 6.32
CA GLU A 521 -54.39 -16.90 7.74
C GLU A 521 -55.22 -15.74 8.28
N ASP A 522 -56.11 -16.06 9.22
CA ASP A 522 -56.97 -15.07 9.86
C ASP A 522 -56.27 -14.55 11.10
N THR A 523 -55.66 -13.38 10.99
CA THR A 523 -54.95 -12.76 12.10
C THR A 523 -55.35 -11.29 12.16
N TRP A 524 -54.76 -10.57 13.12
CA TRP A 524 -55.02 -9.14 13.24
C TRP A 524 -54.46 -8.36 12.06
N GLN A 525 -53.42 -8.88 11.42
CA GLN A 525 -52.82 -8.19 10.28
C GLN A 525 -53.74 -8.20 9.07
N LYS A 526 -54.59 -9.22 8.95
CA LYS A 526 -55.45 -9.34 7.77
C LYS A 526 -56.39 -8.15 7.64
N TYR A 527 -57.02 -7.74 8.74
CA TYR A 527 -57.89 -6.57 8.69
C TYR A 527 -57.11 -5.27 8.61
N TYR A 528 -55.94 -5.21 9.25
CA TYR A 528 -55.14 -4.00 9.23
C TYR A 528 -54.66 -3.68 7.81
N LEU A 529 -54.25 -4.69 7.06
CA LEU A 529 -53.76 -4.47 5.70
C LEU A 529 -54.85 -3.99 4.76
N GLU A 530 -56.12 -4.15 5.13
CA GLU A 530 -57.21 -3.62 4.32
C GLU A 530 -57.43 -2.13 4.54
N GLY A 531 -56.80 -1.54 5.54
CA GLY A 531 -56.93 -0.12 5.79
C GLY A 531 -55.75 0.68 5.32
N VAL A 532 -54.56 0.05 5.27
CA VAL A 532 -53.37 0.72 4.77
C VAL A 532 -53.41 0.92 3.26
N SER A 533 -54.30 0.20 2.55
CA SER A 533 -54.41 0.33 1.11
C SER A 533 -55.09 1.62 0.67
N ASN A 534 -55.70 2.35 1.59
CA ASN A 534 -56.40 3.59 1.27
C ASN A 534 -55.42 4.76 1.37
N GLU A 535 -55.30 5.52 0.28
CA GLU A 535 -54.42 6.67 0.22
C GLU A 535 -55.24 7.95 0.13
N MET A 536 -54.56 9.08 0.33
CA MET A 536 -55.18 10.40 0.30
C MET A 536 -55.04 10.98 -1.10
N TYR A 537 -56.18 11.31 -1.70
CA TYR A 537 -56.23 11.81 -3.07
C TYR A 537 -57.00 13.12 -3.12
N THR A 538 -56.86 13.81 -4.26
CA THR A 538 -57.57 15.06 -4.52
C THR A 538 -58.24 14.96 -5.88
N GLU A 539 -59.54 15.24 -5.92
CA GLU A 539 -60.32 15.13 -7.15
C GLU A 539 -61.41 16.18 -7.16
N TYR A 540 -61.78 16.64 -8.35
CA TYR A 540 -62.81 17.65 -8.50
C TYR A 540 -64.19 17.01 -8.46
N LEU A 541 -65.19 17.81 -8.08
CA LEU A 541 -66.56 17.33 -7.99
C LEU A 541 -67.23 17.36 -9.36
N SER A 542 -68.44 16.79 -9.42
CA SER A 542 -69.20 16.69 -10.64
C SER A 542 -70.17 17.87 -10.78
N SER A 543 -70.90 17.87 -11.89
CA SER A 543 -71.98 18.83 -12.11
C SER A 543 -73.27 18.42 -11.42
N ALA A 544 -73.38 17.15 -10.99
CA ALA A 544 -74.56 16.72 -10.24
C ALA A 544 -74.52 17.20 -8.79
N PHE A 545 -73.32 17.41 -8.24
CA PHE A 545 -73.16 17.86 -6.87
C PHE A 545 -72.98 19.38 -6.76
N VAL A 546 -73.13 20.10 -7.86
CA VAL A 546 -72.98 21.55 -7.87
C VAL A 546 -74.34 22.26 -7.88
N GLY A 547 -75.39 21.56 -7.45
CA GLY A 547 -76.73 22.07 -7.57
C GLY A 547 -77.20 22.96 -6.44
N LEU A 548 -78.22 22.52 -5.70
CA LEU A 548 -78.85 23.37 -4.70
C LEU A 548 -77.89 23.73 -3.58
N SER A 549 -77.08 22.78 -3.12
CA SER A 549 -76.17 23.05 -2.01
C SER A 549 -75.05 22.02 -2.01
N PHE A 550 -73.83 22.50 -1.84
CA PHE A 550 -72.68 21.60 -1.68
C PHE A 550 -72.79 20.71 -0.45
N PRO A 551 -73.09 21.22 0.76
CA PRO A 551 -73.03 20.36 1.95
C PRO A 551 -74.01 19.19 1.94
N THR A 552 -75.30 19.48 1.75
CA THR A 552 -76.34 18.46 1.97
C THR A 552 -76.18 17.28 1.02
N VAL A 553 -75.55 17.48 -0.14
CA VAL A 553 -75.35 16.37 -1.06
C VAL A 553 -74.17 15.51 -0.63
N CYS A 554 -73.23 16.08 0.14
CA CYS A 554 -72.02 15.34 0.51
C CYS A 554 -72.33 14.13 1.38
N GLU A 555 -73.24 14.27 2.35
CA GLU A 555 -73.54 13.17 3.24
C GLU A 555 -74.37 12.10 2.54
N LEU A 556 -74.16 10.85 2.96
CA LEU A 556 -74.98 9.71 2.56
C LEU A 556 -74.83 9.36 1.09
N CYS A 557 -73.97 10.07 0.36
CA CYS A 557 -73.72 9.77 -1.04
C CYS A 557 -72.58 8.78 -1.24
N PHE A 558 -71.95 8.30 -0.16
CA PHE A 558 -70.83 7.38 -0.28
C PHE A 558 -71.27 5.97 -0.64
N VAL A 559 -72.56 5.66 -0.51
CA VAL A 559 -73.04 4.32 -0.86
C VAL A 559 -72.94 4.10 -2.36
N LYS A 560 -73.34 5.11 -3.15
CA LYS A 560 -73.27 4.97 -4.61
C LYS A 560 -71.84 5.08 -5.12
N LEU A 561 -71.07 6.04 -4.58
CA LEU A 561 -69.72 6.29 -5.06
C LEU A 561 -68.71 5.27 -4.54
N LYS A 562 -69.01 4.60 -3.42
CA LYS A 562 -68.08 3.66 -2.80
C LYS A 562 -66.74 4.32 -2.49
N LEU A 563 -66.78 5.57 -2.05
CA LEU A 563 -65.58 6.30 -1.67
C LEU A 563 -65.95 7.32 -0.61
N LEU A 564 -64.93 7.78 0.11
CA LEU A 564 -65.12 8.70 1.24
C LEU A 564 -64.68 10.10 0.84
N MET A 565 -65.36 11.11 1.40
CA MET A 565 -65.04 12.50 1.16
C MET A 565 -64.64 13.17 2.47
N ILE A 566 -63.60 13.99 2.42
CA ILE A 566 -63.16 14.73 3.60
C ILE A 566 -62.85 16.18 3.22
N SER A 581 -63.39 25.43 -2.77
CA SER A 581 -62.87 26.79 -2.85
C SER A 581 -61.73 26.99 -1.86
N ARG A 582 -61.94 26.57 -0.62
CA ARG A 582 -60.94 26.70 0.44
C ARG A 582 -60.77 25.33 1.09
N ILE A 583 -60.05 25.31 2.21
CA ILE A 583 -59.84 24.06 2.94
C ILE A 583 -61.15 23.62 3.56
N LEU A 584 -61.56 22.39 3.26
CA LEU A 584 -62.82 21.84 3.74
C LEU A 584 -62.56 20.51 4.44
N ILE A 585 -63.02 20.39 5.67
CA ILE A 585 -63.01 19.14 6.41
C ILE A 585 -64.37 18.94 7.04
N ASN A 586 -65.01 17.80 6.74
CA ASN A 586 -66.37 17.49 7.18
C ASN A 586 -67.30 18.67 6.91
N PRO A 587 -67.60 18.96 5.64
CA PRO A 587 -68.41 20.16 5.34
C PRO A 587 -69.87 20.01 5.77
N GLY A 588 -70.24 20.72 6.83
CA GLY A 588 -71.60 20.68 7.33
C GLY A 588 -72.30 22.02 7.19
N ASN A 589 -73.24 22.30 8.10
CA ASN A 589 -73.99 23.55 8.11
C ASN A 589 -74.71 23.78 6.77
N GLY A 596 -66.55 25.13 -8.25
CA GLY A 596 -65.51 24.11 -8.26
C GLY A 596 -64.87 23.91 -6.91
N THR A 597 -65.02 22.70 -6.36
CA THR A 597 -64.47 22.34 -5.07
C THR A 597 -63.65 21.07 -5.21
N LEU A 598 -62.48 21.05 -4.56
CA LEU A 598 -61.58 19.91 -4.63
C LEU A 598 -61.92 18.93 -3.52
N GLY A 599 -62.35 17.72 -3.90
CA GLY A 599 -62.73 16.72 -2.93
C GLY A 599 -61.54 15.91 -2.45
N PHE A 600 -61.29 15.98 -1.14
CA PHE A 600 -60.19 15.25 -0.52
C PHE A 600 -60.70 13.84 -0.21
N PHE A 601 -60.35 12.89 -1.06
CA PHE A 601 -60.89 11.53 -0.98
C PHE A 601 -59.92 10.60 -0.26
N ILE A 602 -60.46 9.47 0.18
CA ILE A 602 -59.68 8.43 0.86
C ILE A 602 -59.80 7.16 0.05
N ALA A 603 -59.81 7.30 -1.28
CA ALA A 603 -59.95 6.14 -2.16
C ALA A 603 -58.72 5.25 -2.05
N SER A 604 -58.93 3.96 -2.35
CA SER A 604 -57.84 2.99 -2.27
C SER A 604 -56.90 3.07 -3.46
N ASP A 605 -57.31 3.72 -4.54
CA ASP A 605 -56.49 3.78 -5.75
C ASP A 605 -56.95 4.97 -6.58
N ALA A 606 -56.11 5.34 -7.55
CA ALA A 606 -56.44 6.43 -8.46
C ALA A 606 -57.27 5.97 -9.65
N LYS A 607 -57.46 4.67 -9.83
CA LYS A 607 -58.29 4.19 -10.93
C LYS A 607 -59.77 4.40 -10.63
N GLU A 608 -60.20 4.12 -9.40
CA GLU A 608 -61.60 4.27 -9.03
C GLU A 608 -61.89 5.62 -8.38
N VAL A 609 -60.89 6.47 -8.20
CA VAL A 609 -61.17 7.82 -7.70
C VAL A 609 -61.84 8.66 -8.77
N LYS A 610 -61.77 8.24 -10.03
CA LYS A 610 -62.45 8.94 -11.11
C LYS A 610 -63.90 8.51 -11.20
N ARG A 611 -64.61 8.57 -10.07
CA ARG A 611 -66.02 8.22 -10.02
C ARG A 611 -66.89 9.33 -9.48
N ALA A 612 -66.30 10.42 -8.97
CA ALA A 612 -67.11 11.55 -8.49
C ALA A 612 -67.53 12.43 -9.64
N PHE A 613 -66.57 12.99 -10.38
CA PHE A 613 -66.89 13.89 -11.48
C PHE A 613 -67.38 13.11 -12.71
N PHE A 614 -66.88 11.89 -12.91
CA PHE A 614 -67.25 11.13 -14.09
C PHE A 614 -68.70 10.65 -14.03
N TYR A 615 -69.14 10.19 -12.86
CA TYR A 615 -70.48 9.64 -12.72
C TYR A 615 -71.49 10.75 -12.48
N CYS A 616 -72.55 10.76 -13.28
CA CYS A 616 -73.62 11.76 -13.19
C CYS A 616 -74.98 11.08 -13.26
N LYS A 617 -75.15 10.01 -12.49
CA LYS A 617 -76.38 9.24 -12.44
C LYS A 617 -76.80 8.73 -13.81
N LYS A 688 -58.56 38.39 25.90
CA LYS A 688 -57.26 37.86 26.30
C LYS A 688 -57.31 36.35 26.47
N LYS A 689 -58.53 35.81 26.48
CA LYS A 689 -58.69 34.36 26.63
C LYS A 689 -58.15 33.62 25.41
N TYR A 690 -58.37 34.15 24.22
CA TYR A 690 -57.88 33.55 22.99
C TYR A 690 -56.59 34.26 22.55
N ASP A 691 -56.09 33.91 21.38
CA ASP A 691 -54.91 34.54 20.82
C ASP A 691 -55.32 35.74 19.96
N SER A 692 -54.39 36.27 19.18
CA SER A 692 -54.66 37.44 18.35
C SER A 692 -55.65 37.17 17.24
N THR A 693 -55.96 35.90 16.94
CA THR A 693 -56.88 35.56 15.87
C THR A 693 -58.06 34.70 16.33
N GLY A 694 -57.93 33.99 17.45
CA GLY A 694 -58.97 33.08 17.90
C GLY A 694 -58.77 31.65 17.48
N MET A 695 -57.64 31.31 16.87
CA MET A 695 -57.36 29.93 16.50
C MET A 695 -56.97 29.06 17.68
N PHE A 696 -56.38 29.65 18.72
CA PHE A 696 -55.88 28.89 19.86
C PHE A 696 -56.21 29.65 21.14
N HIS A 697 -55.64 29.19 22.25
CA HIS A 697 -55.85 29.79 23.56
C HIS A 697 -54.58 30.46 24.04
N TRP A 698 -54.74 31.59 24.72
CA TRP A 698 -53.63 32.37 25.23
C TRP A 698 -53.92 32.83 26.64
N CYS A 699 -52.84 33.02 27.42
CA CYS A 699 -52.95 33.49 28.79
C CYS A 699 -51.70 34.30 29.13
N ALA A 700 -51.69 34.88 30.32
CA ALA A 700 -50.58 35.72 30.74
C ALA A 700 -49.30 34.90 30.86
N PRO A 701 -48.15 35.52 30.58
CA PRO A 701 -46.88 34.79 30.70
C PRO A 701 -46.63 34.33 32.13
N LYS A 702 -45.94 33.19 32.24
CA LYS A 702 -45.64 32.58 33.53
C LYS A 702 -44.12 32.49 33.72
N GLU A 703 -43.70 32.56 34.97
CA GLU A 703 -42.30 32.44 35.33
C GLU A 703 -41.98 30.97 35.60
N ILE A 704 -40.72 30.58 35.33
CA ILE A 704 -40.31 29.20 35.50
C ILE A 704 -40.44 28.77 36.95
N GLU A 705 -40.29 29.69 37.90
CA GLU A 705 -40.44 29.34 39.30
C GLU A 705 -41.89 29.12 39.70
N LYS A 706 -42.84 29.69 38.97
CA LYS A 706 -44.25 29.53 39.30
C LYS A 706 -44.84 28.23 38.79
N VAL A 707 -44.09 27.46 37.99
CA VAL A 707 -44.59 26.20 37.45
C VAL A 707 -43.74 25.01 37.87
N ILE A 708 -42.52 25.22 38.38
CA ILE A 708 -41.71 24.11 38.84
C ILE A 708 -42.37 23.46 40.05
N LEU A 709 -42.41 22.14 40.06
CA LEU A 709 -43.12 21.38 41.09
C LEU A 709 -42.15 20.47 41.82
N THR A 710 -42.69 19.71 42.78
CA THR A 710 -41.92 18.78 43.57
C THR A 710 -42.83 17.59 43.88
N ARG A 711 -42.22 16.45 44.20
CA ARG A 711 -42.98 15.22 44.43
C ARG A 711 -44.06 15.40 45.48
N SER A 712 -43.82 16.28 46.46
CA SER A 712 -44.81 16.50 47.51
C SER A 712 -46.07 17.15 46.96
N GLU A 713 -45.92 18.26 46.22
CA GLU A 713 -47.09 18.95 45.68
C GLU A 713 -47.65 18.24 44.46
N ALA A 714 -46.80 17.57 43.68
CA ALA A 714 -47.28 16.86 42.49
C ALA A 714 -48.25 15.75 42.87
N ALA A 715 -47.93 14.97 43.90
CA ALA A 715 -48.87 13.95 44.37
C ALA A 715 -50.09 14.58 45.03
N MET A 716 -49.89 15.69 45.74
CA MET A 716 -51.01 16.38 46.37
C MET A 716 -51.98 16.92 45.32
N THR A 717 -51.45 17.50 44.24
CA THR A 717 -52.30 17.99 43.16
C THR A 717 -52.96 16.82 42.43
N VAL A 718 -54.22 16.99 42.08
CA VAL A 718 -54.99 15.93 41.43
C VAL A 718 -54.92 16.13 39.92
N LEU A 719 -54.63 15.05 39.20
CA LEU A 719 -54.55 15.07 37.74
C LEU A 719 -55.20 13.81 37.21
N SER A 720 -56.17 13.99 36.32
CA SER A 720 -56.87 12.86 35.71
C SER A 720 -57.09 13.14 34.23
N GLY A 721 -56.78 12.15 33.40
CA GLY A 721 -56.94 12.31 31.97
C GLY A 721 -56.11 13.41 31.37
N HIS A 722 -54.95 13.70 31.95
CA HIS A 722 -54.09 14.78 31.52
C HIS A 722 -53.05 14.25 30.54
N VAL A 723 -52.08 15.10 30.20
CA VAL A 723 -51.00 14.77 29.27
C VAL A 723 -49.69 14.88 30.01
N VAL A 724 -48.87 13.82 29.94
CA VAL A 724 -47.55 13.80 30.54
C VAL A 724 -46.53 13.61 29.43
N VAL A 725 -45.49 14.44 29.43
CA VAL A 725 -44.46 14.42 28.40
C VAL A 725 -43.13 14.14 29.09
N CYS A 726 -42.49 13.04 28.72
CA CYS A 726 -41.18 12.70 29.25
C CYS A 726 -40.10 13.20 28.30
N ILE A 727 -39.27 14.12 28.78
CA ILE A 727 -38.26 14.78 27.97
C ILE A 727 -36.89 14.33 28.43
N PHE A 728 -36.08 13.82 27.50
CA PHE A 728 -34.70 13.46 27.75
C PHE A 728 -33.80 14.56 27.20
N GLY A 729 -32.86 15.01 28.02
CA GLY A 729 -31.96 16.07 27.59
C GLY A 729 -30.78 16.20 28.53
N ASP A 730 -29.82 17.00 28.09
CA ASP A 730 -28.58 17.23 28.82
C ASP A 730 -28.19 18.69 28.65
N VAL A 731 -26.99 19.04 29.13
CA VAL A 731 -26.51 20.40 28.99
C VAL A 731 -26.18 20.72 27.54
N SER A 732 -25.56 19.77 26.84
CA SER A 732 -25.16 19.96 25.45
C SER A 732 -26.13 19.33 24.46
N SER A 733 -27.31 18.91 24.92
CA SER A 733 -28.27 18.23 24.04
C SER A 733 -28.86 19.21 23.03
N ALA A 734 -29.42 18.65 21.96
CA ALA A 734 -29.99 19.43 20.88
C ALA A 734 -31.35 20.00 21.31
N LEU A 735 -31.94 20.82 20.45
CA LEU A 735 -33.20 21.49 20.71
C LEU A 735 -34.31 20.82 19.91
N ILE A 736 -35.32 20.30 20.62
CA ILE A 736 -36.48 19.72 19.94
C ILE A 736 -37.47 20.82 19.56
N GLY A 737 -37.98 21.54 20.56
CA GLY A 737 -38.99 22.56 20.33
C GLY A 737 -40.37 22.04 20.69
N LEU A 738 -40.83 22.37 21.89
CA LEU A 738 -42.10 21.86 22.40
C LEU A 738 -43.27 22.77 22.09
N ARG A 739 -43.04 23.89 21.40
CA ARG A 739 -44.14 24.79 21.06
C ARG A 739 -45.11 24.13 20.09
N ASN A 740 -44.63 23.20 19.26
CA ASN A 740 -45.50 22.52 18.30
C ASN A 740 -46.21 21.33 18.91
N LEU A 741 -45.95 21.00 20.18
CA LEU A 741 -46.64 19.90 20.84
C LEU A 741 -47.84 20.35 21.66
N VAL A 742 -47.72 21.51 22.32
CA VAL A 742 -48.84 22.02 23.11
C VAL A 742 -49.82 22.82 22.26
N MET A 743 -49.38 23.33 21.10
CA MET A 743 -50.28 24.05 20.21
C MET A 743 -51.45 23.23 19.72
N PRO A 744 -51.28 21.99 19.23
CA PRO A 744 -52.45 21.24 18.74
C PRO A 744 -53.48 20.94 19.81
N LEU A 745 -53.08 20.93 21.08
CA LEU A 745 -53.99 20.58 22.17
C LEU A 745 -54.79 21.76 22.69
N ARG A 746 -54.63 22.94 22.11
CA ARG A 746 -55.29 24.16 22.57
C ARG A 746 -56.04 24.83 21.43
N ALA A 747 -56.86 24.05 20.72
CA ALA A 747 -57.57 24.57 19.56
C ALA A 747 -58.73 25.46 20.01
N SER A 748 -59.48 25.99 19.03
CA SER A 748 -60.58 26.89 19.35
C SER A 748 -61.74 26.17 20.01
N ASN A 749 -62.14 25.03 19.45
CA ASN A 749 -63.28 24.28 19.96
C ASN A 749 -62.95 23.46 21.20
N PHE A 750 -61.79 23.67 21.81
CA PHE A 750 -61.42 23.03 23.07
C PHE A 750 -61.66 24.04 24.19
N HIS A 751 -62.71 23.82 24.97
CA HIS A 751 -63.04 24.73 26.06
C HIS A 751 -61.98 24.66 27.16
N TYR A 752 -61.92 25.72 27.97
CA TYR A 752 -60.96 25.75 29.07
C TYR A 752 -61.19 24.61 30.05
N HIS A 753 -62.45 24.20 30.24
CA HIS A 753 -62.74 23.06 31.09
C HIS A 753 -62.31 21.75 30.42
N GLU A 754 -62.43 21.69 29.09
CA GLU A 754 -62.07 20.48 28.36
C GLU A 754 -60.60 20.45 27.96
N LEU A 755 -59.86 21.53 28.19
CA LEU A 755 -58.45 21.57 27.85
C LEU A 755 -57.68 20.53 28.66
N LYS A 756 -56.83 19.77 27.99
CA LYS A 756 -56.08 18.71 28.64
C LYS A 756 -54.81 19.28 29.27
N HIS A 757 -54.65 19.07 30.57
CA HIS A 757 -53.48 19.57 31.27
C HIS A 757 -52.23 18.84 30.79
N ILE A 758 -51.14 19.60 30.62
CA ILE A 758 -49.89 19.08 30.11
C ILE A 758 -48.81 19.27 31.18
N VAL A 759 -48.11 18.19 31.50
CA VAL A 759 -47.03 18.22 32.49
C VAL A 759 -45.78 17.64 31.86
N PHE A 760 -44.65 18.32 32.05
CA PHE A 760 -43.37 17.91 31.48
C PHE A 760 -42.47 17.40 32.61
N VAL A 761 -41.92 16.21 32.44
CA VAL A 761 -41.00 15.61 33.40
C VAL A 761 -39.66 15.40 32.73
N GLY A 762 -38.60 15.84 33.41
CA GLY A 762 -37.25 15.71 32.87
C GLY A 762 -36.32 16.66 33.58
N SER A 763 -35.14 16.85 32.97
CA SER A 763 -34.15 17.77 33.53
C SER A 763 -34.66 19.19 33.43
N ILE A 764 -34.44 19.97 34.50
CA ILE A 764 -34.94 21.34 34.53
C ILE A 764 -34.10 22.26 33.65
N GLU A 765 -32.83 21.91 33.41
CA GLU A 765 -31.97 22.75 32.58
C GLU A 765 -32.48 22.79 31.14
N TYR A 766 -32.91 21.66 30.61
CA TYR A 766 -33.45 21.63 29.25
C TYR A 766 -34.73 22.46 29.15
N LEU A 767 -35.63 22.33 30.14
CA LEU A 767 -36.84 23.13 30.16
C LEU A 767 -36.53 24.61 30.31
N LYS A 768 -35.51 24.95 31.11
CA LYS A 768 -35.08 26.35 31.21
C LYS A 768 -34.57 26.85 29.86
N ARG A 769 -33.83 26.01 29.14
CA ARG A 769 -33.36 26.39 27.81
C ARG A 769 -34.53 26.63 26.86
N GLU A 770 -35.56 25.78 26.93
CA GLU A 770 -36.73 25.91 26.09
C GLU A 770 -37.78 26.85 26.68
N TRP A 771 -37.51 27.48 27.82
CA TRP A 771 -38.52 28.29 28.48
C TRP A 771 -38.75 29.62 27.78
N GLU A 772 -37.81 30.05 26.93
CA GLU A 772 -37.96 31.33 26.24
C GLU A 772 -39.19 31.34 25.33
N THR A 773 -39.61 30.17 24.84
CA THR A 773 -40.84 30.08 24.07
C THR A 773 -41.99 29.43 24.84
N LEU A 774 -41.69 28.68 25.89
CA LEU A 774 -42.71 27.97 26.69
C LEU A 774 -43.12 28.79 27.90
N HIS A 775 -43.60 30.01 27.71
CA HIS A 775 -44.06 30.83 28.83
C HIS A 775 -45.43 31.46 28.64
N ASN A 776 -45.92 31.60 27.41
CA ASN A 776 -47.25 32.13 27.16
C ASN A 776 -48.30 31.03 27.01
N PHE A 777 -48.08 29.88 27.65
CA PHE A 777 -48.97 28.74 27.49
C PHE A 777 -49.65 28.43 28.82
N PRO A 778 -50.98 28.35 28.85
CA PRO A 778 -51.68 28.08 30.11
C PRO A 778 -51.79 26.60 30.43
N LYS A 779 -52.01 26.33 31.71
CA LYS A 779 -52.22 24.98 32.23
C LYS A 779 -51.06 24.05 31.86
N VAL A 780 -49.85 24.46 32.25
CA VAL A 780 -48.64 23.69 32.01
C VAL A 780 -47.90 23.54 33.33
N SER A 781 -47.34 22.35 33.56
CA SER A 781 -46.57 22.06 34.76
C SER A 781 -45.26 21.36 34.37
N ILE A 782 -44.23 21.58 35.19
CA ILE A 782 -42.92 21.00 34.97
C ILE A 782 -42.41 20.42 36.28
N LEU A 783 -42.07 19.14 36.26
CA LEU A 783 -41.50 18.47 37.42
C LEU A 783 -40.06 18.06 37.14
N PRO A 784 -39.07 18.63 37.84
CA PRO A 784 -37.67 18.23 37.62
C PRO A 784 -37.43 16.76 37.93
N GLY A 785 -36.22 16.27 37.61
CA GLY A 785 -35.84 14.90 37.84
C GLY A 785 -35.53 14.18 36.53
N THR A 786 -35.97 12.93 36.44
CA THR A 786 -35.75 12.13 35.24
C THR A 786 -36.96 11.24 35.03
N PRO A 787 -37.35 10.95 33.78
CA PRO A 787 -38.49 10.05 33.55
C PRO A 787 -38.21 8.60 33.93
N LEU A 788 -36.96 8.22 34.15
CA LEU A 788 -36.62 6.87 34.56
C LEU A 788 -36.91 6.59 36.03
N SER A 789 -37.27 7.61 36.81
CA SER A 789 -37.54 7.46 38.23
C SER A 789 -39.02 7.11 38.42
N ARG A 790 -39.27 6.02 39.14
CA ARG A 790 -40.64 5.58 39.38
C ARG A 790 -41.41 6.59 40.24
N ALA A 791 -40.75 7.14 41.27
CA ALA A 791 -41.44 8.03 42.20
C ALA A 791 -41.92 9.30 41.51
N ASP A 792 -41.10 9.88 40.63
CA ASP A 792 -41.51 11.07 39.89
C ASP A 792 -42.72 10.77 39.01
N LEU A 793 -42.72 9.60 38.35
CA LEU A 793 -43.87 9.19 37.57
C LEU A 793 -45.09 8.94 38.44
N ARG A 794 -44.89 8.36 39.62
CA ARG A 794 -46.00 8.11 40.53
C ARG A 794 -46.62 9.42 41.00
N ALA A 795 -45.81 10.46 41.16
CA ALA A 795 -46.30 11.73 41.69
C ALA A 795 -47.26 12.41 40.71
N VAL A 796 -47.00 12.28 39.41
CA VAL A 796 -47.77 13.03 38.41
C VAL A 796 -48.97 12.24 37.94
N ASN A 797 -49.31 11.16 38.66
CA ASN A 797 -50.49 10.33 38.37
C ASN A 797 -50.43 9.77 36.96
N ILE A 798 -49.39 8.95 36.73
CA ILE A 798 -49.18 8.36 35.41
C ILE A 798 -50.27 7.35 35.08
N ASN A 799 -50.85 6.71 36.09
CA ASN A 799 -51.81 5.63 35.85
C ASN A 799 -53.06 6.12 35.14
N LEU A 800 -53.57 7.30 35.51
CA LEU A 800 -54.82 7.80 34.95
C LEU A 800 -54.60 8.82 33.84
N CYS A 801 -53.37 8.99 33.36
CA CYS A 801 -53.11 9.94 32.29
C CYS A 801 -53.74 9.47 30.99
N ASP A 802 -54.08 10.43 30.13
CA ASP A 802 -54.68 10.09 28.84
C ASP A 802 -53.65 9.61 27.84
N MET A 803 -52.41 10.11 27.91
CA MET A 803 -51.37 9.72 26.97
C MET A 803 -50.02 10.09 27.56
N CYS A 804 -49.06 9.16 27.48
CA CYS A 804 -47.69 9.39 27.90
C CYS A 804 -46.80 9.46 26.66
N VAL A 805 -46.00 10.51 26.56
CA VAL A 805 -45.17 10.77 25.40
C VAL A 805 -43.72 10.68 25.83
N ILE A 806 -42.95 9.81 25.16
CA ILE A 806 -41.52 9.70 25.40
C ILE A 806 -40.78 10.38 24.26
N LEU A 807 -39.99 11.40 24.58
CA LEU A 807 -39.24 12.15 23.59
C LEU A 807 -37.79 12.27 24.04
N SER A 808 -36.88 12.27 23.06
CA SER A 808 -35.46 12.36 23.33
C SER A 808 -34.83 13.41 22.43
N ALA A 809 -33.75 14.03 22.93
CA ALA A 809 -33.01 15.04 22.19
C ALA A 809 -31.53 14.72 22.04
N ASN A 810 -30.97 13.87 22.90
CA ASN A 810 -29.54 13.57 22.89
C ASN A 810 -29.15 12.55 21.82
N GLN A 811 -30.11 11.96 21.12
CA GLN A 811 -29.79 10.95 20.11
C GLN A 811 -28.95 11.49 18.97
N ASN A 812 -28.93 12.80 18.76
CA ASN A 812 -28.10 13.42 17.74
C ASN A 812 -26.65 13.54 18.16
N ASN A 813 -26.32 13.23 19.41
CA ASN A 813 -24.94 13.28 19.89
C ASN A 813 -24.22 11.96 19.66
N ILE A 814 -24.83 10.86 20.10
CA ILE A 814 -24.24 9.53 19.92
C ILE A 814 -24.55 9.05 18.51
N ASP A 815 -23.53 8.48 17.85
CA ASP A 815 -23.67 7.93 16.51
C ASP A 815 -23.68 6.42 16.49
N ASP A 816 -23.81 5.78 17.65
CA ASP A 816 -23.81 4.32 17.73
C ASP A 816 -25.23 3.80 17.47
N THR A 817 -25.35 2.90 16.49
CA THR A 817 -26.66 2.37 16.12
C THR A 817 -27.28 1.58 17.28
N SER A 818 -26.46 0.77 17.96
CA SER A 818 -26.98 -0.06 19.04
C SER A 818 -27.49 0.79 20.20
N LEU A 819 -26.77 1.87 20.53
CA LEU A 819 -27.11 2.70 21.68
C LEU A 819 -28.26 3.66 21.42
N GLN A 820 -28.90 3.72 20.28
CA GLN A 820 -29.99 4.73 20.14
C GLN A 820 -31.20 4.79 21.15
N ASP A 821 -32.39 4.58 20.61
CA ASP A 821 -33.57 4.62 21.47
C ASP A 821 -33.33 3.81 22.72
N LYS A 822 -32.16 3.21 22.85
CA LYS A 822 -31.76 2.51 24.04
C LYS A 822 -32.36 3.10 25.24
N GLU A 823 -32.42 4.42 25.28
CA GLU A 823 -33.13 4.97 26.42
C GLU A 823 -34.55 4.73 26.09
N CYS A 824 -35.34 5.73 25.71
CA CYS A 824 -36.73 5.72 25.32
C CYS A 824 -37.33 4.35 25.62
N ILE A 825 -36.70 3.29 25.12
CA ILE A 825 -37.24 1.94 25.32
C ILE A 825 -37.28 1.57 26.79
N LEU A 826 -36.22 1.88 27.52
CA LEU A 826 -36.20 1.54 28.93
C LEU A 826 -37.34 2.20 29.66
N ALA A 827 -37.69 3.42 29.28
CA ALA A 827 -38.75 4.15 29.97
C ALA A 827 -40.09 3.60 29.57
N SER A 828 -40.25 3.30 28.30
CA SER A 828 -41.48 2.70 27.88
C SER A 828 -41.70 1.47 28.69
N LEU A 829 -40.61 0.80 29.04
CA LEU A 829 -40.75 -0.47 29.75
C LEU A 829 -41.07 -0.24 31.21
N ASN A 830 -40.38 0.68 31.85
CA ASN A 830 -40.68 1.01 33.23
C ASN A 830 -42.12 1.45 33.32
N ILE A 831 -42.60 2.19 32.31
CA ILE A 831 -44.02 2.55 32.33
C ILE A 831 -44.88 1.29 32.32
N LYS A 832 -44.53 0.33 31.47
CA LYS A 832 -45.34 -0.88 31.35
C LYS A 832 -45.23 -1.75 32.60
N SER A 833 -44.07 -1.76 33.25
CA SER A 833 -43.81 -2.67 34.36
C SER A 833 -44.26 -2.13 35.71
N MET A 834 -44.81 -0.92 35.76
CA MET A 834 -45.25 -0.36 37.03
C MET A 834 -46.47 -1.10 37.56
N GLN A 835 -46.61 -1.09 38.89
CA GLN A 835 -47.74 -1.72 39.56
C GLN A 835 -48.43 -0.68 40.43
N PHE A 836 -49.75 -0.57 40.27
CA PHE A 836 -50.55 0.38 41.02
C PHE A 836 -51.53 -0.36 41.93
N ASP A 837 -52.19 0.41 42.79
CA ASP A 837 -53.15 -0.16 43.73
C ASP A 837 -54.39 -0.68 43.02
N THR A 875 -53.34 -2.01 39.79
CA THR A 875 -53.17 -2.87 38.63
C THR A 875 -51.87 -2.55 37.89
N THR A 876 -51.49 -3.44 36.97
CA THR A 876 -50.28 -3.24 36.18
C THR A 876 -50.50 -2.13 35.16
N GLY A 877 -49.43 -1.37 34.89
CA GLY A 877 -49.46 -0.28 33.94
C GLY A 877 -49.22 -0.67 32.49
N VAL A 878 -49.29 -1.97 32.17
CA VAL A 878 -49.05 -2.42 30.81
C VAL A 878 -50.08 -1.87 29.83
N ASN A 879 -51.29 -1.57 30.32
CA ASN A 879 -52.35 -1.06 29.47
C ASN A 879 -52.39 0.46 29.41
N ILE A 880 -51.44 1.13 30.05
CA ILE A 880 -51.40 2.59 30.02
C ILE A 880 -51.09 3.07 28.61
N PRO A 881 -51.89 3.97 28.02
CA PRO A 881 -51.60 4.44 26.67
C PRO A 881 -50.35 5.30 26.60
N ILE A 882 -49.30 4.76 26.01
CA ILE A 882 -48.01 5.45 25.90
C ILE A 882 -47.53 5.36 24.46
N ILE A 883 -47.04 6.48 23.94
CA ILE A 883 -46.51 6.57 22.59
C ILE A 883 -45.05 6.99 22.68
N THR A 884 -44.19 6.30 21.94
CA THR A 884 -42.75 6.53 21.99
C THR A 884 -42.25 6.93 20.60
N GLU A 885 -41.34 7.89 20.55
CA GLU A 885 -40.74 8.35 19.30
C GLU A 885 -39.36 7.71 19.17
N LEU A 886 -39.14 7.01 18.05
CA LEU A 886 -37.90 6.29 17.80
C LEU A 886 -37.18 6.90 16.61
N VAL A 887 -35.87 7.10 16.75
CA VAL A 887 -35.07 7.57 15.62
C VAL A 887 -34.64 6.39 14.75
N ASN A 888 -34.45 5.22 15.36
CA ASN A 888 -34.08 4.01 14.65
C ASN A 888 -35.29 3.09 14.56
N ASP A 889 -35.60 2.65 13.34
CA ASP A 889 -36.77 1.80 13.14
C ASP A 889 -36.53 0.39 13.64
N THR A 890 -35.26 -0.01 13.79
CA THR A 890 -34.94 -1.36 14.26
C THR A 890 -35.36 -1.57 15.71
N ASN A 891 -35.27 -0.54 16.55
CA ASN A 891 -35.55 -0.69 17.98
C ASN A 891 -37.01 -0.97 18.28
N VAL A 892 -37.91 -0.81 17.31
CA VAL A 892 -39.34 -0.98 17.57
C VAL A 892 -39.66 -2.37 18.07
N GLN A 893 -38.87 -3.38 17.69
CA GLN A 893 -39.09 -4.74 18.16
C GLN A 893 -39.01 -4.86 19.67
N PHE A 894 -38.30 -3.94 20.33
CA PHE A 894 -38.19 -3.94 21.78
C PHE A 894 -39.39 -3.32 22.47
N LEU A 895 -40.26 -2.64 21.73
CA LEU A 895 -41.40 -1.98 22.36
C LEU A 895 -42.38 -3.00 22.93
N ASP A 896 -42.61 -4.08 22.21
CA ASP A 896 -43.52 -5.14 22.65
C ASP A 896 -42.79 -6.47 22.75
N GLN A 897 -43.22 -7.29 23.70
CA GLN A 897 -42.64 -8.62 23.89
C GLN A 897 -43.53 -9.74 23.37
N ASP A 898 -44.85 -9.54 23.32
CA ASP A 898 -45.78 -10.55 22.82
C ASP A 898 -46.07 -10.36 21.33
N ASP A 899 -45.00 -10.31 20.52
CA ASP A 899 -45.13 -10.13 19.09
C ASP A 899 -43.93 -10.74 18.40
N ASP A 900 -44.08 -10.99 17.10
CA ASP A 900 -43.01 -11.56 16.29
C ASP A 900 -42.07 -10.44 15.84
N ASP A 901 -40.79 -10.60 16.13
CA ASP A 901 -39.78 -9.59 15.80
C ASP A 901 -38.90 -10.10 14.67
N ASP A 902 -39.07 -9.51 13.48
CA ASP A 902 -38.28 -9.85 12.31
C ASP A 902 -37.69 -8.57 11.72
N PRO A 903 -36.37 -8.50 11.53
CA PRO A 903 -35.79 -7.31 10.90
C PRO A 903 -36.25 -7.09 9.46
N ASP A 904 -36.71 -8.14 8.78
CA ASP A 904 -37.09 -8.01 7.38
C ASP A 904 -38.38 -7.21 7.20
N THR A 905 -39.33 -7.38 8.12
CA THR A 905 -40.62 -6.72 7.98
C THR A 905 -40.47 -5.21 8.11
N GLU A 906 -41.40 -4.49 7.49
CA GLU A 906 -41.37 -3.03 7.47
C GLU A 906 -41.99 -2.46 8.74
N LEU A 907 -41.77 -1.16 8.95
CA LEU A 907 -42.24 -0.50 10.16
C LEU A 907 -43.76 -0.48 10.24
N TYR A 908 -44.43 -0.26 9.10
CA TYR A 908 -45.89 -0.17 9.10
C TYR A 908 -46.54 -1.50 9.45
N LEU A 909 -45.84 -2.61 9.31
CA LEU A 909 -46.36 -3.92 9.67
C LEU A 909 -46.13 -4.27 11.13
N THR A 910 -45.26 -3.55 11.84
CA THR A 910 -44.99 -3.83 13.23
C THR A 910 -46.20 -3.55 14.10
N GLN A 911 -46.44 -4.43 15.06
CA GLN A 911 -47.59 -4.29 15.95
C GLN A 911 -47.57 -2.99 16.76
N PRO A 912 -46.47 -2.60 17.41
CA PRO A 912 -46.50 -1.34 18.17
C PRO A 912 -46.81 -0.12 17.32
N PHE A 913 -46.36 -0.10 16.07
CA PHE A 913 -46.70 1.02 15.20
C PHE A 913 -48.15 0.95 14.75
N ALA A 914 -48.64 -0.25 14.45
CA ALA A 914 -50.02 -0.41 14.00
C ALA A 914 -51.01 -0.06 15.11
N CYS A 915 -50.58 -0.14 16.36
CA CYS A 915 -51.45 0.17 17.50
C CYS A 915 -51.38 1.63 17.91
N GLY A 916 -50.60 2.45 17.22
CA GLY A 916 -50.50 3.86 17.54
C GLY A 916 -49.61 4.18 18.73
N THR A 917 -48.87 3.20 19.25
CA THR A 917 -47.97 3.42 20.36
C THR A 917 -46.54 3.72 19.91
N ALA A 918 -46.27 3.73 18.61
CA ALA A 918 -44.94 4.01 18.08
C ALA A 918 -45.05 5.00 16.93
N PHE A 919 -44.01 5.83 16.78
CA PHE A 919 -43.94 6.77 15.69
C PHE A 919 -42.49 7.07 15.38
N ALA A 920 -42.18 7.25 14.10
CA ALA A 920 -40.84 7.59 13.66
C ALA A 920 -40.94 8.58 12.51
N VAL A 921 -39.89 9.40 12.35
CA VAL A 921 -39.87 10.39 11.29
C VAL A 921 -39.68 9.75 9.92
N SER A 922 -39.28 8.47 9.88
CA SER A 922 -39.05 7.80 8.60
C SER A 922 -40.31 7.64 7.79
N VAL A 923 -41.48 7.55 8.45
CA VAL A 923 -42.74 7.41 7.70
C VAL A 923 -43.19 8.71 7.07
N LEU A 924 -42.55 9.83 7.38
CA LEU A 924 -42.90 11.12 6.81
C LEU A 924 -42.13 11.46 5.56
N ASP A 925 -41.22 10.58 5.11
CA ASP A 925 -40.47 10.84 3.89
C ASP A 925 -41.34 10.70 2.65
N SER A 926 -42.42 9.91 2.72
CA SER A 926 -43.35 9.79 1.61
C SER A 926 -44.18 11.04 1.40
N LEU A 927 -44.11 12.00 2.32
CA LEU A 927 -44.92 13.21 2.22
C LEU A 927 -44.53 14.04 1.01
N MET A 928 -43.26 13.99 0.62
CA MET A 928 -42.77 14.80 -0.49
C MET A 928 -43.45 14.40 -1.80
N SER A 929 -43.56 13.09 -2.04
CA SER A 929 -44.15 12.61 -3.29
C SER A 929 -45.62 12.99 -3.37
N ALA A 930 -46.37 12.83 -2.28
CA ALA A 930 -47.77 13.22 -2.27
C ALA A 930 -47.92 14.73 -2.42
N THR A 931 -47.05 15.50 -1.78
CA THR A 931 -47.11 16.95 -1.86
C THR A 931 -46.86 17.42 -3.30
N TYR A 932 -45.93 16.79 -4.00
CA TYR A 932 -45.59 17.23 -5.35
C TYR A 932 -46.78 17.14 -6.30
N PHE A 933 -47.51 16.02 -6.27
CA PHE A 933 -48.52 15.74 -7.28
C PHE A 933 -49.72 16.68 -7.17
N ASN A 934 -50.11 17.06 -5.95
CA ASN A 934 -51.09 18.13 -5.74
C ASN A 934 -50.79 18.72 -4.37
N ASP A 935 -50.46 20.02 -4.34
CA ASP A 935 -49.94 20.64 -3.13
C ASP A 935 -51.00 20.84 -2.06
N ASN A 936 -52.28 20.67 -2.39
CA ASN A 936 -53.33 21.03 -1.44
C ASN A 936 -53.27 20.17 -0.19
N ILE A 937 -52.55 19.04 -0.26
CA ILE A 937 -52.52 18.11 0.87
C ILE A 937 -51.76 18.71 2.05
N LEU A 938 -50.63 19.37 1.78
CA LEU A 938 -49.78 19.86 2.86
C LEU A 938 -50.51 20.88 3.74
N THR A 939 -51.24 21.81 3.12
CA THR A 939 -52.05 22.73 3.91
C THR A 939 -53.21 22.01 4.59
N LEU A 940 -53.73 20.96 3.95
CA LEU A 940 -54.73 20.12 4.60
C LEU A 940 -54.15 19.42 5.82
N ILE A 941 -52.90 18.95 5.72
CA ILE A 941 -52.24 18.38 6.88
C ILE A 941 -52.08 19.43 7.97
N ARG A 942 -51.66 20.65 7.60
CA ARG A 942 -51.43 21.68 8.60
C ARG A 942 -52.72 22.17 9.25
N THR A 943 -53.86 22.06 8.57
CA THR A 943 -55.14 22.40 9.18
C THR A 943 -55.79 21.22 9.90
N LEU A 944 -55.36 19.99 9.61
CA LEU A 944 -55.85 18.82 10.33
C LEU A 944 -55.06 18.52 11.60
N VAL A 945 -53.78 18.85 11.63
CA VAL A 945 -52.98 18.72 12.84
C VAL A 945 -52.63 20.13 13.29
N THR A 946 -51.90 20.25 14.40
CA THR A 946 -51.43 21.53 14.97
C THR A 946 -52.53 22.59 15.01
N GLY A 947 -53.78 22.16 15.10
CA GLY A 947 -54.92 23.06 15.17
C GLY A 947 -55.29 23.65 13.83
N GLY A 948 -54.48 24.58 13.34
CA GLY A 948 -54.73 25.24 12.08
C GLY A 948 -53.62 26.22 11.74
N ALA A 949 -53.21 26.25 10.48
CA ALA A 949 -52.13 27.15 10.07
C ALA A 949 -52.73 28.21 9.15
N THR A 950 -53.43 29.18 9.72
CA THR A 950 -54.03 30.26 8.91
C THR A 950 -52.93 31.08 8.27
N PRO A 951 -53.10 31.59 7.03
CA PRO A 951 -52.11 32.45 6.39
C PRO A 951 -51.59 33.59 7.29
N GLU A 952 -52.48 34.26 8.02
CA GLU A 952 -52.11 35.37 8.90
C GLU A 952 -51.18 34.90 10.03
N LEU A 953 -51.45 33.71 10.58
CA LEU A 953 -50.65 33.22 11.69
C LEU A 953 -49.21 32.97 11.29
N GLU A 954 -49.00 32.51 10.04
CA GLU A 954 -47.64 32.32 9.56
C GLU A 954 -46.88 33.64 9.54
N ALA A 955 -47.51 34.71 9.06
CA ALA A 955 -46.85 36.01 9.06
C ALA A 955 -46.59 36.51 10.48
N LEU A 956 -47.57 36.31 11.37
CA LEU A 956 -47.38 36.74 12.75
C LEU A 956 -46.23 36.02 13.42
N ILE A 957 -46.12 34.70 13.18
CA ILE A 957 -44.99 33.95 13.73
C ILE A 957 -43.68 34.40 13.09
N ALA A 958 -43.73 34.74 11.79
CA ALA A 958 -42.52 35.18 11.10
C ALA A 958 -41.99 36.49 11.67
N GLU A 959 -42.89 37.43 11.99
CA GLU A 959 -42.43 38.77 12.33
C GLU A 959 -42.09 38.95 13.81
N GLU A 960 -42.84 38.35 14.73
CA GLU A 960 -42.48 38.45 16.15
C GLU A 960 -41.77 37.21 16.68
N ASN A 961 -42.02 36.04 16.10
CA ASN A 961 -41.49 34.77 16.61
C ASN A 961 -41.93 34.53 18.06
N ALA A 962 -43.14 34.97 18.38
CA ALA A 962 -43.69 34.80 19.71
C ALA A 962 -45.20 34.99 19.64
N LEU A 963 -45.95 33.98 20.05
CA LEU A 963 -47.41 34.04 20.00
C LEU A 963 -47.92 35.04 21.03
N ARG A 964 -48.78 35.96 20.59
CA ARG A 964 -49.40 36.94 21.45
C ARG A 964 -50.89 37.02 21.13
N GLY A 965 -51.66 37.51 22.11
CA GLY A 965 -53.10 37.58 21.96
C GLY A 965 -53.63 38.94 22.36
N GLY A 966 -54.94 39.11 22.14
CA GLY A 966 -55.60 40.36 22.47
C GLY A 966 -57.06 40.18 22.80
N TYR A 967 -57.80 41.28 22.92
CA TYR A 967 -59.22 41.20 23.25
C TYR A 967 -60.00 40.58 22.10
N SER A 968 -60.95 39.71 22.44
CA SER A 968 -61.70 38.98 21.42
C SER A 968 -62.71 39.89 20.73
N THR A 969 -63.09 39.49 19.52
CA THR A 969 -64.07 40.18 18.69
C THR A 969 -65.13 39.17 18.27
N PRO A 970 -66.32 39.65 17.88
CA PRO A 970 -67.35 38.71 17.39
C PRO A 970 -66.86 37.85 16.23
N GLN A 971 -66.06 38.42 15.32
CA GLN A 971 -65.49 37.62 14.24
C GLN A 971 -64.42 36.68 14.77
N THR A 972 -63.68 37.09 15.81
CA THR A 972 -62.68 36.22 16.41
C THR A 972 -63.33 34.95 16.97
N LEU A 973 -64.45 35.11 17.68
CA LEU A 973 -65.17 33.95 18.18
C LEU A 973 -65.86 33.19 17.05
N ALA A 974 -66.17 33.88 15.95
CA ALA A 974 -66.76 33.20 14.80
C ALA A 974 -65.77 32.27 14.11
N ASN A 975 -64.48 32.45 14.34
CA ASN A 975 -63.45 31.58 13.78
C ASN A 975 -63.28 30.33 14.65
N ARG A 976 -64.39 29.62 14.82
CA ARG A 976 -64.44 28.47 15.71
C ARG A 976 -65.21 27.30 15.11
N ASP A 977 -65.63 27.38 13.85
CA ASP A 977 -66.44 26.36 13.22
C ASP A 977 -65.63 25.11 12.87
N ARG A 978 -64.34 25.12 13.19
CA ARG A 978 -63.48 23.99 12.86
C ARG A 978 -63.92 22.74 13.61
N CYS A 979 -63.89 21.61 12.91
CA CYS A 979 -64.19 20.31 13.50
C CYS A 979 -62.89 19.56 13.73
N ARG A 980 -62.72 19.03 14.94
CA ARG A 980 -61.49 18.37 15.33
C ARG A 980 -61.74 16.93 15.71
N VAL A 981 -60.66 16.14 15.74
CA VAL A 981 -60.78 14.71 15.96
C VAL A 981 -61.17 14.42 17.40
N ALA A 982 -61.82 13.28 17.60
CA ALA A 982 -62.21 12.81 18.93
C ALA A 982 -62.37 11.30 18.88
N GLN A 983 -62.24 10.66 20.05
CA GLN A 983 -62.41 9.22 20.18
C GLN A 983 -63.73 8.95 20.88
N LEU A 984 -64.57 8.13 20.25
CA LEU A 984 -65.90 7.82 20.76
C LEU A 984 -65.97 6.34 21.13
N ALA A 985 -66.54 6.05 22.30
CA ALA A 985 -66.70 4.68 22.73
C ALA A 985 -67.91 4.03 22.05
N LEU A 986 -68.15 2.77 22.38
CA LEU A 986 -69.27 2.04 21.79
C LEU A 986 -70.12 1.29 22.81
N LEU A 987 -69.63 1.07 24.03
CA LEU A 987 -70.39 0.28 25.00
C LEU A 987 -71.69 0.98 25.40
N ASP A 988 -71.65 2.29 25.58
CA ASP A 988 -72.82 3.06 26.02
C ASP A 988 -73.12 4.17 25.02
N GLY A 989 -74.41 4.43 24.80
CA GLY A 989 -74.83 5.46 23.89
C GLY A 989 -76.07 5.07 23.11
N PRO A 990 -76.72 6.04 22.47
CA PRO A 990 -77.90 5.73 21.65
C PRO A 990 -77.58 4.83 20.47
N PHE A 991 -76.32 4.78 20.03
CA PHE A 991 -75.90 3.94 18.92
C PHE A 991 -75.51 2.53 19.35
N ALA A 992 -76.00 2.07 20.50
CA ALA A 992 -75.65 0.74 20.98
C ALA A 992 -76.23 -0.35 20.08
N ASP A 993 -77.29 -0.05 19.34
CA ASP A 993 -77.88 -1.02 18.43
C ASP A 993 -76.91 -1.43 17.33
N LEU A 994 -75.99 -0.53 16.95
CA LEU A 994 -75.01 -0.81 15.93
C LEU A 994 -73.70 -1.38 16.49
N GLY A 995 -73.66 -1.68 17.78
CA GLY A 995 -72.45 -2.24 18.36
C GLY A 995 -72.07 -3.58 17.74
N ASP A 996 -73.05 -4.43 17.48
CA ASP A 996 -72.85 -5.72 16.85
C ASP A 996 -73.85 -5.94 15.73
N GLY A 997 -74.10 -4.88 14.94
CA GLY A 997 -75.06 -4.98 13.85
C GLY A 997 -74.57 -5.80 12.67
N GLY A 998 -73.27 -5.99 12.54
CA GLY A 998 -72.72 -6.75 11.44
C GLY A 998 -72.56 -5.99 10.14
N CYS A 999 -72.79 -4.67 10.14
CA CYS A 999 -72.67 -3.83 8.95
C CYS A 999 -72.11 -2.49 9.38
N TYR A 1000 -70.85 -2.24 9.02
CA TYR A 1000 -70.21 -0.97 9.39
C TYR A 1000 -70.85 0.20 8.65
N GLY A 1001 -71.30 -0.02 7.41
CA GLY A 1001 -71.82 1.07 6.62
C GLY A 1001 -73.02 1.75 7.25
N ASP A 1002 -73.91 0.96 7.85
CA ASP A 1002 -75.07 1.54 8.53
C ASP A 1002 -74.62 2.45 9.68
N LEU A 1003 -73.51 2.11 10.33
CA LEU A 1003 -73.05 2.91 11.47
C LEU A 1003 -72.70 4.32 11.04
N PHE A 1004 -71.84 4.46 10.02
CA PHE A 1004 -71.45 5.81 9.62
C PHE A 1004 -72.55 6.50 8.85
N CYS A 1005 -73.41 5.75 8.17
CA CYS A 1005 -74.58 6.37 7.55
C CYS A 1005 -75.48 7.01 8.60
N LYS A 1006 -75.73 6.31 9.70
CA LYS A 1006 -76.53 6.87 10.78
C LYS A 1006 -75.82 8.03 11.45
N ALA A 1007 -74.50 7.93 11.61
CA ALA A 1007 -73.73 9.01 12.21
C ALA A 1007 -73.84 10.27 11.36
N LEU A 1008 -73.79 10.13 10.04
CA LEU A 1008 -73.92 11.28 9.15
C LEU A 1008 -75.34 11.84 9.17
N LYS A 1009 -76.34 10.95 9.11
CA LYS A 1009 -77.72 11.41 8.95
C LYS A 1009 -78.40 11.80 10.26
N THR A 1010 -77.75 11.59 11.41
CA THR A 1010 -78.34 11.93 12.69
C THR A 1010 -77.60 13.08 13.37
N TYR A 1011 -76.29 12.96 13.56
CA TYR A 1011 -75.52 13.95 14.31
C TYR A 1011 -74.45 14.61 13.44
N ASN A 1012 -74.45 14.32 12.13
CA ASN A 1012 -73.53 14.96 11.18
C ASN A 1012 -72.07 14.70 11.55
N MET A 1013 -71.71 13.42 11.67
CA MET A 1013 -70.34 13.01 11.99
C MET A 1013 -69.89 11.92 11.04
N LEU A 1014 -68.69 12.08 10.50
CA LEU A 1014 -68.08 11.08 9.63
C LEU A 1014 -66.91 10.42 10.35
N CYS A 1015 -66.79 9.10 10.18
CA CYS A 1015 -65.76 8.32 10.86
C CYS A 1015 -64.69 7.90 9.86
N PHE A 1016 -63.43 8.09 10.24
CA PHE A 1016 -62.33 7.62 9.40
C PHE A 1016 -62.34 6.09 9.30
N GLY A 1017 -62.59 5.41 10.41
CA GLY A 1017 -62.58 3.96 10.41
C GLY A 1017 -62.82 3.32 11.76
N ILE A 1018 -62.12 2.21 12.02
CA ILE A 1018 -62.36 1.38 13.19
C ILE A 1018 -61.07 1.23 13.99
N TYR A 1019 -61.17 1.44 15.30
CA TYR A 1019 -60.08 1.18 16.23
C TYR A 1019 -60.42 -0.12 16.96
N ARG A 1020 -59.83 -1.22 16.51
CA ARG A 1020 -60.28 -2.57 16.86
C ARG A 1020 -59.25 -3.27 17.73
N LEU A 1021 -59.74 -4.04 18.70
CA LEU A 1021 -58.87 -4.82 19.56
C LEU A 1021 -58.10 -5.87 18.76
N ARG A 1022 -56.86 -6.12 19.20
CA ARG A 1022 -55.99 -7.06 18.48
C ARG A 1022 -56.54 -8.48 18.54
N ASP A 1023 -57.06 -8.90 19.70
CA ASP A 1023 -57.55 -10.26 19.90
C ASP A 1023 -59.06 -10.36 19.76
N ALA A 1024 -59.74 -9.31 19.30
CA ALA A 1024 -61.18 -9.37 19.14
C ALA A 1024 -61.58 -10.32 18.01
N HIS A 1025 -60.67 -10.59 17.07
CA HIS A 1025 -61.00 -11.45 15.95
C HIS A 1025 -61.10 -12.91 16.35
N LEU A 1026 -60.55 -13.31 17.49
CA LEU A 1026 -60.62 -14.69 17.94
C LEU A 1026 -61.83 -14.90 18.83
N SER A 1027 -62.42 -16.09 18.73
CA SER A 1027 -63.63 -16.39 19.51
C SER A 1027 -63.34 -16.40 21.00
N THR A 1028 -62.22 -17.00 21.41
CA THR A 1028 -61.90 -17.09 22.82
C THR A 1028 -61.55 -15.70 23.38
N PRO A 1029 -61.94 -15.41 24.61
CA PRO A 1029 -61.58 -14.13 25.22
C PRO A 1029 -60.10 -14.07 25.56
N SER A 1030 -59.62 -12.84 25.73
CA SER A 1030 -58.22 -12.61 26.06
C SER A 1030 -58.12 -11.32 26.87
N GLN A 1031 -56.98 -11.13 27.51
CA GLN A 1031 -56.72 -9.96 28.34
C GLN A 1031 -55.95 -8.87 27.60
N CYS A 1032 -55.80 -8.99 26.29
CA CYS A 1032 -55.06 -8.00 25.52
C CYS A 1032 -55.81 -6.68 25.48
N THR A 1033 -55.04 -5.59 25.48
CA THR A 1033 -55.59 -4.24 25.45
C THR A 1033 -55.21 -3.46 24.20
N LYS A 1034 -54.11 -3.82 23.54
CA LYS A 1034 -53.66 -3.07 22.36
C LYS A 1034 -54.70 -3.14 21.25
N ARG A 1035 -54.94 -1.99 20.61
CA ARG A 1035 -55.88 -1.87 19.52
C ARG A 1035 -55.19 -1.29 18.29
N TYR A 1036 -55.42 -1.90 17.14
CA TYR A 1036 -54.88 -1.42 15.88
C TYR A 1036 -55.96 -0.65 15.12
N VAL A 1037 -55.53 0.08 14.09
CA VAL A 1037 -56.39 1.03 13.39
C VAL A 1037 -56.87 0.40 12.09
N ILE A 1038 -58.12 0.70 11.74
CA ILE A 1038 -58.70 0.37 10.45
C ILE A 1038 -59.18 1.66 9.80
N THR A 1039 -58.79 1.87 8.55
CA THR A 1039 -59.17 3.07 7.82
C THR A 1039 -60.16 2.70 6.72
N ASN A 1040 -61.34 3.31 6.77
CA ASN A 1040 -62.42 3.12 5.81
C ASN A 1040 -62.74 1.63 5.61
N PRO A 1041 -63.40 1.00 6.59
CA PRO A 1041 -63.80 -0.39 6.39
C PRO A 1041 -64.83 -0.51 5.28
N PRO A 1042 -64.90 -1.64 4.60
CA PRO A 1042 -65.92 -1.83 3.56
C PRO A 1042 -67.32 -1.72 4.12
N TYR A 1043 -68.29 -1.63 3.20
CA TYR A 1043 -69.68 -1.50 3.59
C TYR A 1043 -70.16 -2.72 4.37
N GLU A 1044 -69.79 -3.92 3.91
CA GLU A 1044 -70.20 -5.16 4.56
C GLU A 1044 -69.12 -5.63 5.54
N PHE A 1045 -68.85 -4.76 6.51
CA PHE A 1045 -67.84 -5.02 7.53
C PHE A 1045 -68.53 -5.29 8.86
N GLU A 1046 -68.24 -6.45 9.45
CA GLU A 1046 -68.81 -6.81 10.74
C GLU A 1046 -68.21 -5.97 11.85
N LEU A 1047 -69.02 -5.67 12.86
CA LEU A 1047 -68.61 -4.86 13.99
C LEU A 1047 -68.51 -5.70 15.26
N VAL A 1048 -67.83 -5.15 16.25
CA VAL A 1048 -67.65 -5.80 17.55
C VAL A 1048 -68.17 -4.84 18.62
N PRO A 1049 -68.88 -5.33 19.65
CA PRO A 1049 -69.38 -4.41 20.69
C PRO A 1049 -68.29 -3.63 21.38
N THR A 1050 -67.12 -4.22 21.62
CA THR A 1050 -65.99 -3.50 22.21
C THR A 1050 -65.19 -2.85 21.08
N ASP A 1051 -65.34 -1.55 20.94
CA ASP A 1051 -64.72 -0.85 19.82
C ASP A 1051 -64.63 0.65 20.14
N LEU A 1052 -63.75 1.32 19.41
CA LEU A 1052 -63.61 2.77 19.47
C LEU A 1052 -63.76 3.34 18.07
N ILE A 1053 -64.30 4.55 18.00
CA ILE A 1053 -64.64 5.19 16.72
C ILE A 1053 -63.92 6.51 16.61
N PHE A 1054 -63.20 6.70 15.51
CA PHE A 1054 -62.64 8.01 15.18
C PHE A 1054 -63.73 8.90 14.59
N CYS A 1055 -63.74 10.16 15.00
CA CYS A 1055 -64.74 11.10 14.51
C CYS A 1055 -64.15 12.50 14.51
N LEU A 1056 -64.77 13.38 13.70
CA LEU A 1056 -64.41 14.79 13.63
C LEU A 1056 -65.56 15.58 14.27
N MET A 1057 -65.49 15.73 15.59
CA MET A 1057 -66.56 16.42 16.30
C MET A 1057 -66.53 17.92 16.00
N GLN A 1058 -67.72 18.51 15.86
CA GLN A 1058 -67.85 19.93 15.60
C GLN A 1058 -67.81 20.72 16.90
N PHE A 1059 -67.79 22.04 16.76
CA PHE A 1059 -67.83 22.92 17.92
C PHE A 1059 -69.27 23.02 18.45
N ASP A 1060 -69.43 23.71 19.57
CA ASP A 1060 -70.73 23.88 20.19
C ASP A 1060 -70.94 25.31 20.69
N ALA B 40 62.77 -52.88 -47.88
CA ALA B 40 63.56 -51.89 -47.19
C ALA B 40 62.75 -51.22 -46.07
N PRO B 41 63.36 -51.08 -44.89
CA PRO B 41 62.63 -50.52 -43.75
C PRO B 41 62.16 -49.10 -43.95
N ASP B 42 62.83 -48.31 -44.79
CA ASP B 42 62.46 -46.91 -44.97
C ASP B 42 61.23 -46.73 -45.85
N CYS B 43 60.69 -47.81 -46.42
CA CYS B 43 59.51 -47.74 -47.28
C CYS B 43 58.29 -48.31 -46.56
N PRO B 44 57.14 -47.66 -46.65
CA PRO B 44 55.92 -48.24 -46.08
C PRO B 44 55.58 -49.56 -46.76
N GLU B 45 55.00 -50.48 -45.97
CA GLU B 45 54.69 -51.81 -46.47
C GLU B 45 53.66 -51.77 -47.59
N VAL B 46 52.61 -50.95 -47.44
CA VAL B 46 51.53 -50.92 -48.43
C VAL B 46 51.80 -49.97 -49.59
N CYS B 47 52.81 -49.11 -49.48
CA CYS B 47 53.11 -48.14 -50.52
C CYS B 47 54.23 -48.65 -51.43
N THR B 48 54.49 -47.89 -52.48
CA THR B 48 55.53 -48.19 -53.45
C THR B 48 56.58 -47.10 -53.41
N CYS B 49 57.86 -47.49 -53.34
CA CYS B 49 58.96 -46.56 -53.26
C CYS B 49 59.98 -46.84 -54.36
N VAL B 50 60.66 -45.79 -54.79
CA VAL B 50 61.73 -45.90 -55.79
C VAL B 50 62.98 -45.28 -55.21
N PRO B 51 64.16 -45.66 -55.72
CA PRO B 51 65.40 -45.05 -55.24
C PRO B 51 65.38 -43.53 -55.42
N GLY B 52 65.95 -42.83 -54.46
CA GLY B 52 65.92 -41.38 -54.43
C GLY B 52 64.96 -40.78 -53.44
N GLY B 53 64.30 -41.58 -52.61
CA GLY B 53 63.42 -41.05 -51.59
C GLY B 53 62.05 -40.63 -52.08
N LEU B 54 61.60 -41.16 -53.21
CA LEU B 54 60.27 -40.84 -53.75
C LEU B 54 59.33 -41.99 -53.42
N ALA B 55 58.31 -41.70 -52.62
CA ALA B 55 57.32 -42.69 -52.20
C ALA B 55 55.94 -42.27 -52.65
N SER B 56 55.19 -43.22 -53.21
CA SER B 56 53.84 -42.98 -53.70
C SER B 56 52.88 -43.93 -53.01
N CYS B 57 51.82 -43.37 -52.41
CA CYS B 57 50.79 -44.16 -51.74
C CYS B 57 49.42 -43.96 -52.38
N SER B 58 49.36 -43.52 -53.63
CA SER B 58 48.10 -43.25 -54.30
C SER B 58 47.38 -44.55 -54.64
N ALA B 59 46.05 -44.44 -54.79
CA ALA B 59 45.19 -45.56 -55.18
C ALA B 59 45.32 -46.73 -54.21
N LEU B 60 45.38 -46.42 -52.91
CA LEU B 60 45.45 -47.45 -51.88
C LEU B 60 44.27 -47.41 -50.92
N SER B 61 43.40 -46.40 -51.01
CA SER B 61 42.24 -46.27 -50.13
C SER B 61 42.65 -46.30 -48.66
N LEU B 62 43.74 -45.60 -48.34
CA LEU B 62 44.25 -45.58 -46.97
C LEU B 62 43.30 -44.82 -46.06
N PRO B 63 42.87 -45.40 -44.93
CA PRO B 63 42.00 -44.65 -44.01
C PRO B 63 42.76 -43.70 -43.10
N ALA B 64 44.08 -43.81 -43.02
CA ALA B 64 44.89 -42.94 -42.19
C ALA B 64 46.28 -42.85 -42.79
N VAL B 65 47.11 -41.98 -42.22
CA VAL B 65 48.48 -41.83 -42.70
C VAL B 65 49.27 -43.09 -42.40
N PRO B 66 50.01 -43.63 -43.36
CA PRO B 66 50.82 -44.83 -43.08
C PRO B 66 51.91 -44.54 -42.07
N PRO B 67 52.22 -45.48 -41.19
CA PRO B 67 53.27 -45.28 -40.19
C PRO B 67 54.64 -45.58 -40.78
N GLY B 68 55.65 -45.57 -39.90
CA GLY B 68 57.00 -45.88 -40.29
C GLY B 68 57.64 -44.89 -41.23
N LEU B 69 57.46 -43.60 -40.98
CA LEU B 69 58.12 -42.58 -41.80
C LEU B 69 59.61 -42.56 -41.52
N SER B 70 60.39 -42.26 -42.56
CA SER B 70 61.85 -42.27 -42.49
C SER B 70 62.41 -40.99 -43.10
N LEU B 71 63.63 -40.65 -42.67
CA LEU B 71 64.31 -39.47 -43.19
C LEU B 71 64.85 -39.69 -44.59
N ARG B 72 64.89 -40.94 -45.07
CA ARG B 72 65.39 -41.23 -46.41
C ARG B 72 64.40 -40.86 -47.51
N LEU B 73 63.14 -40.66 -47.18
CA LEU B 73 62.14 -40.30 -48.19
C LEU B 73 62.10 -38.79 -48.36
N ARG B 74 62.19 -38.35 -49.62
CA ARG B 74 62.18 -36.92 -49.94
C ARG B 74 60.82 -36.43 -50.43
N ALA B 75 60.04 -37.27 -51.10
CA ALA B 75 58.73 -36.90 -51.61
C ALA B 75 57.72 -37.98 -51.23
N LEU B 76 56.53 -37.56 -50.82
CA LEU B 76 55.46 -38.47 -50.43
C LEU B 76 54.18 -38.12 -51.19
N LEU B 77 53.52 -39.15 -51.72
CA LEU B 77 52.26 -39.00 -52.42
C LEU B 77 51.14 -39.68 -51.64
N LEU B 78 50.06 -38.94 -51.38
CA LEU B 78 48.96 -39.47 -50.60
C LEU B 78 47.60 -39.11 -51.19
N ASP B 79 47.52 -38.81 -52.49
CA ASP B 79 46.28 -38.37 -53.09
C ASP B 79 45.31 -39.54 -53.27
N HIS B 80 44.04 -39.19 -53.44
CA HIS B 80 42.96 -40.17 -53.68
C HIS B 80 42.86 -41.19 -52.56
N ASN B 81 42.89 -40.70 -51.32
CA ASN B 81 42.71 -41.54 -50.14
C ASN B 81 41.51 -41.04 -49.33
N ARG B 82 41.27 -41.67 -48.19
CA ARG B 82 40.17 -41.29 -47.32
C ARG B 82 40.66 -40.93 -45.93
N VAL B 83 41.74 -40.16 -45.86
CA VAL B 83 42.29 -39.70 -44.56
C VAL B 83 41.56 -38.40 -44.25
N ARG B 84 40.36 -38.54 -43.67
CA ARG B 84 39.56 -37.37 -43.35
C ARG B 84 40.18 -36.54 -42.23
N ALA B 85 40.67 -37.21 -41.20
CA ALA B 85 41.24 -36.54 -40.02
C ALA B 85 42.75 -36.74 -40.00
N LEU B 86 43.48 -35.64 -39.76
CA LEU B 86 44.93 -35.69 -39.69
C LEU B 86 45.37 -35.56 -38.24
N PRO B 87 45.91 -36.62 -37.62
CA PRO B 87 46.30 -36.51 -36.22
C PRO B 87 47.50 -35.60 -36.05
N PRO B 88 47.67 -34.99 -34.88
CA PRO B 88 48.84 -34.14 -34.65
C PRO B 88 50.13 -34.95 -34.74
N GLY B 89 51.15 -34.36 -35.38
CA GLY B 89 52.41 -35.05 -35.58
C GLY B 89 52.30 -36.31 -36.39
N ALA B 90 51.42 -36.32 -37.41
CA ALA B 90 51.25 -37.51 -38.23
C ALA B 90 52.49 -37.78 -39.08
N PHE B 91 53.11 -36.72 -39.60
CA PHE B 91 54.28 -36.85 -40.46
C PHE B 91 55.59 -36.81 -39.69
N ALA B 92 55.57 -37.15 -38.40
CA ALA B 92 56.78 -37.13 -37.59
C ALA B 92 57.78 -38.16 -38.07
N GLY B 93 59.05 -37.78 -38.10
CA GLY B 93 60.11 -38.67 -38.51
C GLY B 93 60.72 -38.32 -39.84
N ALA B 94 59.89 -37.93 -40.81
CA ALA B 94 60.34 -37.57 -42.15
C ALA B 94 60.62 -36.06 -42.23
N GLY B 95 61.62 -35.62 -41.47
CA GLY B 95 61.99 -34.22 -41.46
C GLY B 95 62.67 -33.75 -42.73
N ALA B 96 63.19 -34.68 -43.52
CA ALA B 96 63.86 -34.35 -44.77
C ALA B 96 62.93 -34.37 -45.98
N LEU B 97 61.64 -34.60 -45.76
CA LEU B 97 60.68 -34.63 -46.88
C LEU B 97 60.59 -33.27 -47.53
N GLN B 98 60.44 -33.26 -48.85
CA GLN B 98 60.38 -32.04 -49.63
C GLN B 98 59.01 -31.79 -50.26
N ARG B 99 58.35 -32.84 -50.75
CA ARG B 99 57.06 -32.71 -51.42
C ARG B 99 56.04 -33.57 -50.70
N LEU B 100 54.91 -32.97 -50.33
CA LEU B 100 53.81 -33.67 -49.69
C LEU B 100 52.53 -33.36 -50.45
N ASP B 101 51.76 -34.40 -50.77
CA ASP B 101 50.54 -34.28 -51.54
C ASP B 101 49.38 -34.87 -50.74
N LEU B 102 48.29 -34.12 -50.65
CA LEU B 102 47.09 -34.59 -49.96
C LEU B 102 45.82 -34.26 -50.75
N ARG B 103 45.95 -34.15 -52.07
CA ARG B 103 44.82 -33.77 -52.91
C ARG B 103 43.78 -34.89 -52.94
N GLU B 104 42.50 -34.49 -53.01
CA GLU B 104 41.37 -35.41 -53.16
C GLU B 104 41.36 -36.45 -52.05
N ASN B 105 41.60 -36.00 -50.82
CA ASN B 105 41.61 -36.88 -49.65
C ASN B 105 40.48 -36.57 -48.68
N GLY B 106 39.61 -35.60 -49.00
CA GLY B 106 38.51 -35.28 -48.12
C GLY B 106 38.91 -34.70 -46.77
N LEU B 107 40.01 -33.95 -46.74
CA LEU B 107 40.44 -33.32 -45.49
C LEU B 107 39.44 -32.26 -45.06
N HIS B 108 39.13 -32.23 -43.76
CA HIS B 108 38.20 -31.25 -43.22
C HIS B 108 38.72 -30.51 -42.00
N SER B 109 39.76 -31.00 -41.34
CA SER B 109 40.33 -30.32 -40.18
C SER B 109 41.77 -30.79 -40.00
N VAL B 110 42.68 -29.84 -39.82
CA VAL B 110 44.09 -30.11 -39.65
C VAL B 110 44.54 -29.50 -38.33
N HIS B 111 45.24 -30.30 -37.52
CA HIS B 111 45.72 -29.82 -36.24
C HIS B 111 46.86 -28.82 -36.43
N VAL B 112 47.09 -28.00 -35.40
CA VAL B 112 48.11 -26.97 -35.48
C VAL B 112 49.50 -27.58 -35.58
N ARG B 113 49.72 -28.70 -34.89
CA ARG B 113 51.03 -29.35 -34.86
C ARG B 113 51.08 -30.60 -35.73
N ALA B 114 50.19 -30.71 -36.72
CA ALA B 114 50.22 -31.85 -37.62
C ALA B 114 51.49 -31.85 -38.48
N PHE B 115 51.89 -30.67 -38.95
CA PHE B 115 53.07 -30.59 -39.81
C PHE B 115 54.36 -30.68 -39.02
N TRP B 116 54.35 -31.51 -37.98
CA TRP B 116 55.55 -31.66 -37.16
C TRP B 116 56.69 -32.31 -37.94
N GLY B 117 57.92 -31.90 -37.63
CA GLY B 117 59.07 -32.45 -38.31
C GLY B 117 58.98 -32.32 -39.82
N LEU B 118 58.84 -31.09 -40.30
CA LEU B 118 58.73 -30.86 -41.74
C LEU B 118 59.36 -29.54 -42.16
N GLY B 119 60.33 -29.05 -41.39
CA GLY B 119 61.01 -27.81 -41.74
C GLY B 119 61.53 -27.78 -43.15
N ALA B 120 61.83 -28.93 -43.75
CA ALA B 120 62.35 -29.01 -45.10
C ALA B 120 61.26 -29.20 -46.15
N LEU B 121 60.00 -29.28 -45.73
CA LEU B 121 58.90 -29.46 -46.68
C LEU B 121 58.75 -28.22 -47.56
N GLN B 122 58.66 -28.43 -48.86
CA GLN B 122 58.59 -27.34 -49.84
C GLN B 122 57.28 -27.30 -50.60
N LEU B 123 56.68 -28.44 -50.91
CA LEU B 123 55.49 -28.51 -51.74
C LEU B 123 54.35 -29.12 -50.92
N LEU B 124 53.22 -28.41 -50.88
CA LEU B 124 52.01 -28.89 -50.22
C LEU B 124 50.85 -28.78 -51.20
N ASP B 125 50.05 -29.85 -51.27
CA ASP B 125 48.88 -29.89 -52.13
C ASP B 125 47.68 -30.31 -51.29
N LEU B 126 47.02 -29.32 -50.68
CA LEU B 126 45.81 -29.54 -49.90
C LEU B 126 44.55 -29.29 -50.73
N SER B 127 44.70 -29.11 -52.04
CA SER B 127 43.57 -28.76 -52.89
C SER B 127 42.60 -29.92 -53.03
N ALA B 128 41.43 -29.63 -53.61
CA ALA B 128 40.38 -30.62 -53.82
C ALA B 128 39.97 -31.30 -52.53
N ASN B 129 39.82 -30.52 -51.47
CA ASN B 129 39.42 -31.04 -50.16
C ASN B 129 38.25 -30.24 -49.60
N GLN B 130 37.90 -30.49 -48.35
CA GLN B 130 36.77 -29.85 -47.69
C GLN B 130 37.22 -29.03 -46.48
N LEU B 131 38.37 -28.38 -46.60
CA LEU B 131 38.90 -27.57 -45.51
C LEU B 131 38.09 -26.29 -45.38
N GLU B 132 37.33 -26.17 -44.30
CA GLU B 132 36.52 -24.98 -44.06
C GLU B 132 37.20 -23.97 -43.15
N ALA B 133 38.16 -24.39 -42.34
CA ALA B 133 38.86 -23.48 -41.44
C ALA B 133 40.26 -24.03 -41.17
N LEU B 134 41.19 -23.11 -40.96
CA LEU B 134 42.58 -23.45 -40.68
C LEU B 134 43.00 -22.82 -39.36
N ALA B 135 43.59 -23.62 -38.49
CA ALA B 135 44.08 -23.09 -37.22
C ALA B 135 45.35 -22.26 -37.46
N PRO B 136 45.43 -21.07 -36.85
CA PRO B 136 46.63 -20.25 -37.02
C PRO B 136 47.88 -20.96 -36.49
N GLY B 137 48.99 -20.73 -37.17
CA GLY B 137 50.25 -21.35 -36.82
C GLY B 137 50.47 -22.73 -37.39
N THR B 138 49.51 -23.25 -38.18
CA THR B 138 49.69 -24.57 -38.77
C THR B 138 50.85 -24.60 -39.75
N PHE B 139 50.99 -23.56 -40.57
CA PHE B 139 52.03 -23.48 -41.57
C PHE B 139 53.25 -22.70 -41.11
N ALA B 140 53.34 -22.38 -39.82
CA ALA B 140 54.48 -21.63 -39.31
C ALA B 140 55.81 -22.34 -39.48
N PRO B 141 55.96 -23.63 -39.14
CA PRO B 141 57.27 -24.27 -39.32
C PRO B 141 57.72 -24.40 -40.76
N LEU B 142 56.80 -24.26 -41.73
CA LEU B 142 57.12 -24.43 -43.14
C LEU B 142 57.89 -23.19 -43.63
N ARG B 143 59.15 -23.10 -43.22
CA ARG B 143 60.00 -22.00 -43.64
C ARG B 143 60.47 -22.15 -45.09
N ALA B 144 60.53 -23.38 -45.60
CA ALA B 144 60.98 -23.64 -46.96
C ALA B 144 59.82 -23.87 -47.93
N LEU B 145 58.60 -23.57 -47.50
CA LEU B 145 57.44 -23.74 -48.38
C LEU B 145 57.55 -22.87 -49.61
N ARG B 146 57.29 -23.46 -50.77
CA ARG B 146 57.34 -22.75 -52.04
C ARG B 146 56.03 -22.77 -52.80
N ASN B 147 55.26 -23.85 -52.70
CA ASN B 147 53.94 -23.93 -53.33
C ASN B 147 52.95 -24.45 -52.30
N LEU B 148 51.83 -23.74 -52.15
CA LEU B 148 50.77 -24.12 -51.22
C LEU B 148 49.46 -24.15 -52.00
N SER B 149 48.80 -25.30 -52.01
CA SER B 149 47.57 -25.50 -52.77
C SER B 149 46.38 -25.54 -51.81
N LEU B 150 45.36 -24.73 -52.11
CA LEU B 150 44.12 -24.69 -51.35
C LEU B 150 42.91 -24.63 -52.26
N ALA B 151 43.05 -25.12 -53.49
CA ALA B 151 41.98 -25.03 -54.47
C ALA B 151 40.86 -26.02 -54.15
N GLY B 152 39.68 -25.71 -54.66
CA GLY B 152 38.53 -26.58 -54.48
C GLY B 152 38.11 -26.80 -53.04
N ASN B 153 38.51 -25.92 -52.13
CA ASN B 153 38.20 -26.04 -50.72
C ASN B 153 37.04 -25.11 -50.36
N ARG B 154 36.47 -25.36 -49.18
CA ARG B 154 35.37 -24.55 -48.65
C ARG B 154 35.84 -23.53 -47.62
N LEU B 155 37.04 -23.01 -47.77
CA LEU B 155 37.58 -22.00 -46.86
C LEU B 155 36.85 -20.68 -47.10
N ALA B 156 35.86 -20.40 -46.25
CA ALA B 156 35.10 -19.15 -46.40
C ALA B 156 35.98 -17.93 -46.16
N ARG B 157 36.84 -17.97 -45.14
CA ARG B 157 37.73 -16.87 -44.82
C ARG B 157 39.14 -17.38 -44.59
N LEU B 158 40.11 -16.66 -45.13
CA LEU B 158 41.52 -16.92 -44.88
C LEU B 158 42.09 -15.72 -44.12
N GLU B 159 42.69 -15.98 -42.97
CA GLU B 159 43.16 -14.91 -42.11
C GLU B 159 44.67 -14.71 -42.27
N PRO B 160 45.16 -13.49 -42.05
CA PRO B 160 46.60 -13.26 -42.12
C PRO B 160 47.43 -14.15 -41.21
N ALA B 161 46.91 -14.45 -40.01
CA ALA B 161 47.65 -15.31 -39.08
C ALA B 161 47.59 -16.78 -39.48
N ALA B 162 46.65 -17.16 -40.35
CA ALA B 162 46.56 -18.55 -40.78
C ALA B 162 47.79 -18.95 -41.60
N LEU B 163 48.25 -18.05 -42.48
CA LEU B 163 49.42 -18.35 -43.30
C LEU B 163 50.72 -18.24 -42.51
N GLY B 164 50.79 -17.32 -41.55
CA GLY B 164 52.00 -17.17 -40.77
C GLY B 164 53.11 -16.50 -41.56
N ALA B 165 54.32 -16.59 -41.01
CA ALA B 165 55.50 -16.02 -41.64
C ALA B 165 55.98 -16.95 -42.75
N LEU B 166 55.85 -16.50 -44.00
CA LEU B 166 56.22 -17.29 -45.17
C LEU B 166 57.11 -16.44 -46.07
N PRO B 167 58.39 -16.27 -45.70
CA PRO B 167 59.27 -15.42 -46.50
C PRO B 167 59.72 -16.07 -47.79
N LEU B 168 59.93 -17.39 -47.78
CA LEU B 168 60.43 -18.12 -48.94
C LEU B 168 59.32 -18.54 -49.89
N LEU B 169 58.07 -18.26 -49.59
CA LEU B 169 56.97 -18.65 -50.46
C LEU B 169 57.00 -17.83 -51.74
N ARG B 170 56.84 -18.51 -52.88
CA ARG B 170 56.90 -17.85 -54.18
C ARG B 170 55.54 -17.77 -54.88
N SER B 171 54.62 -18.67 -54.60
CA SER B 171 53.35 -18.69 -55.30
C SER B 171 52.26 -19.24 -54.39
N LEU B 172 51.02 -18.93 -54.73
CA LEU B 172 49.85 -19.39 -54.00
C LEU B 172 48.73 -19.71 -54.97
N SER B 173 47.81 -20.57 -54.54
CA SER B 173 46.65 -20.95 -55.34
C SER B 173 45.43 -20.99 -54.42
N LEU B 174 44.51 -20.05 -54.62
CA LEU B 174 43.32 -19.91 -53.79
C LEU B 174 42.04 -19.98 -54.63
N GLN B 175 42.10 -20.64 -55.78
CA GLN B 175 40.95 -20.70 -56.66
C GLN B 175 39.92 -21.70 -56.14
N ASP B 176 38.71 -21.59 -56.70
CA ASP B 176 37.62 -22.53 -56.40
C ASP B 176 37.33 -22.59 -54.90
N ASN B 177 37.35 -21.44 -54.25
CA ASN B 177 37.12 -21.34 -52.82
C ASN B 177 35.96 -20.39 -52.55
N GLU B 178 35.63 -20.25 -51.27
CA GLU B 178 34.55 -19.35 -50.83
C GLU B 178 35.09 -18.09 -50.19
N LEU B 179 36.28 -17.64 -50.61
CA LEU B 179 36.92 -16.46 -50.04
C LEU B 179 36.16 -15.22 -50.49
N ALA B 180 35.32 -14.68 -49.62
CA ALA B 180 34.54 -13.49 -49.95
C ALA B 180 35.45 -12.28 -50.18
N ALA B 181 36.43 -12.08 -49.31
CA ALA B 181 37.35 -10.96 -49.44
C ALA B 181 38.61 -11.27 -48.64
N LEU B 182 39.73 -10.70 -49.08
CA LEU B 182 41.00 -10.86 -48.40
C LEU B 182 41.20 -9.73 -47.40
N ALA B 183 41.33 -10.09 -46.13
CA ALA B 183 41.58 -9.09 -45.09
C ALA B 183 42.94 -8.44 -45.30
N PRO B 184 43.04 -7.12 -45.10
CA PRO B 184 44.33 -6.45 -45.27
C PRO B 184 45.38 -7.01 -44.32
N GLY B 185 46.62 -7.09 -44.80
CA GLY B 185 47.73 -7.60 -44.02
C GLY B 185 48.08 -9.05 -44.29
N LEU B 186 47.22 -9.79 -44.98
CA LEU B 186 47.52 -11.19 -45.30
C LEU B 186 48.72 -11.29 -46.23
N LEU B 187 48.78 -10.40 -47.23
CA LEU B 187 49.88 -10.41 -48.19
C LEU B 187 51.12 -9.67 -47.69
N GLY B 188 51.04 -9.03 -46.53
CA GLY B 188 52.17 -8.28 -46.01
C GLY B 188 53.33 -9.12 -45.54
N ARG B 189 53.13 -10.42 -45.34
CA ARG B 189 54.19 -11.33 -44.90
C ARG B 189 54.64 -12.28 -46.00
N LEU B 190 54.41 -11.92 -47.26
CA LEU B 190 54.83 -12.72 -48.41
C LEU B 190 55.62 -11.83 -49.36
N PRO B 191 56.86 -11.49 -49.00
CA PRO B 191 57.66 -10.62 -49.89
C PRO B 191 57.97 -11.23 -51.24
N ALA B 192 58.12 -12.55 -51.32
CA ALA B 192 58.53 -13.23 -52.54
C ALA B 192 57.34 -13.80 -53.31
N LEU B 193 56.12 -13.38 -53.00
CA LEU B 193 54.94 -13.88 -53.68
C LEU B 193 54.83 -13.23 -55.06
N ASP B 194 54.95 -14.04 -56.12
CA ASP B 194 54.90 -13.54 -57.48
C ASP B 194 53.77 -14.13 -58.32
N ALA B 195 53.18 -15.24 -57.91
CA ALA B 195 52.09 -15.87 -58.65
C ALA B 195 50.93 -16.14 -57.71
N LEU B 196 49.71 -16.00 -58.22
CA LEU B 196 48.50 -16.20 -57.43
C LEU B 196 47.34 -16.52 -58.35
N HIS B 197 46.49 -17.45 -57.92
CA HIS B 197 45.29 -17.82 -58.65
C HIS B 197 44.07 -17.53 -57.78
N LEU B 198 43.07 -16.86 -58.37
CA LEU B 198 41.88 -16.44 -57.62
C LEU B 198 40.60 -16.69 -58.40
N ARG B 199 40.64 -17.54 -59.42
CA ARG B 199 39.46 -17.80 -60.23
C ARG B 199 38.41 -18.56 -59.44
N GLY B 200 37.15 -18.29 -59.76
CA GLY B 200 36.05 -19.00 -59.12
C GLY B 200 35.88 -18.71 -57.64
N ASN B 201 35.97 -17.44 -57.26
CA ASN B 201 35.82 -17.04 -55.87
C ASN B 201 34.76 -15.95 -55.76
N PRO B 202 34.03 -15.91 -54.64
CA PRO B 202 32.98 -14.88 -54.45
C PRO B 202 33.57 -13.53 -54.01
N TRP B 203 34.34 -12.91 -54.89
CA TRP B 203 35.02 -11.66 -54.59
C TRP B 203 33.99 -10.53 -54.57
N GLY B 204 33.77 -9.96 -53.38
CA GLY B 204 32.91 -8.80 -53.26
C GLY B 204 33.69 -7.52 -53.49
N CYS B 205 33.47 -6.89 -54.65
CA CYS B 205 34.31 -5.78 -55.08
C CYS B 205 34.03 -4.51 -54.29
N GLY B 206 34.75 -4.31 -53.19
CA GLY B 206 34.64 -3.11 -52.39
C GLY B 206 36.01 -2.64 -51.91
N CYS B 207 36.03 -1.92 -50.78
CA CYS B 207 37.31 -1.48 -50.22
C CYS B 207 38.02 -2.57 -49.46
N ALA B 208 37.35 -3.68 -49.17
CA ALA B 208 37.99 -4.79 -48.46
C ALA B 208 39.10 -5.42 -49.28
N LEU B 209 39.05 -5.33 -50.61
CA LEU B 209 40.04 -5.94 -51.48
C LEU B 209 40.94 -4.90 -52.16
N ARG B 210 41.02 -3.69 -51.60
CA ARG B 210 42.00 -2.72 -52.09
C ARG B 210 43.44 -3.24 -51.97
N PRO B 211 43.88 -3.81 -50.84
CA PRO B 211 45.21 -4.44 -50.85
C PRO B 211 45.33 -5.58 -51.84
N LEU B 212 44.25 -6.31 -52.10
CA LEU B 212 44.30 -7.37 -53.11
C LEU B 212 44.56 -6.79 -54.49
N CYS B 213 43.89 -5.70 -54.85
CA CYS B 213 44.15 -5.04 -56.13
C CYS B 213 45.53 -4.40 -56.14
N ALA B 214 46.05 -4.01 -54.97
CA ALA B 214 47.39 -3.42 -54.93
C ALA B 214 48.44 -4.41 -55.40
N TRP B 215 48.32 -5.68 -55.00
CA TRP B 215 49.23 -6.70 -55.49
C TRP B 215 49.04 -6.95 -56.98
N LEU B 216 47.79 -6.94 -57.44
CA LEU B 216 47.51 -7.25 -58.85
C LEU B 216 48.02 -6.16 -59.79
N ARG B 217 47.98 -4.90 -59.37
CA ARG B 217 48.43 -3.82 -60.23
C ARG B 217 49.91 -3.94 -60.55
N ARG B 218 50.74 -4.28 -59.57
CA ARG B 218 52.17 -4.42 -59.78
C ARG B 218 52.57 -5.84 -60.19
N HIS B 219 51.62 -6.76 -60.26
CA HIS B 219 51.85 -8.12 -60.73
C HIS B 219 50.90 -8.39 -61.89
N PRO B 220 51.32 -8.11 -63.12
CA PRO B 220 50.42 -8.28 -64.26
C PRO B 220 49.98 -9.72 -64.48
N LEU B 221 48.70 -9.99 -64.25
CA LEU B 221 48.17 -11.33 -64.44
C LEU B 221 48.02 -11.61 -65.93
N PRO B 222 48.23 -12.84 -66.39
CA PRO B 222 47.99 -13.15 -67.80
C PRO B 222 46.55 -12.89 -68.19
N ALA B 223 46.36 -12.48 -69.45
CA ALA B 223 45.02 -12.12 -69.93
C ALA B 223 44.06 -13.30 -69.86
N SER B 224 44.59 -14.52 -70.01
CA SER B 224 43.73 -15.70 -69.89
C SER B 224 43.15 -15.83 -68.49
N GLU B 225 43.99 -15.63 -67.46
CA GLU B 225 43.51 -15.71 -66.08
C GLU B 225 42.75 -14.46 -65.68
N ALA B 226 43.16 -13.29 -66.18
CA ALA B 226 42.50 -12.04 -65.82
C ALA B 226 41.05 -12.01 -66.30
N GLU B 227 40.80 -12.50 -67.50
CA GLU B 227 39.44 -12.51 -68.04
C GLU B 227 38.52 -13.44 -67.25
N THR B 228 39.08 -14.40 -66.52
CA THR B 228 38.30 -15.32 -65.71
C THR B 228 38.12 -14.85 -64.27
N VAL B 229 38.64 -13.68 -63.91
CA VAL B 229 38.50 -13.12 -62.58
C VAL B 229 37.56 -11.93 -62.68
N LEU B 230 36.46 -11.97 -61.93
CA LEU B 230 35.43 -10.94 -62.00
C LEU B 230 34.85 -10.72 -60.61
N CYS B 231 34.07 -9.64 -60.50
CA CYS B 231 33.35 -9.37 -59.26
C CYS B 231 32.14 -10.31 -59.14
N VAL B 232 31.54 -10.32 -57.95
CA VAL B 232 30.36 -11.15 -57.69
C VAL B 232 29.23 -10.26 -57.21
N TRP B 233 29.49 -9.49 -56.14
CA TRP B 233 28.52 -8.56 -55.61
C TRP B 233 29.22 -7.25 -55.29
N PRO B 234 28.50 -6.11 -55.37
CA PRO B 234 27.09 -5.96 -55.73
C PRO B 234 26.83 -6.13 -57.22
N GLY B 235 25.55 -6.19 -57.60
CA GLY B 235 25.19 -6.37 -59.00
C GLY B 235 25.58 -5.20 -59.89
N ARG B 236 25.81 -4.02 -59.31
CA ARG B 236 26.24 -2.87 -60.09
C ARG B 236 27.63 -3.04 -60.66
N LEU B 237 28.44 -3.94 -60.10
CA LEU B 237 29.81 -4.14 -60.53
C LEU B 237 30.03 -5.53 -61.13
N THR B 238 28.97 -6.16 -61.61
CA THR B 238 29.08 -7.46 -62.22
C THR B 238 29.83 -7.38 -63.55
N LEU B 239 30.49 -8.49 -63.91
CA LEU B 239 31.28 -8.61 -65.13
C LEU B 239 32.40 -7.59 -65.20
N SER B 240 32.93 -7.17 -64.05
CA SER B 240 34.01 -6.19 -64.00
C SER B 240 35.29 -6.85 -63.54
N PRO B 241 36.34 -6.90 -64.36
CA PRO B 241 37.60 -7.49 -63.90
C PRO B 241 38.23 -6.70 -62.77
N LEU B 242 38.93 -7.41 -61.89
CA LEU B 242 39.54 -6.76 -60.74
C LEU B 242 40.74 -5.90 -61.12
N THR B 243 41.40 -6.21 -62.24
CA THR B 243 42.57 -5.43 -62.67
C THR B 243 42.18 -4.09 -63.28
N ALA B 244 40.93 -3.91 -63.69
CA ALA B 244 40.49 -2.66 -64.28
C ALA B 244 40.08 -1.62 -63.24
N PHE B 245 40.04 -1.99 -61.96
CA PHE B 245 39.68 -1.05 -60.90
C PHE B 245 40.92 -0.29 -60.47
N SER B 246 40.92 1.03 -60.66
CA SER B 246 42.05 1.88 -60.34
C SER B 246 41.77 2.66 -59.06
N ASP B 247 42.70 3.55 -58.71
CA ASP B 247 42.54 4.37 -57.52
C ASP B 247 41.36 5.33 -57.65
N ALA B 248 41.14 5.85 -58.85
CA ALA B 248 40.02 6.76 -59.06
C ALA B 248 38.67 6.08 -58.84
N ALA B 249 38.58 4.79 -59.18
CA ALA B 249 37.33 4.06 -58.98
C ALA B 249 37.00 3.91 -57.51
N PHE B 250 38.02 3.86 -56.64
CA PHE B 250 37.83 3.71 -55.20
C PHE B 250 38.54 4.82 -54.43
N SER B 251 38.40 6.06 -54.90
CA SER B 251 38.95 7.19 -54.17
C SER B 251 38.16 7.47 -52.89
N HIS B 252 36.91 7.01 -52.83
CA HIS B 252 36.08 7.23 -51.66
C HIS B 252 36.34 6.21 -50.55
N CYS B 253 37.24 5.26 -50.77
CA CYS B 253 37.54 4.27 -49.75
C CYS B 253 38.23 4.93 -48.57
N ALA B 254 38.27 4.21 -47.45
CA ALA B 254 38.84 4.72 -46.20
C ALA B 254 40.33 4.92 -46.37
N GLN B 255 40.76 6.17 -46.51
CA GLN B 255 42.18 6.48 -46.58
C GLN B 255 42.82 6.35 -45.19
N PRO B 256 44.12 6.09 -45.14
CA PRO B 256 44.80 6.05 -43.84
C PRO B 256 44.77 7.41 -43.15
N LEU B 257 44.74 7.38 -41.82
CA LEU B 257 44.62 8.60 -41.05
C LEU B 257 45.82 9.52 -41.31
N ALA B 258 45.53 10.77 -41.62
CA ALA B 258 46.55 11.78 -41.88
C ALA B 258 46.79 12.60 -40.61
N LEU B 259 47.56 13.67 -40.74
CA LEU B 259 47.82 14.58 -39.62
C LEU B 259 47.00 15.85 -39.67
N ARG B 260 46.58 16.28 -40.87
CA ARG B 260 45.69 17.45 -40.98
C ARG B 260 44.29 17.08 -40.50
N ASP B 261 43.70 16.04 -41.09
CA ASP B 261 42.37 15.62 -40.68
C ASP B 261 42.34 15.18 -39.22
N LEU B 262 43.46 14.66 -38.71
CA LEU B 262 43.53 14.29 -37.30
C LEU B 262 43.32 15.50 -36.41
N ALA B 263 43.90 16.65 -36.77
CA ALA B 263 43.66 17.87 -36.01
C ALA B 263 42.27 18.43 -36.27
N VAL B 264 41.78 18.32 -37.51
CA VAL B 264 40.47 18.89 -37.84
C VAL B 264 39.35 18.19 -37.09
N VAL B 265 39.43 16.85 -36.97
CA VAL B 265 38.36 16.12 -36.29
C VAL B 265 38.33 16.49 -34.81
N TYR B 266 39.49 16.73 -34.21
CA TYR B 266 39.52 17.18 -32.82
C TYR B 266 38.98 18.60 -32.68
N THR B 267 39.35 19.49 -33.60
CA THR B 267 39.05 20.91 -33.41
C THR B 267 37.69 21.32 -33.96
N LEU B 268 37.02 20.46 -34.72
CA LEU B 268 35.77 20.88 -35.36
C LEU B 268 34.66 21.15 -34.36
N GLY B 269 34.62 20.36 -33.27
CA GLY B 269 33.58 20.52 -32.28
C GLY B 269 33.68 21.81 -31.50
N PRO B 270 34.75 21.97 -30.70
CA PRO B 270 34.87 23.19 -29.89
C PRO B 270 34.90 24.46 -30.70
N ALA B 271 35.55 24.44 -31.88
CA ALA B 271 35.58 25.65 -32.70
C ALA B 271 34.20 26.04 -33.20
N SER B 272 33.41 25.05 -33.63
CA SER B 272 32.04 25.34 -34.08
C SER B 272 31.18 25.84 -32.92
N PHE B 273 31.36 25.24 -31.74
CA PHE B 273 30.60 25.69 -30.58
C PHE B 273 30.96 27.14 -30.23
N LEU B 274 32.25 27.47 -30.26
CA LEU B 274 32.67 28.84 -29.98
C LEU B 274 32.14 29.81 -31.03
N VAL B 275 32.14 29.40 -32.31
CA VAL B 275 31.61 30.26 -33.36
C VAL B 275 30.13 30.51 -33.14
N SER B 276 29.37 29.47 -32.80
CA SER B 276 27.94 29.64 -32.54
C SER B 276 27.70 30.55 -31.35
N LEU B 277 28.48 30.37 -30.28
CA LEU B 277 28.34 31.22 -29.11
C LEU B 277 28.64 32.67 -29.43
N ALA B 278 29.71 32.93 -30.18
CA ALA B 278 30.06 34.29 -30.56
C ALA B 278 28.99 34.91 -31.44
N SER B 279 28.45 34.13 -32.38
CA SER B 279 27.39 34.65 -33.25
C SER B 279 26.15 35.00 -32.43
N CYS B 280 25.76 34.12 -31.49
CA CYS B 280 24.60 34.41 -30.66
C CYS B 280 24.82 35.65 -29.81
N LEU B 281 26.01 35.79 -29.22
CA LEU B 281 26.30 36.96 -28.40
C LEU B 281 26.28 38.23 -29.23
N ALA B 282 26.87 38.19 -30.42
CA ALA B 282 26.89 39.35 -31.29
C ALA B 282 25.47 39.74 -31.72
N LEU B 283 24.64 38.75 -32.07
CA LEU B 283 23.27 39.03 -32.46
C LEU B 283 22.49 39.66 -31.31
N GLY B 284 22.65 39.10 -30.11
CA GLY B 284 21.96 39.66 -28.96
C GLY B 284 22.40 41.08 -28.65
N SER B 285 23.71 41.34 -28.69
CA SER B 285 24.21 42.68 -28.43
C SER B 285 23.71 43.67 -29.48
N GLY B 286 23.73 43.27 -30.75
CA GLY B 286 23.25 44.15 -31.80
C GLY B 286 21.77 44.46 -31.67
N LEU B 287 20.95 43.43 -31.40
CA LEU B 287 19.52 43.65 -31.23
C LEU B 287 19.24 44.55 -30.03
N THR B 288 19.94 44.33 -28.92
CA THR B 288 19.75 45.17 -27.74
C THR B 288 20.15 46.61 -28.03
N ALA B 289 21.27 46.83 -28.71
CA ALA B 289 21.71 48.18 -29.03
C ALA B 289 20.71 48.86 -29.96
N CYS B 290 20.22 48.13 -30.97
CA CYS B 290 19.26 48.71 -31.94
C CYS B 290 17.98 49.11 -31.20
N ARG B 291 17.45 48.21 -30.37
CA ARG B 291 16.19 48.49 -29.62
C ARG B 291 16.42 49.65 -28.64
N ALA B 292 17.58 49.68 -27.98
CA ALA B 292 17.86 50.74 -26.98
C ALA B 292 17.74 52.12 -27.64
N ARG B 293 18.47 52.35 -28.74
CA ARG B 293 18.46 53.70 -29.38
C ARG B 293 17.11 53.94 -30.07
N ARG B 294 16.44 52.89 -30.56
CA ARG B 294 15.09 53.08 -31.14
C ARG B 294 14.14 53.61 -30.05
N ARG B 295 14.29 53.09 -28.83
CA ARG B 295 13.37 53.47 -27.72
C ARG B 295 13.75 54.82 -27.13
N ARG B 296 15.01 55.01 -26.73
CA ARG B 296 15.34 56.25 -25.98
C ARG B 296 15.29 57.47 -26.91
N LEU B 297 15.93 57.40 -28.07
CA LEU B 297 16.00 58.54 -28.96
C LEU B 297 14.62 59.01 -29.43
N ARG B 298 13.57 58.24 -29.15
CA ARG B 298 12.21 58.62 -29.53
C ARG B 298 11.26 58.55 -28.34
N THR B 299 11.77 58.86 -27.14
CA THR B 299 10.93 58.84 -25.96
C THR B 299 9.83 59.89 -26.03
N ALA B 300 10.16 61.09 -26.49
CA ALA B 300 9.17 62.16 -26.61
C ALA B 300 8.17 61.87 -27.71
N ALA B 301 8.61 61.25 -28.79
CA ALA B 301 7.73 60.93 -29.91
C ALA B 301 7.10 59.55 -29.74
N PRO C 13 55.10 -28.43 -16.47
CA PRO C 13 54.08 -29.01 -17.34
C PRO C 13 52.68 -28.48 -17.04
N CYS C 14 51.68 -29.01 -17.72
CA CYS C 14 50.29 -28.61 -17.54
C CYS C 14 49.43 -29.86 -17.32
N ASP C 15 48.12 -29.64 -17.20
CA ASP C 15 47.16 -30.71 -16.93
C ASP C 15 47.55 -31.49 -15.69
N SER C 16 47.58 -30.79 -14.56
CA SER C 16 48.05 -31.35 -13.30
C SER C 16 46.93 -31.98 -12.46
N ARG C 17 45.72 -32.08 -12.98
CA ARG C 17 44.57 -32.56 -12.21
C ARG C 17 44.06 -33.87 -12.84
N GLY C 18 44.47 -34.99 -12.24
CA GLY C 18 43.94 -36.28 -12.67
C GLY C 18 42.65 -36.64 -11.98
N GLN C 19 42.53 -36.30 -10.69
CA GLN C 19 41.34 -36.60 -9.91
C GLN C 19 41.01 -35.45 -8.97
N ARG C 20 39.98 -35.61 -8.14
CA ARG C 20 39.55 -34.56 -7.23
C ARG C 20 39.78 -34.99 -5.79
N MET C 21 40.35 -34.08 -4.99
CA MET C 21 40.49 -34.25 -3.55
C MET C 21 39.89 -33.05 -2.84
N TRP C 22 38.73 -32.60 -3.31
CA TRP C 22 38.06 -31.43 -2.74
C TRP C 22 37.69 -31.62 -1.28
N TRP C 23 37.58 -32.87 -0.82
CA TRP C 23 37.12 -33.11 0.54
C TRP C 23 38.11 -32.57 1.58
N ALA C 24 39.38 -32.43 1.22
CA ALA C 24 40.39 -32.01 2.18
C ALA C 24 40.10 -30.61 2.72
N PHE C 25 39.90 -29.65 1.81
CA PHE C 25 39.61 -28.28 2.24
C PHE C 25 38.28 -28.21 2.99
N LEU C 26 37.26 -28.88 2.45
CA LEU C 26 35.95 -28.89 3.11
C LEU C 26 36.05 -29.56 4.48
N ALA C 27 36.78 -30.67 4.57
CA ALA C 27 36.95 -31.33 5.86
C ALA C 27 37.66 -30.43 6.86
N SER C 28 38.70 -29.71 6.41
CA SER C 28 39.41 -28.81 7.31
C SER C 28 38.50 -27.71 7.83
N SER C 29 37.75 -27.06 6.93
CA SER C 29 36.87 -25.99 7.36
C SER C 29 35.77 -26.52 8.30
N MET C 30 35.16 -27.64 7.95
CA MET C 30 34.09 -28.19 8.77
C MET C 30 34.62 -28.63 10.13
N VAL C 31 35.80 -29.25 10.17
CA VAL C 31 36.34 -29.69 11.45
C VAL C 31 36.71 -28.50 12.31
N THR C 32 37.23 -27.42 11.71
CA THR C 32 37.50 -26.22 12.49
C THR C 32 36.22 -25.67 13.11
N PHE C 33 35.19 -25.47 12.28
CA PHE C 33 33.95 -24.88 12.78
C PHE C 33 33.29 -25.76 13.83
N PHE C 34 33.23 -27.07 13.57
CA PHE C 34 32.52 -27.97 14.47
C PHE C 34 33.33 -28.22 15.75
N GLY C 35 34.66 -28.23 15.66
CA GLY C 35 35.46 -28.33 16.86
C GLY C 35 35.33 -27.11 17.74
N GLY C 36 35.27 -25.92 17.12
CA GLY C 36 35.01 -24.72 17.89
C GLY C 36 33.67 -24.78 18.60
N LEU C 37 32.63 -25.18 17.87
CA LEU C 37 31.30 -25.30 18.47
C LEU C 37 31.31 -26.32 19.61
N PHE C 38 31.95 -27.48 19.40
CA PHE C 38 31.95 -28.53 20.40
C PHE C 38 32.73 -28.13 21.64
N ILE C 39 33.87 -27.46 21.47
CA ILE C 39 34.65 -27.04 22.63
C ILE C 39 33.92 -25.94 23.39
N ILE C 40 33.22 -25.04 22.69
CA ILE C 40 32.45 -24.02 23.39
C ILE C 40 31.30 -24.65 24.17
N LEU C 41 30.60 -25.61 23.55
CA LEU C 41 29.50 -26.28 24.25
C LEU C 41 30.01 -27.10 25.43
N LEU C 42 31.17 -27.74 25.28
CA LEU C 42 31.75 -28.49 26.38
C LEU C 42 32.14 -27.57 27.53
N TRP C 43 32.70 -26.40 27.21
CA TRP C 43 33.00 -25.41 28.25
C TRP C 43 31.73 -24.98 28.96
N ARG C 44 30.67 -24.72 28.20
CA ARG C 44 29.40 -24.29 28.80
C ARG C 44 28.82 -25.38 29.71
N THR C 45 28.88 -26.64 29.27
CA THR C 45 28.34 -27.73 30.08
C THR C 45 29.19 -27.98 31.32
N LEU C 46 30.52 -27.88 31.19
CA LEU C 46 31.39 -28.04 32.34
C LEU C 46 31.15 -26.94 33.36
N LYS C 47 30.96 -25.70 32.90
CA LYS C 47 30.60 -24.63 33.82
C LYS C 47 29.24 -24.89 34.46
N TYR C 48 28.30 -25.43 33.69
CA TYR C 48 26.98 -25.78 34.24
C TYR C 48 27.09 -26.88 35.28
N LEU C 49 27.93 -27.89 35.03
CA LEU C 49 28.09 -29.03 35.90
C LEU C 49 29.23 -28.88 36.89
N TRP C 50 29.85 -27.70 36.94
CA TRP C 50 31.00 -27.40 37.81
C TRP C 50 32.02 -28.54 37.88
N GLU C 90 44.13 -7.32 41.52
CA GLU C 90 44.12 -6.02 40.85
C GLU C 90 42.71 -5.68 40.35
N VAL C 91 42.56 -5.61 39.02
CA VAL C 91 41.28 -5.30 38.40
C VAL C 91 40.88 -6.30 37.34
N GLY C 92 41.66 -7.36 37.12
CA GLY C 92 41.33 -8.35 36.12
C GLY C 92 42.17 -8.23 34.87
N TRP C 93 43.10 -9.18 34.68
CA TRP C 93 43.97 -9.13 33.51
C TRP C 93 43.21 -9.53 32.23
N MET C 94 42.29 -10.49 32.33
CA MET C 94 41.49 -10.87 31.17
C MET C 94 40.58 -9.72 30.75
N THR C 95 40.00 -9.01 31.72
CA THR C 95 39.19 -7.84 31.40
C THR C 95 40.02 -6.76 30.71
N SER C 96 41.28 -6.60 31.13
CA SER C 96 42.14 -5.59 30.52
C SER C 96 42.38 -5.88 29.04
N VAL C 97 42.71 -7.14 28.72
CA VAL C 97 42.96 -7.48 27.32
C VAL C 97 41.67 -7.45 26.52
N LYS C 98 40.55 -7.82 27.14
CA LYS C 98 39.25 -7.73 26.44
C LYS C 98 38.92 -6.28 26.10
N ASP C 99 39.14 -5.36 27.04
CA ASP C 99 38.91 -3.95 26.77
C ASP C 99 39.88 -3.42 25.71
N TRP C 100 41.13 -3.86 25.76
CA TRP C 100 42.11 -3.44 24.76
C TRP C 100 41.69 -3.88 23.37
N ALA C 101 41.24 -5.12 23.24
CA ALA C 101 40.77 -5.61 21.94
C ALA C 101 39.52 -4.87 21.49
N GLY C 102 38.59 -4.61 22.41
CA GLY C 102 37.40 -3.87 22.06
C GLY C 102 37.71 -2.47 21.58
N VAL C 103 38.68 -1.81 22.20
CA VAL C 103 39.13 -0.51 21.70
C VAL C 103 39.79 -0.65 20.34
N MET C 104 40.57 -1.72 20.15
CA MET C 104 41.25 -1.92 18.88
C MET C 104 40.26 -2.20 17.75
N ILE C 105 39.22 -3.00 18.02
CA ILE C 105 38.24 -3.30 16.98
C ILE C 105 37.52 -2.03 16.54
N SER C 106 37.09 -1.22 17.49
CA SER C 106 36.48 0.06 17.16
C SER C 106 37.54 1.05 16.69
N ALA C 107 37.08 2.10 16.02
CA ALA C 107 37.98 3.16 15.53
C ALA C 107 38.06 4.30 16.56
N GLN C 108 38.41 3.92 17.78
CA GLN C 108 38.56 4.87 18.87
C GLN C 108 39.98 5.38 19.04
N THR C 109 40.96 4.70 18.46
CA THR C 109 42.36 5.11 18.48
C THR C 109 42.89 5.11 17.06
N LEU C 110 44.08 5.72 16.89
CA LEU C 110 44.69 5.77 15.56
C LEU C 110 44.98 4.38 15.03
N THR C 111 45.49 3.49 15.89
CA THR C 111 45.72 2.12 15.48
C THR C 111 44.42 1.42 15.11
N GLY C 112 43.35 1.68 15.87
CA GLY C 112 42.07 1.09 15.54
C GLY C 112 41.54 1.55 14.19
N ARG C 113 41.65 2.85 13.90
CA ARG C 113 41.23 3.35 12.59
C ARG C 113 42.08 2.75 11.47
N VAL C 114 43.39 2.63 11.71
CA VAL C 114 44.27 2.04 10.70
C VAL C 114 43.86 0.59 10.44
N LEU C 115 43.59 -0.17 11.50
CA LEU C 115 43.17 -1.56 11.35
C LEU C 115 41.84 -1.66 10.62
N VAL C 116 40.91 -0.76 10.92
CA VAL C 116 39.61 -0.77 10.26
C VAL C 116 39.76 -0.49 8.76
N VAL C 117 40.55 0.51 8.41
CA VAL C 117 40.79 0.84 7.01
C VAL C 117 41.49 -0.31 6.31
N LEU C 118 42.44 -0.96 7.00
CA LEU C 118 43.12 -2.11 6.42
C LEU C 118 42.15 -3.27 6.18
N VAL C 119 41.23 -3.49 7.12
CA VAL C 119 40.23 -4.54 6.95
C VAL C 119 39.37 -4.26 5.73
N PHE C 120 38.92 -3.01 5.58
CA PHE C 120 38.15 -2.62 4.41
C PHE C 120 38.93 -2.89 3.12
N ALA C 121 40.16 -2.37 3.06
CA ALA C 121 40.97 -2.49 1.84
C ALA C 121 41.27 -3.94 1.51
N LEU C 122 41.61 -4.75 2.50
CA LEU C 122 41.97 -6.14 2.24
C LEU C 122 40.74 -7.00 1.94
N SER C 123 39.57 -6.65 2.46
CA SER C 123 38.35 -7.33 2.03
C SER C 123 38.09 -7.04 0.55
N ILE C 124 38.24 -5.78 0.15
CA ILE C 124 38.07 -5.44 -1.27
C ILE C 124 39.11 -6.19 -2.11
N GLY C 125 40.35 -6.24 -1.62
CA GLY C 125 41.40 -6.93 -2.36
C GLY C 125 41.15 -8.43 -2.48
N ALA C 126 40.65 -9.04 -1.41
CA ALA C 126 40.32 -10.46 -1.47
C ALA C 126 39.19 -10.73 -2.45
N LEU C 127 38.19 -9.85 -2.47
CA LEU C 127 37.12 -9.99 -3.46
C LEU C 127 37.69 -9.88 -4.88
N VAL C 128 38.58 -8.92 -5.11
CA VAL C 128 39.19 -8.77 -6.43
C VAL C 128 40.01 -10.00 -6.80
N ILE C 129 40.75 -10.54 -5.83
CA ILE C 129 41.57 -11.73 -6.07
C ILE C 129 40.70 -12.92 -6.44
N TYR C 130 39.58 -13.09 -5.72
CA TYR C 130 38.65 -14.17 -6.08
C TYR C 130 38.07 -13.95 -7.47
N PHE C 131 37.79 -12.69 -7.82
CA PHE C 131 37.30 -12.39 -9.15
C PHE C 131 38.32 -12.79 -10.22
N ILE C 132 39.59 -12.48 -9.98
CA ILE C 132 40.64 -12.82 -10.94
C ILE C 132 40.82 -14.33 -11.04
N ASP C 133 40.83 -15.01 -9.88
CA ASP C 133 41.08 -16.45 -9.85
C ASP C 133 39.91 -17.26 -10.38
N SER C 134 38.76 -16.63 -10.63
CA SER C 134 37.61 -17.36 -11.13
C SER C 134 37.84 -17.90 -12.54
N SER C 135 38.67 -17.22 -13.34
CA SER C 135 38.93 -17.68 -14.69
C SER C 135 39.72 -18.98 -14.72
N ASN C 136 40.47 -19.26 -13.66
CA ASN C 136 41.23 -20.49 -13.59
C ASN C 136 40.29 -21.70 -13.44
N PRO C 137 40.75 -22.89 -13.82
CA PRO C 137 39.93 -24.09 -13.65
C PRO C 137 39.58 -24.34 -12.19
N ILE C 138 38.69 -25.31 -11.98
CA ILE C 138 38.22 -25.63 -10.63
C ILE C 138 39.38 -26.10 -9.76
N GLU C 139 40.21 -26.98 -10.30
CA GLU C 139 41.39 -27.47 -9.60
C GLU C 139 42.63 -27.25 -10.46
N SER C 140 43.74 -26.93 -9.80
CA SER C 140 45.01 -26.74 -10.50
C SER C 140 46.14 -26.85 -9.49
N CYS C 141 47.35 -27.02 -10.00
CA CYS C 141 48.56 -27.05 -9.19
C CYS C 141 49.40 -25.82 -9.50
N GLN C 142 49.67 -25.02 -8.48
CA GLN C 142 50.46 -23.80 -8.63
C GLN C 142 51.48 -23.73 -7.52
N ASN C 143 52.71 -23.37 -7.90
CA ASN C 143 53.83 -23.31 -6.97
C ASN C 143 53.75 -22.02 -6.17
N PHE C 144 53.82 -22.15 -4.84
CA PHE C 144 53.63 -20.98 -3.98
C PHE C 144 54.71 -19.94 -4.18
N TYR C 145 55.97 -20.36 -4.25
CA TYR C 145 57.08 -19.42 -4.36
C TYR C 145 57.36 -19.01 -5.79
N LYS C 146 56.64 -19.56 -6.77
CA LYS C 146 56.75 -19.12 -8.16
C LYS C 146 55.48 -18.44 -8.66
N ASP C 147 54.57 -18.07 -7.76
CA ASP C 147 53.33 -17.41 -8.14
C ASP C 147 53.20 -16.10 -7.36
N PHE C 148 52.59 -15.11 -8.01
CA PHE C 148 52.43 -13.78 -7.43
C PHE C 148 51.10 -13.59 -6.73
N THR C 149 50.09 -14.39 -7.07
CA THR C 149 48.76 -14.21 -6.46
C THR C 149 48.66 -14.97 -5.14
N LEU C 150 49.25 -16.16 -5.05
CA LEU C 150 49.11 -16.99 -3.86
C LEU C 150 49.75 -16.33 -2.65
N GLN C 151 50.90 -15.66 -2.84
CA GLN C 151 51.54 -14.97 -1.72
C GLN C 151 50.67 -13.84 -1.19
N ILE C 152 50.08 -13.07 -2.09
CA ILE C 152 49.20 -11.97 -1.66
C ILE C 152 47.97 -12.52 -0.95
N ASP C 153 47.41 -13.62 -1.45
CA ASP C 153 46.27 -14.26 -0.80
C ASP C 153 46.65 -14.76 0.59
N MET C 154 47.85 -15.34 0.72
CA MET C 154 48.31 -15.82 2.02
C MET C 154 48.45 -14.67 3.00
N ALA C 155 49.03 -13.55 2.56
CA ALA C 155 49.13 -12.38 3.43
C ALA C 155 47.75 -11.86 3.83
N PHE C 156 46.82 -11.83 2.87
CA PHE C 156 45.48 -11.32 3.16
C PHE C 156 44.79 -12.20 4.19
N ASN C 157 44.84 -13.52 4.03
CA ASN C 157 44.16 -14.39 4.98
C ASN C 157 44.89 -14.46 6.32
N VAL C 158 46.20 -14.23 6.35
CA VAL C 158 46.89 -14.11 7.63
C VAL C 158 46.40 -12.88 8.38
N PHE C 159 46.27 -11.75 7.68
CA PHE C 159 45.72 -10.55 8.30
C PHE C 159 44.30 -10.79 8.77
N PHE C 160 43.50 -11.50 7.97
CA PHE C 160 42.13 -11.82 8.36
C PHE C 160 42.10 -12.71 9.60
N LEU C 161 43.03 -13.65 9.69
CA LEU C 161 43.12 -14.49 10.89
C LEU C 161 43.47 -13.66 12.12
N LEU C 162 44.41 -12.72 11.98
CA LEU C 162 44.75 -11.86 13.11
C LEU C 162 43.55 -11.01 13.52
N TYR C 163 42.80 -10.48 12.54
CA TYR C 163 41.62 -9.69 12.84
C TYR C 163 40.55 -10.54 13.52
N PHE C 164 40.40 -11.79 13.08
CA PHE C 164 39.46 -12.70 13.74
C PHE C 164 39.86 -12.96 15.18
N GLY C 165 41.16 -13.16 15.43
CA GLY C 165 41.61 -13.33 16.80
C GLY C 165 41.33 -12.11 17.67
N LEU C 166 41.56 -10.91 17.11
CA LEU C 166 41.26 -9.69 17.84
C LEU C 166 39.77 -9.58 18.15
N ARG C 167 38.92 -9.93 17.17
CA ARG C 167 37.48 -9.92 17.40
C ARG C 167 37.07 -10.93 18.45
N PHE C 168 37.68 -12.12 18.43
CA PHE C 168 37.34 -13.16 19.39
C PHE C 168 37.73 -12.75 20.81
N ILE C 169 38.87 -12.06 20.96
CA ILE C 169 39.26 -11.60 22.29
C ILE C 169 38.23 -10.60 22.83
N ALA C 170 37.75 -9.70 21.98
CA ALA C 170 36.79 -8.69 22.39
C ALA C 170 35.34 -9.18 22.36
N ALA C 171 35.09 -10.40 21.90
CA ALA C 171 33.72 -10.89 21.80
C ALA C 171 33.12 -11.08 23.19
N ASN C 172 31.85 -10.69 23.32
CA ASN C 172 31.14 -10.83 24.59
C ASN C 172 30.73 -12.28 24.84
N ASP C 173 29.92 -12.84 23.95
CA ASP C 173 29.50 -14.23 24.03
C ASP C 173 30.24 -15.03 22.97
N LYS C 174 30.95 -16.07 23.41
CA LYS C 174 31.78 -16.83 22.48
C LYS C 174 30.93 -17.69 21.54
N LEU C 175 29.89 -18.34 22.07
CA LEU C 175 29.06 -19.22 21.25
C LEU C 175 28.35 -18.45 20.16
N TRP C 176 27.78 -17.29 20.49
CA TRP C 176 27.07 -16.50 19.49
C TRP C 176 28.02 -15.73 18.58
N PHE C 177 29.26 -15.53 18.99
CA PHE C 177 30.26 -14.98 18.07
C PHE C 177 30.72 -16.04 17.08
N TRP C 178 30.72 -17.31 17.49
CA TRP C 178 31.11 -18.39 16.59
C TRP C 178 30.13 -18.52 15.43
N LEU C 179 28.87 -18.12 15.63
CA LEU C 179 27.83 -18.26 14.62
C LEU C 179 27.64 -17.02 13.75
N GLU C 180 28.47 -16.00 13.93
CA GLU C 180 28.34 -14.81 13.10
C GLU C 180 28.79 -15.11 11.66
N VAL C 181 28.28 -14.30 10.73
CA VAL C 181 28.56 -14.54 9.31
C VAL C 181 30.04 -14.33 9.01
N ASN C 182 30.65 -13.30 9.61
CA ASN C 182 32.07 -13.05 9.36
C ASN C 182 32.93 -14.19 9.89
N SER C 183 32.58 -14.71 11.06
CA SER C 183 33.32 -15.86 11.60
C SER C 183 33.21 -17.07 10.69
N VAL C 184 32.02 -17.34 10.16
CA VAL C 184 31.81 -18.51 9.32
C VAL C 184 32.64 -18.39 8.03
N VAL C 185 32.62 -17.21 7.40
CA VAL C 185 33.40 -17.03 6.19
C VAL C 185 34.89 -17.09 6.47
N ASP C 186 35.34 -16.60 7.63
CA ASP C 186 36.75 -16.77 7.98
C ASP C 186 37.10 -18.26 8.12
N PHE C 187 36.24 -19.02 8.81
CA PHE C 187 36.48 -20.44 9.01
C PHE C 187 36.52 -21.20 7.68
N PHE C 188 35.65 -20.85 6.74
CA PHE C 188 35.58 -21.54 5.47
C PHE C 188 36.45 -20.90 4.40
N THR C 189 37.19 -19.86 4.73
CA THR C 189 38.06 -19.22 3.74
C THR C 189 39.54 -19.35 4.06
N VAL C 190 39.95 -19.18 5.31
CA VAL C 190 41.38 -19.15 5.61
C VAL C 190 41.99 -20.55 5.64
N PRO C 191 41.44 -21.53 6.36
CA PRO C 191 42.04 -22.88 6.39
C PRO C 191 42.17 -23.51 5.01
N PRO C 192 41.19 -23.36 4.10
CA PRO C 192 41.40 -23.91 2.76
C PRO C 192 42.58 -23.29 2.02
N VAL C 193 42.82 -21.99 2.17
CA VAL C 193 43.97 -21.38 1.52
C VAL C 193 45.26 -21.87 2.17
N PHE C 194 45.25 -22.04 3.49
CA PHE C 194 46.42 -22.61 4.16
C PHE C 194 46.74 -24.00 3.64
N VAL C 195 45.71 -24.84 3.48
CA VAL C 195 45.92 -26.19 2.98
C VAL C 195 46.40 -26.16 1.53
N SER C 196 45.85 -25.24 0.72
CA SER C 196 46.29 -25.12 -0.66
C SER C 196 47.76 -24.72 -0.74
N VAL C 197 48.19 -23.80 0.11
CA VAL C 197 49.61 -23.44 0.16
C VAL C 197 50.44 -24.64 0.60
N TYR C 198 49.94 -25.39 1.59
CA TYR C 198 50.67 -26.57 2.06
C TYR C 198 50.79 -27.63 0.98
N LEU C 199 49.68 -27.93 0.28
CA LEU C 199 49.65 -29.02 -0.68
C LEU C 199 50.05 -28.60 -2.09
N ASN C 200 50.35 -27.32 -2.31
CA ASN C 200 50.70 -26.81 -3.63
C ASN C 200 49.63 -27.12 -4.66
N ARG C 201 48.36 -27.04 -4.23
CA ARG C 201 47.23 -27.36 -5.09
C ARG C 201 46.05 -26.49 -4.68
N SER C 202 45.52 -25.72 -5.61
CA SER C 202 44.47 -24.75 -5.34
C SER C 202 43.15 -25.25 -5.91
N TRP C 203 42.11 -25.26 -5.06
CA TRP C 203 40.76 -25.63 -5.46
C TRP C 203 39.84 -24.46 -5.22
N LEU C 204 39.08 -24.08 -6.25
CA LEU C 204 38.12 -22.99 -6.15
C LEU C 204 36.84 -23.56 -5.54
N GLY C 205 36.83 -23.69 -4.22
CA GLY C 205 35.68 -24.24 -3.52
C GLY C 205 34.75 -23.18 -2.97
N LEU C 206 34.77 -22.99 -1.65
CA LEU C 206 33.95 -22.00 -0.99
C LEU C 206 34.62 -20.63 -0.92
N ARG C 207 35.52 -20.34 -1.85
CA ARG C 207 36.21 -19.05 -1.87
C ARG C 207 35.24 -17.91 -2.19
N PHE C 208 34.08 -18.23 -2.75
CA PHE C 208 33.09 -17.20 -3.07
C PHE C 208 32.49 -16.58 -1.81
N LEU C 209 32.69 -17.19 -0.64
CA LEU C 209 32.14 -16.64 0.59
C LEU C 209 32.79 -15.32 0.98
N ARG C 210 33.91 -14.95 0.35
CA ARG C 210 34.56 -13.69 0.66
C ARG C 210 33.64 -12.50 0.40
N ALA C 211 32.72 -12.63 -0.56
CA ALA C 211 31.78 -11.55 -0.81
C ALA C 211 30.88 -11.29 0.38
N LEU C 212 30.66 -12.29 1.23
CA LEU C 212 29.93 -12.07 2.47
C LEU C 212 30.67 -11.12 3.40
N ARG C 213 32.00 -11.11 3.36
CA ARG C 213 32.78 -10.12 4.09
C ARG C 213 32.45 -8.70 3.64
N LEU C 214 31.89 -8.53 2.45
CA LEU C 214 31.43 -7.24 1.97
C LEU C 214 30.28 -6.70 2.80
N ILE C 215 29.58 -7.56 3.56
CA ILE C 215 28.45 -7.11 4.36
C ILE C 215 28.91 -6.14 5.45
N GLN C 216 30.01 -6.47 6.13
CA GLN C 216 30.51 -5.66 7.23
C GLN C 216 31.22 -4.41 6.72
N PHE C 217 30.43 -3.53 6.10
CA PHE C 217 30.90 -2.23 5.64
C PHE C 217 30.21 -1.06 6.31
N SER C 218 28.91 -1.17 6.60
CA SER C 218 28.22 -0.12 7.34
C SER C 218 28.79 0.04 8.74
N GLU C 219 29.09 -1.08 9.40
CA GLU C 219 29.72 -1.01 10.72
C GLU C 219 31.11 -0.39 10.62
N ILE C 220 31.84 -0.71 9.55
CA ILE C 220 33.16 -0.11 9.33
C ILE C 220 33.05 1.40 9.18
N LEU C 221 32.07 1.86 8.40
CA LEU C 221 31.91 3.30 8.19
C LEU C 221 31.42 4.00 9.46
N GLN C 222 30.56 3.33 10.23
CA GLN C 222 30.06 3.93 11.47
C GLN C 222 31.15 4.01 12.53
N PHE C 223 32.06 3.03 12.56
CA PHE C 223 33.17 3.10 13.51
C PHE C 223 34.06 4.31 13.22
N LEU C 224 34.26 4.64 11.95
CA LEU C 224 35.11 5.74 11.54
C LEU C 224 34.41 7.10 11.60
N ASN C 225 33.15 7.13 12.04
CA ASN C 225 32.33 8.34 12.18
C ASN C 225 32.04 9.02 10.86
N ILE C 226 32.39 8.40 9.73
CA ILE C 226 32.07 8.97 8.43
C ILE C 226 30.57 8.92 8.17
N LEU C 227 29.92 7.84 8.58
CA LEU C 227 28.52 7.58 8.26
C LEU C 227 27.67 7.83 9.51
N LYS C 228 26.94 8.94 9.51
CA LYS C 228 26.20 9.37 10.69
C LYS C 228 24.70 9.42 10.47
N THR C 229 24.23 10.11 9.42
CA THR C 229 22.80 10.30 9.23
C THR C 229 22.10 8.98 8.95
N SER C 230 20.83 8.91 9.37
CA SER C 230 20.09 7.65 9.30
C SER C 230 19.86 7.20 7.86
N ASN C 231 19.53 8.13 6.97
CA ASN C 231 19.24 7.76 5.59
C ASN C 231 20.44 7.13 4.91
N SER C 232 21.63 7.72 5.08
CA SER C 232 22.82 7.19 4.43
C SER C 232 23.22 5.84 5.03
N ILE C 233 23.05 5.69 6.35
CA ILE C 233 23.34 4.41 6.99
C ILE C 233 22.46 3.32 6.38
N LYS C 234 21.16 3.60 6.24
CA LYS C 234 20.23 2.62 5.70
C LYS C 234 20.53 2.31 4.24
N LEU C 235 20.89 3.35 3.46
CA LEU C 235 21.24 3.12 2.06
C LEU C 235 22.47 2.25 1.93
N VAL C 236 23.51 2.52 2.74
CA VAL C 236 24.71 1.70 2.68
C VAL C 236 24.42 0.27 3.11
N ASN C 237 23.60 0.10 4.15
CA ASN C 237 23.21 -1.25 4.58
C ASN C 237 22.52 -2.01 3.46
N LEU C 238 21.53 -1.38 2.82
CA LEU C 238 20.78 -2.05 1.76
C LEU C 238 21.70 -2.40 0.59
N LEU C 239 22.54 -1.45 0.18
CA LEU C 239 23.44 -1.69 -0.96
C LEU C 239 24.41 -2.82 -0.66
N SER C 240 25.01 -2.80 0.54
CA SER C 240 25.98 -3.84 0.90
C SER C 240 25.32 -5.21 0.95
N ILE C 241 24.14 -5.30 1.58
CA ILE C 241 23.46 -6.58 1.68
C ILE C 241 23.09 -7.10 0.29
N PHE C 242 22.54 -6.23 -0.56
CA PHE C 242 22.13 -6.64 -1.89
C PHE C 242 23.32 -7.14 -2.71
N ILE C 243 24.39 -6.36 -2.75
CA ILE C 243 25.54 -6.72 -3.58
C ILE C 243 26.19 -7.99 -3.04
N SER C 244 26.33 -8.10 -1.72
CA SER C 244 26.97 -9.29 -1.13
C SER C 244 26.16 -10.55 -1.42
N THR C 245 24.84 -10.48 -1.24
CA THR C 245 24.01 -11.64 -1.53
C THR C 245 24.07 -12.01 -3.01
N TRP C 246 24.01 -11.01 -3.88
CA TRP C 246 24.09 -11.27 -5.32
C TRP C 246 25.40 -11.98 -5.67
N LEU C 247 26.53 -11.45 -5.20
CA LEU C 247 27.82 -12.03 -5.53
C LEU C 247 27.98 -13.43 -4.93
N THR C 248 27.51 -13.62 -3.70
CA THR C 248 27.63 -14.94 -3.07
C THR C 248 26.79 -15.98 -3.81
N ALA C 249 25.57 -15.63 -4.18
CA ALA C 249 24.74 -16.57 -4.93
C ALA C 249 25.36 -16.88 -6.29
N ALA C 250 25.90 -15.86 -6.97
CA ALA C 250 26.55 -16.09 -8.25
C ALA C 250 27.76 -17.00 -8.11
N GLY C 251 28.57 -16.80 -7.07
CA GLY C 251 29.71 -17.66 -6.84
C GLY C 251 29.31 -19.10 -6.53
N PHE C 252 28.26 -19.27 -5.74
CA PHE C 252 27.79 -20.62 -5.44
C PHE C 252 27.29 -21.31 -6.71
N ILE C 253 26.56 -20.59 -7.56
CA ILE C 253 26.11 -21.16 -8.83
C ILE C 253 27.30 -21.53 -9.70
N HIS C 254 28.32 -20.67 -9.74
CA HIS C 254 29.52 -20.96 -10.54
C HIS C 254 30.18 -22.24 -10.05
N LEU C 255 30.35 -22.38 -8.73
CA LEU C 255 30.98 -23.57 -8.17
C LEU C 255 30.15 -24.82 -8.47
N VAL C 256 28.83 -24.73 -8.33
CA VAL C 256 27.98 -25.89 -8.51
C VAL C 256 27.95 -26.31 -9.98
N GLU C 257 27.81 -25.35 -10.89
CA GLU C 257 27.71 -25.69 -12.30
C GLU C 257 29.04 -26.18 -12.86
N ASN C 258 30.15 -25.57 -12.44
CA ASN C 258 31.45 -26.00 -12.93
C ASN C 258 31.83 -27.36 -12.36
N SER C 259 31.47 -27.63 -11.10
CA SER C 259 31.76 -28.90 -10.44
C SER C 259 30.45 -29.66 -10.31
N GLY C 260 30.20 -30.58 -11.25
CA GLY C 260 28.97 -31.34 -11.31
C GLY C 260 28.63 -32.10 -10.04
N ASP C 261 27.40 -32.60 -9.96
CA ASP C 261 26.95 -33.31 -8.77
C ASP C 261 27.80 -34.55 -8.55
N PRO C 262 28.25 -34.80 -7.32
CA PRO C 262 29.15 -35.94 -7.07
C PRO C 262 28.56 -37.29 -7.42
N TRP C 263 27.26 -37.50 -7.22
CA TRP C 263 26.66 -38.80 -7.48
C TRP C 263 26.61 -39.13 -8.97
N GLU C 264 26.82 -38.16 -9.85
CA GLU C 264 26.87 -38.39 -11.29
C GLU C 264 28.30 -38.40 -11.83
N ASN C 265 29.29 -38.57 -10.94
CA ASN C 265 30.70 -38.65 -11.33
C ASN C 265 31.18 -37.37 -12.01
N PHE C 266 30.61 -36.23 -11.60
CA PHE C 266 31.02 -34.92 -12.10
C PHE C 266 30.96 -34.84 -13.62
N GLN C 267 29.88 -35.37 -14.20
CA GLN C 267 29.70 -35.42 -15.64
C GLN C 267 28.73 -34.37 -16.15
N ASN C 268 28.43 -33.34 -15.36
CA ASN C 268 27.49 -32.30 -15.74
C ASN C 268 28.15 -30.92 -15.74
N ASN C 269 29.40 -30.84 -16.19
CA ASN C 269 30.11 -29.57 -16.26
C ASN C 269 29.50 -28.69 -17.35
N GLN C 270 28.79 -27.65 -16.94
CA GLN C 270 28.18 -26.72 -17.88
C GLN C 270 29.15 -25.67 -18.41
N ALA C 271 30.30 -25.50 -17.76
CA ALA C 271 31.33 -24.54 -18.18
C ALA C 271 30.75 -23.12 -18.24
N LEU C 272 30.32 -22.63 -17.09
CA LEU C 272 29.75 -21.29 -16.96
C LEU C 272 30.78 -20.34 -16.36
N THR C 273 31.04 -19.24 -17.05
CA THR C 273 31.92 -18.22 -16.51
C THR C 273 31.24 -17.51 -15.33
N TYR C 274 32.07 -16.90 -14.48
CA TYR C 274 31.54 -16.22 -13.31
C TYR C 274 30.65 -15.05 -13.69
N TRP C 275 31.02 -14.33 -14.76
CA TRP C 275 30.17 -13.24 -15.24
C TRP C 275 28.82 -13.77 -15.73
N GLU C 276 28.84 -14.93 -16.41
CA GLU C 276 27.59 -15.54 -16.86
C GLU C 276 26.71 -15.90 -15.67
N CYS C 277 27.30 -16.39 -14.58
CA CYS C 277 26.53 -16.72 -13.39
C CYS C 277 25.98 -15.45 -12.75
N VAL C 278 26.75 -14.36 -12.74
CA VAL C 278 26.25 -13.10 -12.22
C VAL C 278 25.04 -12.63 -13.03
N TYR C 279 25.14 -12.73 -14.36
CA TYR C 279 24.02 -12.37 -15.22
C TYR C 279 22.80 -13.26 -14.98
N LEU C 280 23.03 -14.55 -14.80
CA LEU C 280 21.92 -15.47 -14.54
C LEU C 280 21.23 -15.14 -13.22
N LEU C 281 22.01 -14.84 -12.17
CA LEU C 281 21.42 -14.47 -10.89
C LEU C 281 20.66 -13.15 -10.99
N MET C 282 21.20 -12.19 -11.74
CA MET C 282 20.50 -10.92 -11.93
C MET C 282 19.17 -11.14 -12.65
N VAL C 283 19.17 -12.00 -13.67
CA VAL C 283 17.94 -12.24 -14.44
C VAL C 283 16.92 -13.01 -13.60
N THR C 284 17.37 -14.02 -12.86
CA THR C 284 16.44 -14.89 -12.14
C THR C 284 15.73 -14.14 -11.02
N MET C 285 16.49 -13.40 -10.20
CA MET C 285 15.88 -12.68 -9.10
C MET C 285 15.13 -11.43 -9.55
N SER C 286 15.26 -11.05 -10.83
CA SER C 286 14.48 -9.96 -11.38
C SER C 286 13.17 -10.43 -12.02
N THR C 287 12.86 -11.73 -11.93
CA THR C 287 11.63 -12.36 -12.39
C THR C 287 11.56 -12.44 -13.91
N VAL C 288 12.50 -11.82 -14.64
CA VAL C 288 12.40 -11.75 -16.09
C VAL C 288 12.54 -13.13 -16.72
N GLY C 289 13.67 -13.79 -16.48
CA GLY C 289 13.81 -15.18 -16.89
C GLY C 289 13.87 -15.40 -18.39
N TYR C 290 14.95 -14.93 -19.03
CA TYR C 290 15.12 -15.17 -20.45
C TYR C 290 15.19 -16.65 -20.76
N GLY C 291 15.92 -17.42 -19.95
CA GLY C 291 16.09 -18.84 -20.19
C GLY C 291 17.26 -19.21 -21.06
N ASP C 292 18.00 -18.24 -21.59
CA ASP C 292 19.19 -18.55 -22.37
C ASP C 292 20.26 -19.18 -21.50
N VAL C 293 20.42 -18.69 -20.27
CA VAL C 293 21.36 -19.23 -19.30
C VAL C 293 20.57 -19.71 -18.09
N TYR C 294 20.80 -20.95 -17.68
CA TYR C 294 20.10 -21.51 -16.54
C TYR C 294 20.91 -22.68 -15.99
N ALA C 295 20.57 -23.08 -14.76
CA ALA C 295 21.25 -24.18 -14.10
C ALA C 295 20.68 -25.51 -14.57
N LYS C 296 21.56 -26.45 -14.88
CA LYS C 296 21.17 -27.77 -15.35
C LYS C 296 21.51 -28.89 -14.38
N THR C 297 22.47 -28.68 -13.48
CA THR C 297 22.80 -29.71 -12.51
C THR C 297 21.72 -29.82 -11.44
N THR C 298 21.67 -30.98 -10.79
CA THR C 298 20.67 -31.21 -9.75
C THR C 298 20.85 -30.26 -8.58
N LEU C 299 22.10 -30.06 -8.15
CA LEU C 299 22.36 -29.13 -7.05
C LEU C 299 22.08 -27.69 -7.45
N GLY C 300 22.40 -27.34 -8.70
CA GLY C 300 22.12 -25.98 -9.16
C GLY C 300 20.63 -25.67 -9.20
N ARG C 301 19.83 -26.62 -9.70
CA ARG C 301 18.39 -26.42 -9.72
C ARG C 301 17.82 -26.35 -8.31
N LEU C 302 18.35 -27.18 -7.39
CA LEU C 302 17.89 -27.13 -6.01
C LEU C 302 18.19 -25.78 -5.37
N PHE C 303 19.40 -25.26 -5.60
CA PHE C 303 19.74 -23.97 -5.02
C PHE C 303 18.93 -22.85 -5.68
N MET C 304 18.64 -22.96 -6.97
CA MET C 304 17.77 -21.98 -7.62
C MET C 304 16.38 -22.00 -6.99
N VAL C 305 15.84 -23.19 -6.74
CA VAL C 305 14.51 -23.30 -6.14
C VAL C 305 14.51 -22.70 -4.74
N PHE C 306 15.53 -23.03 -3.93
CA PHE C 306 15.59 -22.52 -2.57
C PHE C 306 16.04 -21.08 -2.48
N PHE C 307 16.54 -20.50 -3.57
CA PHE C 307 16.98 -19.12 -3.59
C PHE C 307 15.94 -18.17 -4.18
N ILE C 308 15.04 -18.68 -5.03
CA ILE C 308 14.00 -17.83 -5.59
C ILE C 308 13.16 -17.20 -4.49
N LEU C 309 12.74 -18.02 -3.52
CA LEU C 309 11.87 -17.54 -2.45
C LEU C 309 12.53 -16.43 -1.64
N GLY C 310 13.81 -16.60 -1.31
CA GLY C 310 14.51 -15.60 -0.54
C GLY C 310 15.15 -14.48 -1.32
N GLY C 311 15.14 -14.54 -2.64
CA GLY C 311 15.77 -13.52 -3.44
C GLY C 311 14.81 -12.62 -4.20
N LEU C 312 13.67 -13.15 -4.66
CA LEU C 312 12.71 -12.31 -5.34
C LEU C 312 12.16 -11.23 -4.40
N ALA C 313 11.80 -11.63 -3.18
CA ALA C 313 11.33 -10.65 -2.20
C ALA C 313 12.43 -9.65 -1.85
N MET C 314 13.66 -10.13 -1.70
CA MET C 314 14.78 -9.24 -1.41
C MET C 314 14.96 -8.20 -2.50
N PHE C 315 14.93 -8.62 -3.76
CA PHE C 315 15.08 -7.69 -4.88
C PHE C 315 13.92 -6.69 -4.89
N ALA C 316 12.69 -7.18 -4.81
CA ALA C 316 11.52 -6.31 -4.90
C ALA C 316 11.42 -5.35 -3.72
N SER C 317 12.01 -5.68 -2.57
CA SER C 317 11.97 -4.80 -1.42
C SER C 317 13.19 -3.89 -1.32
N TYR C 318 14.30 -4.25 -1.97
CA TYR C 318 15.52 -3.45 -1.89
C TYR C 318 15.69 -2.48 -3.04
N VAL C 319 15.48 -2.92 -4.29
CA VAL C 319 15.77 -2.06 -5.44
C VAL C 319 14.90 -0.80 -5.45
N PRO C 320 13.57 -0.87 -5.34
CA PRO C 320 12.80 0.38 -5.28
C PRO C 320 13.15 1.24 -4.09
N GLU C 321 13.43 0.61 -2.94
CA GLU C 321 13.78 1.38 -1.75
C GLU C 321 15.15 2.03 -1.90
N ILE C 322 16.12 1.30 -2.48
CA ILE C 322 17.43 1.89 -2.74
C ILE C 322 17.30 3.07 -3.69
N ILE C 323 16.47 2.93 -4.72
CA ILE C 323 16.24 4.05 -5.63
C ILE C 323 15.63 5.23 -4.88
N GLU C 324 14.67 4.96 -3.98
CA GLU C 324 14.03 6.03 -3.23
C GLU C 324 15.01 6.78 -2.35
N LEU C 325 15.90 6.05 -1.65
CA LEU C 325 16.88 6.73 -0.81
C LEU C 325 17.90 7.50 -1.65
N ILE C 326 18.26 6.98 -2.82
CA ILE C 326 19.17 7.71 -3.70
C ILE C 326 18.53 8.99 -4.21
N GLY C 327 17.22 8.97 -4.47
CA GLY C 327 16.53 10.11 -5.03
C GLY C 327 16.20 11.22 -4.06
N ASN C 328 16.58 11.10 -2.80
CA ASN C 328 16.33 12.13 -1.81
C ASN C 328 17.27 13.30 -2.06
N ARG C 329 16.73 14.40 -2.58
CA ARG C 329 17.54 15.57 -2.92
C ARG C 329 16.69 16.82 -2.79
N LYS C 330 17.36 17.95 -2.66
CA LYS C 330 16.70 19.25 -2.59
C LYS C 330 16.69 19.87 -3.99
N LYS C 331 15.52 19.87 -4.63
CA LYS C 331 15.42 20.40 -5.99
C LYS C 331 15.66 21.91 -6.02
N TYR C 332 14.97 22.65 -5.15
CA TYR C 332 15.06 24.11 -5.15
C TYR C 332 16.05 24.58 -4.09
N GLY C 333 17.32 24.24 -4.31
CA GLY C 333 18.41 24.68 -3.46
C GLY C 333 19.20 25.80 -4.07
N GLY C 334 20.37 26.06 -3.48
CA GLY C 334 21.25 27.09 -3.99
C GLY C 334 20.87 28.48 -3.50
N SER C 335 21.69 29.45 -3.89
CA SER C 335 21.50 30.83 -3.52
C SER C 335 21.16 31.66 -4.75
N TYR C 336 20.77 32.91 -4.51
CA TYR C 336 20.41 33.84 -5.57
C TYR C 336 21.58 34.76 -5.85
N SER C 337 21.91 34.92 -7.12
CA SER C 337 23.00 35.79 -7.54
C SER C 337 22.47 37.22 -7.71
N ALA C 338 23.10 38.16 -7.02
CA ALA C 338 22.67 39.55 -7.07
C ALA C 338 23.21 40.20 -8.35
N VAL C 339 22.30 40.59 -9.24
CA VAL C 339 22.69 41.24 -10.49
C VAL C 339 22.77 42.74 -10.27
N SER C 340 23.85 43.35 -10.72
CA SER C 340 24.05 44.78 -10.57
C SER C 340 23.14 45.56 -11.50
N GLY C 341 22.64 46.69 -11.02
CA GLY C 341 21.78 47.55 -11.80
C GLY C 341 20.32 47.13 -11.83
N ARG C 342 19.95 46.03 -11.18
CA ARG C 342 18.57 45.57 -11.14
C ARG C 342 18.25 45.16 -9.72
N LYS C 343 17.35 45.91 -9.07
CA LYS C 343 16.96 45.60 -7.70
C LYS C 343 16.02 44.41 -7.67
N HIS C 344 16.04 43.70 -6.54
CA HIS C 344 15.22 42.51 -6.35
C HIS C 344 14.53 42.56 -5.00
N ILE C 345 13.39 41.89 -4.90
CA ILE C 345 12.63 41.84 -3.65
C ILE C 345 12.42 40.37 -3.28
N VAL C 346 12.20 40.15 -1.98
CA VAL C 346 11.98 38.81 -1.45
C VAL C 346 10.55 38.72 -0.93
N VAL C 347 9.85 37.69 -1.36
CA VAL C 347 8.46 37.45 -0.96
C VAL C 347 8.40 36.12 -0.21
N CYS C 348 7.88 36.16 1.01
CA CYS C 348 7.73 34.97 1.83
C CYS C 348 6.35 35.00 2.49
N GLY C 349 6.13 34.05 3.39
CA GLY C 349 4.86 33.95 4.10
C GLY C 349 3.99 32.85 3.52
N HIS C 350 2.69 33.14 3.37
CA HIS C 350 1.74 32.19 2.81
C HIS C 350 1.87 32.21 1.30
N ILE C 351 2.50 31.18 0.75
CA ILE C 351 2.71 31.04 -0.69
C ILE C 351 1.80 29.94 -1.19
N THR C 352 0.93 30.28 -2.14
CA THR C 352 -0.03 29.33 -2.70
C THR C 352 -0.23 29.68 -4.16
N LEU C 353 -0.79 28.72 -4.91
CA LEU C 353 -0.95 28.91 -6.35
C LEU C 353 -1.78 30.15 -6.67
N GLU C 354 -2.90 30.32 -5.97
CA GLU C 354 -3.77 31.45 -6.26
C GLU C 354 -3.16 32.77 -5.78
N SER C 355 -2.60 32.78 -4.57
CA SER C 355 -2.03 34.02 -4.03
C SER C 355 -0.83 34.48 -4.85
N VAL C 356 0.06 33.53 -5.20
CA VAL C 356 1.23 33.88 -5.99
C VAL C 356 0.82 34.36 -7.37
N SER C 357 -0.17 33.71 -7.99
CA SER C 357 -0.62 34.13 -9.31
C SER C 357 -1.22 35.54 -9.26
N ASN C 358 -2.04 35.81 -8.24
CA ASN C 358 -2.62 37.15 -8.11
C ASN C 358 -1.53 38.20 -7.89
N PHE C 359 -0.57 37.90 -7.02
CA PHE C 359 0.52 38.84 -6.77
C PHE C 359 1.33 39.11 -8.03
N LEU C 360 1.62 38.05 -8.80
CA LEU C 360 2.40 38.21 -10.02
C LEU C 360 1.63 39.01 -11.07
N LYS C 361 0.34 38.73 -11.24
CA LYS C 361 -0.42 39.44 -12.26
C LYS C 361 -0.69 40.89 -11.85
N ASP C 362 -0.65 41.18 -10.55
CA ASP C 362 -0.82 42.57 -10.12
C ASP C 362 0.50 43.31 -10.07
N PHE C 363 1.58 42.64 -9.67
CA PHE C 363 2.90 43.29 -9.61
C PHE C 363 3.45 43.54 -11.01
N LEU C 364 3.31 42.56 -11.90
CA LEU C 364 3.93 42.62 -13.22
C LEU C 364 2.98 43.08 -14.31
N HIS C 365 1.95 43.85 -13.97
CA HIS C 365 1.01 44.33 -14.99
C HIS C 365 1.69 45.34 -15.89
N LYS C 366 1.26 45.36 -17.16
CA LYS C 366 1.82 46.31 -18.12
C LYS C 366 1.39 47.74 -17.84
N ASP C 367 0.42 47.94 -16.95
CA ASP C 367 -0.06 49.29 -16.66
C ASP C 367 1.03 50.15 -16.04
N ARG C 368 1.83 49.58 -15.15
CA ARG C 368 2.89 50.32 -14.49
C ARG C 368 4.01 50.67 -15.48
N ASP C 369 4.92 51.51 -15.03
CA ASP C 369 6.02 51.97 -15.87
C ASP C 369 6.98 50.83 -16.17
N ASP C 370 7.90 51.09 -17.11
CA ASP C 370 8.88 50.09 -17.53
C ASP C 370 9.94 49.96 -16.44
N VAL C 371 9.62 49.15 -15.43
CA VAL C 371 10.49 48.92 -14.29
C VAL C 371 10.84 47.44 -14.24
N ASN C 372 12.11 47.14 -14.03
CA ASN C 372 12.63 45.77 -14.05
C ASN C 372 13.05 45.38 -12.63
N VAL C 373 12.08 44.91 -11.85
CA VAL C 373 12.32 44.40 -10.50
C VAL C 373 12.08 42.89 -10.51
N GLU C 374 13.06 42.15 -10.02
CA GLU C 374 13.01 40.70 -10.01
C GLU C 374 12.50 40.20 -8.67
N ILE C 375 11.60 39.22 -8.70
CA ILE C 375 10.94 38.72 -7.50
C ILE C 375 11.54 37.37 -7.13
N VAL C 376 11.89 37.20 -5.86
CA VAL C 376 12.47 35.97 -5.34
C VAL C 376 11.54 35.45 -4.24
N PHE C 377 11.10 34.20 -4.38
CA PHE C 377 10.20 33.58 -3.41
C PHE C 377 10.99 32.68 -2.47
N LEU C 378 10.54 32.60 -1.22
CA LEU C 378 11.20 31.81 -0.19
C LEU C 378 10.12 31.13 0.64
N HIS C 379 9.91 29.84 0.40
CA HIS C 379 8.89 29.07 1.11
C HIS C 379 9.47 27.72 1.52
N ASN C 380 8.97 27.19 2.64
CA ASN C 380 9.44 25.90 3.12
C ASN C 380 8.93 24.75 2.27
N ILE C 381 7.64 24.79 1.92
CA ILE C 381 7.03 23.71 1.15
C ILE C 381 7.41 23.85 -0.32
N SER C 382 7.88 22.77 -0.93
CA SER C 382 8.22 22.79 -2.33
C SER C 382 6.97 23.00 -3.17
N PRO C 383 7.05 23.79 -4.24
CA PRO C 383 5.86 24.04 -5.06
C PRO C 383 5.39 22.79 -5.79
N ASN C 384 4.08 22.72 -6.01
CA ASN C 384 3.51 21.61 -6.75
C ASN C 384 3.65 21.87 -8.25
N LEU C 385 3.09 20.95 -9.05
CA LEU C 385 3.25 21.05 -10.51
C LEU C 385 2.62 22.33 -11.05
N GLU C 386 1.45 22.70 -10.52
CA GLU C 386 0.79 23.92 -10.98
C GLU C 386 1.61 25.16 -10.67
N LEU C 387 2.17 25.23 -9.46
CA LEU C 387 3.00 26.39 -9.10
C LEU C 387 4.29 26.42 -9.90
N GLU C 388 4.90 25.25 -10.13
CA GLU C 388 6.09 25.20 -10.98
C GLU C 388 5.75 25.63 -12.40
N ALA C 389 4.59 25.21 -12.91
CA ALA C 389 4.17 25.63 -14.24
C ALA C 389 3.97 27.15 -14.30
N LEU C 390 3.38 27.72 -13.24
CA LEU C 390 3.22 29.16 -13.18
C LEU C 390 4.57 29.87 -13.16
N PHE C 391 5.53 29.33 -12.42
CA PHE C 391 6.86 29.93 -12.39
C PHE C 391 7.56 29.79 -13.74
N LYS C 392 7.26 28.73 -14.50
CA LYS C 392 7.87 28.57 -15.81
C LYS C 392 7.42 29.66 -16.77
N ARG C 393 6.16 30.08 -16.69
CA ARG C 393 5.65 31.16 -17.51
C ARG C 393 6.25 32.52 -17.13
N HIS C 394 6.95 32.59 -16.00
CA HIS C 394 7.64 33.81 -15.58
C HIS C 394 9.14 33.51 -15.45
N PHE C 395 9.69 32.84 -16.47
CA PHE C 395 11.03 32.28 -16.36
C PHE C 395 12.09 33.33 -16.04
N THR C 396 12.05 34.48 -16.70
CA THR C 396 13.08 35.49 -16.55
C THR C 396 12.73 36.53 -15.49
N GLN C 397 11.61 36.38 -14.79
CA GLN C 397 11.16 37.40 -13.86
C GLN C 397 11.07 36.95 -12.42
N VAL C 398 10.90 35.64 -12.16
CA VAL C 398 10.77 35.14 -10.80
C VAL C 398 11.72 33.96 -10.60
N GLU C 399 12.08 33.72 -9.33
CA GLU C 399 12.84 32.56 -8.92
C GLU C 399 12.31 32.05 -7.59
N PHE C 400 12.46 30.75 -7.36
CA PHE C 400 12.05 30.11 -6.13
C PHE C 400 13.24 29.45 -5.46
N TYR C 401 13.34 29.60 -4.14
CA TYR C 401 14.38 28.97 -3.35
C TYR C 401 13.74 28.37 -2.11
N GLN C 402 13.78 27.05 -2.00
CA GLN C 402 13.15 26.37 -0.87
C GLN C 402 13.96 26.57 0.40
N GLY C 403 13.29 27.01 1.46
CA GLY C 403 13.96 27.25 2.72
C GLY C 403 13.01 27.88 3.70
N SER C 404 13.52 28.08 4.91
CA SER C 404 12.75 28.66 6.01
C SER C 404 13.21 30.08 6.27
N VAL C 405 12.26 31.01 6.37
CA VAL C 405 12.59 32.40 6.67
C VAL C 405 13.14 32.53 8.09
N LEU C 406 12.82 31.59 8.98
CA LEU C 406 13.35 31.65 10.34
C LEU C 406 14.85 31.39 10.37
N ASN C 407 15.33 30.55 9.45
CA ASN C 407 16.75 30.22 9.42
C ASN C 407 17.56 31.40 8.88
N PRO C 408 18.53 31.91 9.64
CA PRO C 408 19.38 32.99 9.12
C PRO C 408 20.20 32.58 7.90
N HIS C 409 20.45 31.28 7.72
CA HIS C 409 21.21 30.84 6.55
C HIS C 409 20.41 31.03 5.27
N ASP C 410 19.11 30.71 5.31
CA ASP C 410 18.26 30.91 4.14
C ASP C 410 18.09 32.39 3.80
N LEU C 411 18.08 33.26 4.82
CA LEU C 411 18.03 34.69 4.56
C LEU C 411 19.28 35.16 3.83
N ALA C 412 20.45 34.62 4.20
CA ALA C 412 21.67 34.91 3.44
C ALA C 412 21.63 34.29 2.06
N ARG C 413 20.93 33.17 1.89
CA ARG C 413 20.86 32.52 0.58
C ARG C 413 20.14 33.40 -0.44
N VAL C 414 19.05 34.06 -0.02
CA VAL C 414 18.32 34.95 -0.93
C VAL C 414 18.90 36.34 -1.00
N LYS C 415 19.96 36.61 -0.23
CA LYS C 415 20.69 37.90 -0.28
C LYS C 415 19.76 39.07 0.03
N ILE C 416 19.25 39.08 1.27
CA ILE C 416 18.46 40.20 1.74
C ILE C 416 19.31 41.47 1.88
N GLU C 417 20.63 41.32 1.95
CA GLU C 417 21.51 42.48 2.08
C GLU C 417 21.29 43.47 0.94
N SER C 418 21.11 42.96 -0.28
CA SER C 418 20.87 43.78 -1.45
C SER C 418 19.40 43.82 -1.84
N ALA C 419 18.52 43.15 -1.10
CA ALA C 419 17.10 43.16 -1.41
C ALA C 419 16.51 44.53 -1.20
N ASP C 420 15.62 44.93 -2.11
CA ASP C 420 14.97 46.23 -2.00
C ASP C 420 13.89 46.23 -0.91
N ALA C 421 13.12 45.15 -0.80
CA ALA C 421 12.05 45.08 0.18
C ALA C 421 11.74 43.62 0.47
N CYS C 422 11.07 43.40 1.60
CA CYS C 422 10.64 42.08 2.02
C CYS C 422 9.13 42.09 2.15
N LEU C 423 8.47 41.12 1.51
CA LEU C 423 7.02 41.06 1.44
C LEU C 423 6.55 39.75 2.08
N ILE C 424 5.62 39.86 3.02
CA ILE C 424 5.10 38.71 3.75
C ILE C 424 3.60 38.63 3.48
N LEU C 425 3.16 37.52 2.89
CA LEU C 425 1.74 37.29 2.70
C LEU C 425 1.15 36.60 3.92
N ALA C 426 -0.16 36.75 4.10
CA ALA C 426 -0.87 36.21 5.24
C ALA C 426 -2.02 35.32 4.79
N ASN C 427 -2.26 34.26 5.57
CA ASN C 427 -3.37 33.34 5.31
C ASN C 427 -4.62 33.93 5.93
N LYS C 428 -5.35 34.73 5.14
CA LYS C 428 -6.53 35.41 5.65
C LYS C 428 -7.62 34.42 6.05
N TYR C 429 -7.82 33.38 5.26
CA TYR C 429 -8.91 32.44 5.46
C TYR C 429 -8.51 31.32 6.41
N CYS C 430 -8.07 31.70 7.61
CA CYS C 430 -7.54 30.78 8.60
C CYS C 430 -8.56 30.50 9.69
N ALA C 431 -8.32 29.42 10.44
CA ALA C 431 -9.14 29.08 11.60
C ALA C 431 -8.64 29.71 12.88
N ASP C 432 -7.45 30.32 12.89
CA ASP C 432 -6.89 30.94 14.08
C ASP C 432 -6.14 32.20 13.67
N PRO C 433 -6.82 33.34 13.59
CA PRO C 433 -6.12 34.59 13.26
C PRO C 433 -5.02 34.94 14.25
N ASP C 434 -5.21 34.62 15.53
CA ASP C 434 -4.16 34.88 16.52
C ASP C 434 -2.91 34.06 16.22
N ALA C 435 -3.09 32.77 15.89
CA ALA C 435 -1.94 31.94 15.56
C ALA C 435 -1.25 32.41 14.29
N GLU C 436 -2.04 32.79 13.28
CA GLU C 436 -1.44 33.29 12.04
C GLU C 436 -0.68 34.59 12.27
N ASP C 437 -1.22 35.48 13.10
CA ASP C 437 -0.51 36.71 13.42
C ASP C 437 0.75 36.43 14.23
N ALA C 438 0.71 35.39 15.03
CA ALA C 438 1.88 35.00 15.80
C ALA C 438 3.01 34.53 14.90
N SER C 439 2.74 33.59 14.01
CA SER C 439 3.75 33.10 13.10
C SER C 439 4.31 34.25 12.30
N ASN C 440 3.41 35.11 11.83
CA ASN C 440 3.84 36.22 11.01
C ASN C 440 4.66 37.21 11.81
N ILE C 441 4.35 37.42 13.07
CA ILE C 441 5.17 38.37 13.79
C ILE C 441 6.57 37.80 13.97
N MET C 442 6.69 36.49 14.03
CA MET C 442 8.01 35.90 14.14
C MET C 442 8.84 36.07 12.88
N ARG C 443 8.25 36.00 11.69
CA ARG C 443 9.02 36.27 10.48
C ARG C 443 9.40 37.71 10.50
N VAL C 444 8.45 38.53 10.94
CA VAL C 444 8.72 39.96 11.01
C VAL C 444 9.98 40.16 11.81
N ILE C 445 10.10 39.44 12.92
CA ILE C 445 11.27 39.62 13.77
C ILE C 445 12.47 38.81 13.28
N SER C 446 12.25 37.55 12.87
CA SER C 446 13.38 36.82 12.34
C SER C 446 14.06 37.60 11.21
N ILE C 447 13.28 38.22 10.34
CA ILE C 447 13.85 39.06 9.29
C ILE C 447 14.58 40.26 9.90
N LYS C 448 14.00 40.87 10.93
CA LYS C 448 14.62 42.03 11.57
C LYS C 448 15.94 41.67 12.23
N ASN C 449 16.02 40.49 12.85
CA ASN C 449 17.24 40.09 13.53
C ASN C 449 18.41 39.99 12.57
N TYR C 450 18.17 39.46 11.37
CA TYR C 450 19.25 39.32 10.39
C TYR C 450 19.64 40.67 9.80
N HIS C 451 18.65 41.51 9.46
CA HIS C 451 18.92 42.78 8.79
C HIS C 451 17.85 43.79 9.20
N PRO C 452 18.12 44.62 10.21
CA PRO C 452 17.15 45.66 10.59
C PRO C 452 16.88 46.66 9.48
N LYS C 453 17.86 46.94 8.62
CA LYS C 453 17.72 48.00 7.63
C LYS C 453 16.71 47.68 6.53
N ILE C 454 16.30 46.43 6.39
CA ILE C 454 15.35 46.07 5.35
C ILE C 454 13.97 46.64 5.68
N ARG C 455 13.21 46.95 4.64
CA ARG C 455 11.84 47.43 4.80
C ARG C 455 10.86 46.29 4.57
N ILE C 456 9.77 46.30 5.33
CA ILE C 456 8.83 45.18 5.37
C ILE C 456 7.43 45.69 5.05
N ILE C 457 6.78 45.04 4.09
CA ILE C 457 5.37 45.24 3.79
C ILE C 457 4.64 43.96 4.11
N THR C 458 3.73 44.01 5.09
CA THR C 458 3.12 42.80 5.61
C THR C 458 1.63 43.02 5.84
N GLN C 459 0.90 41.90 5.94
CA GLN C 459 -0.53 41.91 6.18
C GLN C 459 -0.80 41.41 7.60
N MET C 460 -1.65 42.15 8.32
CA MET C 460 -2.04 41.78 9.69
C MET C 460 -3.54 41.62 9.74
N LEU C 461 -4.00 40.52 10.35
CA LEU C 461 -5.43 40.23 10.41
C LEU C 461 -6.11 40.91 11.59
N GLN C 462 -5.36 41.42 12.56
CA GLN C 462 -5.93 42.07 13.74
C GLN C 462 -5.18 43.36 14.02
N TYR C 463 -5.81 44.25 14.79
CA TYR C 463 -5.22 45.54 15.10
C TYR C 463 -4.30 45.47 16.32
N HIS C 464 -4.59 44.61 17.29
CA HIS C 464 -3.71 44.50 18.45
C HIS C 464 -2.36 43.90 18.07
N ASN C 465 -2.34 42.95 17.12
CA ASN C 465 -1.07 42.44 16.64
C ASN C 465 -0.29 43.50 15.88
N LYS C 466 -0.98 44.35 15.11
CA LYS C 466 -0.31 45.46 14.45
C LYS C 466 0.29 46.42 15.48
N ALA C 467 -0.44 46.68 16.56
CA ALA C 467 0.12 47.49 17.65
C ALA C 467 1.34 46.82 18.27
N HIS C 468 1.28 45.49 18.44
CA HIS C 468 2.43 44.76 18.94
C HIS C 468 3.63 44.89 17.99
N LEU C 469 3.36 45.02 16.69
CA LEU C 469 4.44 45.18 15.72
C LEU C 469 5.22 46.47 15.99
N LEU C 470 4.56 47.48 16.55
CA LEU C 470 5.24 48.72 16.88
C LEU C 470 6.26 48.54 18.01
N ASN C 471 6.08 47.51 18.84
CA ASN C 471 7.02 47.26 19.92
C ASN C 471 8.34 46.68 19.43
N ILE C 472 8.42 46.25 18.18
CA ILE C 472 9.68 45.75 17.63
C ILE C 472 10.69 46.90 17.61
N PRO C 473 11.94 46.67 18.02
CA PRO C 473 12.91 47.78 18.06
C PRO C 473 13.10 48.48 16.72
N SER C 474 13.33 47.74 15.65
CA SER C 474 13.60 48.33 14.34
C SER C 474 12.34 48.41 13.48
N TRP C 475 11.29 49.03 14.00
CA TRP C 475 10.07 49.25 13.20
C TRP C 475 10.09 50.67 12.61
N ASN C 476 11.12 50.92 11.81
CA ASN C 476 11.40 52.25 11.26
C ASN C 476 10.42 52.56 10.14
N TRP C 477 9.27 53.11 10.52
CA TRP C 477 8.26 53.50 9.54
C TRP C 477 8.55 54.83 8.87
N LYS C 478 9.58 55.55 9.32
CA LYS C 478 9.85 56.87 8.76
C LYS C 478 10.47 56.76 7.37
N GLU C 479 11.64 56.12 7.27
CA GLU C 479 12.26 55.92 5.96
C GLU C 479 11.42 55.00 5.08
N GLY C 480 11.00 53.86 5.64
CA GLY C 480 10.04 53.01 4.98
C GLY C 480 9.74 51.75 5.75
N ASP C 481 8.45 51.47 5.92
CA ASP C 481 7.93 50.28 6.57
C ASP C 481 6.41 50.35 6.49
N ASP C 482 5.78 49.18 6.39
CA ASP C 482 4.33 49.13 6.21
C ASP C 482 3.76 47.90 6.92
N ALA C 483 2.51 48.02 7.35
CA ALA C 483 1.79 46.92 7.98
C ALA C 483 0.31 47.10 7.67
N ILE C 484 -0.16 46.41 6.64
CA ILE C 484 -1.54 46.54 6.18
C ILE C 484 -2.42 45.70 7.10
N CYS C 485 -3.23 46.37 7.92
CA CYS C 485 -4.21 45.69 8.76
C CYS C 485 -5.48 45.49 7.94
N LEU C 486 -5.72 44.25 7.52
CA LEU C 486 -6.85 43.98 6.64
C LEU C 486 -8.19 44.25 7.32
N ALA C 487 -8.31 43.86 8.59
CA ALA C 487 -9.54 44.14 9.33
C ALA C 487 -9.77 45.64 9.47
N GLU C 488 -8.71 46.39 9.81
CA GLU C 488 -8.83 47.82 9.94
C GLU C 488 -9.25 48.48 8.62
N LEU C 489 -8.58 48.10 7.53
CA LEU C 489 -8.90 48.70 6.24
C LEU C 489 -10.28 48.28 5.76
N LYS C 490 -10.66 47.02 6.00
CA LYS C 490 -12.00 46.58 5.63
C LYS C 490 -13.07 47.37 6.37
N LEU C 491 -12.90 47.53 7.68
CA LEU C 491 -13.88 48.28 8.47
C LEU C 491 -13.89 49.76 8.08
N GLY C 492 -12.72 50.32 7.76
CA GLY C 492 -12.69 51.69 7.29
C GLY C 492 -13.42 51.87 5.97
N PHE C 493 -13.25 50.93 5.05
CA PHE C 493 -13.97 50.99 3.78
C PHE C 493 -15.48 50.83 4.01
N ILE C 494 -15.87 49.96 4.95
CA ILE C 494 -17.29 49.81 5.26
C ILE C 494 -17.85 51.11 5.82
N ALA C 495 -17.13 51.76 6.73
CA ALA C 495 -17.60 53.02 7.29
C ALA C 495 -17.65 54.11 6.23
N GLN C 496 -16.68 54.11 5.30
CA GLN C 496 -16.70 55.08 4.21
C GLN C 496 -17.91 54.87 3.31
N SER C 497 -18.24 53.61 3.01
CA SER C 497 -19.46 53.31 2.26
C SER C 497 -20.69 53.75 3.03
N CYS C 498 -20.66 53.63 4.36
CA CYS C 498 -21.77 54.12 5.17
C CYS C 498 -21.92 55.63 5.03
N LEU C 499 -20.81 56.36 5.06
CA LEU C 499 -20.86 57.81 4.86
C LEU C 499 -21.34 58.16 3.47
N ALA C 500 -20.84 57.46 2.45
CA ALA C 500 -21.24 57.68 1.06
C ALA C 500 -21.24 56.34 0.36
N GLN C 501 -22.42 55.89 -0.07
CA GLN C 501 -22.56 54.56 -0.63
C GLN C 501 -21.76 54.43 -1.93
N GLY C 502 -21.18 53.25 -2.14
CA GLY C 502 -20.37 52.97 -3.29
C GLY C 502 -18.93 53.43 -3.21
N LEU C 503 -18.53 54.04 -2.08
CA LEU C 503 -17.15 54.49 -1.95
C LEU C 503 -16.19 53.31 -1.79
N SER C 504 -16.61 52.26 -1.10
CA SER C 504 -15.72 51.10 -0.90
C SER C 504 -15.36 50.44 -2.22
N THR C 505 -16.34 50.30 -3.12
CA THR C 505 -16.09 49.66 -4.41
C THR C 505 -15.05 50.43 -5.21
N MET C 506 -15.24 51.74 -5.34
CA MET C 506 -14.29 52.53 -6.12
C MET C 506 -12.93 52.62 -5.44
N LEU C 507 -12.90 52.67 -4.11
CA LEU C 507 -11.62 52.67 -3.41
C LEU C 507 -10.86 51.37 -3.64
N ALA C 508 -11.56 50.24 -3.63
CA ALA C 508 -10.93 48.96 -3.92
C ALA C 508 -10.47 48.88 -5.37
N ASN C 509 -11.28 49.39 -6.30
CA ASN C 509 -10.93 49.34 -7.72
C ASN C 509 -9.79 50.28 -8.07
N LEU C 510 -9.59 51.35 -7.31
CA LEU C 510 -8.51 52.29 -7.61
C LEU C 510 -7.13 51.68 -7.39
N PHE C 511 -7.04 50.61 -6.61
CA PHE C 511 -5.77 50.00 -6.27
C PHE C 511 -5.42 48.78 -7.11
N SER C 512 -6.43 48.06 -7.58
CA SER C 512 -6.19 46.93 -8.47
C SER C 512 -5.82 47.44 -9.87
N MET C 513 -4.80 46.83 -10.46
CA MET C 513 -4.32 47.23 -11.78
C MET C 513 -5.18 46.55 -12.84
N ARG C 514 -5.94 47.34 -13.59
CA ARG C 514 -6.87 46.83 -14.59
C ARG C 514 -6.63 47.54 -15.91
N SER C 515 -6.49 46.77 -16.98
CA SER C 515 -6.35 47.34 -18.32
C SER C 515 -7.73 47.68 -18.89
N PHE C 516 -7.74 48.62 -19.83
CA PHE C 516 -8.99 49.05 -20.43
C PHE C 516 -9.60 47.93 -21.27
N ILE C 517 -10.91 47.74 -21.13
CA ILE C 517 -11.65 46.72 -21.86
C ILE C 517 -12.92 47.33 -22.41
N LYS C 518 -13.34 46.87 -23.59
CA LYS C 518 -14.53 47.36 -24.26
C LYS C 518 -15.43 46.20 -24.63
N ILE C 519 -16.75 46.44 -24.56
CA ILE C 519 -17.75 45.45 -24.93
C ILE C 519 -18.71 46.07 -25.94
N GLU C 520 -19.09 45.27 -26.94
CA GLU C 520 -19.95 45.78 -28.00
C GLU C 520 -21.33 46.17 -27.49
N GLU C 521 -21.95 45.29 -26.70
CA GLU C 521 -23.30 45.54 -26.22
C GLU C 521 -23.34 46.73 -25.26
N ASP C 522 -24.45 47.47 -25.31
CA ASP C 522 -24.66 48.63 -24.46
C ASP C 522 -25.37 48.17 -23.19
N THR C 523 -24.62 47.99 -22.11
CA THR C 523 -25.17 47.55 -20.84
C THR C 523 -24.59 48.42 -19.74
N TRP C 524 -24.98 48.13 -18.49
CA TRP C 524 -24.44 48.87 -17.35
C TRP C 524 -22.95 48.59 -17.16
N GLN C 525 -22.49 47.41 -17.58
CA GLN C 525 -21.08 47.07 -17.41
C GLN C 525 -20.18 47.91 -18.31
N LYS C 526 -20.70 48.36 -19.45
CA LYS C 526 -19.87 49.10 -20.40
C LYS C 526 -19.33 50.39 -19.79
N TYR C 527 -20.19 51.14 -19.09
CA TYR C 527 -19.72 52.36 -18.44
C TYR C 527 -18.91 52.07 -17.18
N TYR C 528 -19.25 50.99 -16.46
CA TYR C 528 -18.53 50.66 -15.25
C TYR C 528 -17.07 50.29 -15.56
N LEU C 529 -16.84 49.54 -16.63
CA LEU C 529 -15.49 49.13 -16.99
C LEU C 529 -14.62 50.30 -17.41
N GLU C 530 -15.21 51.46 -17.73
CA GLU C 530 -14.43 52.64 -18.04
C GLU C 530 -13.94 53.35 -16.79
N GLY C 531 -14.43 52.97 -15.61
CA GLY C 531 -13.98 53.59 -14.38
C GLY C 531 -13.00 52.75 -13.61
N VAL C 532 -13.08 51.42 -13.79
CA VAL C 532 -12.14 50.52 -13.14
C VAL C 532 -10.74 50.60 -13.76
N SER C 533 -10.62 51.16 -14.95
CA SER C 533 -9.33 51.29 -15.61
C SER C 533 -8.43 52.36 -14.99
N ASN C 534 -8.98 53.20 -14.12
CA ASN C 534 -8.21 54.27 -13.49
C ASN C 534 -7.59 53.76 -12.20
N GLU C 535 -6.27 53.88 -12.10
CA GLU C 535 -5.52 53.44 -10.93
C GLU C 535 -4.96 54.65 -10.18
N MET C 536 -4.49 54.39 -8.96
CA MET C 536 -3.93 55.42 -8.10
C MET C 536 -2.42 55.47 -8.30
N TYR C 537 -1.92 56.64 -8.67
CA TYR C 537 -0.51 56.83 -8.97
C TYR C 537 0.05 58.00 -8.17
N THR C 538 1.39 58.09 -8.14
CA THR C 538 2.09 59.17 -7.48
C THR C 538 3.12 59.74 -8.45
N GLU C 539 3.08 61.06 -8.63
CA GLU C 539 3.97 61.73 -9.58
C GLU C 539 4.31 63.12 -9.06
N TYR C 540 5.50 63.59 -9.40
CA TYR C 540 5.95 64.91 -8.97
C TYR C 540 5.40 65.99 -9.89
N LEU C 541 5.29 67.20 -9.35
CA LEU C 541 4.78 68.33 -10.10
C LEU C 541 5.86 68.95 -10.98
N SER C 542 5.45 69.89 -11.83
CA SER C 542 6.34 70.55 -12.76
C SER C 542 6.87 71.86 -12.16
N SER C 543 7.72 72.53 -12.94
CA SER C 543 8.20 73.87 -12.60
C SER C 543 7.20 74.96 -12.98
N ALA C 544 6.21 74.63 -13.82
CA ALA C 544 5.17 75.61 -14.14
C ALA C 544 4.15 75.76 -13.01
N PHE C 545 3.97 74.72 -12.20
CA PHE C 545 3.03 74.74 -11.10
C PHE C 545 3.68 75.09 -9.76
N VAL C 546 4.96 75.46 -9.78
CA VAL C 546 5.68 75.80 -8.56
C VAL C 546 5.82 77.33 -8.41
N GLY C 547 4.94 78.08 -9.07
CA GLY C 547 5.09 79.52 -9.13
C GLY C 547 4.46 80.28 -7.97
N LEU C 548 3.45 81.10 -8.27
CA LEU C 548 2.90 82.00 -7.27
C LEU C 548 2.25 81.24 -6.12
N SER C 549 1.52 80.17 -6.42
CA SER C 549 0.83 79.43 -5.36
C SER C 549 0.52 78.02 -5.86
N PHE C 550 0.79 77.03 -5.01
CA PHE C 550 0.41 75.66 -5.32
C PHE C 550 -1.10 75.48 -5.45
N PRO C 551 -1.95 75.95 -4.51
CA PRO C 551 -3.38 75.62 -4.60
C PRO C 551 -4.08 76.15 -5.85
N THR C 552 -3.99 77.46 -6.10
CA THR C 552 -4.82 78.09 -7.12
C THR C 552 -4.54 77.52 -8.52
N VAL C 553 -3.35 76.98 -8.75
CA VAL C 553 -3.05 76.40 -10.05
C VAL C 553 -3.66 75.00 -10.17
N CYS C 554 -3.90 74.33 -9.04
CA CYS C 554 -4.38 72.95 -9.08
C CYS C 554 -5.76 72.84 -9.72
N GLU C 555 -6.67 73.75 -9.38
CA GLU C 555 -8.02 73.68 -9.93
C GLU C 555 -8.06 74.09 -11.39
N LEU C 556 -8.98 73.47 -12.13
CA LEU C 556 -9.32 73.85 -13.50
C LEU C 556 -8.18 73.56 -14.48
N CYS C 557 -7.08 72.98 -14.01
CA CYS C 557 -5.97 72.62 -14.88
C CYS C 557 -6.10 71.21 -15.44
N PHE C 558 -7.16 70.48 -15.10
CA PHE C 558 -7.33 69.11 -15.56
C PHE C 558 -7.75 69.03 -17.02
N VAL C 559 -8.22 70.14 -17.60
CA VAL C 559 -8.63 70.12 -19.00
C VAL C 559 -7.42 69.94 -19.90
N LYS C 560 -6.32 70.64 -19.61
CA LYS C 560 -5.12 70.50 -20.43
C LYS C 560 -4.40 69.18 -20.16
N LEU C 561 -4.29 68.80 -18.88
CA LEU C 561 -3.55 67.61 -18.52
C LEU C 561 -4.32 66.32 -18.78
N LYS C 562 -5.65 66.39 -18.85
CA LYS C 562 -6.50 65.21 -19.01
C LYS C 562 -6.24 64.18 -17.92
N LEU C 563 -6.03 64.65 -16.70
CA LEU C 563 -5.81 63.78 -15.55
C LEU C 563 -6.30 64.49 -14.31
N LEU C 564 -6.55 63.70 -13.26
CA LEU C 564 -7.11 64.21 -12.01
C LEU C 564 -6.03 64.27 -10.94
N MET C 565 -6.13 65.26 -10.05
CA MET C 565 -5.21 65.43 -8.95
C MET C 565 -5.96 65.30 -7.63
N ILE C 566 -5.36 64.60 -6.67
CA ILE C 566 -5.95 64.46 -5.35
C ILE C 566 -4.89 64.66 -4.27
N SER C 581 4.64 68.19 0.04
CA SER C 581 5.44 68.17 1.26
C SER C 581 4.86 67.18 2.27
N ARG C 582 3.55 67.26 2.48
CA ARG C 582 2.86 66.39 3.42
C ARG C 582 1.66 65.77 2.70
N ILE C 583 0.80 65.10 3.46
CA ILE C 583 -0.40 64.49 2.88
C ILE C 583 -1.34 65.60 2.43
N LEU C 584 -1.74 65.56 1.17
CA LEU C 584 -2.62 66.56 0.59
C LEU C 584 -3.81 65.88 -0.06
N ILE C 585 -5.01 66.29 0.32
CA ILE C 585 -6.25 65.86 -0.31
C ILE C 585 -7.10 67.09 -0.57
N ASN C 586 -7.49 67.30 -1.83
CA ASN C 586 -8.23 68.48 -2.27
C ASN C 586 -7.58 69.75 -1.74
N PRO C 587 -6.39 70.11 -2.23
CA PRO C 587 -5.68 71.27 -1.66
C PRO C 587 -6.35 72.60 -2.00
N GLY C 588 -6.99 73.21 -1.01
CA GLY C 588 -7.65 74.49 -1.20
C GLY C 588 -6.99 75.60 -0.40
N ASN C 589 -7.79 76.59 0.01
CA ASN C 589 -7.32 77.72 0.79
C ASN C 589 -6.17 78.45 0.09
N GLY C 596 8.74 70.97 -3.91
CA GLY C 596 8.41 69.65 -4.43
C GLY C 596 7.25 69.00 -3.72
N THR C 597 6.18 68.74 -4.47
CA THR C 597 4.97 68.12 -3.94
C THR C 597 4.62 66.92 -4.80
N LEU C 598 4.23 65.82 -4.13
CA LEU C 598 3.88 64.59 -4.82
C LEU C 598 2.40 64.59 -5.16
N GLY C 599 2.08 64.59 -6.45
CA GLY C 599 0.71 64.62 -6.90
C GLY C 599 0.09 63.23 -6.94
N PHE C 600 -0.97 63.04 -6.15
CA PHE C 600 -1.68 61.77 -6.10
C PHE C 600 -2.71 61.78 -7.24
N PHE C 601 -2.37 61.11 -8.34
CA PHE C 601 -3.17 61.15 -9.56
C PHE C 601 -4.09 59.94 -9.65
N ILE C 602 -5.10 60.07 -10.51
CA ILE C 602 -6.06 58.99 -10.77
C ILE C 602 -5.99 58.67 -12.25
N ALA C 603 -4.77 58.70 -12.81
CA ALA C 603 -4.59 58.42 -14.23
C ALA C 603 -4.92 56.96 -14.52
N SER C 604 -5.31 56.71 -15.78
CA SER C 604 -5.68 55.36 -16.20
C SER C 604 -4.46 54.48 -16.44
N ASP C 605 -3.27 55.07 -16.59
CA ASP C 605 -2.07 54.30 -16.90
C ASP C 605 -0.86 55.12 -16.50
N ALA C 606 0.29 54.45 -16.43
CA ALA C 606 1.54 55.11 -16.11
C ALA C 606 2.22 55.71 -17.33
N LYS C 607 1.73 55.44 -18.53
CA LYS C 607 2.32 56.04 -19.73
C LYS C 607 1.93 57.51 -19.85
N GLU C 608 0.66 57.84 -19.59
CA GLU C 608 0.19 59.22 -19.70
C GLU C 608 0.23 59.96 -18.37
N VAL C 609 0.65 59.31 -17.29
CA VAL C 609 0.81 60.04 -16.02
C VAL C 609 2.03 60.94 -16.09
N LYS C 610 2.94 60.71 -17.04
CA LYS C 610 4.10 61.56 -17.22
C LYS C 610 3.74 62.78 -18.05
N ARG C 611 2.68 63.49 -17.65
CA ARG C 611 2.24 64.69 -18.33
C ARG C 611 2.17 65.90 -17.42
N ALA C 612 2.35 65.74 -16.12
CA ALA C 612 2.35 66.87 -15.20
C ALA C 612 3.70 67.56 -15.19
N PHE C 613 4.76 66.82 -14.82
CA PHE C 613 6.08 67.41 -14.75
C PHE C 613 6.70 67.59 -16.14
N PHE C 614 6.36 66.70 -17.08
CA PHE C 614 6.96 66.77 -18.40
C PHE C 614 6.45 67.96 -19.19
N TYR C 615 5.16 68.24 -19.12
CA TYR C 615 4.56 69.32 -19.90
C TYR C 615 4.73 70.65 -19.18
N CYS C 616 5.26 71.64 -19.89
CA CYS C 616 5.48 72.98 -19.36
C CYS C 616 5.01 74.03 -20.36
N LYS C 617 3.81 73.84 -20.89
CA LYS C 617 3.20 74.74 -21.86
C LYS C 617 4.08 74.94 -23.09
N LYS C 688 -13.17 68.57 26.43
CA LYS C 688 -13.56 67.18 26.59
C LYS C 688 -14.44 66.72 25.44
N LYS C 689 -14.90 67.67 24.63
CA LYS C 689 -15.74 67.34 23.49
C LYS C 689 -14.97 66.56 22.44
N TYR C 690 -13.72 66.92 22.20
CA TYR C 690 -12.86 66.23 21.24
C TYR C 690 -11.95 65.26 21.99
N ASP C 691 -11.02 64.65 21.26
CA ASP C 691 -10.05 63.74 21.86
C ASP C 691 -8.80 64.52 22.27
N SER C 692 -7.73 63.81 22.58
CA SER C 692 -6.49 64.45 23.04
C SER C 692 -5.81 65.28 21.95
N THR C 693 -6.21 65.12 20.68
CA THR C 693 -5.60 65.85 19.59
C THR C 693 -6.60 66.68 18.77
N GLY C 694 -7.88 66.33 18.80
CA GLY C 694 -8.87 67.01 17.97
C GLY C 694 -9.16 66.33 16.66
N MET C 695 -8.62 65.14 16.42
CA MET C 695 -8.91 64.40 15.20
C MET C 695 -10.29 63.76 15.22
N PHE C 696 -10.81 63.43 16.39
CA PHE C 696 -12.08 62.71 16.50
C PHE C 696 -12.88 63.31 17.66
N HIS C 697 -13.97 62.63 18.02
CA HIS C 697 -14.84 63.06 19.10
C HIS C 697 -14.73 62.10 20.27
N TRP C 698 -14.81 62.65 21.48
CA TRP C 698 -14.69 61.88 22.70
C TRP C 698 -15.74 62.33 23.70
N CYS C 699 -16.15 61.40 24.57
CA CYS C 699 -17.13 61.68 25.60
C CYS C 699 -16.84 60.79 26.81
N ALA C 700 -17.59 61.00 27.88
CA ALA C 700 -17.38 60.25 29.11
C ALA C 700 -17.67 58.77 28.89
N PRO C 701 -16.96 57.89 29.61
CA PRO C 701 -17.21 56.45 29.45
C PRO C 701 -18.62 56.09 29.88
N LYS C 702 -19.16 55.05 29.21
CA LYS C 702 -20.51 54.58 29.47
C LYS C 702 -20.48 53.13 29.94
N GLU C 703 -21.47 52.78 30.76
CA GLU C 703 -21.61 51.43 31.26
C GLU C 703 -22.50 50.63 30.31
N ILE C 704 -22.26 49.31 30.24
CA ILE C 704 -23.01 48.46 29.33
C ILE C 704 -24.49 48.46 29.67
N GLU C 705 -24.84 48.65 30.94
CA GLU C 705 -26.24 48.69 31.32
C GLU C 705 -26.92 49.98 30.91
N LYS C 706 -26.17 51.07 30.71
CA LYS C 706 -26.75 52.34 30.32
C LYS C 706 -27.02 52.45 28.83
N VAL C 707 -26.57 51.47 28.04
CA VAL C 707 -26.80 51.49 26.60
C VAL C 707 -27.59 50.30 26.10
N ILE C 708 -27.74 49.23 26.89
CA ILE C 708 -28.54 48.10 26.48
C ILE C 708 -30.00 48.52 26.36
N LEU C 709 -30.65 48.12 25.28
CA LEU C 709 -32.01 48.55 24.97
C LEU C 709 -32.93 47.33 24.89
N THR C 710 -34.21 47.61 24.60
CA THR C 710 -35.22 46.58 24.47
C THR C 710 -36.20 47.04 23.39
N ARG C 711 -36.93 46.07 22.82
CA ARG C 711 -37.82 46.37 21.71
C ARG C 711 -38.82 47.46 22.06
N SER C 712 -39.21 47.57 23.33
CA SER C 712 -40.17 48.59 23.74
C SER C 712 -39.57 49.99 23.61
N GLU C 713 -38.38 50.20 24.18
CA GLU C 713 -37.77 51.53 24.11
C GLU C 713 -37.14 51.79 22.75
N ALA C 714 -36.65 50.76 22.07
CA ALA C 714 -36.04 50.94 20.75
C ALA C 714 -37.05 51.49 19.75
N ALA C 715 -38.27 50.94 19.74
CA ALA C 715 -39.30 51.48 18.87
C ALA C 715 -39.76 52.86 19.34
N MET C 716 -39.82 53.06 20.65
CA MET C 716 -40.21 54.36 21.19
C MET C 716 -39.19 55.44 20.81
N THR C 717 -37.90 55.12 20.89
CA THR C 717 -36.87 56.06 20.49
C THR C 717 -36.90 56.27 18.98
N VAL C 718 -36.72 57.51 18.56
CA VAL C 718 -36.78 57.86 17.14
C VAL C 718 -35.37 57.83 16.57
N LEU C 719 -35.22 57.18 15.41
CA LEU C 719 -33.93 57.09 14.72
C LEU C 719 -34.18 57.27 13.24
N SER C 720 -33.47 58.22 12.64
CA SER C 720 -33.61 58.48 11.21
C SER C 720 -32.23 58.76 10.62
N GLY C 721 -31.93 58.12 9.49
CA GLY C 721 -30.64 58.30 8.85
C GLY C 721 -29.47 57.88 9.70
N HIS C 722 -29.65 56.90 10.57
CA HIS C 722 -28.63 56.45 11.49
C HIS C 722 -27.87 55.27 10.89
N VAL C 723 -27.01 54.65 11.69
CA VAL C 723 -26.20 53.50 11.28
C VAL C 723 -26.59 52.31 12.14
N VAL C 724 -26.90 51.19 11.50
CA VAL C 724 -27.22 49.95 12.18
C VAL C 724 -26.20 48.90 11.77
N VAL C 725 -25.63 48.21 12.77
CA VAL C 725 -24.60 47.21 12.55
C VAL C 725 -25.12 45.88 13.06
N CYS C 726 -25.22 44.90 12.17
CA CYS C 726 -25.64 43.56 12.56
C CYS C 726 -24.41 42.70 12.82
N ILE C 727 -24.26 42.24 14.05
CA ILE C 727 -23.08 41.50 14.49
C ILE C 727 -23.48 40.06 14.77
N PHE C 728 -22.79 39.12 14.13
CA PHE C 728 -22.96 37.69 14.38
C PHE C 728 -21.83 37.21 15.27
N GLY C 729 -22.17 36.50 16.33
CA GLY C 729 -21.15 36.01 17.24
C GLY C 729 -21.71 34.95 18.17
N ASP C 730 -20.80 34.32 18.90
CA ASP C 730 -21.13 33.25 19.82
C ASP C 730 -20.22 33.37 21.04
N VAL C 731 -20.28 32.37 21.92
CA VAL C 731 -19.43 32.37 23.11
C VAL C 731 -17.97 32.15 22.73
N SER C 732 -17.72 31.23 21.80
CA SER C 732 -16.37 30.91 21.37
C SER C 732 -15.97 31.58 20.06
N SER C 733 -16.75 32.55 19.60
CA SER C 733 -16.47 33.20 18.32
C SER C 733 -15.22 34.08 18.43
N ALA C 734 -14.65 34.39 17.27
CA ALA C 734 -13.43 35.18 17.18
C ALA C 734 -13.74 36.66 17.44
N LEU C 735 -12.70 37.47 17.50
CA LEU C 735 -12.80 38.89 17.79
C LEU C 735 -12.61 39.69 16.51
N ILE C 736 -13.63 40.47 16.15
CA ILE C 736 -13.50 41.36 14.99
C ILE C 736 -12.80 42.66 15.38
N GLY C 737 -13.39 43.40 16.32
CA GLY C 737 -12.87 44.69 16.71
C GLY C 737 -13.65 45.81 16.07
N LEU C 738 -14.60 46.39 16.80
CA LEU C 738 -15.48 47.41 16.25
C LEU C 738 -14.96 48.82 16.48
N ARG C 739 -13.80 48.97 17.11
CA ARG C 739 -13.25 50.30 17.34
C ARG C 739 -12.87 50.97 16.02
N ASN C 740 -12.52 50.19 15.00
CA ASN C 740 -12.16 50.76 13.70
C ASN C 740 -13.37 51.04 12.83
N LEU C 741 -14.57 50.71 13.28
CA LEU C 741 -15.78 50.99 12.51
C LEU C 741 -16.46 52.28 12.93
N VAL C 742 -16.46 52.58 14.23
CA VAL C 742 -17.07 53.82 14.70
C VAL C 742 -16.11 55.00 14.63
N MET C 743 -14.80 54.74 14.59
CA MET C 743 -13.82 55.81 14.46
C MET C 743 -13.97 56.62 13.19
N PRO C 744 -14.12 56.03 11.99
CA PRO C 744 -14.24 56.87 10.78
C PRO C 744 -15.46 57.75 10.77
N LEU C 745 -16.50 57.40 11.51
CA LEU C 745 -17.76 58.15 11.51
C LEU C 745 -17.76 59.32 12.48
N ARG C 746 -16.67 59.56 13.20
CA ARG C 746 -16.60 60.60 14.22
C ARG C 746 -15.41 61.52 13.96
N ALA C 747 -15.29 62.01 12.72
CA ALA C 747 -14.15 62.83 12.34
C ALA C 747 -14.30 64.24 12.94
N SER C 748 -13.32 65.10 12.65
CA SER C 748 -13.33 66.45 13.21
C SER C 748 -14.43 67.30 12.60
N ASN C 749 -14.56 67.28 11.28
CA ASN C 749 -15.54 68.11 10.58
C ASN C 749 -16.95 67.54 10.65
N PHE C 750 -17.19 66.54 11.48
CA PHE C 750 -18.52 66.00 11.70
C PHE C 750 -19.05 66.58 13.02
N HIS C 751 -19.99 67.50 12.91
CA HIS C 751 -20.54 68.14 14.09
C HIS C 751 -21.37 67.14 14.91
N TYR C 752 -21.54 67.46 16.20
CA TYR C 752 -22.33 66.59 17.07
C TYR C 752 -23.76 66.44 16.56
N HIS C 753 -24.32 67.49 15.95
CA HIS C 753 -25.64 67.39 15.36
C HIS C 753 -25.62 66.53 14.10
N GLU C 754 -24.53 66.60 13.34
CA GLU C 754 -24.41 65.83 12.10
C GLU C 754 -23.85 64.43 12.32
N LEU C 755 -23.42 64.11 13.53
CA LEU C 755 -22.89 62.78 13.82
C LEU C 755 -23.97 61.73 13.62
N LYS C 756 -23.62 60.66 12.92
CA LYS C 756 -24.57 59.60 12.62
C LYS C 756 -24.64 58.61 13.78
N HIS C 757 -25.84 58.41 14.32
CA HIS C 757 -26.02 57.49 15.43
C HIS C 757 -25.76 56.05 14.98
N ILE C 758 -25.08 55.30 15.83
CA ILE C 758 -24.70 53.92 15.54
C ILE C 758 -25.36 53.00 16.55
N VAL C 759 -26.04 51.98 16.05
CA VAL C 759 -26.71 51.00 16.90
C VAL C 759 -26.25 49.61 16.49
N PHE C 760 -25.91 48.78 17.48
CA PHE C 760 -25.42 47.43 17.25
C PHE C 760 -26.50 46.43 17.67
N VAL C 761 -26.83 45.50 16.79
CA VAL C 761 -27.80 44.46 17.06
C VAL C 761 -27.11 43.11 16.96
N GLY C 762 -27.32 42.27 17.98
CA GLY C 762 -26.71 40.95 18.01
C GLY C 762 -26.73 40.40 19.43
N SER C 763 -25.92 39.36 19.62
CA SER C 763 -25.81 38.75 20.94
C SER C 763 -25.12 39.70 21.90
N ILE C 764 -25.64 39.78 23.13
CA ILE C 764 -25.08 40.72 24.10
C ILE C 764 -23.75 40.23 24.65
N GLU C 765 -23.52 38.91 24.64
CA GLU C 765 -22.26 38.38 25.16
C GLU C 765 -21.08 38.83 24.32
N TYR C 766 -21.23 38.85 23.00
CA TYR C 766 -20.16 39.33 22.13
C TYR C 766 -19.87 40.81 22.37
N LEU C 767 -20.93 41.62 22.49
CA LEU C 767 -20.75 43.04 22.78
C LEU C 767 -20.12 43.26 24.15
N LYS C 768 -20.49 42.42 25.13
CA LYS C 768 -19.84 42.50 26.44
C LYS C 768 -18.36 42.16 26.33
N ARG C 769 -18.02 41.17 25.50
CA ARG C 769 -16.61 40.83 25.28
C ARG C 769 -15.86 42.00 24.64
N GLU C 770 -16.49 42.68 23.69
CA GLU C 770 -15.89 43.81 23.01
C GLU C 770 -16.11 45.13 23.75
N TRP C 771 -16.75 45.11 24.92
CA TRP C 771 -17.10 46.34 25.60
C TRP C 771 -15.89 47.00 26.25
N GLU C 772 -14.80 46.25 26.46
CA GLU C 772 -13.61 46.81 27.10
C GLU C 772 -13.02 47.95 26.28
N THR C 773 -13.22 47.95 24.96
CA THR C 773 -12.79 49.06 24.12
C THR C 773 -13.95 49.93 23.65
N LEU C 774 -15.16 49.41 23.65
CA LEU C 774 -16.35 50.14 23.18
C LEU C 774 -17.08 50.82 24.32
N HIS C 775 -16.40 51.69 25.07
CA HIS C 775 -17.05 52.42 26.16
C HIS C 775 -16.80 53.92 26.17
N ASN C 776 -15.75 54.40 25.51
CA ASN C 776 -15.48 55.84 25.41
C ASN C 776 -16.05 56.45 24.13
N PHE C 777 -17.11 55.86 23.58
CA PHE C 777 -17.67 56.30 22.32
C PHE C 777 -19.07 56.86 22.52
N PRO C 778 -19.34 58.08 22.08
CA PRO C 778 -20.66 58.67 22.27
C PRO C 778 -21.67 58.28 21.21
N LYS C 779 -22.94 58.42 21.57
CA LYS C 779 -24.06 58.16 20.67
C LYS C 779 -24.01 56.75 20.08
N VAL C 780 -23.96 55.76 20.98
CA VAL C 780 -23.94 54.36 20.60
C VAL C 780 -25.02 53.63 21.36
N SER C 781 -25.70 52.70 20.69
CA SER C 781 -26.76 51.91 21.29
C SER C 781 -26.56 50.43 20.92
N ILE C 782 -26.99 49.56 21.82
CA ILE C 782 -26.88 48.11 21.65
C ILE C 782 -28.21 47.47 21.99
N LEU C 783 -28.75 46.71 21.04
CA LEU C 783 -29.99 45.96 21.25
C LEU C 783 -29.71 44.47 21.22
N PRO C 784 -29.89 43.74 22.33
CA PRO C 784 -29.67 42.29 22.31
C PRO C 784 -30.61 41.56 21.36
N GLY C 785 -30.37 40.26 21.16
CA GLY C 785 -31.17 39.43 20.28
C GLY C 785 -30.34 38.88 19.13
N THR C 786 -30.92 38.86 17.94
CA THR C 786 -30.24 38.37 16.76
C THR C 786 -30.67 39.20 15.56
N PRO C 787 -29.79 39.44 14.59
CA PRO C 787 -30.20 40.20 13.40
C PRO C 787 -31.18 39.46 12.50
N LEU C 788 -31.36 38.16 12.69
CA LEU C 788 -32.30 37.38 11.89
C LEU C 788 -33.75 37.59 12.32
N SER C 789 -33.99 38.29 13.44
CA SER C 789 -35.33 38.52 13.95
C SER C 789 -35.90 39.79 13.31
N ARG C 790 -37.08 39.67 12.72
CA ARG C 790 -37.72 40.82 12.07
C ARG C 790 -38.09 41.89 13.09
N ALA C 791 -38.62 41.48 14.25
CA ALA C 791 -39.10 42.45 15.23
C ALA C 791 -37.97 43.32 15.76
N ASP C 792 -36.80 42.73 16.04
CA ASP C 792 -35.67 43.51 16.50
C ASP C 792 -35.24 44.52 15.45
N LEU C 793 -35.23 44.11 14.17
CA LEU C 793 -34.92 45.04 13.10
C LEU C 793 -35.99 46.12 12.97
N ARG C 794 -37.26 45.76 13.15
CA ARG C 794 -38.34 46.73 13.08
C ARG C 794 -38.21 47.77 14.18
N ALA C 795 -37.72 47.36 15.35
CA ALA C 795 -37.65 48.27 16.50
C ALA C 795 -36.63 49.38 16.26
N VAL C 796 -35.53 49.07 15.58
CA VAL C 796 -34.43 50.03 15.45
C VAL C 796 -34.59 50.88 14.21
N ASN C 797 -35.78 50.85 13.60
CA ASN C 797 -36.11 51.67 12.43
C ASN C 797 -35.15 51.40 11.28
N ILE C 798 -35.18 50.14 10.81
CA ILE C 798 -34.29 49.72 9.74
C ILE C 798 -34.66 50.40 8.43
N ASN C 799 -35.93 50.74 8.24
CA ASN C 799 -36.39 51.27 6.96
C ASN C 799 -35.74 52.60 6.62
N LEU C 800 -35.58 53.49 7.60
CA LEU C 800 -35.05 54.82 7.36
C LEU C 800 -33.56 54.94 7.68
N CYS C 801 -32.88 53.83 7.95
CA CYS C 801 -31.45 53.89 8.26
C CYS C 801 -30.66 54.30 7.03
N ASP C 802 -29.50 54.94 7.27
CA ASP C 802 -28.65 55.36 6.17
C ASP C 802 -27.85 54.21 5.58
N MET C 803 -27.48 53.22 6.41
CA MET C 803 -26.69 52.09 5.93
C MET C 803 -26.82 50.95 6.93
N CYS C 804 -27.04 49.74 6.43
CA CYS C 804 -27.08 48.53 7.24
C CYS C 804 -25.84 47.70 6.94
N VAL C 805 -25.12 47.30 7.99
CA VAL C 805 -23.86 46.58 7.86
C VAL C 805 -24.05 45.20 8.44
N ILE C 806 -23.77 44.17 7.64
CA ILE C 806 -23.80 42.79 8.09
C ILE C 806 -22.37 42.31 8.29
N LEU C 807 -22.05 41.92 9.52
CA LEU C 807 -20.71 41.44 9.85
C LEU C 807 -20.81 40.13 10.62
N SER C 808 -19.83 39.26 10.40
CA SER C 808 -19.79 37.95 11.05
C SER C 808 -18.41 37.70 11.63
N ALA C 809 -18.38 36.91 12.70
CA ALA C 809 -17.14 36.55 13.37
C ALA C 809 -16.93 35.04 13.48
N ASN C 810 -17.99 34.24 13.41
CA ASN C 810 -17.91 32.80 13.58
C ASN C 810 -17.40 32.06 12.34
N GLN C 811 -17.23 32.76 11.22
CA GLN C 811 -16.80 32.09 9.99
C GLN C 811 -15.42 31.47 10.10
N ASN C 812 -14.61 31.89 11.07
CA ASN C 812 -13.31 31.30 11.31
C ASN C 812 -13.38 29.98 12.05
N ASN C 813 -14.56 29.59 12.53
CA ASN C 813 -14.73 28.32 13.23
C ASN C 813 -15.05 27.19 12.26
N ILE C 814 -16.06 27.40 11.41
CA ILE C 814 -16.45 26.40 10.41
C ILE C 814 -15.50 26.49 9.23
N ASP C 815 -15.05 25.33 8.75
CA ASP C 815 -14.17 25.25 7.58
C ASP C 815 -14.88 24.74 6.34
N ASP C 816 -16.21 24.67 6.37
CA ASP C 816 -16.98 24.17 5.23
C ASP C 816 -17.22 25.32 4.25
N THR C 817 -16.83 25.12 2.99
CA THR C 817 -16.97 26.16 1.99
C THR C 817 -18.44 26.49 1.74
N SER C 818 -19.29 25.46 1.67
CA SER C 818 -20.71 25.69 1.39
C SER C 818 -21.38 26.47 2.51
N LEU C 819 -21.03 26.17 3.77
CA LEU C 819 -21.69 26.79 4.91
C LEU C 819 -21.18 28.19 5.21
N GLN C 820 -19.98 28.57 4.80
CA GLN C 820 -19.41 29.85 5.27
C GLN C 820 -20.41 31.04 5.41
N ASP C 821 -20.30 32.01 4.51
CA ASP C 821 -21.24 33.09 4.56
C ASP C 821 -22.60 32.54 4.20
N LYS C 822 -22.93 31.33 4.64
CA LYS C 822 -24.29 30.81 4.42
C LYS C 822 -25.00 31.71 5.34
N GLU C 823 -24.26 32.24 6.30
CA GLU C 823 -24.89 33.24 7.11
C GLU C 823 -24.82 34.49 6.29
N CYS C 824 -25.00 35.63 6.90
CA CYS C 824 -24.89 36.93 6.28
C CYS C 824 -25.90 37.03 5.14
N ILE C 825 -25.87 36.07 4.22
CA ILE C 825 -26.78 36.13 3.07
C ILE C 825 -28.23 36.06 3.50
N LEU C 826 -28.55 35.19 4.43
CA LEU C 826 -29.93 35.08 4.88
C LEU C 826 -30.42 36.38 5.43
N ALA C 827 -29.56 37.12 6.12
CA ALA C 827 -29.97 38.38 6.74
C ALA C 827 -30.10 39.44 5.69
N SER C 828 -29.17 39.47 4.76
CA SER C 828 -29.29 40.42 3.69
C SER C 828 -30.61 40.22 3.04
N LEU C 829 -31.07 38.97 3.00
CA LEU C 829 -32.32 38.69 2.29
C LEU C 829 -33.51 39.10 3.11
N ASN C 830 -33.51 38.76 4.39
CA ASN C 830 -34.59 39.19 5.25
C ASN C 830 -34.68 40.69 5.22
N ILE C 831 -33.54 41.37 5.18
CA ILE C 831 -33.60 42.83 5.04
C ILE C 831 -34.33 43.21 3.76
N LYS C 832 -34.00 42.55 2.66
CA LYS C 832 -34.61 42.89 1.37
C LYS C 832 -36.09 42.52 1.33
N SER C 833 -36.47 41.43 2.00
CA SER C 833 -37.82 40.90 1.91
C SER C 833 -38.80 41.53 2.88
N MET C 834 -38.35 42.46 3.73
CA MET C 834 -39.25 43.08 4.69
C MET C 834 -40.26 43.99 3.98
N GLN C 835 -41.42 44.15 4.61
CA GLN C 835 -42.48 45.01 4.10
C GLN C 835 -42.84 46.03 5.17
N PHE C 836 -42.85 47.31 4.78
CA PHE C 836 -43.17 48.39 5.69
C PHE C 836 -44.47 49.07 5.25
N ASP C 837 -44.95 49.97 6.11
CA ASP C 837 -46.18 50.70 5.84
C ASP C 837 -46.01 51.68 4.68
N THR C 875 -43.69 50.18 2.30
CA THR C 875 -43.07 49.70 1.06
C THR C 875 -42.08 48.58 1.34
N THR C 876 -41.65 47.90 0.27
CA THR C 876 -40.69 46.82 0.40
C THR C 876 -39.30 47.39 0.72
N GLY C 877 -38.54 46.64 1.52
CA GLY C 877 -37.21 47.02 1.92
C GLY C 877 -36.10 46.63 0.95
N VAL C 878 -36.46 46.25 -0.29
CA VAL C 878 -35.46 45.85 -1.26
C VAL C 878 -34.51 46.98 -1.63
N ASN C 879 -34.98 48.23 -1.50
CA ASN C 879 -34.17 49.39 -1.84
C ASN C 879 -33.40 49.95 -0.65
N ILE C 880 -33.48 49.29 0.50
CA ILE C 880 -32.74 49.75 1.68
C ILE C 880 -31.25 49.59 1.45
N PRO C 881 -30.44 50.64 1.65
CA PRO C 881 -29.00 50.51 1.43
C PRO C 881 -28.33 49.62 2.47
N ILE C 882 -27.92 48.44 2.06
CA ILE C 882 -27.29 47.46 2.94
C ILE C 882 -26.02 46.95 2.30
N ILE C 883 -24.95 46.87 3.09
CA ILE C 883 -23.65 46.37 2.64
C ILE C 883 -23.30 45.14 3.47
N THR C 884 -22.86 44.09 2.80
CA THR C 884 -22.56 42.81 3.44
C THR C 884 -21.10 42.45 3.21
N GLU C 885 -20.46 41.92 4.24
CA GLU C 885 -19.06 41.49 4.17
C GLU C 885 -19.04 39.97 4.00
N LEU C 886 -18.37 39.51 2.94
CA LEU C 886 -18.31 38.09 2.60
C LEU C 886 -16.87 37.61 2.72
N VAL C 887 -16.69 36.44 3.34
CA VAL C 887 -15.36 35.83 3.40
C VAL C 887 -15.11 35.01 2.14
N ASN C 888 -16.16 34.44 1.55
CA ASN C 888 -16.07 33.67 0.32
C ASN C 888 -16.62 34.49 -0.83
N ASP C 889 -15.83 34.61 -1.89
CA ASP C 889 -16.25 35.43 -3.04
C ASP C 889 -17.33 34.72 -3.85
N THR C 890 -17.44 33.40 -3.72
CA THR C 890 -18.44 32.65 -4.48
C THR C 890 -19.86 32.99 -4.04
N ASN C 891 -20.08 33.28 -2.76
CA ASN C 891 -21.43 33.51 -2.24
C ASN C 891 -22.06 34.80 -2.76
N VAL C 892 -21.28 35.68 -3.39
CA VAL C 892 -21.80 36.97 -3.83
C VAL C 892 -22.96 36.81 -4.80
N GLN C 893 -22.99 35.72 -5.57
CA GLN C 893 -24.08 35.47 -6.50
C GLN C 893 -25.43 35.37 -5.81
N PHE C 894 -25.45 35.03 -4.52
CA PHE C 894 -26.68 34.95 -3.76
C PHE C 894 -27.17 36.31 -3.27
N LEU C 895 -26.34 37.35 -3.36
CA LEU C 895 -26.75 38.65 -2.85
C LEU C 895 -27.89 39.23 -3.68
N ASP C 896 -27.82 39.08 -5.00
CA ASP C 896 -28.84 39.58 -5.91
C ASP C 896 -29.45 38.44 -6.71
N GLN C 897 -30.74 38.58 -7.02
CA GLN C 897 -31.45 37.59 -7.83
C GLN C 897 -31.67 38.04 -9.27
N ASP C 898 -31.73 39.35 -9.53
CA ASP C 898 -31.94 39.87 -10.87
C ASP C 898 -30.61 40.17 -11.57
N ASP C 899 -29.72 39.18 -11.61
CA ASP C 899 -28.41 39.34 -12.22
C ASP C 899 -27.92 37.98 -12.70
N ASP C 900 -26.94 38.02 -13.60
CA ASP C 900 -26.35 36.81 -14.15
C ASP C 900 -25.28 36.29 -13.19
N ASP C 901 -25.40 35.04 -12.78
CA ASP C 901 -24.48 34.43 -11.83
C ASP C 901 -23.60 33.41 -12.55
N ASP C 902 -22.32 33.74 -12.71
CA ASP C 902 -21.35 32.86 -13.34
C ASP C 902 -20.13 32.74 -12.42
N PRO C 903 -19.72 31.51 -12.06
CA PRO C 903 -18.52 31.36 -11.24
C PRO C 903 -17.25 31.84 -11.93
N ASP C 904 -17.24 31.91 -13.26
CA ASP C 904 -16.02 32.29 -13.97
C ASP C 904 -15.69 33.76 -13.81
N THR C 905 -16.71 34.62 -13.77
CA THR C 905 -16.47 36.06 -13.69
C THR C 905 -15.84 36.43 -12.36
N GLU C 906 -15.11 37.54 -12.37
CA GLU C 906 -14.39 38.00 -11.19
C GLU C 906 -15.31 38.80 -10.28
N LEU C 907 -14.83 39.04 -9.05
CA LEU C 907 -15.64 39.73 -8.06
C LEU C 907 -15.93 41.17 -8.46
N TYR C 908 -14.95 41.85 -9.05
CA TYR C 908 -15.14 43.26 -9.41
C TYR C 908 -16.18 43.43 -10.52
N LEU C 909 -16.47 42.38 -11.27
CA LEU C 909 -17.50 42.43 -12.31
C LEU C 909 -18.89 42.12 -11.79
N THR C 910 -19.01 41.57 -10.58
CA THR C 910 -20.31 41.23 -10.04
C THR C 910 -21.12 42.49 -9.74
N GLN C 911 -22.41 42.43 -10.04
CA GLN C 911 -23.29 43.58 -9.82
C GLN C 911 -23.36 44.01 -8.36
N PRO C 912 -23.57 43.12 -7.38
CA PRO C 912 -23.63 43.59 -5.99
C PRO C 912 -22.36 44.28 -5.52
N PHE C 913 -21.19 43.85 -5.99
CA PHE C 913 -19.96 44.53 -5.63
C PHE C 913 -19.83 45.86 -6.35
N ALA C 914 -20.22 45.91 -7.62
CA ALA C 914 -20.13 47.14 -8.39
C ALA C 914 -21.07 48.22 -7.85
N CYS C 915 -22.13 47.81 -7.16
CA CYS C 915 -23.10 48.74 -6.60
C CYS C 915 -22.74 49.18 -5.18
N GLY C 916 -21.63 48.72 -4.63
CA GLY C 916 -21.22 49.11 -3.30
C GLY C 916 -21.95 48.40 -2.18
N THR C 917 -22.75 47.39 -2.48
CA THR C 917 -23.47 46.63 -1.47
C THR C 917 -22.71 45.38 -1.02
N ALA C 918 -21.54 45.11 -1.59
CA ALA C 918 -20.74 43.95 -1.23
C ALA C 918 -19.29 44.36 -1.04
N PHE C 919 -18.61 43.67 -0.13
CA PHE C 919 -17.20 43.90 0.11
C PHE C 919 -16.56 42.63 0.64
N ALA C 920 -15.32 42.38 0.22
CA ALA C 920 -14.57 41.23 0.69
C ALA C 920 -13.12 41.64 0.88
N VAL C 921 -12.42 40.93 1.78
CA VAL C 921 -11.03 41.22 2.04
C VAL C 921 -10.12 40.80 0.89
N SER C 922 -10.63 39.99 -0.03
CA SER C 922 -9.82 39.52 -1.15
C SER C 922 -9.39 40.65 -2.08
N VAL C 923 -10.18 41.72 -2.16
CA VAL C 923 -9.80 42.85 -3.03
C VAL C 923 -8.70 43.70 -2.44
N LEU C 924 -8.34 43.47 -1.18
CA LEU C 924 -7.28 44.24 -0.53
C LEU C 924 -5.91 43.61 -0.66
N ASP C 925 -5.81 42.44 -1.32
CA ASP C 925 -4.51 41.81 -1.49
C ASP C 925 -3.64 42.55 -2.50
N SER C 926 -4.25 43.30 -3.42
CA SER C 926 -3.50 44.12 -4.36
C SER C 926 -2.85 45.32 -3.70
N LEU C 927 -3.17 45.60 -2.44
CA LEU C 927 -2.63 46.77 -1.76
C LEU C 927 -1.13 46.66 -1.58
N MET C 928 -0.62 45.43 -1.43
CA MET C 928 0.81 45.24 -1.19
C MET C 928 1.64 45.72 -2.37
N SER C 929 1.20 45.37 -3.59
CA SER C 929 1.96 45.75 -4.79
C SER C 929 1.99 47.25 -4.97
N ALA C 930 0.85 47.92 -4.77
CA ALA C 930 0.80 49.37 -4.87
C ALA C 930 1.64 50.03 -3.77
N THR C 931 1.58 49.47 -2.56
CA THR C 931 2.35 50.03 -1.45
C THR C 931 3.85 49.92 -1.71
N TYR C 932 4.30 48.82 -2.30
CA TYR C 932 5.73 48.63 -2.52
C TYR C 932 6.32 49.70 -3.43
N PHE C 933 5.64 50.01 -4.54
CA PHE C 933 6.22 50.85 -5.58
C PHE C 933 6.39 52.29 -5.13
N ASN C 934 5.46 52.81 -4.32
CA ASN C 934 5.64 54.10 -3.65
C ASN C 934 4.78 54.04 -2.39
N ASP C 935 5.42 54.18 -1.22
CA ASP C 935 4.76 53.92 0.04
C ASP C 935 3.76 55.00 0.43
N ASN C 936 3.77 56.14 -0.26
CA ASN C 936 2.96 57.27 0.18
C ASN C 936 1.48 56.94 0.14
N ILE C 937 1.10 55.88 -0.59
CA ILE C 937 -0.31 55.56 -0.77
C ILE C 937 -0.92 55.07 0.54
N LEU C 938 -0.19 54.23 1.28
CA LEU C 938 -0.76 53.61 2.48
C LEU C 938 -1.15 54.66 3.52
N THR C 939 -0.28 55.65 3.75
CA THR C 939 -0.65 56.73 4.65
C THR C 939 -1.76 57.59 4.05
N LEU C 940 -1.80 57.72 2.72
CA LEU C 940 -2.92 58.38 2.07
C LEU C 940 -4.21 57.62 2.29
N ILE C 941 -4.15 56.29 2.24
CA ILE C 941 -5.33 55.49 2.56
C ILE C 941 -5.75 55.72 4.00
N ARG C 942 -4.77 55.73 4.93
CA ARG C 942 -5.11 55.88 6.34
C ARG C 942 -5.64 57.27 6.68
N THR C 943 -5.28 58.29 5.90
CA THR C 943 -5.84 59.62 6.10
C THR C 943 -7.13 59.85 5.31
N LEU C 944 -7.41 59.02 4.30
CA LEU C 944 -8.66 59.09 3.56
C LEU C 944 -9.78 58.27 4.19
N VAL C 945 -9.45 57.18 4.87
CA VAL C 945 -10.43 56.41 5.62
C VAL C 945 -10.08 56.57 7.09
N THR C 946 -10.87 55.94 7.96
CA THR C 946 -10.68 55.94 9.42
C THR C 946 -10.38 57.34 9.98
N GLY C 947 -10.86 58.38 9.30
CA GLY C 947 -10.67 59.75 9.72
C GLY C 947 -9.28 60.28 9.40
N GLY C 948 -8.29 59.82 10.15
CA GLY C 948 -6.92 60.25 9.98
C GLY C 948 -5.99 59.54 10.94
N ALA C 949 -4.83 59.15 10.45
CA ALA C 949 -3.86 58.42 11.30
C ALA C 949 -2.65 59.33 11.51
N THR C 950 -2.80 60.33 12.37
CA THR C 950 -1.67 61.25 12.65
C THR C 950 -0.55 60.48 13.33
N PRO C 951 0.73 60.79 13.07
CA PRO C 951 1.86 60.14 13.75
C PRO C 951 1.70 60.06 15.28
N GLU C 952 1.26 61.14 15.92
CA GLU C 952 1.08 61.17 17.37
C GLU C 952 0.03 60.17 17.83
N LEU C 953 -1.06 60.03 17.07
CA LEU C 953 -2.13 59.13 17.48
C LEU C 953 -1.68 57.68 17.50
N GLU C 954 -0.79 57.30 16.57
CA GLU C 954 -0.25 55.95 16.58
C GLU C 954 0.52 55.68 17.87
N ALA C 955 1.35 56.63 18.30
CA ALA C 955 2.08 56.46 19.56
C ALA C 955 1.13 56.40 20.75
N LEU C 956 0.11 57.27 20.75
CA LEU C 956 -0.85 57.27 21.85
C LEU C 956 -1.59 55.95 21.94
N ILE C 957 -2.00 55.39 20.80
CA ILE C 957 -2.65 54.09 20.80
C ILE C 957 -1.68 53.00 21.24
N ALA C 958 -0.41 53.13 20.85
CA ALA C 958 0.59 52.13 21.23
C ALA C 958 0.81 52.10 22.73
N GLU C 959 0.84 53.26 23.38
CA GLU C 959 1.26 53.30 24.77
C GLU C 959 0.12 53.06 25.77
N GLU C 960 -1.08 53.58 25.52
CA GLU C 960 -2.20 53.30 26.42
C GLU C 960 -3.14 52.21 25.90
N ASN C 961 -3.24 52.04 24.59
CA ASN C 961 -4.20 51.13 23.97
C ASN C 961 -5.63 51.48 24.38
N ALA C 962 -5.90 52.77 24.53
CA ALA C 962 -7.22 53.26 24.89
C ALA C 962 -7.29 54.74 24.56
N LEU C 963 -8.26 55.12 23.72
CA LEU C 963 -8.40 56.50 23.30
C LEU C 963 -8.90 57.35 24.47
N ARG C 964 -8.21 58.46 24.73
CA ARG C 964 -8.58 59.39 25.78
C ARG C 964 -8.50 60.81 25.23
N GLY C 965 -9.24 61.72 25.89
CA GLY C 965 -9.30 63.09 25.43
C GLY C 965 -9.07 64.06 26.58
N GLY C 966 -9.01 65.34 26.21
CA GLY C 966 -8.80 66.40 27.18
C GLY C 966 -9.40 67.72 26.76
N TYR C 967 -9.10 68.79 27.49
CA TYR C 967 -9.64 70.10 27.16
C TYR C 967 -9.06 70.60 25.85
N SER C 968 -9.92 71.20 25.03
CA SER C 968 -9.51 71.64 23.70
C SER C 968 -8.63 72.89 23.79
N THR C 969 -7.84 73.10 22.73
CA THR C 969 -6.95 74.23 22.58
C THR C 969 -7.23 74.88 21.23
N PRO C 970 -6.85 76.16 21.07
CA PRO C 970 -7.04 76.79 19.75
C PRO C 970 -6.37 76.03 18.61
N GLN C 971 -5.19 75.45 18.85
CA GLN C 971 -4.56 74.61 17.84
C GLN C 971 -5.29 73.30 17.66
N THR C 972 -5.88 72.77 18.74
CA THR C 972 -6.66 71.54 18.64
C THR C 972 -7.85 71.73 17.71
N LEU C 973 -8.56 72.85 17.85
CA LEU C 973 -9.66 73.15 16.94
C LEU C 973 -9.16 73.51 15.55
N ALA C 974 -7.93 74.02 15.46
CA ALA C 974 -7.35 74.32 14.16
C ALA C 974 -7.04 73.07 13.35
N ASN C 975 -6.95 71.91 14.01
CA ASN C 975 -6.72 70.64 13.33
C ASN C 975 -8.05 70.07 12.81
N ARG C 976 -8.71 70.87 11.98
CA ARG C 976 -10.03 70.55 11.49
C ARG C 976 -10.20 70.86 10.00
N ASP C 977 -9.14 71.26 9.31
CA ASP C 977 -9.21 71.68 7.91
C ASP C 977 -9.38 70.48 6.98
N ARG C 978 -9.45 69.27 7.53
CA ARG C 978 -9.57 68.08 6.71
C ARG C 978 -10.88 68.08 5.95
N CYS C 979 -10.81 67.65 4.69
CA CYS C 979 -11.99 67.50 3.84
C CYS C 979 -12.35 66.02 3.75
N ARG C 980 -13.62 65.71 3.98
CA ARG C 980 -14.08 64.33 4.02
C ARG C 980 -15.15 64.09 2.96
N VAL C 981 -15.37 62.80 2.66
CA VAL C 981 -16.27 62.43 1.58
C VAL C 981 -17.72 62.73 1.95
N ALA C 982 -18.53 62.96 0.93
CA ALA C 982 -19.97 63.18 1.10
C ALA C 982 -20.67 62.82 -0.20
N GLN C 983 -21.96 62.51 -0.08
CA GLN C 983 -22.80 62.17 -1.22
C GLN C 983 -23.73 63.34 -1.49
N LEU C 984 -23.72 63.84 -2.73
CA LEU C 984 -24.52 64.99 -3.13
C LEU C 984 -25.55 64.56 -4.16
N ALA C 985 -26.79 65.02 -3.98
CA ALA C 985 -27.85 64.71 -4.92
C ALA C 985 -27.76 65.62 -6.15
N LEU C 986 -28.68 65.42 -7.08
CA LEU C 986 -28.70 66.22 -8.31
C LEU C 986 -30.07 66.77 -8.66
N LEU C 987 -31.16 66.27 -8.07
CA LEU C 987 -32.49 66.73 -8.45
C LEU C 987 -32.70 68.20 -8.08
N ASP C 988 -32.22 68.61 -6.91
CA ASP C 988 -32.42 69.98 -6.43
C ASP C 988 -31.08 70.61 -6.12
N GLY C 989 -30.96 71.91 -6.41
CA GLY C 989 -29.75 72.65 -6.16
C GLY C 989 -29.46 73.67 -7.24
N PRO C 990 -28.54 74.59 -6.97
CA PRO C 990 -28.17 75.57 -7.99
C PRO C 990 -27.52 74.96 -9.22
N PHE C 991 -26.98 73.74 -9.10
CA PHE C 991 -26.35 73.04 -10.21
C PHE C 991 -27.34 72.21 -11.02
N ALA C 992 -28.63 72.53 -10.96
CA ALA C 992 -29.62 71.76 -11.70
C ALA C 992 -29.46 71.92 -13.20
N ASP C 993 -28.84 73.01 -13.65
CA ASP C 993 -28.61 73.21 -15.07
C ASP C 993 -27.71 72.14 -15.66
N LEU C 994 -26.81 71.57 -14.85
CA LEU C 994 -25.90 70.54 -15.30
C LEU C 994 -26.45 69.13 -15.08
N GLY C 995 -27.71 69.01 -14.66
CA GLY C 995 -28.29 67.69 -14.46
C GLY C 995 -28.33 66.87 -15.74
N ASP C 996 -28.66 67.50 -16.85
CA ASP C 996 -28.71 66.85 -18.15
C ASP C 996 -28.00 67.71 -19.20
N GLY C 997 -26.86 68.29 -18.82
CA GLY C 997 -26.11 69.13 -19.73
C GLY C 997 -25.40 68.38 -20.84
N GLY C 998 -25.18 67.08 -20.67
CA GLY C 998 -24.51 66.29 -21.67
C GLY C 998 -23.00 66.38 -21.66
N CYS C 999 -22.41 67.04 -20.66
CA CYS C 999 -20.95 67.19 -20.55
C CYS C 999 -20.59 67.13 -19.08
N TYR C 1000 -19.96 66.02 -18.68
CA TYR C 1000 -19.58 65.86 -17.28
C TYR C 1000 -18.48 66.84 -16.89
N GLY C 1001 -17.58 67.17 -17.83
CA GLY C 1001 -16.46 68.02 -17.50
C GLY C 1001 -16.87 69.38 -16.99
N ASP C 1002 -17.91 69.97 -17.60
CA ASP C 1002 -18.40 71.26 -17.14
C ASP C 1002 -18.88 71.17 -15.69
N LEU C 1003 -19.43 70.02 -15.30
CA LEU C 1003 -19.96 69.88 -13.94
C LEU C 1003 -18.86 70.02 -12.91
N PHE C 1004 -17.77 69.24 -13.04
CA PHE C 1004 -16.73 69.33 -12.04
C PHE C 1004 -15.90 70.59 -12.20
N CYS C 1005 -15.80 71.13 -13.41
CA CYS C 1005 -15.16 72.43 -13.58
C CYS C 1005 -15.89 73.51 -12.80
N LYS C 1006 -17.23 73.53 -12.89
CA LYS C 1006 -18.01 74.49 -12.13
C LYS C 1006 -17.92 74.22 -10.63
N ALA C 1007 -17.91 72.95 -10.24
CA ALA C 1007 -17.78 72.61 -8.83
C ALA C 1007 -16.47 73.13 -8.27
N LEU C 1008 -15.39 73.01 -9.04
CA LEU C 1008 -14.09 73.50 -8.59
C LEU C 1008 -14.06 75.03 -8.56
N LYS C 1009 -14.59 75.67 -9.61
CA LYS C 1009 -14.44 77.12 -9.74
C LYS C 1009 -15.50 77.91 -8.97
N THR C 1010 -16.49 77.25 -8.36
CA THR C 1010 -17.53 77.94 -7.62
C THR C 1010 -17.44 77.65 -6.12
N TYR C 1011 -17.47 76.38 -5.73
CA TYR C 1011 -17.51 76.01 -4.32
C TYR C 1011 -16.28 75.22 -3.90
N ASN C 1012 -15.29 75.09 -4.79
CA ASN C 1012 -14.02 74.42 -4.47
C ASN C 1012 -14.23 72.96 -4.06
N MET C 1013 -14.89 72.20 -4.93
CA MET C 1013 -15.16 70.78 -4.68
C MET C 1013 -14.78 69.97 -5.91
N LEU C 1014 -14.05 68.88 -5.69
CA LEU C 1014 -13.68 67.95 -6.75
C LEU C 1014 -14.44 66.65 -6.57
N CYS C 1015 -14.90 66.07 -7.68
CA CYS C 1015 -15.70 64.86 -7.66
C CYS C 1015 -14.87 63.69 -8.19
N PHE C 1016 -14.91 62.58 -7.46
CA PHE C 1016 -14.23 61.37 -7.94
C PHE C 1016 -14.88 60.85 -9.22
N GLY C 1017 -16.21 60.88 -9.29
CA GLY C 1017 -16.90 60.38 -10.46
C GLY C 1017 -18.42 60.41 -10.37
N ILE C 1018 -19.06 59.38 -10.93
CA ILE C 1018 -20.50 59.35 -11.09
C ILE C 1018 -21.06 58.10 -10.42
N TYR C 1019 -22.11 58.28 -9.61
CA TYR C 1019 -22.87 57.19 -9.03
C TYR C 1019 -24.17 57.07 -9.81
N ARG C 1020 -24.22 56.14 -10.75
CA ARG C 1020 -25.24 56.11 -11.80
C ARG C 1020 -26.17 54.92 -11.62
N LEU C 1021 -27.45 55.13 -11.90
CA LEU C 1021 -28.43 54.06 -11.84
C LEU C 1021 -28.12 52.97 -12.86
N ARG C 1022 -28.42 51.73 -12.47
CA ARG C 1022 -28.12 50.58 -13.33
C ARG C 1022 -28.93 50.61 -14.62
N ASP C 1023 -30.22 50.98 -14.52
CA ASP C 1023 -31.12 50.98 -15.67
C ASP C 1023 -31.29 52.37 -16.29
N ALA C 1024 -30.49 53.35 -15.86
CA ALA C 1024 -30.61 54.69 -16.43
C ALA C 1024 -30.15 54.71 -17.89
N HIS C 1025 -29.32 53.75 -18.30
CA HIS C 1025 -28.82 53.75 -19.67
C HIS C 1025 -29.88 53.37 -20.69
N LEU C 1026 -30.97 52.72 -20.26
CA LEU C 1026 -32.03 52.32 -21.17
C LEU C 1026 -33.09 53.41 -21.26
N SER C 1027 -33.67 53.56 -22.46
CA SER C 1027 -34.67 54.60 -22.67
C SER C 1027 -35.92 54.35 -21.84
N THR C 1028 -36.38 53.11 -21.78
CA THR C 1028 -37.60 52.81 -21.04
C THR C 1028 -37.36 52.96 -19.53
N PRO C 1029 -38.34 53.45 -18.80
CA PRO C 1029 -38.20 53.56 -17.35
C PRO C 1029 -38.23 52.19 -16.67
N SER C 1030 -37.72 52.15 -15.45
CA SER C 1030 -37.68 50.92 -14.67
C SER C 1030 -37.74 51.28 -13.19
N GLN C 1031 -38.02 50.28 -12.37
CA GLN C 1031 -38.14 50.45 -10.93
C GLN C 1031 -36.86 50.08 -10.18
N CYS C 1032 -35.76 49.88 -10.90
CA CYS C 1032 -34.50 49.51 -10.27
C CYS C 1032 -33.96 50.66 -9.44
N THR C 1033 -33.31 50.31 -8.32
CA THR C 1033 -32.73 51.28 -7.42
C THR C 1033 -31.21 51.17 -7.30
N LYS C 1034 -30.64 50.02 -7.59
CA LYS C 1034 -29.20 49.81 -7.44
C LYS C 1034 -28.43 50.74 -8.37
N ARG C 1035 -27.37 51.35 -7.83
CA ARG C 1035 -26.51 52.26 -8.57
C ARG C 1035 -25.07 51.78 -8.51
N TYR C 1036 -24.40 51.77 -9.65
CA TYR C 1036 -22.99 51.40 -9.74
C TYR C 1036 -22.14 52.67 -9.82
N VAL C 1037 -20.84 52.50 -9.62
CA VAL C 1037 -19.91 53.61 -9.46
C VAL C 1037 -19.16 53.83 -10.77
N ILE C 1038 -18.91 55.10 -11.08
CA ILE C 1038 -18.05 55.51 -12.18
C ILE C 1038 -16.95 56.38 -11.60
N THR C 1039 -15.70 56.07 -11.95
CA THR C 1039 -14.55 56.82 -11.45
C THR C 1039 -13.94 57.61 -12.60
N ASN C 1040 -13.88 58.93 -12.44
CA ASN C 1040 -13.31 59.86 -13.41
C ASN C 1040 -13.90 59.65 -14.81
N PRO C 1041 -15.15 60.07 -15.03
CA PRO C 1041 -15.70 59.97 -16.37
C PRO C 1041 -14.97 60.89 -17.34
N PRO C 1042 -14.93 60.55 -18.62
CA PRO C 1042 -14.28 61.42 -19.61
C PRO C 1042 -14.93 62.79 -19.65
N TYR C 1043 -14.24 63.71 -20.34
CA TYR C 1043 -14.74 65.08 -20.46
C TYR C 1043 -16.07 65.13 -21.20
N GLU C 1044 -16.19 64.36 -22.28
CA GLU C 1044 -17.41 64.34 -23.09
C GLU C 1044 -18.31 63.18 -22.65
N PHE C 1045 -18.69 63.24 -21.37
CA PHE C 1045 -19.54 62.22 -20.77
C PHE C 1045 -20.93 62.80 -20.53
N GLU C 1046 -21.94 62.14 -21.08
CA GLU C 1046 -23.32 62.58 -20.89
C GLU C 1046 -23.78 62.32 -19.47
N LEU C 1047 -24.64 63.20 -18.97
CA LEU C 1047 -25.16 63.12 -17.61
C LEU C 1047 -26.64 62.75 -17.63
N VAL C 1048 -27.14 62.31 -16.48
CA VAL C 1048 -28.53 61.95 -16.29
C VAL C 1048 -29.09 62.79 -15.13
N PRO C 1049 -30.31 63.30 -15.23
CA PRO C 1049 -30.85 64.10 -14.12
C PRO C 1049 -30.91 63.36 -12.80
N THR C 1050 -31.22 62.06 -12.81
CA THR C 1050 -31.20 61.26 -11.59
C THR C 1050 -29.79 60.71 -11.39
N ASP C 1051 -29.06 61.28 -10.45
CA ASP C 1051 -27.67 60.93 -10.26
C ASP C 1051 -27.21 61.35 -8.87
N LEU C 1052 -26.12 60.74 -8.42
CA LEU C 1052 -25.46 61.10 -7.17
C LEU C 1052 -24.00 61.41 -7.46
N ILE C 1053 -23.44 62.33 -6.68
CA ILE C 1053 -22.09 62.84 -6.91
C ILE C 1053 -21.25 62.61 -5.67
N PHE C 1054 -20.09 61.98 -5.86
CA PHE C 1054 -19.10 61.89 -4.80
C PHE C 1054 -18.33 63.21 -4.70
N CYS C 1055 -18.08 63.65 -3.48
CA CYS C 1055 -17.37 64.91 -3.27
C CYS C 1055 -16.60 64.83 -1.96
N LEU C 1056 -15.58 65.69 -1.84
CA LEU C 1056 -14.79 65.83 -0.63
C LEU C 1056 -15.14 67.19 -0.01
N MET C 1057 -16.19 67.21 0.80
CA MET C 1057 -16.65 68.46 1.39
C MET C 1057 -15.66 68.93 2.46
N GLN C 1058 -15.45 70.25 2.51
CA GLN C 1058 -14.57 70.85 3.49
C GLN C 1058 -15.30 71.10 4.79
N PHE C 1059 -14.55 71.53 5.80
CA PHE C 1059 -15.14 71.90 7.08
C PHE C 1059 -15.77 73.29 6.99
N ASP C 1060 -16.43 73.69 8.07
CA ASP C 1060 -17.09 74.99 8.13
C ASP C 1060 -16.87 75.67 9.48
N ALA D 40 25.88 -77.85 -47.95
CA ALA D 40 25.88 -78.25 -46.56
C ALA D 40 25.11 -77.24 -45.70
N PRO D 41 24.25 -77.74 -44.81
CA PRO D 41 23.41 -76.84 -44.00
C PRO D 41 24.20 -75.92 -43.09
N ASP D 42 25.41 -76.30 -42.67
CA ASP D 42 26.18 -75.47 -41.75
C ASP D 42 26.83 -74.27 -42.42
N CYS D 43 26.72 -74.14 -43.74
CA CYS D 43 27.31 -73.02 -44.47
C CYS D 43 26.22 -72.06 -44.93
N PRO D 44 26.43 -70.75 -44.80
CA PRO D 44 25.46 -69.79 -45.36
C PRO D 44 25.37 -69.94 -46.87
N GLU D 45 24.16 -69.69 -47.39
CA GLU D 45 23.90 -69.85 -48.82
C GLU D 45 24.73 -68.90 -49.66
N VAL D 46 24.83 -67.63 -49.24
CA VAL D 46 25.53 -66.62 -50.03
C VAL D 46 27.03 -66.58 -49.77
N CYS D 47 27.50 -67.23 -48.71
CA CYS D 47 28.91 -67.20 -48.36
C CYS D 47 29.63 -68.44 -48.90
N THR D 48 30.94 -68.44 -48.72
CA THR D 48 31.80 -69.54 -49.15
C THR D 48 32.45 -70.17 -47.92
N CYS D 49 32.40 -71.49 -47.81
CA CYS D 49 32.95 -72.21 -46.69
C CYS D 49 33.93 -73.29 -47.17
N VAL D 50 34.91 -73.58 -46.32
CA VAL D 50 35.89 -74.64 -46.60
C VAL D 50 35.88 -75.60 -45.42
N PRO D 51 36.33 -76.84 -45.63
CA PRO D 51 36.40 -77.79 -44.52
C PRO D 51 37.28 -77.26 -43.39
N GLY D 52 36.87 -77.54 -42.16
CA GLY D 52 37.53 -77.02 -40.99
C GLY D 52 36.82 -75.89 -40.29
N GLY D 53 35.62 -75.53 -40.72
CA GLY D 53 34.85 -74.50 -40.05
C GLY D 53 35.26 -73.08 -40.37
N LEU D 54 35.91 -72.86 -41.50
CA LEU D 54 36.32 -71.51 -41.91
C LEU D 54 35.33 -71.01 -42.96
N ALA D 55 34.62 -69.94 -42.63
CA ALA D 55 33.63 -69.34 -43.52
C ALA D 55 34.01 -67.90 -43.82
N SER D 56 33.92 -67.53 -45.09
CA SER D 56 34.25 -66.19 -45.56
C SER D 56 33.04 -65.60 -46.27
N CYS D 57 32.63 -64.40 -45.84
CA CYS D 57 31.52 -63.69 -46.45
C CYS D 57 31.94 -62.34 -47.02
N SER D 58 33.23 -62.16 -47.31
CA SER D 58 33.73 -60.90 -47.82
C SER D 58 33.29 -60.66 -49.26
N ALA D 59 33.27 -59.38 -49.64
CA ALA D 59 32.94 -58.96 -51.01
C ALA D 59 31.55 -59.46 -51.43
N LEU D 60 30.59 -59.39 -50.51
CA LEU D 60 29.22 -59.78 -50.80
C LEU D 60 28.22 -58.65 -50.64
N SER D 61 28.65 -57.49 -50.13
CA SER D 61 27.77 -56.34 -49.93
C SER D 61 26.54 -56.71 -49.09
N LEU D 62 26.78 -57.49 -48.03
CA LEU D 62 25.69 -57.93 -47.17
C LEU D 62 25.12 -56.76 -46.40
N PRO D 63 23.79 -56.54 -46.42
CA PRO D 63 23.22 -55.45 -45.61
C PRO D 63 23.00 -55.83 -44.16
N ALA D 64 23.09 -57.10 -43.81
CA ALA D 64 22.92 -57.55 -42.44
C ALA D 64 23.70 -58.85 -42.25
N VAL D 65 23.75 -59.31 -41.00
CA VAL D 65 24.46 -60.56 -40.71
C VAL D 65 23.72 -61.73 -41.35
N PRO D 66 24.40 -62.63 -42.04
CA PRO D 66 23.71 -63.79 -42.63
C PRO D 66 23.15 -64.70 -41.55
N PRO D 67 21.99 -65.29 -41.78
CA PRO D 67 21.38 -66.19 -40.80
C PRO D 67 21.96 -67.59 -40.92
N GLY D 68 21.37 -68.52 -40.16
CA GLY D 68 21.77 -69.91 -40.21
C GLY D 68 23.15 -70.20 -39.68
N LEU D 69 23.53 -69.58 -38.57
CA LEU D 69 24.83 -69.87 -37.96
C LEU D 69 24.83 -71.26 -37.35
N SER D 70 25.99 -71.91 -37.39
CA SER D 70 26.16 -73.28 -36.93
C SER D 70 27.38 -73.39 -36.03
N LEU D 71 27.37 -74.40 -35.17
CA LEU D 71 28.49 -74.66 -34.27
C LEU D 71 29.68 -75.26 -34.99
N ARG D 72 29.50 -75.73 -36.23
CA ARG D 72 30.59 -76.33 -36.99
C ARG D 72 31.57 -75.29 -37.54
N LEU D 73 31.18 -74.03 -37.59
CA LEU D 73 32.06 -72.99 -38.11
C LEU D 73 32.94 -72.44 -36.99
N ARG D 74 34.25 -72.39 -37.24
CA ARG D 74 35.20 -71.90 -36.25
C ARG D 74 35.65 -70.47 -36.50
N ALA D 75 35.70 -70.03 -37.76
CA ALA D 75 36.11 -68.68 -38.11
C ALA D 75 35.11 -68.10 -39.10
N LEU D 76 34.78 -66.82 -38.91
CA LEU D 76 33.84 -66.12 -39.78
C LEU D 76 34.46 -64.82 -40.26
N LEU D 77 34.32 -64.55 -41.56
CA LEU D 77 34.80 -63.32 -42.17
C LEU D 77 33.62 -62.49 -42.66
N LEU D 78 33.58 -61.22 -42.27
CA LEU D 78 32.49 -60.34 -42.64
C LEU D 78 32.95 -58.96 -43.05
N ASP D 79 34.20 -58.81 -43.49
CA ASP D 79 34.74 -57.51 -43.81
C ASP D 79 34.19 -56.99 -45.14
N HIS D 80 34.30 -55.68 -45.33
CA HIS D 80 33.87 -55.00 -46.56
C HIS D 80 32.40 -55.24 -46.85
N ASN D 81 31.57 -55.07 -45.83
CA ASN D 81 30.12 -55.17 -45.97
C ASN D 81 29.47 -53.86 -45.52
N ARG D 82 28.14 -53.83 -45.53
CA ARG D 82 27.40 -52.65 -45.12
C ARG D 82 26.45 -52.96 -43.97
N VAL D 83 26.92 -53.72 -42.98
CA VAL D 83 26.11 -54.05 -41.80
C VAL D 83 26.35 -52.92 -40.80
N ARG D 84 25.59 -51.83 -40.99
CA ARG D 84 25.76 -50.67 -40.12
C ARG D 84 25.28 -50.95 -38.70
N ALA D 85 24.15 -51.63 -38.57
CA ALA D 85 23.54 -51.91 -37.27
C ALA D 85 23.66 -53.39 -36.96
N LEU D 86 24.09 -53.71 -35.74
CA LEU D 86 24.23 -55.09 -35.30
C LEU D 86 23.11 -55.43 -34.33
N PRO D 87 22.16 -56.29 -34.71
CA PRO D 87 21.06 -56.59 -33.81
C PRO D 87 21.54 -57.41 -32.61
N PRO D 88 20.84 -57.33 -31.48
CA PRO D 88 21.24 -58.15 -30.33
C PRO D 88 21.13 -59.64 -30.64
N GLY D 89 22.13 -60.40 -30.18
CA GLY D 89 22.16 -61.83 -30.45
C GLY D 89 22.25 -62.16 -31.92
N ALA D 90 22.98 -61.36 -32.70
CA ALA D 90 23.09 -61.62 -34.13
C ALA D 90 23.89 -62.89 -34.40
N PHE D 91 24.95 -63.13 -33.62
CA PHE D 91 25.81 -64.28 -33.80
C PHE D 91 25.37 -65.49 -32.98
N ALA D 92 24.09 -65.56 -32.62
CA ALA D 92 23.59 -66.68 -31.83
C ALA D 92 23.67 -67.98 -32.60
N GLY D 93 24.08 -69.04 -31.92
CA GLY D 93 24.17 -70.35 -32.53
C GLY D 93 25.58 -70.83 -32.73
N ALA D 94 26.47 -69.93 -33.16
CA ALA D 94 27.87 -70.26 -33.40
C ALA D 94 28.71 -70.01 -32.14
N GLY D 95 28.42 -70.78 -31.10
CA GLY D 95 29.14 -70.66 -29.84
C GLY D 95 30.57 -71.16 -29.90
N ALA D 96 30.89 -71.98 -30.89
CA ALA D 96 32.24 -72.52 -31.05
C ALA D 96 33.12 -71.67 -31.96
N LEU D 97 32.62 -70.53 -32.43
CA LEU D 97 33.42 -69.67 -33.30
C LEU D 97 34.62 -69.13 -32.55
N GLN D 98 35.74 -69.01 -33.26
CA GLN D 98 36.99 -68.55 -32.68
C GLN D 98 37.44 -67.18 -33.21
N ARG D 99 37.26 -66.93 -34.51
CA ARG D 99 37.69 -65.69 -35.13
C ARG D 99 36.50 -65.01 -35.78
N LEU D 100 36.29 -63.73 -35.44
CA LEU D 100 35.23 -62.92 -36.01
C LEU D 100 35.84 -61.63 -36.54
N ASP D 101 35.50 -61.27 -37.77
CA ASP D 101 36.03 -60.09 -38.43
C ASP D 101 34.88 -59.19 -38.86
N LEU D 102 34.98 -57.90 -38.53
CA LEU D 102 33.97 -56.92 -38.93
C LEU D 102 34.61 -55.64 -39.44
N ARG D 103 35.83 -55.74 -39.98
CA ARG D 103 36.56 -54.57 -40.44
C ARG D 103 35.89 -53.96 -41.67
N GLU D 104 35.94 -52.63 -41.77
CA GLU D 104 35.45 -51.89 -42.93
C GLU D 104 33.99 -52.21 -43.22
N ASN D 105 33.19 -52.26 -42.16
CA ASN D 105 31.76 -52.54 -42.28
C ASN D 105 30.89 -51.36 -41.88
N GLY D 106 31.48 -50.22 -41.52
CA GLY D 106 30.71 -49.06 -41.15
C GLY D 106 29.89 -49.22 -39.88
N LEU D 107 30.39 -49.99 -38.93
CA LEU D 107 29.68 -50.16 -37.66
C LEU D 107 29.66 -48.85 -36.89
N HIS D 108 28.50 -48.53 -36.30
CA HIS D 108 28.35 -47.31 -35.52
C HIS D 108 27.74 -47.52 -34.14
N SER D 109 27.10 -48.66 -33.90
CA SER D 109 26.51 -48.94 -32.59
C SER D 109 26.36 -50.45 -32.44
N VAL D 110 26.80 -50.98 -31.31
CA VAL D 110 26.74 -52.40 -31.02
C VAL D 110 25.96 -52.59 -29.72
N HIS D 111 24.99 -53.50 -29.75
CA HIS D 111 24.19 -53.77 -28.57
C HIS D 111 25.01 -54.51 -27.52
N VAL D 112 24.55 -54.42 -26.27
CA VAL D 112 25.27 -55.04 -25.16
C VAL D 112 25.29 -56.55 -25.29
N ARG D 113 24.21 -57.10 -25.86
CA ARG D 113 24.15 -58.55 -26.06
C ARG D 113 24.26 -58.92 -27.54
N ALA D 114 24.46 -57.93 -28.40
CA ALA D 114 24.60 -58.19 -29.83
C ALA D 114 25.48 -59.40 -30.06
N PHE D 115 26.67 -59.39 -29.48
CA PHE D 115 27.58 -60.53 -29.62
C PHE D 115 27.14 -61.65 -28.69
N TRP D 116 26.14 -62.41 -29.10
CA TRP D 116 25.63 -63.48 -28.24
C TRP D 116 26.23 -64.83 -28.59
N GLY D 117 26.26 -65.73 -27.62
CA GLY D 117 26.81 -67.06 -27.86
C GLY D 117 28.18 -67.05 -28.48
N LEU D 118 29.16 -66.54 -27.75
CA LEU D 118 30.53 -66.47 -28.27
C LEU D 118 31.59 -66.61 -27.20
N GLY D 119 31.30 -67.34 -26.12
CA GLY D 119 32.30 -67.57 -25.10
C GLY D 119 33.62 -68.07 -25.62
N ALA D 120 33.63 -68.75 -26.77
CA ALA D 120 34.83 -69.29 -27.35
C ALA D 120 35.48 -68.34 -28.36
N LEU D 121 34.88 -67.18 -28.60
CA LEU D 121 35.45 -66.23 -29.56
C LEU D 121 36.78 -65.68 -29.04
N GLN D 122 37.79 -65.69 -29.89
CA GLN D 122 39.14 -65.27 -29.53
C GLN D 122 39.62 -64.04 -30.27
N LEU D 123 39.24 -63.87 -31.53
CA LEU D 123 39.74 -62.79 -32.37
C LEU D 123 38.56 -61.91 -32.79
N LEU D 124 38.69 -60.61 -32.54
CA LEU D 124 37.70 -59.62 -32.95
C LEU D 124 38.41 -58.51 -33.71
N ASP D 125 37.84 -58.12 -34.86
CA ASP D 125 38.39 -57.04 -35.68
C ASP D 125 37.26 -56.05 -35.95
N LEU D 126 37.10 -55.08 -35.04
CA LEU D 126 36.14 -54.00 -35.20
C LEU D 126 36.78 -52.75 -35.79
N SER D 127 38.02 -52.85 -36.25
CA SER D 127 38.75 -51.69 -36.75
C SER D 127 38.15 -51.17 -38.05
N ALA D 128 38.61 -49.99 -38.46
CA ALA D 128 38.16 -49.33 -39.68
C ALA D 128 36.65 -49.16 -39.71
N ASN D 129 36.09 -48.73 -38.58
CA ASN D 129 34.65 -48.51 -38.47
C ASN D 129 34.36 -47.13 -37.89
N GLN D 130 33.10 -46.85 -37.58
CA GLN D 130 32.67 -45.56 -37.06
C GLN D 130 32.09 -45.69 -35.66
N LEU D 131 32.68 -46.56 -34.85
CA LEU D 131 32.21 -46.76 -33.48
C LEU D 131 32.59 -45.56 -32.62
N GLU D 132 31.58 -44.78 -32.21
CA GLU D 132 31.83 -43.61 -31.37
C GLU D 132 31.62 -43.89 -29.89
N ALA D 133 30.87 -44.92 -29.53
CA ALA D 133 30.64 -45.26 -28.13
C ALA D 133 30.36 -46.75 -28.02
N LEU D 134 30.77 -47.32 -26.89
CA LEU D 134 30.58 -48.73 -26.60
C LEU D 134 29.81 -48.89 -25.30
N ALA D 135 28.77 -49.70 -25.33
CA ALA D 135 28.00 -49.96 -24.12
C ALA D 135 28.80 -50.87 -23.18
N PRO D 136 28.86 -50.54 -21.88
CA PRO D 136 29.59 -51.39 -20.94
C PRO D 136 28.99 -52.79 -20.87
N GLY D 137 29.87 -53.77 -20.69
CA GLY D 137 29.46 -55.16 -20.64
C GLY D 137 29.33 -55.85 -21.98
N THR D 138 29.61 -55.14 -23.08
CA THR D 138 29.51 -55.76 -24.40
C THR D 138 30.53 -56.88 -24.56
N PHE D 139 31.75 -56.68 -24.09
CA PHE D 139 32.82 -57.65 -24.22
C PHE D 139 32.99 -58.52 -22.98
N ALA D 140 32.04 -58.47 -22.05
CA ALA D 140 32.13 -59.28 -20.84
C ALA D 140 32.15 -60.78 -21.10
N PRO D 141 31.26 -61.35 -21.93
CA PRO D 141 31.32 -62.80 -22.14
C PRO D 141 32.58 -63.29 -22.83
N LEU D 142 33.33 -62.39 -23.49
CA LEU D 142 34.52 -62.78 -24.24
C LEU D 142 35.65 -63.09 -23.25
N ARG D 143 35.54 -64.24 -22.59
CA ARG D 143 36.57 -64.67 -21.65
C ARG D 143 37.82 -65.19 -22.36
N ALA D 144 37.68 -65.68 -23.59
CA ALA D 144 38.80 -66.21 -24.36
C ALA D 144 39.34 -65.22 -25.38
N LEU D 145 38.93 -63.95 -25.30
CA LEU D 145 39.42 -62.94 -26.22
C LEU D 145 40.92 -62.77 -26.10
N ARG D 146 41.60 -62.74 -27.24
CA ARG D 146 43.05 -62.57 -27.29
C ARG D 146 43.49 -61.36 -28.08
N ASN D 147 42.77 -61.00 -29.15
CA ASN D 147 43.06 -59.81 -29.92
C ASN D 147 41.77 -59.03 -30.12
N LEU D 148 41.80 -57.74 -29.82
CA LEU D 148 40.65 -56.85 -29.98
C LEU D 148 41.10 -55.64 -30.79
N SER D 149 40.46 -55.41 -31.93
CA SER D 149 40.83 -54.33 -32.83
C SER D 149 39.80 -53.22 -32.74
N LEU D 150 40.28 -51.99 -32.55
CA LEU D 150 39.44 -50.79 -32.51
C LEU D 150 40.07 -49.65 -33.28
N ALA D 151 40.93 -49.97 -34.26
CA ALA D 151 41.65 -48.95 -35.01
C ALA D 151 40.72 -48.23 -35.98
N GLY D 152 41.12 -47.02 -36.34
CA GLY D 152 40.37 -46.23 -37.30
C GLY D 152 38.96 -45.89 -36.88
N ASN D 153 38.66 -45.95 -35.59
CA ASN D 153 37.33 -45.67 -35.08
C ASN D 153 37.28 -44.27 -34.49
N ARG D 154 36.06 -43.79 -34.27
CA ARG D 154 35.82 -42.46 -33.68
C ARG D 154 35.48 -42.55 -32.20
N LEU D 155 36.06 -43.50 -31.48
CA LEU D 155 35.84 -43.65 -30.05
C LEU D 155 36.56 -42.52 -29.32
N ALA D 156 35.81 -41.48 -28.96
CA ALA D 156 36.41 -40.34 -28.26
C ALA D 156 36.93 -40.75 -26.89
N ARG D 157 36.16 -41.55 -26.15
CA ARG D 157 36.55 -42.01 -24.83
C ARG D 157 36.33 -43.50 -24.70
N LEU D 158 37.29 -44.18 -24.09
CA LEU D 158 37.17 -45.59 -23.75
C LEU D 158 37.18 -45.70 -22.23
N GLU D 159 36.16 -46.34 -21.67
CA GLU D 159 36.00 -46.41 -20.22
C GLU D 159 36.47 -47.75 -19.70
N PRO D 160 36.94 -47.79 -18.45
CA PRO D 160 37.34 -49.08 -17.86
C PRO D 160 36.25 -50.14 -17.87
N ALA D 161 34.99 -49.74 -17.67
CA ALA D 161 33.89 -50.70 -17.67
C ALA D 161 33.52 -51.16 -19.08
N ALA D 162 33.95 -50.42 -20.11
CA ALA D 162 33.64 -50.82 -21.47
C ALA D 162 34.35 -52.12 -21.84
N LEU D 163 35.62 -52.26 -21.42
CA LEU D 163 36.36 -53.47 -21.72
C LEU D 163 35.94 -54.64 -20.85
N GLY D 164 35.56 -54.38 -19.59
CA GLY D 164 35.15 -55.46 -18.71
C GLY D 164 36.32 -56.29 -18.24
N ALA D 165 36.00 -57.44 -17.67
CA ALA D 165 37.00 -58.37 -17.16
C ALA D 165 37.58 -59.16 -18.33
N LEU D 166 38.86 -58.91 -18.63
CA LEU D 166 39.55 -59.54 -19.75
C LEU D 166 40.87 -60.11 -19.25
N PRO D 167 40.83 -61.24 -18.54
CA PRO D 167 42.07 -61.80 -17.98
C PRO D 167 42.95 -62.47 -19.03
N LEU D 168 42.33 -63.12 -20.03
CA LEU D 168 43.07 -63.85 -21.05
C LEU D 168 43.52 -62.97 -22.21
N LEU D 169 43.19 -61.69 -22.20
CA LEU D 169 43.58 -60.81 -23.28
C LEU D 169 45.09 -60.58 -23.26
N ARG D 170 45.72 -60.68 -24.44
CA ARG D 170 47.17 -60.53 -24.54
C ARG D 170 47.60 -59.24 -25.23
N SER D 171 46.78 -58.68 -26.10
CA SER D 171 47.18 -57.50 -26.86
C SER D 171 45.96 -56.65 -27.17
N LEU D 172 46.21 -55.38 -27.46
CA LEU D 172 45.18 -54.43 -27.82
C LEU D 172 45.69 -53.50 -28.91
N SER D 173 44.76 -52.92 -29.66
CA SER D 173 45.08 -51.97 -30.73
C SER D 173 44.08 -50.82 -30.66
N LEU D 174 44.56 -49.64 -30.28
CA LEU D 174 43.72 -48.46 -30.11
C LEU D 174 44.21 -47.30 -30.97
N GLN D 175 44.90 -47.60 -32.07
CA GLN D 175 45.45 -46.55 -32.91
C GLN D 175 44.36 -45.91 -33.77
N ASP D 176 44.70 -44.75 -34.33
CA ASP D 176 43.83 -44.03 -35.27
C ASP D 176 42.45 -43.76 -34.65
N ASN D 177 42.45 -43.37 -33.38
CA ASN D 177 41.23 -43.10 -32.65
C ASN D 177 41.27 -41.68 -32.10
N GLU D 178 40.18 -41.29 -31.44
CA GLU D 178 40.05 -39.97 -30.82
C GLU D 178 40.19 -40.03 -29.31
N LEU D 179 40.95 -41.01 -28.80
CA LEU D 179 41.12 -41.20 -27.36
C LEU D 179 42.00 -40.07 -26.81
N ALA D 180 41.37 -39.08 -26.19
CA ALA D 180 42.11 -37.96 -25.63
C ALA D 180 43.02 -38.40 -24.50
N ALA D 181 42.52 -39.24 -23.60
CA ALA D 181 43.31 -39.73 -22.48
C ALA D 181 42.67 -41.00 -21.94
N LEU D 182 43.50 -41.87 -21.37
CA LEU D 182 43.04 -43.10 -20.77
C LEU D 182 42.74 -42.89 -19.30
N ALA D 183 41.49 -43.12 -18.90
CA ALA D 183 41.12 -42.99 -17.50
C ALA D 183 41.82 -44.05 -16.67
N PRO D 184 42.29 -43.70 -15.47
CA PRO D 184 42.96 -44.69 -14.62
C PRO D 184 42.04 -45.84 -14.27
N GLY D 185 42.61 -47.05 -14.20
CA GLY D 185 41.87 -48.25 -13.90
C GLY D 185 41.45 -49.07 -15.10
N LEU D 186 41.56 -48.53 -16.31
CA LEU D 186 41.22 -49.29 -17.50
C LEU D 186 42.17 -50.47 -17.70
N LEU D 187 43.46 -50.25 -17.46
CA LEU D 187 44.46 -51.30 -17.62
C LEU D 187 44.58 -52.20 -16.40
N GLY D 188 43.86 -51.90 -15.31
CA GLY D 188 43.95 -52.69 -14.10
C GLY D 188 43.33 -54.06 -14.20
N ARG D 189 42.50 -54.31 -15.22
CA ARG D 189 41.85 -55.60 -15.41
C ARG D 189 42.42 -56.37 -16.59
N LEU D 190 43.65 -56.05 -17.01
CA LEU D 190 44.32 -56.75 -18.11
C LEU D 190 45.69 -57.20 -17.63
N PRO D 191 45.74 -58.24 -16.79
CA PRO D 191 47.04 -58.72 -16.29
C PRO D 191 47.97 -59.24 -17.38
N ALA D 192 47.43 -59.83 -18.44
CA ALA D 192 48.22 -60.47 -19.48
C ALA D 192 48.43 -59.55 -20.69
N LEU D 193 48.17 -58.27 -20.56
CA LEU D 193 48.33 -57.34 -21.67
C LEU D 193 49.82 -57.04 -21.86
N ASP D 194 50.37 -57.44 -23.01
CA ASP D 194 51.77 -57.24 -23.32
C ASP D 194 52.04 -56.41 -24.55
N ALA D 195 51.06 -56.21 -25.43
CA ALA D 195 51.22 -55.42 -26.64
C ALA D 195 50.10 -54.40 -26.73
N LEU D 196 50.42 -53.21 -27.25
CA LEU D 196 49.46 -52.14 -27.37
C LEU D 196 49.91 -51.16 -28.45
N HIS D 197 48.97 -50.68 -29.24
CA HIS D 197 49.23 -49.68 -30.28
C HIS D 197 48.42 -48.43 -29.96
N LEU D 198 49.09 -47.27 -30.02
CA LEU D 198 48.46 -45.99 -29.66
C LEU D 198 48.82 -44.88 -30.64
N ARG D 199 49.30 -45.23 -31.84
CA ARG D 199 49.69 -44.23 -32.81
C ARG D 199 48.48 -43.48 -33.35
N GLY D 200 48.69 -42.21 -33.67
CA GLY D 200 47.62 -41.40 -34.25
C GLY D 200 46.46 -41.14 -33.32
N ASN D 201 46.75 -40.77 -32.08
CA ASN D 201 45.71 -40.46 -31.10
C ASN D 201 45.97 -39.10 -30.48
N PRO D 202 44.91 -38.38 -30.10
CA PRO D 202 45.08 -37.04 -29.49
C PRO D 202 45.44 -37.13 -28.00
N TRP D 203 46.62 -37.66 -27.72
CA TRP D 203 47.06 -37.86 -26.34
C TRP D 203 47.43 -36.51 -25.73
N GLY D 204 46.64 -36.08 -24.74
CA GLY D 204 46.95 -34.89 -24.00
C GLY D 204 47.89 -35.18 -22.84
N CYS D 205 49.15 -34.79 -22.98
CA CYS D 205 50.19 -35.21 -22.04
C CYS D 205 50.07 -34.50 -20.71
N GLY D 206 49.33 -35.09 -19.77
CA GLY D 206 49.20 -34.57 -18.42
C GLY D 206 49.22 -35.67 -17.39
N CYS D 207 48.59 -35.43 -16.24
CA CYS D 207 48.52 -36.47 -15.21
C CYS D 207 47.45 -37.51 -15.49
N ALA D 208 46.56 -37.25 -16.46
CA ALA D 208 45.52 -38.21 -16.80
C ALA D 208 46.10 -39.49 -17.39
N LEU D 209 47.28 -39.43 -18.00
CA LEU D 209 47.90 -40.59 -18.63
C LEU D 209 49.13 -41.09 -17.86
N ARG D 210 49.23 -40.74 -16.58
CA ARG D 210 50.27 -41.35 -15.74
C ARG D 210 50.15 -42.87 -15.66
N PRO D 211 48.97 -43.46 -15.42
CA PRO D 211 48.88 -44.93 -15.53
C PRO D 211 49.21 -45.45 -16.92
N LEU D 212 48.92 -44.68 -17.97
CA LEU D 212 49.29 -45.10 -19.32
C LEU D 212 50.80 -45.18 -19.47
N CYS D 213 51.52 -44.18 -18.97
CA CYS D 213 52.99 -44.23 -19.00
C CYS D 213 53.53 -45.31 -18.07
N ALA D 214 52.79 -45.64 -17.01
CA ALA D 214 53.23 -46.70 -16.10
C ALA D 214 53.33 -48.03 -16.83
N TRP D 215 52.36 -48.34 -17.69
CA TRP D 215 52.44 -49.56 -18.49
C TRP D 215 53.58 -49.49 -19.49
N LEU D 216 53.79 -48.32 -20.10
CA LEU D 216 54.81 -48.19 -21.15
C LEU D 216 56.22 -48.32 -20.58
N ARG D 217 56.45 -47.84 -19.36
CA ARG D 217 57.79 -47.91 -18.78
C ARG D 217 58.24 -49.35 -18.60
N ARG D 218 57.36 -50.22 -18.12
CA ARG D 218 57.70 -51.62 -17.91
C ARG D 218 57.44 -52.49 -19.15
N HIS D 219 56.91 -51.91 -20.22
CA HIS D 219 56.70 -52.60 -21.48
C HIS D 219 57.42 -51.81 -22.58
N PRO D 220 58.68 -52.14 -22.84
CA PRO D 220 59.44 -51.37 -23.83
C PRO D 220 58.87 -51.45 -25.23
N LEU D 221 58.35 -50.34 -25.72
CA LEU D 221 57.79 -50.29 -27.06
C LEU D 221 58.92 -50.27 -28.08
N PRO D 222 58.75 -50.90 -29.25
CA PRO D 222 59.79 -50.80 -30.29
C PRO D 222 60.02 -49.36 -30.71
N ALA D 223 61.28 -49.07 -31.06
CA ALA D 223 61.66 -47.70 -31.41
C ALA D 223 60.88 -47.20 -32.63
N SER D 224 60.51 -48.11 -33.53
CA SER D 224 59.71 -47.70 -34.68
C SER D 224 58.34 -47.17 -34.26
N GLU D 225 57.68 -47.87 -33.33
CA GLU D 225 56.38 -47.43 -32.84
C GLU D 225 56.51 -46.28 -31.85
N ALA D 226 57.57 -46.28 -31.04
CA ALA D 226 57.75 -45.23 -30.04
C ALA D 226 57.95 -43.87 -30.70
N GLU D 227 58.72 -43.81 -31.78
CA GLU D 227 58.96 -42.55 -32.47
C GLU D 227 57.69 -41.99 -33.10
N THR D 228 56.68 -42.83 -33.34
CA THR D 228 55.43 -42.39 -33.91
C THR D 228 54.38 -42.04 -32.87
N VAL D 229 54.72 -42.12 -31.58
CA VAL D 229 53.81 -41.78 -30.50
C VAL D 229 54.32 -40.48 -29.88
N LEU D 230 53.48 -39.46 -29.85
CA LEU D 230 53.87 -38.14 -29.36
C LEU D 230 52.69 -37.48 -28.67
N CYS D 231 52.98 -36.39 -27.97
CA CYS D 231 51.93 -35.59 -27.35
C CYS D 231 51.19 -34.78 -28.41
N VAL D 232 50.06 -34.20 -28.00
CA VAL D 232 49.26 -33.37 -28.90
C VAL D 232 49.08 -31.99 -28.27
N TRP D 233 48.58 -31.96 -27.04
CA TRP D 233 48.41 -30.72 -26.30
C TRP D 233 48.87 -30.93 -24.87
N PRO D 234 49.37 -29.86 -24.21
CA PRO D 234 49.53 -28.49 -24.70
C PRO D 234 50.70 -28.33 -25.66
N GLY D 235 50.79 -27.16 -26.29
CA GLY D 235 51.86 -26.90 -27.25
C GLY D 235 53.25 -26.89 -26.63
N ARG D 236 53.35 -26.69 -25.32
CA ARG D 236 54.64 -26.71 -24.65
C ARG D 236 55.28 -28.10 -24.65
N LEU D 237 54.49 -29.15 -24.86
CA LEU D 237 54.98 -30.53 -24.81
C LEU D 237 54.86 -31.21 -26.17
N THR D 238 54.81 -30.43 -27.25
CA THR D 238 54.73 -30.99 -28.58
C THR D 238 56.03 -31.69 -28.96
N LEU D 239 55.92 -32.69 -29.83
CA LEU D 239 57.04 -33.50 -30.31
C LEU D 239 57.77 -34.21 -29.18
N SER D 240 57.05 -34.55 -28.10
CA SER D 240 57.65 -35.22 -26.96
C SER D 240 57.14 -36.64 -26.87
N PRO D 241 57.98 -37.66 -27.01
CA PRO D 241 57.51 -39.03 -26.88
C PRO D 241 57.01 -39.33 -25.48
N LEU D 242 56.02 -40.22 -25.40
CA LEU D 242 55.42 -40.57 -24.10
C LEU D 242 56.36 -41.40 -23.24
N THR D 243 57.28 -42.15 -23.86
CA THR D 243 58.20 -42.99 -23.09
C THR D 243 59.31 -42.18 -22.43
N ALA D 244 59.56 -40.95 -22.87
CA ALA D 244 60.60 -40.12 -22.28
C ALA D 244 60.14 -39.37 -21.04
N PHE D 245 58.85 -39.42 -20.71
CA PHE D 245 58.33 -38.75 -19.53
C PHE D 245 58.51 -39.66 -18.31
N SER D 246 59.31 -39.21 -17.35
CA SER D 246 59.61 -39.98 -16.15
C SER D 246 58.84 -39.43 -14.97
N ASP D 247 59.11 -39.99 -13.79
CA ASP D 247 58.45 -39.54 -12.57
C ASP D 247 58.83 -38.11 -12.22
N ALA D 248 60.09 -37.74 -12.47
CA ALA D 248 60.53 -36.38 -12.17
C ALA D 248 59.80 -35.34 -13.02
N ALA D 249 59.46 -35.71 -14.26
CA ALA D 249 58.74 -34.77 -15.13
C ALA D 249 57.34 -34.49 -14.61
N PHE D 250 56.73 -35.45 -13.91
CA PHE D 250 55.39 -35.30 -13.36
C PHE D 250 55.37 -35.57 -11.86
N SER D 251 56.35 -35.02 -11.14
CA SER D 251 56.34 -35.15 -9.68
C SER D 251 55.25 -34.28 -9.06
N HIS D 252 54.78 -33.27 -9.77
CA HIS D 252 53.74 -32.39 -9.25
C HIS D 252 52.33 -32.96 -9.45
N CYS D 253 52.21 -34.12 -10.06
CA CYS D 253 50.90 -34.74 -10.25
C CYS D 253 50.30 -35.14 -8.91
N ALA D 254 48.99 -35.40 -8.92
CA ALA D 254 48.26 -35.73 -7.71
C ALA D 254 48.73 -37.09 -7.18
N GLN D 255 49.52 -37.06 -6.11
CA GLN D 255 49.95 -38.29 -5.47
C GLN D 255 48.79 -38.91 -4.67
N PRO D 256 48.82 -40.22 -4.47
CA PRO D 256 47.79 -40.85 -3.64
C PRO D 256 47.84 -40.35 -2.21
N LEU D 257 46.67 -40.30 -1.57
CA LEU D 257 46.57 -39.77 -0.22
C LEU D 257 47.42 -40.59 0.75
N ALA D 258 48.24 -39.90 1.52
CA ALA D 258 49.11 -40.51 2.51
C ALA D 258 48.44 -40.44 3.89
N LEU D 259 49.19 -40.80 4.93
CA LEU D 259 48.70 -40.72 6.30
C LEU D 259 49.22 -39.51 7.06
N ARG D 260 50.40 -39.00 6.69
CA ARG D 260 50.91 -37.77 7.30
C ARG D 260 50.10 -36.56 6.82
N ASP D 261 50.02 -36.37 5.50
CA ASP D 261 49.26 -35.26 4.96
C ASP D 261 47.79 -35.35 5.33
N LEU D 262 47.27 -36.57 5.51
CA LEU D 262 45.88 -36.73 5.94
C LEU D 262 45.66 -36.11 7.31
N ALA D 263 46.62 -36.27 8.23
CA ALA D 263 46.50 -35.62 9.52
C ALA D 263 46.78 -34.13 9.43
N VAL D 264 47.72 -33.73 8.57
CA VAL D 264 48.07 -32.31 8.47
C VAL D 264 46.91 -31.48 7.94
N VAL D 265 46.18 -32.01 6.94
CA VAL D 265 45.08 -31.23 6.37
C VAL D 265 43.97 -31.06 7.40
N TYR D 266 43.74 -32.06 8.25
CA TYR D 266 42.77 -31.90 9.32
C TYR D 266 43.24 -30.91 10.38
N THR D 267 44.52 -30.98 10.75
CA THR D 267 44.99 -30.21 11.91
C THR D 267 45.44 -28.80 11.55
N LEU D 268 45.59 -28.47 10.26
CA LEU D 268 46.15 -27.17 9.90
C LEU D 268 45.23 -26.03 10.30
N GLY D 269 43.92 -26.23 10.19
CA GLY D 269 42.96 -25.18 10.50
C GLY D 269 42.93 -24.81 11.97
N PRO D 270 42.48 -25.75 12.82
CA PRO D 270 42.38 -25.44 14.26
C PRO D 270 43.70 -25.05 14.89
N ALA D 271 44.81 -25.69 14.47
CA ALA D 271 46.11 -25.32 15.05
C ALA D 271 46.50 -23.90 14.69
N SER D 272 46.28 -23.50 13.44
CA SER D 272 46.59 -22.13 13.04
C SER D 272 45.69 -21.13 13.76
N PHE D 273 44.42 -21.48 13.92
CA PHE D 273 43.51 -20.59 14.65
C PHE D 273 43.95 -20.43 16.10
N LEU D 274 44.35 -21.52 16.74
CA LEU D 274 44.82 -21.45 18.12
C LEU D 274 46.11 -20.64 18.22
N VAL D 275 47.02 -20.81 17.25
CA VAL D 275 48.25 -20.04 17.25
C VAL D 275 47.95 -18.55 17.11
N SER D 276 47.04 -18.19 16.21
CA SER D 276 46.68 -16.78 16.05
C SER D 276 46.05 -16.23 17.31
N LEU D 277 45.16 -17.01 17.95
CA LEU D 277 44.53 -16.56 19.18
C LEU D 277 45.56 -16.35 20.28
N ALA D 278 46.49 -17.29 20.44
CA ALA D 278 47.52 -17.16 21.45
C ALA D 278 48.41 -15.96 21.19
N SER D 279 48.77 -15.73 19.92
CA SER D 279 49.60 -14.57 19.58
C SER D 279 48.87 -13.27 19.90
N CYS D 280 47.58 -13.19 19.55
CA CYS D 280 46.81 -11.98 19.85
C CYS D 280 46.71 -11.75 21.35
N LEU D 281 46.45 -12.82 22.12
CA LEU D 281 46.35 -12.67 23.56
C LEU D 281 47.67 -12.24 24.17
N ALA D 282 48.77 -12.83 23.71
CA ALA D 282 50.09 -12.46 24.22
C ALA D 282 50.42 -11.01 23.89
N LEU D 283 50.12 -10.58 22.67
CA LEU D 283 50.38 -9.19 22.28
C LEU D 283 49.56 -8.23 23.13
N GLY D 284 48.28 -8.55 23.34
CA GLY D 284 47.45 -7.69 24.16
C GLY D 284 47.92 -7.61 25.60
N SER D 285 48.29 -8.76 26.18
CA SER D 285 48.79 -8.77 27.55
C SER D 285 50.09 -7.98 27.67
N GLY D 286 51.00 -8.16 26.71
CA GLY D 286 52.25 -7.42 26.76
C GLY D 286 52.06 -5.93 26.62
N LEU D 287 51.20 -5.50 25.68
CA LEU D 287 50.94 -4.08 25.51
C LEU D 287 50.29 -3.49 26.76
N THR D 288 49.33 -4.20 27.35
CA THR D 288 48.69 -3.72 28.56
C THR D 288 49.68 -3.60 29.70
N ALA D 289 50.55 -4.60 29.88
CA ALA D 289 51.55 -4.55 30.94
C ALA D 289 52.52 -3.40 30.72
N CYS D 290 52.97 -3.21 29.48
CA CYS D 290 53.93 -2.12 29.16
C CYS D 290 53.28 -0.77 29.48
N ARG D 291 52.05 -0.55 29.00
CA ARG D 291 51.34 0.73 29.23
C ARG D 291 51.09 0.92 30.73
N ALA D 292 50.71 -0.15 31.44
CA ALA D 292 50.40 -0.03 32.89
C ALA D 292 51.61 0.54 33.63
N ARG D 293 52.79 -0.08 33.49
CA ARG D 293 53.98 0.37 34.25
C ARG D 293 54.48 1.71 33.69
N ARG D 294 54.30 1.97 32.40
CA ARG D 294 54.68 3.30 31.85
C ARG D 294 53.84 4.38 32.54
N ARG D 295 52.56 4.09 32.78
CA ARG D 295 51.64 5.11 33.36
C ARG D 295 51.83 5.22 34.87
N ARG D 296 51.78 4.10 35.61
CA ARG D 296 51.78 4.23 37.09
C ARG D 296 53.16 4.67 37.60
N LEU D 297 54.22 4.02 37.14
CA LEU D 297 55.55 4.34 37.64
C LEU D 297 55.97 5.78 37.37
N ARG D 298 55.19 6.52 36.56
CA ARG D 298 55.49 7.92 36.27
C ARG D 298 54.28 8.80 36.53
N THR D 299 53.47 8.46 37.54
CA THR D 299 52.31 9.25 37.87
C THR D 299 52.70 10.65 38.35
N ALA D 300 53.72 10.73 39.19
CA ALA D 300 54.18 12.03 39.69
C ALA D 300 54.84 12.85 38.60
N ALA D 301 55.55 12.21 37.68
CA ALA D 301 56.22 12.91 36.60
C ALA D 301 55.32 13.03 35.37
N PRO E 13 9.25 -61.77 -14.66
CA PRO E 13 9.56 -61.02 -15.88
C PRO E 13 9.34 -59.51 -15.71
N CYS E 14 9.52 -58.77 -16.79
CA CYS E 14 9.33 -57.33 -16.80
C CYS E 14 8.41 -56.94 -17.96
N ASP E 15 8.21 -55.63 -18.11
CA ASP E 15 7.32 -55.07 -19.14
C ASP E 15 5.92 -55.69 -19.03
N SER E 16 5.29 -55.46 -17.88
CA SER E 16 4.01 -56.07 -17.56
C SER E 16 2.80 -55.22 -17.98
N ARG E 17 3.02 -54.12 -18.70
CA ARG E 17 1.94 -53.19 -19.04
C ARG E 17 1.78 -53.17 -20.57
N GLY E 18 0.79 -53.92 -21.05
CA GLY E 18 0.46 -53.87 -22.47
C GLY E 18 -0.51 -52.77 -22.81
N GLN E 19 -1.48 -52.52 -21.92
CA GLN E 19 -2.48 -51.48 -22.13
C GLN E 19 -2.80 -50.76 -20.82
N ARG E 20 -3.76 -49.84 -20.85
CA ARG E 20 -4.10 -49.07 -19.67
C ARG E 20 -5.52 -49.40 -19.22
N MET E 21 -5.68 -49.60 -17.92
CA MET E 21 -6.98 -49.77 -17.28
C MET E 21 -7.12 -48.79 -16.13
N TRP E 22 -6.68 -47.55 -16.35
CA TRP E 22 -6.71 -46.52 -15.32
C TRP E 22 -8.12 -46.21 -14.85
N TRP E 23 -9.14 -46.53 -15.67
CA TRP E 23 -10.50 -46.15 -15.31
C TRP E 23 -10.99 -46.88 -14.06
N ALA E 24 -10.41 -48.03 -13.74
CA ALA E 24 -10.88 -48.82 -12.61
C ALA E 24 -10.72 -48.06 -11.30
N PHE E 25 -9.51 -47.56 -11.04
CA PHE E 25 -9.27 -46.82 -9.79
C PHE E 25 -10.09 -45.54 -9.77
N LEU E 26 -10.11 -44.81 -10.88
CA LEU E 26 -10.89 -43.57 -10.95
C LEU E 26 -12.37 -43.86 -10.78
N ALA E 27 -12.87 -44.92 -11.41
CA ALA E 27 -14.27 -45.29 -11.25
C ALA E 27 -14.59 -45.63 -9.80
N SER E 28 -13.69 -46.37 -9.13
CA SER E 28 -13.93 -46.72 -7.74
C SER E 28 -13.99 -45.48 -6.86
N SER E 29 -13.03 -44.57 -7.01
CA SER E 29 -13.02 -43.37 -6.20
C SER E 29 -14.26 -42.50 -6.48
N MET E 30 -14.59 -42.31 -7.75
CA MET E 30 -15.74 -41.48 -8.10
C MET E 30 -17.04 -42.10 -7.61
N VAL E 31 -17.18 -43.42 -7.74
CA VAL E 31 -18.41 -44.06 -7.29
C VAL E 31 -18.53 -43.99 -5.78
N THR E 32 -17.41 -44.12 -5.06
CA THR E 32 -17.47 -43.96 -3.61
C THR E 32 -17.94 -42.55 -3.24
N PHE E 33 -17.29 -41.53 -3.80
CA PHE E 33 -17.63 -40.15 -3.45
C PHE E 33 -19.07 -39.82 -3.83
N PHE E 34 -19.48 -40.20 -5.04
CA PHE E 34 -20.80 -39.84 -5.53
C PHE E 34 -21.89 -40.65 -4.85
N GLY E 35 -21.61 -41.90 -4.49
CA GLY E 35 -22.57 -42.67 -3.73
C GLY E 35 -22.76 -42.12 -2.34
N GLY E 36 -21.67 -41.67 -1.71
CA GLY E 36 -21.81 -41.00 -0.43
C GLY E 36 -22.66 -39.75 -0.52
N LEU E 37 -22.38 -38.92 -1.53
CA LEU E 37 -23.17 -37.70 -1.73
C LEU E 37 -24.64 -38.03 -1.97
N PHE E 38 -24.91 -39.04 -2.82
CA PHE E 38 -26.27 -39.37 -3.17
C PHE E 38 -27.03 -39.95 -1.99
N ILE E 39 -26.38 -40.80 -1.19
CA ILE E 39 -27.06 -41.37 -0.03
C ILE E 39 -27.31 -40.29 1.02
N ILE E 40 -26.38 -39.35 1.19
CA ILE E 40 -26.62 -38.26 2.14
C ILE E 40 -27.77 -37.38 1.67
N LEU E 41 -27.82 -37.06 0.37
CA LEU E 41 -28.90 -36.24 -0.15
C LEU E 41 -30.24 -36.97 -0.07
N LEU E 42 -30.23 -38.29 -0.31
CA LEU E 42 -31.45 -39.07 -0.19
C LEU E 42 -31.94 -39.10 1.25
N TRP E 43 -31.02 -39.23 2.21
CA TRP E 43 -31.40 -39.16 3.62
C TRP E 43 -32.00 -37.81 3.95
N ARG E 44 -31.39 -36.74 3.45
CA ARG E 44 -31.91 -35.39 3.72
C ARG E 44 -33.30 -35.20 3.12
N THR E 45 -33.51 -35.69 1.90
CA THR E 45 -34.82 -35.54 1.26
C THR E 45 -35.88 -36.40 1.94
N LEU E 46 -35.51 -37.62 2.36
CA LEU E 46 -36.45 -38.47 3.07
C LEU E 46 -36.84 -37.85 4.40
N LYS E 47 -35.88 -37.26 5.12
CA LYS E 47 -36.21 -36.54 6.33
C LYS E 47 -37.11 -35.34 6.03
N TYR E 48 -36.84 -34.65 4.93
CA TYR E 48 -37.69 -33.52 4.52
C TYR E 48 -39.10 -33.98 4.18
N LEU E 49 -39.23 -35.12 3.50
CA LEU E 49 -40.51 -35.64 3.06
C LEU E 49 -41.11 -36.65 4.03
N TRP E 50 -40.50 -36.83 5.19
CA TRP E 50 -40.93 -37.79 6.22
C TRP E 50 -41.37 -39.14 5.65
N GLU E 90 -32.46 -43.25 28.31
CA GLU E 90 -31.25 -42.81 29.02
C GLU E 90 -30.88 -41.38 28.62
N VAL E 91 -29.72 -41.23 27.96
CA VAL E 91 -29.24 -39.94 27.52
C VAL E 91 -28.87 -39.92 26.05
N GLY E 92 -29.06 -41.01 25.32
CA GLY E 92 -28.72 -41.06 23.91
C GLY E 92 -27.45 -41.83 23.63
N TRP E 93 -27.60 -43.03 23.05
CA TRP E 93 -26.43 -43.85 22.76
C TRP E 93 -25.64 -43.30 21.57
N MET E 94 -26.33 -42.75 20.56
CA MET E 94 -25.63 -42.15 19.43
C MET E 94 -24.86 -40.92 19.87
N THR E 95 -25.45 -40.11 20.76
CA THR E 95 -24.74 -38.96 21.30
C THR E 95 -23.50 -39.39 22.08
N SER E 96 -23.58 -40.51 22.80
CA SER E 96 -22.44 -40.98 23.57
C SER E 96 -21.26 -41.34 22.66
N VAL E 97 -21.53 -42.08 21.59
CA VAL E 97 -20.44 -42.45 20.68
C VAL E 97 -19.95 -41.23 19.90
N LYS E 98 -20.83 -40.30 19.58
CA LYS E 98 -20.39 -39.08 18.92
C LYS E 98 -19.45 -38.27 19.81
N ASP E 99 -19.79 -38.14 21.10
CA ASP E 99 -18.92 -37.45 22.03
C ASP E 99 -17.60 -38.20 22.23
N TRP E 100 -17.66 -39.53 22.27
CA TRP E 100 -16.44 -40.32 22.40
C TRP E 100 -15.51 -40.10 21.22
N ALA E 101 -16.07 -40.11 20.01
CA ALA E 101 -15.25 -39.85 18.82
C ALA E 101 -14.70 -38.43 18.82
N GLY E 102 -15.52 -37.46 19.21
CA GLY E 102 -15.05 -36.08 19.28
C GLY E 102 -13.91 -35.91 20.26
N VAL E 103 -13.98 -36.59 21.40
CA VAL E 103 -12.86 -36.58 22.34
C VAL E 103 -11.65 -37.27 21.74
N MET E 104 -11.87 -38.37 21.01
CA MET E 104 -10.77 -39.10 20.41
C MET E 104 -10.08 -38.28 19.32
N ILE E 105 -10.86 -37.58 18.50
CA ILE E 105 -10.26 -36.78 17.43
C ILE E 105 -9.38 -35.68 18.02
N SER E 106 -9.88 -34.98 19.03
CA SER E 106 -9.08 -33.98 19.71
C SER E 106 -8.04 -34.65 20.60
N ALA E 107 -7.02 -33.86 20.97
CA ALA E 107 -5.95 -34.36 21.85
C ALA E 107 -6.28 -34.03 23.31
N GLN E 108 -7.47 -34.47 23.73
CA GLN E 108 -7.93 -34.26 25.09
C GLN E 108 -7.61 -35.43 26.02
N THR E 109 -7.28 -36.60 25.47
CA THR E 109 -6.88 -37.76 26.24
C THR E 109 -5.57 -38.29 25.69
N LEU E 110 -4.94 -39.20 26.45
CA LEU E 110 -3.68 -39.78 26.01
C LEU E 110 -3.84 -40.53 24.70
N THR E 111 -4.93 -41.30 24.57
CA THR E 111 -5.19 -42.01 23.33
C THR E 111 -5.42 -41.02 22.18
N GLY E 112 -6.11 -39.91 22.45
CA GLY E 112 -6.31 -38.91 21.41
C GLY E 112 -5.01 -38.28 20.95
N ARG E 113 -4.12 -37.94 21.88
CA ARG E 113 -2.81 -37.41 21.51
C ARG E 113 -2.00 -38.43 20.71
N VAL E 114 -2.06 -39.70 21.13
CA VAL E 114 -1.33 -40.75 20.41
C VAL E 114 -1.86 -40.86 18.99
N LEU E 115 -3.19 -40.84 18.82
CA LEU E 115 -3.79 -40.92 17.50
C LEU E 115 -3.42 -39.72 16.65
N VAL E 116 -3.39 -38.53 17.24
CA VAL E 116 -3.02 -37.32 16.50
C VAL E 116 -1.57 -37.40 16.02
N VAL E 117 -0.67 -37.82 16.91
CA VAL E 117 0.74 -37.94 16.53
C VAL E 117 0.90 -39.01 15.46
N LEU E 118 0.15 -40.10 15.57
CA LEU E 118 0.20 -41.15 14.55
C LEU E 118 -0.30 -40.64 13.20
N VAL E 119 -1.36 -39.83 13.22
CA VAL E 119 -1.87 -39.25 11.98
C VAL E 119 -0.82 -38.37 11.33
N PHE E 120 -0.16 -37.52 12.13
CA PHE E 120 0.92 -36.69 11.63
C PHE E 120 2.02 -37.54 10.99
N ALA E 121 2.52 -38.52 11.75
CA ALA E 121 3.64 -39.34 11.29
C ALA E 121 3.28 -40.12 10.04
N LEU E 122 2.08 -40.69 9.99
CA LEU E 122 1.70 -41.51 8.84
C LEU E 122 1.36 -40.66 7.62
N SER E 123 0.89 -39.42 7.81
CA SER E 123 0.75 -38.52 6.68
C SER E 123 2.12 -38.20 6.09
N ILE E 124 3.10 -37.92 6.95
CA ILE E 124 4.46 -37.67 6.46
C ILE E 124 4.98 -38.92 5.75
N GLY E 125 4.74 -40.09 6.32
CA GLY E 125 5.21 -41.33 5.71
C GLY E 125 4.56 -41.60 4.36
N ALA E 126 3.26 -41.32 4.25
CA ALA E 126 2.57 -41.50 2.97
C ALA E 126 3.12 -40.54 1.92
N LEU E 127 3.41 -39.30 2.32
CA LEU E 127 4.02 -38.36 1.38
C LEU E 127 5.39 -38.87 0.92
N VAL E 128 6.19 -39.40 1.86
CA VAL E 128 7.50 -39.95 1.50
C VAL E 128 7.35 -41.14 0.57
N ILE E 129 6.37 -42.01 0.84
CA ILE E 129 6.14 -43.18 0.00
C ILE E 129 5.75 -42.78 -1.41
N TYR E 130 4.88 -41.77 -1.52
CA TYR E 130 4.52 -41.27 -2.85
C TYR E 130 5.73 -40.67 -3.55
N PHE E 131 6.60 -39.98 -2.79
CA PHE E 131 7.82 -39.45 -3.37
C PHE E 131 8.71 -40.56 -3.92
N ILE E 132 8.85 -41.65 -3.17
CA ILE E 132 9.68 -42.77 -3.61
C ILE E 132 9.07 -43.45 -4.82
N ASP E 133 7.74 -43.67 -4.79
CA ASP E 133 7.07 -44.40 -5.86
C ASP E 133 6.95 -43.58 -7.14
N SER E 134 7.30 -42.29 -7.10
CA SER E 134 7.20 -41.46 -8.29
C SER E 134 8.19 -41.89 -9.37
N SER E 135 9.34 -42.45 -8.98
CA SER E 135 10.33 -42.88 -9.95
C SER E 135 9.85 -44.06 -10.78
N ASN E 136 8.92 -44.85 -10.24
CA ASN E 136 8.39 -45.98 -10.98
C ASN E 136 7.53 -45.50 -12.16
N PRO E 137 7.36 -46.35 -13.18
CA PRO E 137 6.51 -45.98 -14.31
C PRO E 137 5.08 -45.71 -13.88
N ILE E 138 4.29 -45.20 -14.83
CA ILE E 138 2.90 -44.84 -14.55
C ILE E 138 2.11 -46.08 -14.14
N GLU E 139 2.28 -47.17 -14.87
CA GLU E 139 1.62 -48.43 -14.57
C GLU E 139 2.67 -49.53 -14.45
N SER E 140 2.43 -50.46 -13.52
CA SER E 140 3.32 -51.60 -13.33
C SER E 140 2.57 -52.68 -12.58
N CYS E 141 3.12 -53.89 -12.60
CA CYS E 141 2.59 -55.02 -11.85
C CYS E 141 3.59 -55.40 -10.76
N GLN E 142 3.13 -55.35 -9.52
CA GLN E 142 3.96 -55.69 -8.37
C GLN E 142 3.20 -56.61 -7.44
N ASN E 143 3.89 -57.65 -6.97
CA ASN E 143 3.29 -58.66 -6.12
C ASN E 143 3.20 -58.14 -4.69
N PHE E 144 2.01 -58.22 -4.11
CA PHE E 144 1.79 -57.63 -2.79
C PHE E 144 2.63 -58.30 -1.71
N TYR E 145 2.69 -59.63 -1.71
CA TYR E 145 3.41 -60.35 -0.67
C TYR E 145 4.89 -60.51 -0.98
N LYS E 146 5.36 -60.02 -2.13
CA LYS E 146 6.79 -60.01 -2.44
C LYS E 146 7.34 -58.59 -2.52
N ASP E 147 6.60 -57.59 -2.05
CA ASP E 147 7.05 -56.21 -2.07
C ASP E 147 6.98 -55.63 -0.67
N PHE E 148 7.93 -54.73 -0.38
CA PHE E 148 8.04 -54.12 0.94
C PHE E 148 7.32 -52.79 1.05
N THR E 149 7.06 -52.11 -0.08
CA THR E 149 6.41 -50.80 -0.03
C THR E 149 4.90 -50.94 0.00
N LEU E 150 4.34 -51.89 -0.75
CA LEU E 150 2.90 -52.02 -0.86
C LEU E 150 2.26 -52.38 0.48
N GLN E 151 2.93 -53.24 1.27
CA GLN E 151 2.39 -53.59 2.58
C GLN E 151 2.34 -52.37 3.50
N ILE E 152 3.39 -51.57 3.50
CA ILE E 152 3.41 -50.36 4.34
C ILE E 152 2.34 -49.38 3.88
N ASP E 153 2.16 -49.24 2.56
CA ASP E 153 1.11 -48.37 2.04
C ASP E 153 -0.27 -48.88 2.44
N MET E 154 -0.47 -50.20 2.40
CA MET E 154 -1.75 -50.77 2.81
C MET E 154 -2.02 -50.49 4.27
N ALA E 155 -1.02 -50.67 5.13
CA ALA E 155 -1.19 -50.34 6.55
C ALA E 155 -1.51 -48.87 6.75
N PHE E 156 -0.80 -48.00 6.02
CA PHE E 156 -1.03 -46.56 6.16
C PHE E 156 -2.44 -46.18 5.77
N ASN E 157 -2.93 -46.69 4.63
CA ASN E 157 -4.27 -46.33 4.21
C ASN E 157 -5.35 -47.01 5.04
N VAL E 158 -5.06 -48.17 5.63
CA VAL E 158 -6.00 -48.75 6.59
C VAL E 158 -6.13 -47.86 7.81
N PHE E 159 -5.01 -47.37 8.33
CA PHE E 159 -5.06 -46.43 9.45
C PHE E 159 -5.80 -45.16 9.06
N PHE E 160 -5.57 -44.67 7.84
CA PHE E 160 -6.28 -43.48 7.37
C PHE E 160 -7.78 -43.73 7.26
N LEU E 161 -8.17 -44.93 6.83
CA LEU E 161 -9.59 -45.28 6.78
C LEU E 161 -10.20 -45.31 8.18
N LEU E 162 -9.48 -45.87 9.15
CA LEU E 162 -9.99 -45.86 10.52
C LEU E 162 -10.13 -44.45 11.05
N TYR E 163 -9.14 -43.58 10.76
CA TYR E 163 -9.21 -42.20 11.19
C TYR E 163 -10.37 -41.47 10.52
N PHE E 164 -10.62 -41.76 9.25
CA PHE E 164 -11.77 -41.18 8.56
C PHE E 164 -13.08 -41.62 9.19
N GLY E 165 -13.18 -42.90 9.55
CA GLY E 165 -14.38 -43.36 10.24
C GLY E 165 -14.59 -42.65 11.57
N LEU E 166 -13.49 -42.49 12.34
CA LEU E 166 -13.58 -41.77 13.61
C LEU E 166 -14.03 -40.33 13.40
N ARG E 167 -13.49 -39.67 12.37
CA ARG E 167 -13.91 -38.31 12.06
C ARG E 167 -15.36 -38.25 11.65
N PHE E 168 -15.82 -39.22 10.86
CA PHE E 168 -17.20 -39.24 10.39
C PHE E 168 -18.17 -39.44 11.56
N ILE E 169 -17.79 -40.27 12.53
CA ILE E 169 -18.66 -40.46 13.70
C ILE E 169 -18.81 -39.15 14.46
N ALA E 170 -17.72 -38.40 14.61
CA ALA E 170 -17.74 -37.15 15.35
C ALA E 170 -18.18 -35.95 14.50
N ALA E 171 -18.40 -36.14 13.21
CA ALA E 171 -18.76 -35.02 12.34
C ALA E 171 -20.15 -34.48 12.71
N ASN E 172 -20.27 -33.17 12.71
CA ASN E 172 -21.55 -32.53 13.03
C ASN E 172 -22.52 -32.63 11.85
N ASP E 173 -22.15 -32.07 10.70
CA ASP E 173 -22.95 -32.15 9.49
C ASP E 173 -22.30 -33.14 8.54
N LYS E 174 -23.06 -34.14 8.12
CA LYS E 174 -22.50 -35.20 7.29
C LYS E 174 -22.23 -34.71 5.87
N LEU E 175 -23.16 -33.95 5.30
CA LEU E 175 -23.00 -33.48 3.92
C LEU E 175 -21.80 -32.57 3.78
N TRP E 176 -21.63 -31.63 4.72
CA TRP E 176 -20.50 -30.71 4.63
C TRP E 176 -19.19 -31.36 5.09
N PHE E 177 -19.26 -32.46 5.83
CA PHE E 177 -18.04 -33.22 6.11
C PHE E 177 -17.62 -34.03 4.90
N TRP E 178 -18.58 -34.46 4.08
CA TRP E 178 -18.26 -35.20 2.86
C TRP E 178 -17.48 -34.34 1.88
N LEU E 179 -17.65 -33.03 1.93
CA LEU E 179 -17.01 -32.12 0.98
C LEU E 179 -15.70 -31.53 1.50
N GLU E 180 -15.23 -31.96 2.66
CA GLU E 180 -13.96 -31.45 3.17
C GLU E 180 -12.80 -32.00 2.33
N VAL E 181 -11.68 -31.26 2.37
CA VAL E 181 -10.53 -31.63 1.55
C VAL E 181 -9.93 -32.95 2.01
N ASN E 182 -9.87 -33.17 3.33
CA ASN E 182 -9.30 -34.42 3.84
C ASN E 182 -10.17 -35.61 3.44
N SER E 183 -11.49 -35.44 3.50
CA SER E 183 -12.39 -36.51 3.07
C SER E 183 -12.21 -36.84 1.60
N VAL E 184 -12.06 -35.82 0.75
CA VAL E 184 -11.93 -36.04 -0.68
C VAL E 184 -10.63 -36.80 -0.98
N VAL E 185 -9.52 -36.39 -0.35
CA VAL E 185 -8.27 -37.09 -0.58
C VAL E 185 -8.31 -38.50 -0.03
N ASP E 186 -9.00 -38.74 1.08
CA ASP E 186 -9.17 -40.12 1.55
C ASP E 186 -9.95 -40.94 0.52
N PHE E 187 -11.04 -40.38 -0.01
CA PHE E 187 -11.85 -41.09 -0.99
C PHE E 187 -11.07 -41.41 -2.26
N PHE E 188 -10.22 -40.49 -2.71
CA PHE E 188 -9.47 -40.69 -3.93
C PHE E 188 -8.09 -41.30 -3.69
N THR E 189 -7.76 -41.63 -2.46
CA THR E 189 -6.47 -42.25 -2.18
C THR E 189 -6.58 -43.69 -1.67
N VAL E 190 -7.51 -43.99 -0.79
CA VAL E 190 -7.54 -45.32 -0.18
C VAL E 190 -8.14 -46.37 -1.11
N PRO E 191 -9.31 -46.17 -1.71
CA PRO E 191 -9.89 -47.19 -2.60
C PRO E 191 -8.97 -47.56 -3.76
N PRO E 192 -8.27 -46.60 -4.40
CA PRO E 192 -7.34 -47.01 -5.46
C PRO E 192 -6.23 -47.92 -4.98
N VAL E 193 -5.69 -47.70 -3.77
CA VAL E 193 -4.66 -48.58 -3.26
C VAL E 193 -5.26 -49.95 -2.93
N PHE E 194 -6.48 -49.98 -2.41
CA PHE E 194 -7.15 -51.26 -2.18
C PHE E 194 -7.31 -52.04 -3.48
N VAL E 195 -7.74 -51.36 -4.55
CA VAL E 195 -7.92 -52.03 -5.83
C VAL E 195 -6.57 -52.50 -6.38
N SER E 196 -5.53 -51.68 -6.22
CA SER E 196 -4.21 -52.07 -6.68
C SER E 196 -3.72 -53.32 -5.96
N VAL E 197 -3.94 -53.40 -4.65
CA VAL E 197 -3.59 -54.62 -3.91
C VAL E 197 -4.41 -55.79 -4.40
N TYR E 198 -5.71 -55.56 -4.67
CA TYR E 198 -6.57 -56.64 -5.16
C TYR E 198 -6.12 -57.13 -6.54
N LEU E 199 -5.83 -56.21 -7.46
CA LEU E 199 -5.53 -56.56 -8.83
C LEU E 199 -4.05 -56.82 -9.09
N ASN E 200 -3.20 -56.67 -8.07
CA ASN E 200 -1.75 -56.85 -8.21
C ASN E 200 -1.18 -55.96 -9.31
N ARG E 201 -1.71 -54.74 -9.41
CA ARG E 201 -1.30 -53.80 -10.45
C ARG E 201 -1.43 -52.39 -9.89
N SER E 202 -0.34 -51.65 -9.89
CA SER E 202 -0.27 -50.32 -9.29
C SER E 202 -0.23 -49.26 -10.38
N TRP E 203 -1.13 -48.27 -10.27
CA TRP E 203 -1.17 -47.14 -11.18
C TRP E 203 -0.96 -45.87 -10.39
N LEU E 204 0.00 -45.04 -10.83
CA LEU E 204 0.28 -43.77 -10.19
C LEU E 204 -0.72 -42.75 -10.73
N GLY E 205 -1.93 -42.75 -10.17
CA GLY E 205 -2.97 -41.86 -10.61
C GLY E 205 -3.09 -40.61 -9.77
N LEU E 206 -4.13 -40.54 -8.94
CA LEU E 206 -4.36 -39.41 -8.05
C LEU E 206 -3.66 -39.58 -6.70
N ARG E 207 -2.57 -40.35 -6.66
CA ARG E 207 -1.84 -40.55 -5.42
C ARG E 207 -1.17 -39.26 -4.95
N PHE E 208 -1.01 -38.29 -5.85
CA PHE E 208 -0.40 -37.02 -5.47
C PHE E 208 -1.28 -36.21 -4.53
N LEU E 209 -2.56 -36.59 -4.36
CA LEU E 209 -3.44 -35.87 -3.46
C LEU E 209 -3.04 -36.02 -2.00
N ARG E 210 -2.15 -36.96 -1.68
CA ARG E 210 -1.71 -37.14 -0.31
C ARG E 210 -1.06 -35.88 0.25
N ALA E 211 -0.44 -35.07 -0.62
CA ALA E 211 0.15 -33.82 -0.16
C ALA E 211 -0.90 -32.87 0.39
N LEU E 212 -2.14 -32.99 -0.07
CA LEU E 212 -3.22 -32.20 0.52
C LEU E 212 -3.45 -32.56 1.97
N ARG E 213 -3.21 -33.81 2.36
CA ARG E 213 -3.24 -34.19 3.77
C ARG E 213 -2.23 -33.40 4.59
N LEU E 214 -1.20 -32.85 3.96
CA LEU E 214 -0.25 -31.98 4.63
C LEU E 214 -0.89 -30.70 5.13
N ILE E 215 -2.06 -30.33 4.61
CA ILE E 215 -2.71 -29.09 5.03
C ILE E 215 -3.12 -29.18 6.50
N GLN E 216 -3.69 -30.31 6.92
CA GLN E 216 -4.18 -30.48 8.28
C GLN E 216 -3.02 -30.73 9.24
N PHE E 217 -2.19 -29.70 9.41
CA PHE E 217 -1.10 -29.71 10.37
C PHE E 217 -1.23 -28.65 11.45
N SER E 218 -1.74 -27.47 11.11
CA SER E 218 -1.97 -26.45 12.13
C SER E 218 -3.02 -26.90 13.13
N GLU E 219 -4.08 -27.55 12.65
CA GLU E 219 -5.08 -28.10 13.56
C GLU E 219 -4.49 -29.19 14.43
N ILE E 220 -3.60 -30.01 13.85
CA ILE E 220 -2.91 -31.05 14.62
C ILE E 220 -2.08 -30.44 15.74
N LEU E 221 -1.34 -29.37 15.43
CA LEU E 221 -0.50 -28.73 16.43
C LEU E 221 -1.34 -28.02 17.49
N GLN E 222 -2.46 -27.42 17.09
CA GLN E 222 -3.32 -26.73 18.04
C GLN E 222 -4.03 -27.71 18.97
N PHE E 223 -4.37 -28.90 18.46
CA PHE E 223 -4.99 -29.90 19.33
C PHE E 223 -4.02 -30.33 20.43
N LEU E 224 -2.73 -30.43 20.12
CA LEU E 224 -1.72 -30.86 21.07
C LEU E 224 -1.23 -29.74 21.98
N ASN E 225 -1.79 -28.53 21.85
CA ASN E 225 -1.47 -27.35 22.65
C ASN E 225 -0.04 -26.87 22.45
N ILE E 226 0.69 -27.43 21.48
CA ILE E 226 2.04 -26.96 21.20
C ILE E 226 2.01 -25.57 20.57
N LEU E 227 1.03 -25.32 19.71
CA LEU E 227 0.96 -24.10 18.91
C LEU E 227 -0.13 -23.19 19.49
N LYS E 228 0.29 -22.12 20.17
CA LYS E 228 -0.64 -21.26 20.88
C LYS E 228 -0.66 -19.83 20.36
N THR E 229 0.50 -19.18 20.25
CA THR E 229 0.53 -17.77 19.87
C THR E 229 0.03 -17.57 18.45
N SER E 230 -0.57 -16.39 18.22
CA SER E 230 -1.22 -16.13 16.95
C SER E 230 -0.23 -16.08 15.79
N ASN E 231 0.93 -15.48 15.99
CA ASN E 231 1.90 -15.35 14.91
C ASN E 231 2.37 -16.71 14.42
N SER E 232 2.70 -17.62 15.34
CA SER E 232 3.19 -18.93 14.95
C SER E 232 2.09 -19.76 14.28
N ILE E 233 0.85 -19.63 14.77
CA ILE E 233 -0.27 -20.32 14.13
C ILE E 233 -0.40 -19.88 12.68
N LYS E 234 -0.35 -18.56 12.45
CA LYS E 234 -0.50 -18.03 11.10
C LYS E 234 0.66 -18.45 10.21
N LEU E 235 1.88 -18.44 10.76
CA LEU E 235 3.04 -18.87 9.98
C LEU E 235 2.93 -20.33 9.58
N VAL E 236 2.52 -21.19 10.51
CA VAL E 236 2.37 -22.61 10.19
C VAL E 236 1.27 -22.82 9.16
N ASN E 237 0.16 -22.08 9.30
CA ASN E 237 -0.92 -22.16 8.31
C ASN E 237 -0.42 -21.80 6.92
N LEU E 238 0.28 -20.66 6.81
CA LEU E 238 0.76 -20.21 5.51
C LEU E 238 1.75 -21.21 4.91
N LEU E 239 2.69 -21.69 5.73
CA LEU E 239 3.69 -22.63 5.23
C LEU E 239 3.04 -23.92 4.76
N SER E 240 2.11 -24.46 5.56
CA SER E 240 1.46 -25.71 5.19
C SER E 240 0.65 -25.56 3.91
N ILE E 241 -0.12 -24.47 3.80
CA ILE E 241 -0.92 -24.26 2.60
C ILE E 241 -0.04 -24.12 1.37
N PHE E 242 1.03 -23.32 1.48
CA PHE E 242 1.92 -23.10 0.36
C PHE E 242 2.57 -24.40 -0.10
N ILE E 243 3.15 -25.15 0.84
CA ILE E 243 3.87 -26.36 0.48
C ILE E 243 2.90 -27.40 -0.08
N SER E 244 1.73 -27.54 0.53
CA SER E 244 0.76 -28.53 0.06
C SER E 244 0.28 -28.20 -1.35
N THR E 245 -0.05 -26.94 -1.60
CA THR E 245 -0.49 -26.56 -2.94
C THR E 245 0.62 -26.77 -3.97
N TRP E 246 1.84 -26.39 -3.62
CA TRP E 246 2.97 -26.58 -4.52
C TRP E 246 3.14 -28.05 -4.88
N LEU E 247 3.16 -28.93 -3.87
CA LEU E 247 3.37 -30.35 -4.12
C LEU E 247 2.21 -30.96 -4.90
N THR E 248 0.98 -30.56 -4.58
CA THR E 248 -0.17 -31.11 -5.29
C THR E 248 -0.17 -30.70 -6.75
N ALA E 249 0.14 -29.43 -7.03
CA ALA E 249 0.21 -28.98 -8.42
C ALA E 249 1.33 -29.69 -9.17
N ALA E 250 2.49 -29.87 -8.52
CA ALA E 250 3.58 -30.58 -9.15
C ALA E 250 3.21 -32.02 -9.46
N GLY E 251 2.54 -32.69 -8.52
CA GLY E 251 2.11 -34.06 -8.77
C GLY E 251 1.09 -34.17 -9.89
N PHE E 252 0.16 -33.23 -9.95
CA PHE E 252 -0.82 -33.23 -11.04
C PHE E 252 -0.13 -33.02 -12.39
N ILE E 253 0.84 -32.11 -12.45
CA ILE E 253 1.59 -31.90 -13.69
C ILE E 253 2.35 -33.16 -14.06
N HIS E 254 2.96 -33.83 -13.08
CA HIS E 254 3.69 -35.07 -13.36
C HIS E 254 2.76 -36.12 -13.95
N LEU E 255 1.58 -36.30 -13.34
CA LEU E 255 0.63 -37.29 -13.83
C LEU E 255 0.16 -36.94 -15.25
N VAL E 256 -0.13 -35.66 -15.50
CA VAL E 256 -0.66 -35.26 -16.79
C VAL E 256 0.40 -35.39 -17.89
N GLU E 257 1.63 -34.96 -17.60
CA GLU E 257 2.67 -35.00 -18.62
C GLU E 257 3.12 -36.43 -18.90
N ASN E 258 3.23 -37.26 -17.85
CA ASN E 258 3.64 -38.64 -18.06
C ASN E 258 2.56 -39.45 -18.76
N SER E 259 1.29 -39.18 -18.45
CA SER E 259 0.16 -39.87 -19.05
C SER E 259 -0.53 -38.89 -20.01
N GLY E 260 -0.19 -38.99 -21.29
CA GLY E 260 -0.70 -38.10 -22.30
C GLY E 260 -2.21 -38.01 -22.39
N ASP E 261 -2.71 -37.03 -23.13
CA ASP E 261 -4.15 -36.82 -23.24
C ASP E 261 -4.81 -38.03 -23.88
N PRO E 262 -5.92 -38.52 -23.32
CA PRO E 262 -6.54 -39.75 -23.84
C PRO E 262 -6.97 -39.66 -25.30
N TRP E 263 -7.44 -38.50 -25.75
CA TRP E 263 -7.94 -38.39 -27.12
C TRP E 263 -6.82 -38.48 -28.15
N GLU E 264 -5.56 -38.37 -27.74
CA GLU E 264 -4.42 -38.52 -28.64
C GLU E 264 -3.73 -39.87 -28.49
N ASN E 265 -4.42 -40.85 -27.88
CA ASN E 265 -3.91 -42.21 -27.71
C ASN E 265 -2.63 -42.24 -26.88
N PHE E 266 -2.53 -41.31 -25.92
CA PHE E 266 -1.41 -41.25 -24.99
C PHE E 266 -0.06 -41.19 -25.71
N GLN E 267 0.01 -40.37 -26.75
CA GLN E 267 1.20 -40.24 -27.57
C GLN E 267 2.00 -38.99 -27.28
N ASN E 268 1.76 -38.34 -26.14
CA ASN E 268 2.44 -37.11 -25.77
C ASN E 268 3.20 -37.26 -24.45
N ASN E 269 3.82 -38.42 -24.23
CA ASN E 269 4.60 -38.65 -23.03
C ASN E 269 5.87 -37.80 -23.05
N GLN E 270 5.91 -36.77 -22.21
CA GLN E 270 7.07 -35.90 -22.12
C GLN E 270 8.18 -36.46 -21.24
N ALA E 271 7.88 -37.48 -20.43
CA ALA E 271 8.86 -38.12 -19.55
C ALA E 271 9.51 -37.09 -18.61
N LEU E 272 8.68 -36.51 -17.76
CA LEU E 272 9.12 -35.51 -16.78
C LEU E 272 9.21 -36.15 -15.40
N THR E 273 10.38 -36.03 -14.78
CA THR E 273 10.54 -36.50 -13.42
C THR E 273 9.76 -35.60 -12.45
N TYR E 274 9.45 -36.16 -11.28
CA TYR E 274 8.67 -35.42 -10.29
C TYR E 274 9.42 -34.18 -9.82
N TRP E 275 10.75 -34.30 -9.66
CA TRP E 275 11.55 -33.14 -9.28
C TRP E 275 11.51 -32.06 -10.36
N GLU E 276 11.54 -32.49 -11.63
CA GLU E 276 11.45 -31.53 -12.73
C GLU E 276 10.11 -30.80 -12.69
N CYS E 277 9.03 -31.50 -12.37
CA CYS E 277 7.73 -30.86 -12.27
C CYS E 277 7.68 -29.90 -11.08
N VAL E 278 8.32 -30.26 -9.96
CA VAL E 278 8.40 -29.35 -8.82
C VAL E 278 9.14 -28.07 -9.22
N TYR E 279 10.24 -28.22 -9.94
CA TYR E 279 10.99 -27.07 -10.42
C TYR E 279 10.16 -26.22 -11.38
N LEU E 280 9.43 -26.86 -12.28
CA LEU E 280 8.58 -26.13 -13.22
C LEU E 280 7.49 -25.35 -12.50
N LEU E 281 6.86 -25.95 -11.50
CA LEU E 281 5.83 -25.25 -10.73
C LEU E 281 6.43 -24.10 -9.94
N MET E 282 7.63 -24.29 -9.38
CA MET E 282 8.29 -23.20 -8.65
C MET E 282 8.60 -22.04 -9.60
N VAL E 283 9.07 -22.35 -10.81
CA VAL E 283 9.42 -21.29 -11.76
C VAL E 283 8.18 -20.57 -12.27
N THR E 284 7.11 -21.33 -12.58
CA THR E 284 5.93 -20.74 -13.20
C THR E 284 5.21 -19.79 -12.24
N MET E 285 4.98 -20.24 -11.01
CA MET E 285 4.27 -19.40 -10.05
C MET E 285 5.15 -18.28 -9.49
N SER E 286 6.45 -18.30 -9.78
CA SER E 286 7.33 -17.20 -9.42
C SER E 286 7.45 -16.15 -10.52
N THR E 287 6.70 -16.29 -11.62
CA THR E 287 6.61 -15.36 -12.73
C THR E 287 7.87 -15.35 -13.58
N VAL E 288 8.95 -16.04 -13.17
CA VAL E 288 10.22 -15.93 -13.87
C VAL E 288 10.12 -16.55 -15.26
N GLY E 289 9.77 -17.83 -15.33
CA GLY E 289 9.49 -18.45 -16.62
C GLY E 289 10.68 -18.60 -17.53
N TYR E 290 11.63 -19.47 -17.15
CA TYR E 290 12.77 -19.74 -18.01
C TYR E 290 12.34 -20.31 -19.35
N GLY E 291 11.39 -21.24 -19.34
CA GLY E 291 10.94 -21.89 -20.55
C GLY E 291 11.70 -23.14 -20.93
N ASP E 292 12.74 -23.50 -20.19
CA ASP E 292 13.45 -24.75 -20.48
C ASP E 292 12.56 -25.95 -20.22
N VAL E 293 11.76 -25.92 -19.17
CA VAL E 293 10.81 -26.97 -18.83
C VAL E 293 9.41 -26.36 -18.85
N TYR E 294 8.50 -26.99 -19.58
CA TYR E 294 7.14 -26.50 -19.67
C TYR E 294 6.23 -27.65 -20.09
N ALA E 295 4.93 -27.45 -19.90
CA ALA E 295 3.94 -28.45 -20.25
C ALA E 295 3.61 -28.38 -21.73
N LYS E 296 3.57 -29.53 -22.39
CA LYS E 296 3.28 -29.62 -23.81
C LYS E 296 1.96 -30.30 -24.13
N THR E 297 1.43 -31.11 -23.22
CA THR E 297 0.16 -31.76 -23.46
C THR E 297 -0.99 -30.76 -23.34
N THR E 298 -2.12 -31.09 -23.97
CA THR E 298 -3.28 -30.21 -23.93
C THR E 298 -3.81 -30.05 -22.51
N LEU E 299 -3.89 -31.14 -21.76
CA LEU E 299 -4.36 -31.05 -20.38
C LEU E 299 -3.36 -30.30 -19.50
N GLY E 300 -2.07 -30.51 -19.74
CA GLY E 300 -1.06 -29.79 -18.96
C GLY E 300 -1.11 -28.29 -19.18
N ARG E 301 -1.26 -27.87 -20.44
CA ARG E 301 -1.37 -26.45 -20.73
C ARG E 301 -2.64 -25.86 -20.13
N LEU E 302 -3.75 -26.62 -20.18
CA LEU E 302 -4.99 -26.15 -19.59
C LEU E 302 -4.86 -25.96 -18.08
N PHE E 303 -4.22 -26.94 -17.40
CA PHE E 303 -4.04 -26.80 -15.97
C PHE E 303 -3.07 -25.67 -15.64
N MET E 304 -2.05 -25.46 -16.46
CA MET E 304 -1.16 -24.31 -16.26
C MET E 304 -1.92 -23.01 -16.38
N VAL E 305 -2.80 -22.90 -17.38
CA VAL E 305 -3.58 -21.67 -17.56
C VAL E 305 -4.50 -21.45 -16.38
N PHE E 306 -5.20 -22.50 -15.93
CA PHE E 306 -6.12 -22.36 -14.82
C PHE E 306 -5.44 -22.30 -13.47
N PHE E 307 -4.14 -22.57 -13.40
CA PHE E 307 -3.39 -22.53 -12.15
C PHE E 307 -2.59 -21.24 -12.00
N ILE E 308 -2.24 -20.58 -13.11
CA ILE E 308 -1.51 -19.32 -13.02
C ILE E 308 -2.30 -18.30 -12.21
N LEU E 309 -3.59 -18.17 -12.51
CA LEU E 309 -4.42 -17.16 -11.85
C LEU E 309 -4.48 -17.39 -10.34
N GLY E 310 -4.65 -18.65 -9.92
CA GLY E 310 -4.73 -18.96 -8.52
C GLY E 310 -3.42 -19.19 -7.81
N GLY E 311 -2.31 -19.22 -8.53
CA GLY E 311 -1.03 -19.48 -7.91
C GLY E 311 -0.09 -18.29 -7.86
N LEU E 312 -0.13 -17.41 -8.86
CA LEU E 312 0.71 -16.22 -8.82
C LEU E 312 0.33 -15.33 -7.63
N ALA E 313 -0.97 -15.10 -7.44
CA ALA E 313 -1.43 -14.31 -6.30
C ALA E 313 -1.07 -15.00 -4.99
N MET E 314 -1.24 -16.32 -4.93
CA MET E 314 -0.89 -17.06 -3.72
C MET E 314 0.58 -16.89 -3.38
N PHE E 315 1.46 -17.03 -4.36
CA PHE E 315 2.89 -16.88 -4.13
C PHE E 315 3.20 -15.45 -3.67
N ALA E 316 2.71 -14.45 -4.40
CA ALA E 316 3.01 -13.07 -4.09
C ALA E 316 2.44 -12.63 -2.75
N SER E 317 1.38 -13.26 -2.27
CA SER E 317 0.80 -12.91 -0.98
C SER E 317 1.34 -13.74 0.17
N TYR E 318 1.91 -14.92 -0.11
CA TYR E 318 2.41 -15.80 0.94
C TYR E 318 3.90 -15.65 1.20
N VAL E 319 4.73 -15.62 0.15
CA VAL E 319 6.18 -15.63 0.36
C VAL E 319 6.66 -14.38 1.11
N PRO E 320 6.32 -13.16 0.70
CA PRO E 320 6.75 -12.00 1.51
C PRO E 320 6.18 -12.02 2.92
N GLU E 321 4.93 -12.48 3.08
CA GLU E 321 4.33 -12.52 4.40
C GLU E 321 4.98 -13.59 5.26
N ILE E 322 5.29 -14.76 4.67
CA ILE E 322 6.00 -15.80 5.41
C ILE E 322 7.37 -15.29 5.86
N ILE E 323 8.06 -14.58 4.97
CA ILE E 323 9.35 -13.99 5.34
C ILE E 323 9.17 -13.00 6.49
N GLU E 324 8.11 -12.18 6.44
CA GLU E 324 7.87 -11.20 7.49
C GLU E 324 7.63 -11.86 8.84
N LEU E 325 6.81 -12.92 8.87
CA LEU E 325 6.56 -13.60 10.14
C LEU E 325 7.82 -14.31 10.65
N ILE E 326 8.64 -14.84 9.74
CA ILE E 326 9.89 -15.48 10.17
C ILE E 326 10.85 -14.44 10.76
N GLY E 327 10.86 -13.23 10.21
CA GLY E 327 11.78 -12.20 10.64
C GLY E 327 11.42 -11.49 11.94
N ASN E 328 10.33 -11.87 12.58
CA ASN E 328 9.93 -11.26 13.84
C ASN E 328 10.86 -11.76 14.94
N ARG E 329 11.74 -10.89 15.41
CA ARG E 329 12.73 -11.25 16.43
C ARG E 329 13.08 -10.02 17.25
N LYS E 330 13.61 -10.27 18.44
CA LYS E 330 14.07 -9.20 19.32
C LYS E 330 15.57 -9.01 19.12
N LYS E 331 15.94 -7.92 18.45
CA LYS E 331 17.35 -7.68 18.16
C LYS E 331 18.15 -7.39 19.43
N TYR E 332 17.64 -6.47 20.26
CA TYR E 332 18.35 -6.07 21.48
C TYR E 332 17.82 -6.81 22.69
N GLY E 333 18.04 -8.13 22.68
CA GLY E 333 17.68 -8.98 23.80
C GLY E 333 18.88 -9.35 24.64
N GLY E 334 18.68 -10.35 25.49
CA GLY E 334 19.74 -10.84 26.33
C GLY E 334 19.93 -10.00 27.59
N SER E 335 20.86 -10.46 28.43
CA SER E 335 21.17 -9.80 29.68
C SER E 335 22.58 -9.22 29.62
N TYR E 336 22.91 -8.42 30.65
CA TYR E 336 24.21 -7.79 30.75
C TYR E 336 25.08 -8.59 31.71
N SER E 337 26.31 -8.87 31.30
CA SER E 337 27.26 -9.60 32.13
C SER E 337 28.00 -8.62 33.03
N ALA E 338 27.96 -8.88 34.33
CA ALA E 338 28.60 -8.00 35.31
C ALA E 338 30.10 -8.31 35.35
N VAL E 339 30.91 -7.34 34.94
CA VAL E 339 32.36 -7.51 34.95
C VAL E 339 32.90 -7.07 36.30
N SER E 340 33.75 -7.89 36.89
CA SER E 340 34.33 -7.58 38.19
C SER E 340 35.38 -6.48 38.08
N GLY E 341 35.42 -5.62 39.09
CA GLY E 341 36.37 -4.53 39.13
C GLY E 341 35.97 -3.30 38.34
N ARG E 342 34.82 -3.31 37.66
CA ARG E 342 34.36 -2.17 36.89
C ARG E 342 32.88 -1.98 37.18
N LYS E 343 32.53 -0.88 37.84
CA LYS E 343 31.14 -0.59 38.16
C LYS E 343 30.40 -0.11 36.93
N HIS E 344 29.08 -0.35 36.93
CA HIS E 344 28.23 0.02 35.81
C HIS E 344 26.97 0.71 36.33
N ILE E 345 26.39 1.56 35.49
CA ILE E 345 25.16 2.28 35.84
C ILE E 345 24.11 1.98 34.78
N VAL E 346 22.85 2.14 35.19
CA VAL E 346 21.71 1.89 34.31
C VAL E 346 20.99 3.22 34.06
N VAL E 347 20.76 3.52 32.80
CA VAL E 347 20.09 4.75 32.39
C VAL E 347 18.79 4.38 31.67
N CYS E 348 17.67 4.90 32.16
CA CYS E 348 16.37 4.65 31.57
C CYS E 348 15.60 5.96 31.51
N GLY E 349 14.34 5.87 31.12
CA GLY E 349 13.48 7.04 31.02
C GLY E 349 13.31 7.48 29.57
N HIS E 350 13.37 8.78 29.34
CA HIS E 350 13.25 9.35 28.00
C HIS E 350 14.59 9.21 27.29
N ILE E 351 14.67 8.25 26.37
CA ILE E 351 15.88 7.99 25.60
C ILE E 351 15.64 8.46 24.18
N THR E 352 16.49 9.37 23.71
CA THR E 352 16.37 9.95 22.38
C THR E 352 17.77 10.23 21.86
N LEU E 353 17.87 10.41 20.54
CA LEU E 353 19.18 10.60 19.91
C LEU E 353 19.91 11.80 20.51
N GLU E 354 19.22 12.93 20.66
CA GLU E 354 19.87 14.13 21.17
C GLU E 354 20.19 14.00 22.66
N SER E 355 19.24 13.50 23.45
CA SER E 355 19.45 13.40 24.90
C SER E 355 20.56 12.41 25.22
N VAL E 356 20.55 11.25 24.55
CA VAL E 356 21.58 10.25 24.78
C VAL E 356 22.95 10.78 24.35
N SER E 357 23.01 11.47 23.21
CA SER E 357 24.29 12.02 22.75
C SER E 357 24.82 13.05 23.74
N ASN E 358 23.95 13.94 24.22
CA ASN E 358 24.38 14.94 25.20
C ASN E 358 24.87 14.28 26.49
N PHE E 359 24.12 13.29 26.97
CA PHE E 359 24.53 12.60 28.19
C PHE E 359 25.86 11.90 28.02
N LEU E 360 26.07 11.25 26.86
CA LEU E 360 27.33 10.55 26.61
C LEU E 360 28.50 11.53 26.49
N LYS E 361 28.30 12.64 25.79
CA LYS E 361 29.41 13.58 25.62
C LYS E 361 29.70 14.33 26.92
N ASP E 362 28.73 14.42 27.83
CA ASP E 362 29.00 15.06 29.11
C ASP E 362 29.51 14.06 30.15
N PHE E 363 29.01 12.83 30.12
CA PHE E 363 29.48 11.82 31.07
C PHE E 363 30.89 11.36 30.74
N LEU E 364 31.18 11.14 29.46
CA LEU E 364 32.44 10.55 29.03
C LEU E 364 33.46 11.58 28.57
N HIS E 365 33.36 12.82 29.05
CA HIS E 365 34.33 13.84 28.64
C HIS E 365 35.70 13.54 29.21
N LYS E 366 36.74 13.92 28.46
CA LYS E 366 38.11 13.70 28.91
C LYS E 366 38.49 14.60 30.08
N ASP E 367 37.66 15.60 30.40
CA ASP E 367 37.99 16.52 31.49
C ASP E 367 38.03 15.79 32.83
N ARG E 368 37.11 14.85 33.06
CA ARG E 368 37.07 14.13 34.31
C ARG E 368 38.26 13.18 34.43
N ASP E 369 38.42 12.61 35.62
CA ASP E 369 39.54 11.72 35.90
C ASP E 369 39.40 10.43 35.11
N ASP E 370 40.48 9.63 35.13
CA ASP E 370 40.52 8.36 34.40
C ASP E 370 39.68 7.34 35.17
N VAL E 371 38.37 7.39 34.92
CA VAL E 371 37.41 6.51 35.57
C VAL E 371 36.72 5.68 34.50
N ASN E 372 36.59 4.38 34.75
CA ASN E 372 36.03 3.43 33.79
C ASN E 372 34.68 2.93 34.31
N VAL E 373 33.63 3.69 34.04
CA VAL E 373 32.26 3.32 34.37
C VAL E 373 31.51 3.03 33.08
N GLU E 374 30.88 1.87 33.02
CA GLU E 374 30.17 1.41 31.83
C GLU E 374 28.69 1.75 31.96
N ILE E 375 28.11 2.26 30.88
CA ILE E 375 26.73 2.74 30.87
C ILE E 375 25.86 1.72 30.15
N VAL E 376 24.73 1.36 30.76
CA VAL E 376 23.79 0.41 30.20
C VAL E 376 22.45 1.12 30.04
N PHE E 377 21.90 1.11 28.83
CA PHE E 377 20.63 1.75 28.56
C PHE E 377 19.50 0.73 28.53
N LEU E 378 18.31 1.15 28.96
CA LEU E 378 17.15 0.28 29.04
C LEU E 378 15.94 1.09 28.57
N HIS E 379 15.49 0.83 27.35
CA HIS E 379 14.35 1.54 26.78
C HIS E 379 13.45 0.54 26.07
N ASN E 380 12.14 0.85 26.05
CA ASN E 380 11.18 -0.03 25.40
C ASN E 380 11.29 0.06 23.88
N ILE E 381 11.41 1.27 23.34
CA ILE E 381 11.46 1.47 21.89
C ILE E 381 12.86 1.14 21.38
N SER E 382 12.93 0.31 20.35
CA SER E 382 14.22 -0.02 19.76
C SER E 382 14.85 1.21 19.13
N PRO E 383 16.16 1.38 19.25
CA PRO E 383 16.80 2.57 18.68
C PRO E 383 16.75 2.58 17.16
N ASN E 384 16.71 3.78 16.60
CA ASN E 384 16.73 3.93 15.15
C ASN E 384 18.17 3.85 14.65
N LEU E 385 18.34 4.05 13.34
CA LEU E 385 19.67 3.91 12.73
C LEU E 385 20.65 4.93 13.30
N GLU E 386 20.19 6.17 13.52
CA GLU E 386 21.07 7.20 14.06
C GLU E 386 21.51 6.85 15.48
N LEU E 387 20.59 6.36 16.32
CA LEU E 387 20.97 5.99 17.68
C LEU E 387 21.87 4.77 17.70
N GLU E 388 21.61 3.80 16.82
CA GLU E 388 22.51 2.65 16.71
C GLU E 388 23.88 3.08 16.24
N ALA E 389 23.94 4.02 15.29
CA ALA E 389 25.23 4.54 14.84
C ALA E 389 25.97 5.24 15.97
N LEU E 390 25.24 6.01 16.79
CA LEU E 390 25.85 6.65 17.95
C LEU E 390 26.39 5.63 18.93
N PHE E 391 25.64 4.55 19.16
CA PHE E 391 26.11 3.50 20.06
C PHE E 391 27.31 2.77 19.48
N LYS E 392 27.42 2.68 18.15
CA LYS E 392 28.57 2.02 17.54
C LYS E 392 29.85 2.81 17.81
N ARG E 393 29.78 4.14 17.81
CA ARG E 393 30.93 4.96 18.12
C ARG E 393 31.34 4.87 19.58
N HIS E 394 30.52 4.26 20.42
CA HIS E 394 30.84 4.02 21.83
C HIS E 394 30.82 2.53 22.10
N PHE E 395 31.47 1.75 21.23
CA PHE E 395 31.32 0.30 21.22
C PHE E 395 31.70 -0.33 22.56
N THR E 396 32.82 0.09 23.14
CA THR E 396 33.33 -0.54 24.35
C THR E 396 32.87 0.17 25.62
N GLN E 397 32.01 1.18 25.51
CA GLN E 397 31.63 1.98 26.66
C GLN E 397 30.15 1.93 27.00
N VAL E 398 29.28 1.65 26.02
CA VAL E 398 27.84 1.61 26.27
C VAL E 398 27.25 0.33 25.69
N GLU E 399 26.10 -0.06 26.25
CA GLU E 399 25.31 -1.17 25.74
C GLU E 399 23.83 -0.81 25.84
N PHE E 400 23.04 -1.40 24.95
CA PHE E 400 21.60 -1.20 24.92
C PHE E 400 20.89 -2.53 25.09
N TYR E 401 19.84 -2.56 25.91
CA TYR E 401 19.01 -3.74 26.11
C TYR E 401 17.56 -3.31 26.06
N GLN E 402 16.83 -3.80 25.05
CA GLN E 402 15.44 -3.42 24.88
C GLN E 402 14.57 -4.09 25.93
N GLY E 403 13.76 -3.29 26.61
CA GLY E 403 12.89 -3.82 27.65
C GLY E 403 12.19 -2.69 28.36
N SER E 404 11.32 -3.08 29.29
CA SER E 404 10.52 -2.14 30.08
C SER E 404 11.06 -2.08 31.50
N VAL E 405 11.26 -0.87 32.01
CA VAL E 405 11.72 -0.71 33.39
C VAL E 405 10.64 -1.15 34.38
N LEU E 406 9.37 -1.16 33.97
CA LEU E 406 8.31 -1.61 34.86
C LEU E 406 8.40 -3.10 35.11
N ASN E 407 8.86 -3.86 34.12
CA ASN E 407 8.96 -5.31 34.26
C ASN E 407 10.11 -5.68 35.19
N PRO E 408 9.85 -6.41 36.28
CA PRO E 408 10.95 -6.85 37.14
C PRO E 408 11.94 -7.78 36.46
N HIS E 409 11.51 -8.46 35.39
CA HIS E 409 12.43 -9.35 34.67
C HIS E 409 13.51 -8.55 33.93
N ASP E 410 13.11 -7.43 33.30
CA ASP E 410 14.08 -6.59 32.62
C ASP E 410 15.06 -5.94 33.60
N LEU E 411 14.59 -5.62 34.81
CA LEU E 411 15.49 -5.09 35.82
C LEU E 411 16.55 -6.11 36.21
N ALA E 412 16.16 -7.39 36.32
CA ALA E 412 17.14 -8.44 36.53
C ALA E 412 18.03 -8.65 35.33
N ARG E 413 17.53 -8.37 34.12
CA ARG E 413 18.33 -8.55 32.92
C ARG E 413 19.52 -7.60 32.90
N VAL E 414 19.31 -6.34 33.32
CA VAL E 414 20.40 -5.36 33.36
C VAL E 414 21.22 -5.44 34.63
N LYS E 415 20.86 -6.33 35.55
CA LYS E 415 21.63 -6.58 36.79
C LYS E 415 21.77 -5.30 37.61
N ILE E 416 20.63 -4.81 38.09
CA ILE E 416 20.64 -3.66 39.00
C ILE E 416 21.26 -4.03 40.35
N GLU E 417 21.33 -5.32 40.67
CA GLU E 417 21.91 -5.75 41.93
C GLU E 417 23.34 -5.23 42.09
N SER E 418 24.11 -5.26 41.01
CA SER E 418 25.48 -4.77 41.02
C SER E 418 25.61 -3.38 40.40
N ALA E 419 24.51 -2.77 39.97
CA ALA E 419 24.56 -1.44 39.39
C ALA E 419 24.94 -0.41 40.43
N ASP E 420 25.78 0.55 40.03
CA ASP E 420 26.21 1.60 40.94
C ASP E 420 25.10 2.63 41.16
N ALA E 421 24.36 2.99 40.11
CA ALA E 421 23.32 3.99 40.22
C ALA E 421 22.32 3.79 39.10
N CYS E 422 21.13 4.37 39.29
CA CYS E 422 20.07 4.34 38.29
C CYS E 422 19.72 5.76 37.91
N LEU E 423 19.71 6.04 36.60
CA LEU E 423 19.52 7.38 36.08
C LEU E 423 18.26 7.39 35.20
N ILE E 424 17.35 8.31 35.49
CA ILE E 424 16.09 8.42 34.77
C ILE E 424 16.05 9.81 34.11
N LEU E 425 15.96 9.83 32.79
CA LEU E 425 15.80 11.08 32.07
C LEU E 425 14.32 11.43 31.95
N ALA E 426 14.03 12.72 31.76
CA ALA E 426 12.67 13.22 31.69
C ALA E 426 12.46 13.99 30.39
N ASN E 427 11.24 13.87 29.85
CA ASN E 427 10.85 14.60 28.64
C ASN E 427 10.40 15.99 29.06
N LYS E 428 11.35 16.92 29.08
CA LYS E 428 11.05 18.27 29.54
C LYS E 428 10.06 18.97 28.61
N TYR E 429 10.21 18.79 27.31
CA TYR E 429 9.42 19.50 26.31
C TYR E 429 8.12 18.76 26.01
N CYS E 430 7.34 18.50 27.06
CA CYS E 430 6.13 17.71 26.96
C CYS E 430 4.89 18.59 26.98
N ALA E 431 3.76 18.00 26.56
CA ALA E 431 2.48 18.68 26.62
C ALA E 431 1.74 18.45 27.92
N ASP E 432 2.22 17.54 28.78
CA ASP E 432 1.57 17.24 30.06
C ASP E 432 2.65 16.96 31.09
N PRO E 433 3.16 17.99 31.77
CA PRO E 433 4.15 17.75 32.83
C PRO E 433 3.63 16.85 33.94
N ASP E 434 2.34 16.94 34.27
CA ASP E 434 1.77 16.06 35.30
C ASP E 434 1.83 14.60 34.86
N ALA E 435 1.48 14.33 33.60
CA ALA E 435 1.55 12.96 33.10
C ALA E 435 2.98 12.45 33.05
N GLU E 436 3.91 13.30 32.61
CA GLU E 436 5.31 12.87 32.58
C GLU E 436 5.85 12.61 33.97
N ASP E 437 5.48 13.44 34.94
CA ASP E 437 5.90 13.20 36.32
C ASP E 437 5.27 11.93 36.88
N ALA E 438 4.07 11.62 36.43
CA ALA E 438 3.41 10.41 36.85
C ALA E 438 4.13 9.16 36.37
N SER E 439 4.41 9.09 35.07
CA SER E 439 5.12 7.95 34.53
C SER E 439 6.45 7.81 35.22
N ASN E 440 7.13 8.93 35.40
CA ASN E 440 8.43 8.89 36.02
C ASN E 440 8.34 8.48 37.47
N ILE E 441 7.40 9.01 38.23
CA ILE E 441 7.35 8.66 39.64
C ILE E 441 7.16 7.17 39.69
N MET E 442 6.45 6.66 38.70
CA MET E 442 6.23 5.23 38.64
C MET E 442 7.53 4.51 38.36
N ARG E 443 8.38 5.09 37.53
CA ARG E 443 9.59 4.38 37.17
C ARG E 443 10.43 4.27 38.42
N VAL E 444 10.33 5.25 39.30
CA VAL E 444 11.10 5.25 40.52
C VAL E 444 10.53 4.23 41.45
N ILE E 445 9.22 4.16 41.52
CA ILE E 445 8.58 3.14 42.34
C ILE E 445 8.97 1.76 41.86
N SER E 446 8.78 1.47 40.58
CA SER E 446 9.07 0.15 40.06
C SER E 446 10.52 -0.25 40.33
N ILE E 447 11.45 0.69 40.16
CA ILE E 447 12.85 0.41 40.48
C ILE E 447 13.01 0.15 41.97
N LYS E 448 12.32 0.92 42.82
CA LYS E 448 12.42 0.74 44.26
C LYS E 448 11.88 -0.61 44.70
N ASN E 449 10.80 -1.07 44.08
CA ASN E 449 10.20 -2.35 44.47
C ASN E 449 11.17 -3.49 44.26
N TYR E 450 11.91 -3.48 43.16
CA TYR E 450 12.86 -4.55 42.88
C TYR E 450 14.09 -4.47 43.79
N HIS E 451 14.62 -3.27 44.00
CA HIS E 451 15.85 -3.10 44.77
C HIS E 451 15.81 -1.74 45.47
N PRO E 452 15.38 -1.70 46.73
CA PRO E 452 15.40 -0.42 47.47
C PRO E 452 16.80 0.16 47.64
N LYS E 453 17.82 -0.68 47.74
CA LYS E 453 19.17 -0.22 48.05
C LYS E 453 19.80 0.61 46.94
N ILE E 454 19.26 0.57 45.72
CA ILE E 454 19.85 1.32 44.62
C ILE E 454 19.61 2.81 44.83
N ARG E 455 20.54 3.63 44.33
CA ARG E 455 20.42 5.07 44.39
C ARG E 455 19.91 5.60 43.05
N ILE E 456 19.09 6.64 43.11
CA ILE E 456 18.38 7.15 41.95
C ILE E 456 18.68 8.64 41.77
N ILE E 457 19.09 9.00 40.57
CA ILE E 457 19.23 10.40 40.15
C ILE E 457 18.22 10.65 39.06
N THR E 458 17.26 11.54 39.31
CA THR E 458 16.13 11.71 38.41
C THR E 458 15.81 13.19 38.26
N GLN E 459 15.07 13.50 37.18
CA GLN E 459 14.64 14.85 36.88
C GLN E 459 13.14 14.96 37.10
N MET E 460 12.73 16.02 37.81
CA MET E 460 11.32 16.29 38.08
C MET E 460 10.96 17.65 37.53
N LEU E 461 9.84 17.72 36.80
CA LEU E 461 9.42 18.96 36.17
C LEU E 461 8.62 19.85 37.10
N GLN E 462 8.14 19.34 38.23
CA GLN E 462 7.35 20.12 39.18
C GLN E 462 7.84 19.85 40.60
N TYR E 463 7.50 20.77 41.50
CA TYR E 463 7.94 20.65 42.89
C TYR E 463 7.00 19.79 43.72
N HIS E 464 5.70 19.78 43.43
CA HIS E 464 4.79 18.94 44.19
C HIS E 464 5.04 17.46 43.92
N ASN E 465 5.41 17.11 42.68
CA ASN E 465 5.78 15.73 42.40
C ASN E 465 7.07 15.34 43.12
N LYS E 466 8.03 16.26 43.21
CA LYS E 466 9.24 16.00 43.98
C LYS E 466 8.90 15.78 45.46
N ALA E 467 7.97 16.57 45.99
CA ALA E 467 7.51 16.34 47.36
C ALA E 467 6.84 14.98 47.50
N HIS E 468 6.05 14.58 46.50
CA HIS E 468 5.45 13.26 46.50
C HIS E 468 6.52 12.16 46.49
N LEU E 469 7.66 12.44 45.86
CA LEU E 469 8.75 11.46 45.83
C LEU E 469 9.26 11.17 47.24
N LEU E 470 9.15 12.15 48.14
CA LEU E 470 9.57 11.93 49.52
C LEU E 470 8.67 10.94 50.24
N ASN E 471 7.43 10.76 49.78
CA ASN E 471 6.52 9.82 50.41
C ASN E 471 6.87 8.37 50.09
N ILE E 472 7.76 8.12 49.13
CA ILE E 472 8.19 6.76 48.84
C ILE E 472 8.92 6.20 50.06
N PRO E 473 8.65 4.96 50.46
CA PRO E 473 9.30 4.42 51.67
C PRO E 473 10.82 4.46 51.61
N SER E 474 11.43 3.97 50.55
CA SER E 474 12.89 3.89 50.45
C SER E 474 13.47 5.09 49.70
N TRP E 475 13.15 6.30 50.15
CA TRP E 475 13.75 7.51 49.56
C TRP E 475 14.95 7.96 50.41
N ASN E 476 15.92 7.06 50.52
CA ASN E 476 17.08 7.24 51.41
C ASN E 476 18.04 8.25 50.79
N TRP E 477 17.79 9.53 51.08
CA TRP E 477 18.67 10.59 50.60
C TRP E 477 19.93 10.75 51.43
N LYS E 478 20.05 10.04 52.55
CA LYS E 478 21.21 10.22 53.42
C LYS E 478 22.45 9.58 52.82
N GLU E 479 22.41 8.26 52.60
CA GLU E 479 23.55 7.59 51.97
C GLU E 479 23.73 8.04 50.53
N GLY E 480 22.63 8.06 49.76
CA GLY E 480 22.65 8.66 48.45
C GLY E 480 21.33 8.54 47.73
N ASP E 481 20.85 9.66 47.20
CA ASP E 481 19.64 9.75 46.40
C ASP E 481 19.51 11.21 45.95
N ASP E 482 18.93 11.40 44.77
CA ASP E 482 18.84 12.73 44.20
C ASP E 482 17.55 12.87 43.40
N ALA E 483 17.04 14.10 43.33
CA ALA E 483 15.85 14.40 42.54
C ALA E 483 15.98 15.85 42.09
N ILE E 484 16.46 16.04 40.86
CA ILE E 484 16.70 17.37 40.32
C ILE E 484 15.37 17.94 39.84
N CYS E 485 14.85 18.94 40.54
CA CYS E 485 13.65 19.64 40.12
C CYS E 485 14.06 20.76 39.17
N LEU E 486 13.80 20.56 37.88
CA LEU E 486 14.25 21.50 36.87
C LEU E 486 13.58 22.86 37.03
N ALA E 487 12.27 22.87 37.32
CA ALA E 487 11.58 24.14 37.54
C ALA E 487 12.14 24.86 38.76
N GLU E 488 12.37 24.13 39.85
CA GLU E 488 12.93 24.73 41.05
C GLU E 488 14.31 25.32 40.79
N LEU E 489 15.18 24.54 40.14
CA LEU E 489 16.53 25.03 39.87
C LEU E 489 16.53 26.17 38.88
N LYS E 490 15.66 26.11 37.86
CA LYS E 490 15.56 27.22 36.91
C LYS E 490 15.13 28.50 37.60
N LEU E 491 14.10 28.42 38.45
CA LEU E 491 13.63 29.61 39.15
C LEU E 491 14.67 30.11 40.15
N GLY E 492 15.40 29.21 40.80
CA GLY E 492 16.46 29.62 41.68
C GLY E 492 17.57 30.35 40.94
N PHE E 493 17.95 29.86 39.76
CA PHE E 493 18.96 30.53 38.96
C PHE E 493 18.45 31.90 38.49
N ILE E 494 17.16 31.99 38.14
CA ILE E 494 16.59 33.28 37.75
C ILE E 494 16.65 34.26 38.91
N ALA E 495 16.29 33.82 40.11
CA ALA E 495 16.33 34.69 41.27
C ALA E 495 17.77 35.09 41.61
N GLN E 496 18.72 34.17 41.43
CA GLN E 496 20.12 34.50 41.66
C GLN E 496 20.60 35.55 40.67
N SER E 497 20.21 35.43 39.40
CA SER E 497 20.52 36.46 38.42
C SER E 497 19.87 37.78 38.79
N CYS E 498 18.67 37.73 39.36
CA CYS E 498 18.03 38.95 39.84
C CYS E 498 18.85 39.60 40.95
N LEU E 499 19.35 38.81 41.88
CA LEU E 499 20.21 39.34 42.94
C LEU E 499 21.50 39.90 42.38
N ALA E 500 22.13 39.17 41.45
CA ALA E 500 23.37 39.59 40.81
C ALA E 500 23.33 39.13 39.37
N GLN E 501 23.31 40.08 38.43
CA GLN E 501 23.13 39.74 37.03
C GLN E 501 24.31 38.93 36.52
N GLY E 502 24.02 37.97 35.63
CA GLY E 502 25.02 37.10 35.07
C GLY E 502 25.39 35.90 35.92
N LEU E 503 24.77 35.75 37.10
CA LEU E 503 25.09 34.60 37.95
C LEU E 503 24.54 33.31 37.37
N SER E 504 23.37 33.36 36.73
CA SER E 504 22.78 32.14 36.16
C SER E 504 23.66 31.55 35.07
N THR E 505 24.22 32.41 34.21
CA THR E 505 25.06 31.92 33.12
C THR E 505 26.29 31.20 33.65
N MET E 506 26.99 31.81 34.59
CA MET E 506 28.20 31.18 35.12
C MET E 506 27.87 29.94 35.95
N LEU E 507 26.74 29.95 36.67
CA LEU E 507 26.34 28.77 37.41
C LEU E 507 26.04 27.60 36.47
N ALA E 508 25.38 27.88 35.35
CA ALA E 508 25.11 26.84 34.36
C ALA E 508 26.40 26.36 33.70
N ASN E 509 27.32 27.28 33.40
CA ASN E 509 28.58 26.91 32.75
C ASN E 509 29.51 26.15 33.68
N LEU E 510 29.40 26.34 34.99
CA LEU E 510 30.27 25.64 35.93
C LEU E 510 30.02 24.14 35.96
N PHE E 511 28.84 23.70 35.51
CA PHE E 511 28.45 22.30 35.58
C PHE E 511 28.65 21.55 34.27
N SER E 512 28.55 22.24 33.14
CA SER E 512 28.82 21.62 31.85
C SER E 512 30.32 21.42 31.68
N MET E 513 30.71 20.24 31.19
CA MET E 513 32.11 19.91 31.00
C MET E 513 32.56 20.46 29.65
N ARG E 514 33.47 21.43 29.68
CA ARG E 514 33.94 22.11 28.49
C ARG E 514 35.47 22.11 28.47
N SER E 515 36.04 21.70 27.35
CA SER E 515 37.50 21.74 27.18
C SER E 515 37.94 23.13 26.75
N PHE E 516 39.19 23.45 27.03
CA PHE E 516 39.72 24.76 26.70
C PHE E 516 39.82 24.93 25.19
N ILE E 517 39.40 26.10 24.72
CA ILE E 517 39.42 26.44 23.29
C ILE E 517 40.00 27.84 23.13
N LYS E 518 40.73 28.05 22.04
CA LYS E 518 41.36 29.32 21.74
C LYS E 518 40.98 29.78 20.34
N ILE E 519 40.83 31.09 20.17
CA ILE E 519 40.51 31.70 18.88
C ILE E 519 41.53 32.78 18.58
N GLU E 520 41.95 32.86 17.32
CA GLU E 520 42.98 33.82 16.94
C GLU E 520 42.50 35.26 17.09
N GLU E 521 41.31 35.56 16.59
CA GLU E 521 40.80 36.92 16.62
C GLU E 521 40.53 37.38 18.06
N ASP E 522 40.76 38.67 18.29
CA ASP E 522 40.55 39.28 19.61
C ASP E 522 39.12 39.82 19.65
N THR E 523 38.22 39.06 20.27
CA THR E 523 36.82 39.46 20.40
C THR E 523 36.38 39.22 21.83
N TRP E 524 35.10 39.52 22.11
CA TRP E 524 34.56 39.28 23.44
C TRP E 524 34.49 37.79 23.76
N GLN E 525 34.36 36.95 22.74
CA GLN E 525 34.27 35.51 22.96
C GLN E 525 35.59 34.93 23.47
N LYS E 526 36.71 35.55 23.10
CA LYS E 526 38.02 35.01 23.47
C LYS E 526 38.19 34.95 24.99
N TYR E 527 37.82 36.02 25.69
CA TYR E 527 37.90 36.01 27.14
C TYR E 527 36.81 35.17 27.78
N TYR E 528 35.62 35.14 27.17
CA TYR E 528 34.52 34.36 27.74
C TYR E 528 34.84 32.87 27.72
N LEU E 529 35.45 32.39 26.64
CA LEU E 529 35.77 30.96 26.54
C LEU E 529 36.83 30.53 27.54
N GLU E 530 37.57 31.48 28.13
CA GLU E 530 38.53 31.14 29.17
C GLU E 530 37.86 30.94 30.53
N GLY E 531 36.58 31.28 30.67
CA GLY E 531 35.89 31.11 31.92
C GLY E 531 34.98 29.91 31.92
N VAL E 532 34.48 29.53 30.73
CA VAL E 532 33.64 28.35 30.61
C VAL E 532 34.43 27.05 30.79
N SER E 533 35.75 27.10 30.68
CA SER E 533 36.58 25.92 30.84
C SER E 533 36.70 25.46 32.29
N ASN E 534 36.26 26.27 33.24
CA ASN E 534 36.35 25.92 34.66
C ASN E 534 35.09 25.19 35.08
N GLU E 535 35.26 23.99 35.63
CA GLU E 535 34.16 23.16 36.09
C GLU E 535 34.19 23.06 37.61
N MET E 536 33.08 22.55 38.16
CA MET E 536 32.92 22.38 39.60
C MET E 536 33.34 20.98 39.99
N TYR E 537 34.31 20.89 40.91
CA TYR E 537 34.88 19.63 41.34
C TYR E 537 34.83 19.52 42.85
N THR E 538 35.06 18.29 43.34
CA THR E 538 35.12 18.01 44.76
C THR E 538 36.39 17.22 45.05
N GLU E 539 37.17 17.70 46.01
CA GLU E 539 38.45 17.07 46.35
C GLU E 539 38.72 17.24 47.83
N TYR E 540 39.43 16.27 48.41
CA TYR E 540 39.76 16.30 49.82
C TYR E 540 40.98 17.18 50.07
N LEU E 541 41.08 17.69 51.29
CA LEU E 541 42.19 18.56 51.67
C LEU E 541 43.41 17.73 52.06
N SER E 542 44.53 18.42 52.27
CA SER E 542 45.79 17.79 52.60
C SER E 542 45.98 17.74 54.13
N SER E 543 47.11 17.16 54.53
CA SER E 543 47.53 17.17 55.93
C SER E 543 48.23 18.47 56.32
N ALA E 544 48.64 19.28 55.33
CA ALA E 544 49.22 20.59 55.64
C ALA E 544 48.16 21.60 56.03
N PHE E 545 46.94 21.44 55.54
CA PHE E 545 45.85 22.36 55.83
C PHE E 545 44.96 21.88 56.98
N VAL E 546 45.35 20.81 57.65
CA VAL E 546 44.58 20.27 58.77
C VAL E 546 45.20 20.66 60.12
N GLY E 547 45.99 21.73 60.13
CA GLY E 547 46.75 22.08 61.31
C GLY E 547 46.02 22.96 62.31
N LEU E 548 46.52 24.17 62.53
CA LEU E 548 45.99 25.01 63.59
C LEU E 548 44.54 25.38 63.36
N SER E 549 44.17 25.70 62.12
CA SER E 549 42.79 26.11 61.85
C SER E 549 42.50 25.93 60.36
N PHE E 550 41.34 25.35 60.07
CA PHE E 550 40.88 25.24 58.68
C PHE E 550 40.67 26.59 58.02
N PRO E 551 39.96 27.57 58.62
CA PRO E 551 39.65 28.80 57.88
C PRO E 551 40.87 29.61 57.46
N THR E 552 41.73 29.97 58.43
CA THR E 552 42.79 30.95 58.17
C THR E 552 43.76 30.47 57.09
N VAL E 553 43.89 29.16 56.90
CA VAL E 553 44.78 28.66 55.86
C VAL E 553 44.12 28.76 54.48
N CYS E 554 42.78 28.76 54.44
CA CYS E 554 42.08 28.74 53.16
C CYS E 554 42.37 30.00 52.33
N GLU E 555 42.37 31.17 52.96
CA GLU E 555 42.60 32.41 52.23
C GLU E 555 44.05 32.55 51.80
N LEU E 556 44.25 33.19 50.65
CA LEU E 556 45.56 33.62 50.17
C LEU E 556 46.45 32.43 49.79
N CYS E 557 45.94 31.21 49.88
CA CYS E 557 46.69 30.03 49.49
C CYS E 557 46.48 29.66 48.03
N PHE E 558 45.66 30.42 47.29
CA PHE E 558 45.38 30.09 45.90
C PHE E 558 46.54 30.45 44.97
N VAL E 559 47.49 31.26 45.43
CA VAL E 559 48.63 31.61 44.59
C VAL E 559 49.52 30.39 44.35
N LYS E 560 49.77 29.60 45.40
CA LYS E 560 50.60 28.41 45.24
C LYS E 560 49.85 27.29 44.52
N LEU E 561 48.58 27.08 44.89
CA LEU E 561 47.81 25.98 44.33
C LEU E 561 47.30 26.27 42.93
N LYS E 562 47.18 27.54 42.55
CA LYS E 562 46.63 27.94 41.25
C LYS E 562 45.23 27.36 41.04
N LEU E 563 44.43 27.34 42.11
CA LEU E 563 43.06 26.86 42.04
C LEU E 563 42.25 27.59 43.10
N LEU E 564 40.93 27.57 42.91
CA LEU E 564 40.00 28.29 43.78
C LEU E 564 39.28 27.32 44.69
N MET E 565 38.97 27.77 45.91
CA MET E 565 38.24 26.98 46.88
C MET E 565 36.92 27.66 47.22
N ILE E 566 35.85 26.87 47.32
CA ILE E 566 34.55 27.41 47.68
C ILE E 566 33.89 26.50 48.71
N SER E 581 33.34 18.82 56.62
CA SER E 581 32.40 18.07 57.46
C SER E 581 30.97 18.30 56.99
N ARG E 582 30.62 19.56 56.77
CA ARG E 582 29.28 19.94 56.32
C ARG E 582 29.42 20.84 55.10
N ILE E 583 28.31 21.43 54.68
CA ILE E 583 28.33 22.34 53.54
C ILE E 583 29.10 23.60 53.92
N LEU E 584 30.10 23.94 53.13
CA LEU E 584 30.95 25.09 53.39
C LEU E 584 31.00 25.97 52.14
N ILE E 585 30.68 27.25 52.31
CA ILE E 585 30.83 28.26 51.27
C ILE E 585 31.50 29.47 51.87
N ASN E 586 32.63 29.88 51.29
CA ASN E 586 33.46 30.97 51.80
C ASN E 586 33.71 30.80 53.30
N PRO E 587 34.50 29.79 53.70
CA PRO E 587 34.67 29.53 55.14
C PRO E 587 35.49 30.61 55.84
N GLY E 588 34.83 31.43 56.64
CA GLY E 588 35.50 32.48 57.38
C GLY E 588 35.44 32.26 58.88
N ASN E 589 35.44 33.36 59.64
CA ASN E 589 35.38 33.31 61.10
C ASN E 589 36.52 32.47 61.68
N GLY E 596 38.73 15.83 58.12
CA GLY E 596 38.49 15.67 56.70
C GLY E 596 37.39 16.57 56.17
N THR E 597 37.74 17.48 55.26
CA THR E 597 36.80 18.40 54.67
C THR E 597 36.91 18.31 53.15
N LEU E 598 35.75 18.32 52.48
CA LEU E 598 35.70 18.21 51.03
C LEU E 598 35.76 19.60 50.42
N GLY E 599 36.82 19.88 49.66
CA GLY E 599 37.01 21.17 49.05
C GLY E 599 36.29 21.28 47.72
N PHE E 600 35.35 22.22 47.64
CA PHE E 600 34.58 22.47 46.42
C PHE E 600 35.41 23.41 45.54
N PHE E 601 36.09 22.85 44.56
CA PHE E 601 37.03 23.59 43.74
C PHE E 601 36.39 24.04 42.43
N ILE E 602 37.04 25.02 41.79
CA ILE E 602 36.60 25.55 40.50
C ILE E 602 37.73 25.35 39.51
N ALA E 603 38.42 24.20 39.63
CA ALA E 603 39.54 23.92 38.74
C ALA E 603 39.05 23.72 37.31
N SER E 604 39.95 23.99 36.36
CA SER E 604 39.61 23.86 34.94
C SER E 604 39.59 22.41 34.48
N ASP E 605 40.19 21.50 35.24
CA ASP E 605 40.27 20.10 34.82
C ASP E 605 40.51 19.25 36.05
N ALA E 606 40.30 17.94 35.89
CA ALA E 606 40.54 16.99 36.96
C ALA E 606 41.99 16.54 37.05
N LYS E 607 42.82 16.89 36.07
CA LYS E 607 44.24 16.52 36.13
C LYS E 607 44.98 17.38 37.14
N GLU E 608 44.72 18.69 37.16
CA GLU E 608 45.40 19.59 38.08
C GLU E 608 44.61 19.83 39.36
N VAL E 609 43.43 19.24 39.51
CA VAL E 609 42.71 19.35 40.78
C VAL E 609 43.39 18.51 41.85
N LYS E 610 44.25 17.57 41.45
CA LYS E 610 44.99 16.76 42.40
C LYS E 610 46.24 17.50 42.86
N ARG E 611 46.07 18.74 43.32
CA ARG E 611 47.16 19.55 43.82
C ARG E 611 46.94 20.04 45.23
N ALA E 612 45.76 19.85 45.81
CA ALA E 612 45.52 20.25 47.19
C ALA E 612 46.05 19.21 48.16
N PHE E 613 45.54 17.97 48.07
CA PHE E 613 45.97 16.93 48.98
C PHE E 613 47.35 16.38 48.61
N PHE E 614 47.68 16.38 47.32
CA PHE E 614 48.95 15.82 46.88
C PHE E 614 50.13 16.69 47.30
N TYR E 615 49.99 18.00 47.17
CA TYR E 615 51.09 18.91 47.47
C TYR E 615 51.14 19.23 48.96
N CYS E 616 52.31 19.05 49.56
CA CYS E 616 52.53 19.30 50.99
C CYS E 616 53.82 20.08 51.19
N LYS E 617 53.99 21.14 50.40
CA LYS E 617 55.17 22.01 50.46
C LYS E 617 56.46 21.22 50.27
N LYS E 688 7.94 36.16 64.83
CA LYS E 688 7.07 36.06 63.67
C LYS E 688 7.71 36.70 62.45
N LYS E 689 8.79 37.45 62.68
CA LYS E 689 9.48 38.11 61.58
C LYS E 689 10.14 37.09 60.65
N TYR E 690 10.71 36.04 61.21
CA TYR E 690 11.34 34.98 60.42
C TYR E 690 10.38 33.80 60.29
N ASP E 691 10.86 32.71 59.71
CA ASP E 691 10.06 31.50 59.57
C ASP E 691 10.28 30.60 60.78
N SER E 692 9.83 29.35 60.69
CA SER E 692 9.94 28.42 61.81
C SER E 692 11.38 28.04 62.14
N THR E 693 12.34 28.34 61.25
CA THR E 693 13.73 28.00 61.47
C THR E 693 14.68 29.20 61.43
N GLY E 694 14.28 30.29 60.78
CA GLY E 694 15.17 31.43 60.61
C GLY E 694 15.93 31.45 59.32
N MET E 695 15.65 30.53 58.39
CA MET E 695 16.31 30.54 57.09
C MET E 695 15.77 31.61 56.16
N PHE E 696 14.51 32.01 56.33
CA PHE E 696 13.88 32.96 55.42
C PHE E 696 13.04 33.94 56.25
N HIS E 697 12.23 34.74 55.55
CA HIS E 697 11.37 35.73 56.18
C HIS E 697 9.91 35.32 56.02
N TRP E 698 9.12 35.60 57.06
CA TRP E 698 7.71 35.25 57.08
C TRP E 698 6.90 36.41 57.63
N CYS E 699 5.64 36.49 57.19
CA CYS E 699 4.73 37.53 57.64
C CYS E 699 3.31 36.97 57.62
N ALA E 700 2.36 37.77 58.10
CA ALA E 700 0.98 37.33 58.18
C ALA E 700 0.41 37.10 56.78
N PRO E 701 -0.52 36.15 56.64
CA PRO E 701 -1.11 35.89 55.32
C PRO E 701 -1.87 37.10 54.82
N LYS E 702 -1.88 37.25 53.49
CA LYS E 702 -2.53 38.36 52.82
C LYS E 702 -3.64 37.85 51.90
N GLU E 703 -4.67 38.67 51.74
CA GLU E 703 -5.77 38.36 50.84
C GLU E 703 -5.47 38.91 49.44
N ILE E 704 -6.00 38.22 48.43
CA ILE E 704 -5.74 38.62 47.04
C ILE E 704 -6.27 40.03 46.76
N GLU E 705 -7.33 40.44 47.46
CA GLU E 705 -7.85 41.78 47.26
C GLU E 705 -6.99 42.85 47.89
N LYS E 706 -6.18 42.51 48.89
CA LYS E 706 -5.32 43.48 49.56
C LYS E 706 -4.03 43.75 48.80
N VAL E 707 -3.74 42.98 47.75
CA VAL E 707 -2.52 43.17 46.97
C VAL E 707 -2.78 43.51 45.53
N ILE E 708 -4.01 43.30 45.01
CA ILE E 708 -4.31 43.66 43.65
C ILE E 708 -4.24 45.17 43.49
N LEU E 709 -3.60 45.62 42.42
CA LEU E 709 -3.34 47.04 42.20
C LEU E 709 -4.00 47.49 40.90
N THR E 710 -3.82 48.78 40.59
CA THR E 710 -4.36 49.38 39.38
C THR E 710 -3.36 50.44 38.92
N ARG E 711 -3.44 50.79 37.63
CA ARG E 711 -2.47 51.71 37.04
C ARG E 711 -2.41 53.03 37.80
N SER E 712 -3.53 53.45 38.41
CA SER E 712 -3.54 54.70 39.15
C SER E 712 -2.66 54.62 40.39
N GLU E 713 -2.87 53.58 41.22
CA GLU E 713 -2.07 53.46 42.44
C GLU E 713 -0.67 52.93 42.16
N ALA E 714 -0.51 52.11 41.13
CA ALA E 714 0.81 51.57 40.80
C ALA E 714 1.78 52.68 40.44
N ALA E 715 1.34 53.64 39.61
CA ALA E 715 2.19 54.79 39.30
C ALA E 715 2.37 55.70 40.51
N MET E 716 1.32 55.84 41.32
CA MET E 716 1.42 56.66 42.52
C MET E 716 2.43 56.07 43.51
N THR E 717 2.40 54.74 43.69
CA THR E 717 3.36 54.09 44.56
C THR E 717 4.76 54.16 43.96
N VAL E 718 5.75 54.41 44.80
CA VAL E 718 7.14 54.55 44.35
C VAL E 718 7.84 53.21 44.47
N LEU E 719 8.54 52.82 43.40
CA LEU E 719 9.30 51.57 43.37
C LEU E 719 10.63 51.83 42.70
N SER E 720 11.71 51.49 43.38
CA SER E 720 13.05 51.67 42.83
C SER E 720 13.90 50.46 43.17
N GLY E 721 14.63 49.95 42.18
CA GLY E 721 15.46 48.78 42.39
C GLY E 721 14.72 47.55 42.83
N HIS E 722 13.46 47.41 42.42
CA HIS E 722 12.62 46.30 42.83
C HIS E 722 12.69 45.18 41.80
N VAL E 723 11.83 44.18 41.96
CA VAL E 723 11.76 43.02 41.07
C VAL E 723 10.39 43.00 40.43
N VAL E 724 10.36 42.90 39.10
CA VAL E 724 9.12 42.79 38.34
C VAL E 724 9.14 41.46 37.59
N VAL E 725 8.04 40.71 37.70
CA VAL E 725 7.91 39.40 37.10
C VAL E 725 6.75 39.45 36.13
N CYS E 726 7.03 39.19 34.86
CA CYS E 726 5.99 39.14 33.84
C CYS E 726 5.55 37.69 33.64
N ILE E 727 4.28 37.42 33.94
CA ILE E 727 3.74 36.06 33.92
C ILE E 727 2.74 35.96 32.77
N PHE E 728 2.95 34.98 31.90
CA PHE E 728 2.03 34.66 30.82
C PHE E 728 1.21 33.44 31.22
N GLY E 729 -0.11 33.54 31.07
CA GLY E 729 -0.97 32.43 31.44
C GLY E 729 -2.37 32.62 30.89
N ASP E 730 -3.16 31.55 31.01
CA ASP E 730 -4.51 31.52 30.51
C ASP E 730 -5.36 30.73 31.50
N VAL E 731 -6.61 30.46 31.11
CA VAL E 731 -7.50 29.68 31.97
C VAL E 731 -7.06 28.23 32.04
N SER E 732 -6.65 27.66 30.90
CA SER E 732 -6.23 26.27 30.84
C SER E 732 -4.72 26.11 30.84
N SER E 733 -3.97 27.16 31.16
CA SER E 733 -2.51 27.10 31.13
C SER E 733 -1.99 26.22 32.27
N ALA E 734 -0.75 25.77 32.11
CA ALA E 734 -0.10 24.89 33.07
C ALA E 734 0.33 25.69 34.30
N LEU E 735 0.83 24.98 35.31
CA LEU E 735 1.24 25.57 36.57
C LEU E 735 2.77 25.64 36.64
N ILE E 736 3.29 26.86 36.78
CA ILE E 736 4.74 27.02 36.95
C ILE E 736 5.13 26.80 38.41
N GLY E 737 4.58 27.62 39.30
CA GLY E 737 4.94 27.59 40.70
C GLY E 737 5.91 28.69 41.04
N LEU E 738 5.41 29.79 41.60
CA LEU E 738 6.23 30.96 41.88
C LEU E 738 6.79 30.95 43.30
N ARG E 739 6.51 29.92 44.09
CA ARG E 739 7.03 29.86 45.44
C ARG E 739 8.55 29.71 45.44
N ASN E 740 9.11 29.10 44.40
CA ASN E 740 10.56 28.93 44.32
C ASN E 740 11.26 30.14 43.74
N LEU E 741 10.53 31.17 43.33
CA LEU E 741 11.13 32.39 42.80
C LEU E 741 11.29 33.47 43.86
N VAL E 742 10.30 33.61 44.75
CA VAL E 742 10.39 34.61 45.81
C VAL E 742 11.17 34.10 47.02
N MET E 743 11.29 32.78 47.18
CA MET E 743 12.07 32.22 48.28
C MET E 743 13.53 32.62 48.25
N PRO E 744 14.26 32.53 47.13
CA PRO E 744 15.68 32.91 47.16
C PRO E 744 15.93 34.36 47.50
N LEU E 745 14.95 35.23 47.28
CA LEU E 745 15.12 36.67 47.50
C LEU E 745 14.84 37.09 48.93
N ARG E 746 14.50 36.16 49.82
CA ARG E 746 14.13 36.45 51.20
C ARG E 746 14.98 35.65 52.17
N ALA E 747 16.30 35.68 51.98
CA ALA E 747 17.21 34.88 52.80
C ALA E 747 17.34 35.51 54.19
N SER E 748 18.15 34.87 55.04
CA SER E 748 18.31 35.35 56.41
C SER E 748 19.08 36.66 56.47
N ASN E 749 20.19 36.76 55.74
CA ASN E 749 21.03 37.95 55.77
C ASN E 749 20.49 39.08 54.91
N PHE E 750 19.25 38.98 54.45
CA PHE E 750 18.59 40.05 53.72
C PHE E 750 17.65 40.77 54.69
N HIS E 751 18.03 41.96 55.11
CA HIS E 751 17.23 42.73 56.05
C HIS E 751 15.92 43.17 55.40
N TYR E 752 14.93 43.48 56.25
CA TYR E 752 13.64 43.94 55.74
C TYR E 752 13.78 45.22 54.94
N HIS E 753 14.72 46.09 55.31
CA HIS E 753 14.97 47.30 54.53
C HIS E 753 15.66 46.95 53.21
N GLU E 754 16.52 45.94 53.21
CA GLU E 754 17.24 45.54 52.00
C GLU E 754 16.47 44.55 51.15
N LEU E 755 15.33 44.05 51.64
CA LEU E 755 14.53 43.10 50.87
C LEU E 755 14.03 43.76 49.58
N LYS E 756 14.18 43.05 48.47
CA LYS E 756 13.78 43.58 47.18
C LYS E 756 12.30 43.33 46.94
N HIS E 757 11.55 44.40 46.68
CA HIS E 757 10.12 44.28 46.45
C HIS E 757 9.86 43.54 45.13
N ILE E 758 8.87 42.66 45.15
CA ILE E 758 8.52 41.82 44.01
C ILE E 758 7.11 42.15 43.57
N VAL E 759 6.94 42.44 42.29
CA VAL E 759 5.63 42.75 41.72
C VAL E 759 5.39 41.83 40.53
N PHE E 760 4.19 41.25 40.47
CA PHE E 760 3.83 40.33 39.40
C PHE E 760 2.81 41.01 38.48
N VAL E 761 3.08 41.00 37.18
CA VAL E 761 2.20 41.56 36.18
C VAL E 761 1.74 40.45 35.24
N GLY E 762 0.42 40.38 35.02
CA GLY E 762 -0.14 39.35 34.16
C GLY E 762 -1.63 39.21 34.41
N SER E 763 -2.17 38.10 33.91
CA SER E 763 -3.58 37.81 34.11
C SER E 763 -3.85 37.50 35.58
N ILE E 764 -4.95 38.04 36.10
CA ILE E 764 -5.25 37.85 37.52
C ILE E 764 -5.76 36.45 37.80
N GLU E 765 -6.34 35.78 36.80
CA GLU E 765 -6.85 34.42 37.01
C GLU E 765 -5.72 33.45 37.31
N TYR E 766 -4.59 33.57 36.61
CA TYR E 766 -3.44 32.71 36.89
C TYR E 766 -2.89 32.95 38.29
N LEU E 767 -2.79 34.23 38.69
CA LEU E 767 -2.32 34.54 40.04
C LEU E 767 -3.30 34.05 41.09
N LYS E 768 -4.61 34.13 40.81
CA LYS E 768 -5.60 33.57 41.72
C LYS E 768 -5.43 32.06 41.84
N ARG E 769 -5.14 31.39 40.72
CA ARG E 769 -4.89 29.95 40.76
C ARG E 769 -3.66 29.63 41.61
N GLU E 770 -2.61 30.44 41.49
CA GLU E 770 -1.39 30.24 42.25
C GLU E 770 -1.43 30.91 43.62
N TRP E 771 -2.56 31.52 44.00
CA TRP E 771 -2.61 32.28 45.24
C TRP E 771 -2.67 31.38 46.47
N GLU E 772 -3.04 30.11 46.29
CA GLU E 772 -3.13 29.19 47.42
C GLU E 772 -1.78 29.01 48.12
N THR E 773 -0.68 29.17 47.39
CA THR E 773 0.64 29.13 47.99
C THR E 773 1.29 30.51 48.11
N LEU E 774 0.85 31.47 47.32
CA LEU E 774 1.42 32.83 47.32
C LEU E 774 0.65 33.76 48.23
N HIS E 775 0.52 33.44 49.51
CA HIS E 775 -0.17 34.31 50.45
C HIS E 775 0.58 34.59 51.74
N ASN E 776 1.55 33.75 52.12
CA ASN E 776 2.36 33.99 53.31
C ASN E 776 3.67 34.70 52.99
N PHE E 777 3.69 35.49 51.92
CA PHE E 777 4.91 36.14 51.47
C PHE E 777 4.78 37.66 51.61
N PRO E 778 5.71 38.31 52.29
CA PRO E 778 5.62 39.77 52.47
C PRO E 778 6.19 40.56 51.31
N LYS E 779 5.75 41.81 51.22
CA LYS E 779 6.22 42.77 50.21
C LYS E 779 6.06 42.22 48.80
N VAL E 780 4.82 41.86 48.46
CA VAL E 780 4.48 41.35 47.14
C VAL E 780 3.30 42.14 46.61
N SER E 781 3.34 42.45 45.31
CA SER E 781 2.27 43.19 44.65
C SER E 781 1.91 42.49 43.33
N ILE E 782 0.65 42.61 42.95
CA ILE E 782 0.13 42.01 41.72
C ILE E 782 -0.69 43.05 40.97
N LEU E 783 -0.32 43.28 39.71
CA LEU E 783 -1.05 44.20 38.85
C LEU E 783 -1.70 43.42 37.71
N PRO E 784 -3.03 43.37 37.62
CA PRO E 784 -3.67 42.67 36.50
C PRO E 784 -3.34 43.28 35.15
N GLY E 785 -3.76 42.62 34.07
CA GLY E 785 -3.52 43.07 32.72
C GLY E 785 -2.67 42.08 31.94
N THR E 786 -1.74 42.60 31.15
CA THR E 786 -0.85 41.77 30.36
C THR E 786 0.52 42.44 30.30
N PRO E 787 1.61 41.68 30.27
CA PRO E 787 2.94 42.30 30.16
C PRO E 787 3.21 42.95 28.82
N LEU E 788 2.39 42.67 27.81
CA LEU E 788 2.56 43.29 26.49
C LEU E 788 2.07 44.73 26.44
N SER E 789 1.40 45.21 27.49
CA SER E 789 0.86 46.56 27.53
C SER E 789 1.93 47.51 28.06
N ARG E 790 2.20 48.58 27.31
CA ARG E 790 3.21 49.55 27.72
C ARG E 790 2.78 50.29 28.99
N ALA E 791 1.50 50.66 29.08
CA ALA E 791 1.04 51.46 30.22
C ALA E 791 1.18 50.71 31.53
N ASP E 792 0.83 49.41 31.54
CA ASP E 792 0.99 48.62 32.75
C ASP E 792 2.45 48.54 33.17
N LEU E 793 3.36 48.37 32.20
CA LEU E 793 4.78 48.38 32.51
C LEU E 793 5.24 49.75 32.99
N ARG E 794 4.71 50.83 32.40
CA ARG E 794 5.07 52.16 32.83
C ARG E 794 4.63 52.42 34.27
N ALA E 795 3.50 51.84 34.67
CA ALA E 795 2.96 52.10 36.00
C ALA E 795 3.86 51.52 37.09
N VAL E 796 4.47 50.36 36.83
CA VAL E 796 5.21 49.65 37.88
C VAL E 796 6.67 50.07 37.89
N ASN E 797 6.99 51.17 37.20
CA ASN E 797 8.34 51.74 37.18
C ASN E 797 9.36 50.72 36.66
N ILE E 798 9.15 50.31 35.40
CA ILE E 798 10.02 49.31 34.79
C ILE E 798 11.42 49.87 34.57
N ASN E 799 11.55 51.18 34.36
CA ASN E 799 12.83 51.76 34.01
C ASN E 799 13.87 51.61 35.11
N LEU E 800 13.47 51.77 36.38
CA LEU E 800 14.40 51.71 37.49
C LEU E 800 14.41 50.37 38.20
N CYS E 801 13.75 49.35 37.65
CA CYS E 801 13.74 48.04 38.28
C CYS E 801 15.13 47.41 38.23
N ASP E 802 15.40 46.54 39.22
CA ASP E 802 16.69 45.86 39.27
C ASP E 802 16.76 44.71 38.28
N MET E 803 15.64 44.04 38.00
CA MET E 803 15.64 42.90 37.09
C MET E 803 14.21 42.66 36.63
N CYS E 804 14.03 42.44 35.33
CA CYS E 804 12.74 42.08 34.75
C CYS E 804 12.80 40.63 34.30
N VAL E 805 11.81 39.84 34.72
CA VAL E 805 11.78 38.41 34.46
C VAL E 805 10.58 38.12 33.57
N ILE E 806 10.83 37.50 32.42
CA ILE E 806 9.76 37.07 31.52
C ILE E 806 9.59 35.57 31.67
N LEU E 807 8.39 35.14 32.06
CA LEU E 807 8.08 33.73 32.25
C LEU E 807 6.78 33.40 31.54
N SER E 808 6.71 32.17 31.03
CA SER E 808 5.53 31.71 30.30
C SER E 808 5.12 30.33 30.81
N ALA E 809 3.82 30.05 30.72
CA ALA E 809 3.26 28.78 31.14
C ALA E 809 2.48 28.07 30.04
N ASN E 810 1.99 28.79 29.04
CA ASN E 810 1.16 28.23 27.98
C ASN E 810 1.96 27.48 26.91
N GLN E 811 3.30 27.55 26.95
CA GLN E 811 4.11 26.88 25.93
C GLN E 811 3.92 25.38 25.90
N ASN E 812 3.42 24.77 26.97
CA ASN E 812 3.13 23.35 27.01
C ASN E 812 1.85 22.99 26.30
N ASN E 813 1.06 23.97 25.87
CA ASN E 813 -0.18 23.71 25.14
C ASN E 813 0.07 23.61 23.64
N ILE E 814 0.74 24.62 23.07
CA ILE E 814 1.07 24.62 21.64
C ILE E 814 2.28 23.75 21.40
N ASP E 815 2.21 22.91 20.36
CA ASP E 815 3.32 22.04 19.97
C ASP E 815 4.03 22.52 18.73
N ASP E 816 3.77 23.74 18.28
CA ASP E 816 4.39 24.28 17.07
C ASP E 816 5.75 24.88 17.44
N THR E 817 6.80 24.41 16.76
CA THR E 817 8.15 24.89 17.05
C THR E 817 8.29 26.37 16.75
N SER E 818 7.72 26.82 15.63
CA SER E 818 7.86 28.23 15.24
C SER E 818 7.16 29.15 16.23
N LEU E 819 5.98 28.74 16.73
CA LEU E 819 5.19 29.58 17.61
C LEU E 819 5.68 29.59 19.05
N GLN E 820 6.74 28.93 19.42
CA GLN E 820 7.12 29.00 20.86
C GLN E 820 7.39 30.40 21.52
N ASP E 821 8.60 30.56 21.99
CA ASP E 821 8.92 31.82 22.66
C ASP E 821 8.48 33.05 21.90
N LYS E 822 7.83 32.89 20.76
CA LYS E 822 7.35 34.02 19.95
C LYS E 822 6.64 34.98 20.84
N GLU E 823 6.18 34.50 21.98
CA GLU E 823 5.62 35.48 22.90
C GLU E 823 6.89 35.98 23.49
N CYS E 824 7.18 35.74 24.77
CA CYS E 824 8.36 36.07 25.54
C CYS E 824 9.23 37.03 24.74
N ILE E 825 9.57 36.66 23.51
CA ILE E 825 10.45 37.51 22.70
C ILE E 825 9.82 38.86 22.42
N LEU E 826 8.55 38.88 22.09
CA LEU E 826 7.89 40.15 21.81
C LEU E 826 7.96 41.07 23.00
N ALA E 827 7.85 40.52 24.20
CA ALA E 827 7.86 41.34 25.40
C ALA E 827 9.25 41.81 25.70
N SER E 828 10.21 40.93 25.54
CA SER E 828 11.58 41.34 25.73
C SER E 828 11.84 42.51 24.84
N LEU E 829 11.20 42.52 23.67
CA LEU E 829 11.48 43.58 22.71
C LEU E 829 10.78 44.86 23.09
N ASN E 830 9.52 44.77 23.46
CA ASN E 830 8.81 45.94 23.92
C ASN E 830 9.54 46.54 25.09
N ILE E 831 10.08 45.69 25.97
CA ILE E 831 10.89 46.24 27.06
C ILE E 831 12.06 47.04 26.50
N LYS E 832 12.75 46.48 25.51
CA LYS E 832 13.93 47.14 24.95
C LYS E 832 13.55 48.41 24.19
N SER E 833 12.39 48.41 23.53
CA SER E 833 12.01 49.50 22.64
C SER E 833 11.31 50.65 23.35
N MET E 834 11.10 50.56 24.66
CA MET E 834 10.43 51.63 25.38
C MET E 834 11.31 52.88 25.45
N GLN E 835 10.67 54.04 25.55
CA GLN E 835 11.35 55.31 25.67
C GLN E 835 10.86 56.02 26.92
N PHE E 836 11.80 56.46 27.76
CA PHE E 836 11.49 57.14 29.00
C PHE E 836 11.99 58.58 28.94
N ASP E 837 11.61 59.36 29.95
CA ASP E 837 12.00 60.76 30.03
C ASP E 837 13.49 60.91 30.29
N THR E 875 15.20 58.17 28.58
CA THR E 875 16.13 57.41 27.76
C THR E 875 15.51 56.10 27.29
N THR E 876 16.17 55.45 26.33
CA THR E 876 15.70 54.18 25.81
C THR E 876 15.90 53.08 26.85
N GLY E 877 14.98 52.12 26.88
CA GLY E 877 15.03 51.00 27.79
C GLY E 877 15.85 49.81 27.32
N VAL E 878 16.68 49.99 26.28
CA VAL E 878 17.48 48.90 25.76
C VAL E 878 18.49 48.39 26.79
N ASN E 879 18.91 49.25 27.72
CA ASN E 879 19.88 48.89 28.73
C ASN E 879 19.24 48.37 30.01
N ILE E 880 17.92 48.24 30.04
CA ILE E 880 17.23 47.73 31.23
C ILE E 880 17.60 46.26 31.43
N PRO E 881 18.05 45.86 32.62
CA PRO E 881 18.40 44.46 32.85
C PRO E 881 17.18 43.55 32.85
N ILE E 882 17.04 42.75 31.81
CA ILE E 882 15.90 41.84 31.65
C ILE E 882 16.42 40.45 31.31
N ILE E 883 15.86 39.44 31.96
CA ILE E 883 16.22 38.05 31.72
C ILE E 883 14.97 37.30 31.25
N THR E 884 15.10 36.53 30.19
CA THR E 884 13.99 35.83 29.57
C THR E 884 14.24 34.32 29.61
N GLU E 885 13.20 33.56 29.89
CA GLU E 885 13.28 32.10 29.92
C GLU E 885 12.70 31.56 28.62
N LEU E 886 13.50 30.75 27.91
CA LEU E 886 13.12 30.21 26.61
C LEU E 886 13.02 28.69 26.71
N VAL E 887 11.95 28.14 26.14
CA VAL E 887 11.81 26.68 26.07
C VAL E 887 12.54 26.14 24.85
N ASN E 888 12.61 26.93 23.78
CA ASN E 888 13.32 26.56 22.56
C ASN E 888 14.62 27.34 22.48
N ASP E 889 15.73 26.61 22.28
CA ASP E 889 17.04 27.26 22.24
C ASP E 889 17.23 28.02 20.93
N THR E 890 16.47 27.69 19.89
CA THR E 890 16.61 28.36 18.61
C THR E 890 16.18 29.82 18.67
N ASN E 891 15.18 30.15 19.48
CA ASN E 891 14.62 31.50 19.52
C ASN E 891 15.59 32.52 20.12
N VAL E 892 16.68 32.08 20.75
CA VAL E 892 17.60 33.00 21.41
C VAL E 892 18.18 34.01 20.44
N GLN E 893 18.31 33.66 19.16
CA GLN E 893 18.83 34.58 18.16
C GLN E 893 17.96 35.82 18.03
N PHE E 894 16.69 35.75 18.40
CA PHE E 894 15.81 36.90 18.34
C PHE E 894 15.95 37.83 19.53
N LEU E 895 16.65 37.40 20.58
CA LEU E 895 16.78 38.24 21.77
C LEU E 895 17.60 39.49 21.48
N ASP E 896 18.67 39.35 20.71
CA ASP E 896 19.54 40.47 20.35
C ASP E 896 19.58 40.64 18.84
N GLN E 897 19.72 41.89 18.41
CA GLN E 897 19.84 42.21 16.99
C GLN E 897 21.26 42.54 16.56
N ASP E 898 22.10 43.04 17.47
CA ASP E 898 23.48 43.39 17.15
C ASP E 898 24.43 42.23 17.45
N ASP E 899 24.13 41.05 16.89
CA ASP E 899 24.94 39.87 17.11
C ASP E 899 24.78 38.94 15.92
N ASP E 900 25.73 38.01 15.79
CA ASP E 900 25.72 37.03 14.71
C ASP E 900 24.81 35.87 15.10
N ASP E 901 23.84 35.56 14.25
CA ASP E 901 22.86 34.51 14.52
C ASP E 901 23.14 33.32 13.60
N ASP E 902 23.64 32.22 14.18
CA ASP E 902 23.91 31.01 13.44
C ASP E 902 23.25 29.83 14.16
N PRO E 903 22.42 29.04 13.48
CA PRO E 903 21.82 27.87 14.13
C PRO E 903 22.85 26.83 14.56
N ASP E 904 24.03 26.82 13.95
CA ASP E 904 25.02 25.79 14.26
C ASP E 904 25.63 25.98 15.64
N THR E 905 25.85 27.24 16.04
CA THR E 905 26.51 27.50 17.32
C THR E 905 25.64 27.06 18.48
N GLU E 906 26.29 26.75 19.60
CA GLU E 906 25.60 26.24 20.78
C GLU E 906 25.06 27.40 21.61
N LEU E 907 24.19 27.05 22.56
CA LEU E 907 23.53 28.06 23.38
C LEU E 907 24.52 28.82 24.26
N TYR E 908 25.52 28.12 24.80
CA TYR E 908 26.47 28.76 25.70
C TYR E 908 27.34 29.78 24.97
N LEU E 909 27.45 29.69 23.65
CA LEU E 909 28.21 30.66 22.86
C LEU E 909 27.39 31.87 22.46
N THR E 910 26.06 31.82 22.57
CA THR E 910 25.23 32.93 22.19
C THR E 910 25.44 34.12 23.11
N GLN E 911 25.47 35.32 22.52
CA GLN E 911 25.69 36.54 23.30
C GLN E 911 24.63 36.78 24.36
N PRO E 912 23.33 36.68 24.07
CA PRO E 912 22.34 36.92 25.14
C PRO E 912 22.47 35.97 26.31
N PHE E 913 22.85 34.72 26.07
CA PHE E 913 23.05 33.80 27.19
C PHE E 913 24.33 34.12 27.93
N ALA E 914 25.39 34.48 27.21
CA ALA E 914 26.66 34.80 27.86
C ALA E 914 26.57 36.06 28.71
N CYS E 915 25.61 36.92 28.41
CA CYS E 915 25.42 38.17 29.16
C CYS E 915 24.46 38.01 30.33
N GLY E 916 23.94 36.81 30.57
CA GLY E 916 23.04 36.58 31.68
C GLY E 916 21.62 37.05 31.45
N THR E 917 21.27 37.45 30.24
CA THR E 917 19.92 37.89 29.91
C THR E 917 19.05 36.76 29.35
N ALA E 918 19.59 35.56 29.21
CA ALA E 918 18.85 34.42 28.69
C ALA E 918 19.12 33.20 29.56
N PHE E 919 18.10 32.33 29.66
CA PHE E 919 18.23 31.09 30.40
C PHE E 919 17.27 30.07 29.82
N ALA E 920 17.70 28.81 29.79
CA ALA E 920 16.86 27.72 29.32
C ALA E 920 17.12 26.49 30.19
N VAL E 921 16.11 25.62 30.27
CA VAL E 921 16.24 24.41 31.07
C VAL E 921 17.18 23.40 30.42
N SER E 922 17.51 23.59 29.14
CA SER E 922 18.38 22.64 28.44
C SER E 922 19.79 22.61 29.02
N VAL E 923 20.25 23.71 29.61
CA VAL E 923 21.60 23.73 30.20
C VAL E 923 21.66 22.99 31.51
N LEU E 924 20.52 22.59 32.08
CA LEU E 924 20.50 21.87 33.35
C LEU E 924 20.52 20.37 33.18
N ASP E 925 20.55 19.86 31.94
CA ASP E 925 20.60 18.42 31.73
C ASP E 925 21.96 17.84 32.09
N SER E 926 23.02 18.65 32.04
CA SER E 926 24.34 18.20 32.46
C SER E 926 24.45 18.01 33.96
N LEU E 927 23.45 18.44 34.72
CA LEU E 927 23.50 18.34 36.17
C LEU E 927 23.53 16.89 36.64
N MET E 928 22.89 15.99 35.87
CA MET E 928 22.81 14.59 36.27
C MET E 928 24.20 13.95 36.31
N SER E 929 25.01 14.22 35.28
CA SER E 929 26.34 13.62 35.21
C SER E 929 27.23 14.10 36.35
N ALA E 930 27.20 15.40 36.65
CA ALA E 930 27.98 15.94 37.76
C ALA E 930 27.47 15.39 39.09
N THR E 931 26.15 15.28 39.24
CA THR E 931 25.57 14.77 40.48
C THR E 931 25.98 13.32 40.71
N TYR E 932 26.03 12.51 39.66
CA TYR E 932 26.35 11.10 39.83
C TYR E 932 27.75 10.89 40.41
N PHE E 933 28.75 11.61 39.90
CA PHE E 933 30.14 11.33 40.23
C PHE E 933 30.47 11.67 41.68
N ASN E 934 29.88 12.74 42.22
CA ASN E 934 29.93 13.02 43.66
C ASN E 934 28.68 13.83 43.99
N ASP E 935 27.85 13.29 44.88
CA ASP E 935 26.52 13.84 45.11
C ASP E 935 26.56 15.16 45.88
N ASN E 936 27.70 15.53 46.45
CA ASN E 936 27.73 16.69 47.35
C ASN E 936 27.37 17.96 46.61
N ILE E 937 27.44 17.94 45.27
CA ILE E 937 27.22 19.16 44.49
C ILE E 937 25.76 19.59 44.57
N LEU E 938 24.83 18.63 44.48
CA LEU E 938 23.41 18.98 44.42
C LEU E 938 22.95 19.72 45.67
N THR E 939 23.36 19.24 46.85
CA THR E 939 23.05 19.97 48.07
C THR E 939 23.80 21.30 48.13
N LEU E 940 25.00 21.35 47.55
CA LEU E 940 25.71 22.62 47.42
C LEU E 940 24.95 23.58 46.53
N ILE E 941 24.37 23.08 45.44
CA ILE E 941 23.52 23.92 44.60
C ILE E 941 22.32 24.41 45.38
N ARG E 942 21.68 23.52 46.15
CA ARG E 942 20.48 23.91 46.89
C ARG E 942 20.77 24.89 48.02
N THR E 943 21.98 24.88 48.56
CA THR E 943 22.36 25.87 49.57
C THR E 943 22.95 27.14 48.96
N LEU E 944 23.38 27.10 47.70
CA LEU E 944 23.86 28.29 47.01
C LEU E 944 22.75 29.07 46.33
N VAL E 945 21.69 28.41 45.88
CA VAL E 945 20.52 29.08 45.33
C VAL E 945 19.38 28.83 46.31
N THR E 946 18.20 29.38 46.01
CA THR E 946 16.97 29.22 46.80
C THR E 946 17.21 29.43 48.30
N GLY E 947 18.22 30.22 48.65
CA GLY E 947 18.54 30.51 50.03
C GLY E 947 19.28 29.38 50.72
N GLY E 948 18.57 28.31 51.03
CA GLY E 948 19.14 27.16 51.71
C GLY E 948 18.12 26.06 51.90
N ALA E 949 18.53 24.82 51.68
CA ALA E 949 17.60 23.69 51.82
C ALA E 949 18.04 22.86 53.02
N THR E 950 17.76 23.35 54.22
CA THR E 950 18.13 22.62 55.45
C THR E 950 17.35 21.31 55.50
N PRO E 951 17.93 20.21 56.01
CA PRO E 951 17.21 18.94 56.16
C PRO E 951 15.83 19.09 56.82
N GLU E 952 15.72 19.88 57.88
CA GLU E 952 14.46 20.09 58.59
C GLU E 952 13.41 20.74 57.69
N LEU E 953 13.83 21.70 56.87
CA LEU E 953 12.88 22.41 56.02
C LEU E 953 12.23 21.49 55.00
N GLU E 954 13.00 20.51 54.49
CA GLU E 954 12.43 19.54 53.56
C GLU E 954 11.30 18.75 54.23
N ALA E 955 11.51 18.30 55.46
CA ALA E 955 10.46 17.58 56.17
C ALA E 955 9.26 18.48 56.45
N LEU E 956 9.51 19.73 56.84
CA LEU E 956 8.41 20.65 57.10
C LEU E 956 7.58 20.90 55.86
N ILE E 957 8.24 21.07 54.71
CA ILE E 957 7.51 21.25 53.45
C ILE E 957 6.77 19.97 53.08
N ALA E 958 7.37 18.81 53.38
CA ALA E 958 6.72 17.54 53.06
C ALA E 958 5.43 17.35 53.86
N GLU E 959 5.44 17.73 55.14
CA GLU E 959 4.32 17.37 56.00
C GLU E 959 3.16 18.37 55.96
N GLU E 960 3.44 19.68 55.89
CA GLU E 960 2.35 20.65 55.78
C GLU E 960 2.13 21.15 54.36
N ASN E 961 3.17 21.17 53.53
CA ASN E 961 3.11 21.75 52.19
C ASN E 961 2.71 23.23 52.24
N ALA E 962 3.15 23.92 53.29
CA ALA E 962 2.86 25.33 53.47
C ALA E 962 3.85 25.90 54.47
N LEU E 963 4.61 26.92 54.06
CA LEU E 963 5.61 27.52 54.93
C LEU E 963 4.92 28.29 56.05
N ARG E 964 5.34 28.03 57.29
CA ARG E 964 4.82 28.71 58.46
C ARG E 964 5.99 29.11 59.36
N GLY E 965 5.74 30.12 60.21
CA GLY E 965 6.78 30.64 61.06
C GLY E 965 6.29 30.78 62.50
N GLY E 966 7.23 31.14 63.37
CA GLY E 966 6.93 31.31 64.78
C GLY E 966 7.83 32.33 65.45
N TYR E 967 7.76 32.42 66.77
CA TYR E 967 8.59 33.37 67.51
C TYR E 967 10.06 32.98 67.43
N SER E 968 10.91 33.97 67.24
CA SER E 968 12.34 33.71 67.05
C SER E 968 13.00 33.31 68.37
N THR E 969 14.13 32.62 68.25
CA THR E 969 14.95 32.17 69.36
C THR E 969 16.38 32.62 69.12
N PRO E 970 17.19 32.71 70.18
CA PRO E 970 18.60 33.07 69.98
C PRO E 970 19.32 32.16 68.99
N GLN E 971 19.02 30.86 69.00
CA GLN E 971 19.60 29.96 68.00
C GLN E 971 19.01 30.20 66.63
N THR E 972 17.73 30.59 66.56
CA THR E 972 17.10 30.90 65.28
C THR E 972 17.82 32.08 64.61
N LEU E 973 18.12 33.13 65.37
CA LEU E 973 18.87 34.24 64.82
C LEU E 973 20.32 33.87 64.58
N ALA E 974 20.84 32.88 65.31
CA ALA E 974 22.20 32.42 65.07
C ALA E 974 22.34 31.69 63.74
N ASN E 975 21.24 31.23 63.17
CA ASN E 975 21.25 30.56 61.86
C ASN E 975 21.22 31.61 60.74
N ARG E 976 22.22 32.49 60.77
CA ARG E 976 22.28 33.61 59.86
C ARG E 976 23.69 33.85 59.32
N ASP E 977 24.64 32.98 59.61
CA ASP E 977 26.04 33.16 59.22
C ASP E 977 26.25 32.89 57.73
N ARG E 978 25.18 32.56 57.01
CA ARG E 978 25.29 32.25 55.59
C ARG E 978 25.75 33.48 54.82
N CYS E 979 26.64 33.24 53.86
CA CYS E 979 27.12 34.29 52.96
C CYS E 979 26.44 34.12 51.60
N ARG E 980 25.89 35.21 51.08
CA ARG E 980 25.12 35.18 49.84
C ARG E 980 25.76 36.08 48.79
N VAL E 981 25.36 35.85 47.53
CA VAL E 981 25.98 36.55 46.42
C VAL E 981 25.57 38.01 46.41
N ALA E 982 26.44 38.84 45.83
CA ALA E 982 26.17 40.27 45.67
C ALA E 982 27.01 40.78 44.51
N GLN E 983 26.55 41.89 43.92
CA GLN E 983 27.25 42.54 42.82
C GLN E 983 27.90 43.81 43.35
N LEU E 984 29.21 43.95 43.14
CA LEU E 984 29.98 45.09 43.63
C LEU E 984 30.50 45.89 42.45
N ALA E 985 30.37 47.22 42.54
CA ALA E 985 30.87 48.09 41.49
C ALA E 985 32.38 48.29 41.63
N LEU E 986 32.95 49.08 40.73
CA LEU E 986 34.38 49.34 40.75
C LEU E 986 34.74 50.82 40.61
N LEU E 987 33.82 51.68 40.16
CA LEU E 987 34.15 53.08 39.95
C LEU E 987 34.51 53.78 41.26
N ASP E 988 33.77 53.49 42.32
CA ASP E 988 33.97 54.15 43.61
C ASP E 988 34.22 53.11 44.69
N GLY E 989 35.12 53.44 45.63
CA GLY E 989 35.44 52.55 46.72
C GLY E 989 36.91 52.61 47.09
N PRO E 990 37.26 52.07 48.25
CA PRO E 990 38.67 52.03 48.64
C PRO E 990 39.54 51.19 47.72
N PHE E 991 38.94 50.26 46.96
CA PHE E 991 39.66 49.42 46.02
C PHE E 991 39.80 50.05 44.64
N ALA E 992 39.71 51.38 44.54
CA ALA E 992 39.82 52.03 43.25
C ALA E 992 41.22 51.91 42.67
N ASP E 993 42.23 51.69 43.51
CA ASP E 993 43.59 51.52 43.03
C ASP E 993 43.73 50.29 42.14
N LEU E 994 42.90 49.27 42.36
CA LEU E 994 42.93 48.05 41.57
C LEU E 994 41.98 48.10 40.37
N GLY E 995 41.36 49.25 40.11
CA GLY E 995 40.46 49.34 38.97
C GLY E 995 41.17 49.08 37.64
N ASP E 996 42.39 49.59 37.49
CA ASP E 996 43.19 49.40 36.30
C ASP E 996 44.62 49.00 36.68
N GLY E 997 44.74 48.13 37.69
CA GLY E 997 46.06 47.70 38.14
C GLY E 997 46.76 46.76 37.18
N GLY E 998 46.03 46.11 36.29
CA GLY E 998 46.62 45.18 35.34
C GLY E 998 46.89 43.80 35.88
N CYS E 999 46.44 43.48 37.09
CA CYS E 999 46.64 42.18 37.71
C CYS E 999 45.40 41.84 38.51
N TYR E 1000 44.61 40.88 38.01
CA TYR E 1000 43.39 40.49 38.70
C TYR E 1000 43.69 39.79 40.02
N GLY E 1001 44.80 39.04 40.09
CA GLY E 1001 45.11 38.28 41.28
C GLY E 1001 45.25 39.14 42.51
N ASP E 1002 45.90 40.30 42.37
CA ASP E 1002 46.04 41.21 43.50
C ASP E 1002 44.67 41.66 44.01
N LEU E 1003 43.70 41.80 43.11
CA LEU E 1003 42.37 42.27 43.52
C LEU E 1003 41.72 41.30 44.49
N PHE E 1004 41.64 40.01 44.11
CA PHE E 1004 40.97 39.08 45.01
C PHE E 1004 41.84 38.72 46.19
N CYS E 1005 43.16 38.80 46.05
CA CYS E 1005 44.03 38.63 47.21
C CYS E 1005 43.76 39.70 48.26
N LYS E 1006 43.64 40.96 47.82
CA LYS E 1006 43.33 42.04 48.75
C LYS E 1006 41.91 41.89 49.31
N ALA E 1007 40.97 41.45 48.48
CA ALA E 1007 39.61 41.24 48.95
C ALA E 1007 39.58 40.19 50.05
N LEU E 1008 40.35 39.12 49.90
CA LEU E 1008 40.41 38.07 50.92
C LEU E 1008 41.11 38.56 52.18
N LYS E 1009 42.25 39.26 52.01
CA LYS E 1009 43.07 39.62 53.16
C LYS E 1009 42.62 40.89 53.87
N THR E 1010 41.63 41.61 53.34
CA THR E 1010 41.15 42.83 53.96
C THR E 1010 39.73 42.68 54.50
N TYR E 1011 38.78 42.28 53.67
CA TYR E 1011 37.38 42.22 54.06
C TYR E 1011 36.83 40.80 54.01
N ASN E 1012 37.69 39.81 53.75
CA ASN E 1012 37.30 38.39 53.75
C ASN E 1012 36.21 38.11 52.72
N MET E 1013 36.49 38.45 51.46
CA MET E 1013 35.56 38.21 50.36
C MET E 1013 36.29 37.57 49.20
N LEU E 1014 35.69 36.51 48.65
CA LEU E 1014 36.22 35.83 47.47
C LEU E 1014 35.32 36.11 46.28
N CYS E 1015 35.94 36.33 45.12
CA CYS E 1015 35.21 36.67 43.90
C CYS E 1015 35.24 35.49 42.94
N PHE E 1016 34.07 35.15 42.40
CA PHE E 1016 34.01 34.10 41.38
C PHE E 1016 34.77 34.51 40.12
N GLY E 1017 34.63 35.77 39.71
CA GLY E 1017 35.30 36.23 38.51
C GLY E 1017 34.99 37.66 38.11
N ILE E 1018 34.88 37.91 36.81
CA ILE E 1018 34.78 39.25 36.26
C ILE E 1018 33.52 39.37 35.42
N TYR E 1019 32.74 40.43 35.66
CA TYR E 1019 31.59 40.78 34.84
C TYR E 1019 32.01 41.95 33.96
N ARG E 1020 32.37 41.66 32.71
CA ARG E 1020 33.11 42.59 31.86
C ARG E 1020 32.23 43.06 30.70
N LEU E 1021 32.38 44.33 30.34
CA LEU E 1021 31.66 44.90 29.21
C LEU E 1021 32.06 44.21 27.91
N ARG E 1022 31.09 44.08 27.01
CA ARG E 1022 31.33 43.39 25.74
C ARG E 1022 32.33 44.15 24.87
N ASP E 1023 32.21 45.48 24.83
CA ASP E 1023 33.07 46.31 23.98
C ASP E 1023 34.24 46.93 24.74
N ALA E 1024 34.47 46.52 25.99
CA ALA E 1024 35.58 47.07 26.75
C ALA E 1024 36.92 46.63 26.17
N HIS E 1025 36.95 45.51 25.44
CA HIS E 1025 38.21 45.02 24.90
C HIS E 1025 38.74 45.86 23.76
N LEU E 1026 37.89 46.68 23.12
CA LEU E 1026 38.32 47.52 22.02
C LEU E 1026 38.75 48.89 22.53
N SER E 1027 39.77 49.46 21.88
CA SER E 1027 40.30 50.75 22.31
C SER E 1027 39.26 51.86 22.15
N THR E 1028 38.54 51.87 21.04
CA THR E 1028 37.57 52.92 20.80
C THR E 1028 36.38 52.78 21.75
N PRO E 1029 35.82 53.88 22.22
CA PRO E 1029 34.64 53.81 23.08
C PRO E 1029 33.40 53.39 22.30
N SER E 1030 32.41 52.91 23.05
CA SER E 1030 31.15 52.47 22.45
C SER E 1030 30.04 52.69 23.47
N GLN E 1031 28.80 52.62 22.99
CA GLN E 1031 27.62 52.82 23.82
C GLN E 1031 27.00 51.49 24.28
N CYS E 1032 27.70 50.38 24.09
CA CYS E 1032 27.17 49.09 24.49
C CYS E 1032 27.09 48.98 26.00
N THR E 1033 26.06 48.27 26.47
CA THR E 1033 25.83 48.07 27.89
C THR E 1033 25.91 46.61 28.32
N LYS E 1034 25.70 45.67 27.41
CA LYS E 1034 25.70 44.25 27.75
C LYS E 1034 27.07 43.83 28.27
N ARG E 1035 27.06 43.04 29.35
CA ARG E 1035 28.27 42.54 29.98
C ARG E 1035 28.22 41.01 30.06
N TYR E 1036 29.30 40.36 29.68
CA TYR E 1036 29.42 38.92 29.76
C TYR E 1036 30.24 38.54 31.00
N VAL E 1037 30.18 37.27 31.36
CA VAL E 1037 30.72 36.77 32.62
C VAL E 1037 32.07 36.12 32.37
N ILE E 1038 32.99 36.31 33.31
CA ILE E 1038 34.27 35.62 33.35
C ILE E 1038 34.36 34.89 34.68
N THR E 1039 34.71 33.61 34.63
CA THR E 1039 34.81 32.79 35.83
C THR E 1039 36.28 32.46 36.07
N ASN E 1040 36.79 32.85 37.25
CA ASN E 1040 38.16 32.62 37.68
C ASN E 1040 39.18 33.08 36.63
N PRO E 1041 39.37 34.39 36.48
CA PRO E 1041 40.40 34.85 35.56
C PRO E 1041 41.78 34.45 36.04
N PRO E 1042 42.73 34.29 35.13
CA PRO E 1042 44.11 33.95 35.53
C PRO E 1042 44.70 35.02 36.42
N TYR E 1043 45.84 34.69 37.03
CA TYR E 1043 46.52 35.61 37.93
C TYR E 1043 46.97 36.87 37.19
N GLU E 1044 47.53 36.70 35.99
CA GLU E 1044 48.02 37.83 35.20
C GLU E 1044 46.95 38.29 34.21
N PHE E 1045 45.81 38.69 34.78
CA PHE E 1045 44.67 39.15 34.01
C PHE E 1045 44.52 40.65 34.18
N GLU E 1046 44.52 41.38 33.06
CA GLU E 1046 44.36 42.82 33.09
C GLU E 1046 42.93 43.19 33.46
N LEU E 1047 42.79 44.31 34.17
CA LEU E 1047 41.49 44.80 34.62
C LEU E 1047 41.10 46.06 33.87
N VAL E 1048 39.82 46.40 33.95
CA VAL E 1048 39.27 47.60 33.32
C VAL E 1048 38.58 48.42 34.42
N PRO E 1049 38.71 49.75 34.42
CA PRO E 1049 38.05 50.55 35.46
C PRO E 1049 36.55 50.37 35.51
N THR E 1050 35.89 50.22 34.36
CA THR E 1050 34.45 49.95 34.33
C THR E 1050 34.24 48.44 34.41
N ASP E 1051 33.81 47.97 35.57
CA ASP E 1051 33.70 46.54 35.79
C ASP E 1051 32.77 46.28 36.98
N LEU E 1052 32.26 45.05 37.04
CA LEU E 1052 31.46 44.57 38.16
C LEU E 1052 32.09 43.30 38.71
N ILE E 1053 31.94 43.11 40.01
CA ILE E 1053 32.60 42.01 40.72
C ILE E 1053 31.55 41.16 41.41
N PHE E 1054 31.59 39.85 41.16
CA PHE E 1054 30.79 38.91 41.92
C PHE E 1054 31.45 38.63 43.26
N CYS E 1055 30.65 38.57 44.32
CA CYS E 1055 31.18 38.33 45.65
C CYS E 1055 30.13 37.61 46.48
N LEU E 1056 30.60 36.94 47.54
CA LEU E 1056 29.75 36.27 48.51
C LEU E 1056 29.81 37.07 49.81
N MET E 1057 28.95 38.08 49.91
CA MET E 1057 28.96 38.94 51.09
C MET E 1057 28.43 38.20 52.30
N GLN E 1058 29.04 38.45 53.46
CA GLN E 1058 28.63 37.84 54.71
C GLN E 1058 27.51 38.64 55.35
N PHE E 1059 26.96 38.10 56.43
CA PHE E 1059 25.94 38.80 57.19
C PHE E 1059 26.58 39.86 58.08
N ASP E 1060 25.73 40.64 58.75
CA ASP E 1060 26.20 41.70 59.63
C ASP E 1060 25.40 41.75 60.93
N ALA F 40 8.20 -51.65 -79.34
CA ALA F 40 6.81 -51.75 -78.96
C ALA F 40 6.43 -50.67 -77.95
N PRO F 41 5.28 -50.02 -78.16
CA PRO F 41 4.88 -48.91 -77.28
C PRO F 41 4.67 -49.32 -75.84
N ASP F 42 4.31 -50.58 -75.57
CA ASP F 42 4.03 -51.01 -74.20
C ASP F 42 5.28 -51.22 -73.37
N CYS F 43 6.47 -51.10 -73.96
CA CYS F 43 7.73 -51.29 -73.25
C CYS F 43 8.42 -49.95 -73.03
N PRO F 44 8.97 -49.70 -71.84
CA PRO F 44 9.76 -48.47 -71.64
C PRO F 44 10.98 -48.46 -72.55
N GLU F 45 11.35 -47.24 -72.97
CA GLU F 45 12.47 -47.09 -73.90
C GLU F 45 13.78 -47.56 -73.30
N VAL F 46 14.04 -47.21 -72.04
CA VAL F 46 15.32 -47.54 -71.40
C VAL F 46 15.35 -48.93 -70.78
N CYS F 47 14.20 -49.57 -70.64
CA CYS F 47 14.13 -50.89 -70.01
C CYS F 47 14.11 -51.99 -71.07
N THR F 48 14.17 -53.23 -70.59
CA THR F 48 14.14 -54.41 -71.43
C THR F 48 12.88 -55.22 -71.12
N CYS F 49 12.15 -55.62 -72.16
CA CYS F 49 10.92 -56.36 -72.01
C CYS F 49 10.97 -57.65 -72.82
N VAL F 50 10.26 -58.66 -72.34
CA VAL F 50 10.14 -59.94 -73.04
C VAL F 50 8.66 -60.24 -73.22
N PRO F 51 8.32 -61.09 -74.20
CA PRO F 51 6.92 -61.45 -74.38
C PRO F 51 6.33 -62.08 -73.12
N GLY F 52 5.07 -61.77 -72.86
CA GLY F 52 4.41 -62.20 -71.64
C GLY F 52 4.23 -61.13 -70.60
N GLY F 53 4.59 -59.88 -70.88
CA GLY F 53 4.38 -58.80 -69.94
C GLY F 53 5.40 -58.71 -68.83
N LEU F 54 6.59 -59.27 -69.02
CA LEU F 54 7.65 -59.20 -68.01
C LEU F 54 8.65 -58.12 -68.43
N ALA F 55 8.76 -57.09 -67.61
CA ALA F 55 9.66 -55.96 -67.88
C ALA F 55 10.68 -55.84 -66.75
N SER F 56 11.93 -55.65 -67.12
CA SER F 56 13.03 -55.51 -66.17
C SER F 56 13.74 -54.19 -66.41
N CYS F 57 13.88 -53.38 -65.35
CA CYS F 57 14.57 -52.11 -65.42
C CYS F 57 15.78 -52.06 -64.49
N SER F 58 16.32 -53.21 -64.10
CA SER F 58 17.43 -53.27 -63.18
C SER F 58 18.72 -52.80 -63.85
N ALA F 59 19.67 -52.35 -63.01
CA ALA F 59 20.99 -51.92 -63.46
C ALA F 59 20.90 -50.79 -64.49
N LEU F 60 19.99 -49.85 -64.26
CA LEU F 60 19.84 -48.70 -65.14
C LEU F 60 20.09 -47.37 -64.44
N SER F 61 20.27 -47.37 -63.12
CA SER F 61 20.51 -46.14 -62.35
C SER F 61 19.42 -45.11 -62.60
N LEU F 62 18.16 -45.57 -62.63
CA LEU F 62 17.04 -44.68 -62.89
C LEU F 62 16.84 -43.73 -61.72
N PRO F 63 16.76 -42.41 -61.95
CA PRO F 63 16.49 -41.49 -60.84
C PRO F 63 15.02 -41.39 -60.47
N ALA F 64 14.12 -41.90 -61.30
CA ALA F 64 12.69 -41.86 -61.03
C ALA F 64 12.03 -43.04 -61.75
N VAL F 65 10.74 -43.22 -61.48
CA VAL F 65 10.01 -44.30 -62.13
C VAL F 65 9.88 -44.02 -63.62
N PRO F 66 10.16 -44.98 -64.49
CA PRO F 66 10.00 -44.74 -65.93
C PRO F 66 8.54 -44.50 -66.29
N PRO F 67 8.28 -43.61 -67.24
CA PRO F 67 6.90 -43.33 -67.66
C PRO F 67 6.43 -44.34 -68.69
N GLY F 68 5.24 -44.10 -69.23
CA GLY F 68 4.67 -44.94 -70.26
C GLY F 68 4.30 -46.33 -69.81
N LEU F 69 3.69 -46.46 -68.63
CA LEU F 69 3.23 -47.77 -68.17
C LEU F 69 2.03 -48.24 -68.98
N SER F 70 1.94 -49.54 -69.19
CA SER F 70 0.91 -50.16 -70.00
C SER F 70 0.27 -51.33 -69.27
N LEU F 71 -0.95 -51.64 -69.67
CA LEU F 71 -1.68 -52.77 -69.08
C LEU F 71 -1.16 -54.11 -69.58
N ARG F 72 -0.34 -54.12 -70.63
CA ARG F 72 0.20 -55.37 -71.17
C ARG F 72 1.32 -55.95 -70.30
N LEU F 73 1.92 -55.15 -69.43
CA LEU F 73 3.00 -55.63 -68.58
C LEU F 73 2.43 -56.25 -67.31
N ARG F 74 2.87 -57.47 -67.00
CA ARG F 74 2.40 -58.18 -65.82
C ARG F 74 3.38 -58.12 -64.65
N ALA F 75 4.68 -58.05 -64.91
CA ALA F 75 5.69 -57.98 -63.87
C ALA F 75 6.67 -56.86 -64.20
N LEU F 76 7.07 -56.10 -63.18
CA LEU F 76 8.01 -54.99 -63.33
C LEU F 76 9.15 -55.14 -62.33
N LEU F 77 10.37 -54.95 -62.80
CA LEU F 77 11.56 -54.99 -61.98
C LEU F 77 12.20 -53.61 -61.91
N LEU F 78 12.46 -53.14 -60.69
CA LEU F 78 13.03 -51.82 -60.50
C LEU F 78 14.12 -51.79 -59.44
N ASP F 79 14.77 -52.92 -59.17
CA ASP F 79 15.76 -52.99 -58.11
C ASP F 79 17.06 -52.32 -58.53
N HIS F 80 17.87 -51.99 -57.53
CA HIS F 80 19.20 -51.37 -57.73
C HIS F 80 19.10 -50.07 -58.52
N ASN F 81 18.17 -49.21 -58.13
CA ASN F 81 18.02 -47.89 -58.71
C ASN F 81 18.15 -46.82 -57.62
N ARG F 82 17.96 -45.56 -57.99
CA ARG F 82 18.06 -44.46 -57.05
C ARG F 82 16.77 -43.65 -57.02
N VAL F 83 15.63 -44.34 -56.99
CA VAL F 83 14.32 -43.67 -56.90
C VAL F 83 14.04 -43.49 -55.42
N ARG F 84 14.61 -42.41 -54.86
CA ARG F 84 14.44 -42.15 -53.43
C ARG F 84 13.00 -41.77 -53.10
N ALA F 85 12.39 -40.94 -53.91
CA ALA F 85 11.03 -40.44 -53.67
C ALA F 85 10.07 -41.06 -54.68
N LEU F 86 8.93 -41.54 -54.19
CA LEU F 86 7.91 -42.14 -55.04
C LEU F 86 6.74 -41.18 -55.17
N PRO F 87 6.51 -40.58 -56.34
CA PRO F 87 5.41 -39.64 -56.46
C PRO F 87 4.06 -40.34 -56.38
N PRO F 88 3.01 -39.64 -55.96
CA PRO F 88 1.68 -40.27 -55.92
C PRO F 88 1.23 -40.68 -57.32
N GLY F 89 0.61 -41.87 -57.40
CA GLY F 89 0.18 -42.39 -58.68
C GLY F 89 1.30 -42.62 -59.66
N ALA F 90 2.47 -43.05 -59.19
CA ALA F 90 3.60 -43.27 -60.09
C ALA F 90 3.35 -44.45 -61.01
N PHE F 91 2.73 -45.51 -60.50
CA PHE F 91 2.46 -46.72 -61.25
C PHE F 91 1.11 -46.70 -61.95
N ALA F 92 0.56 -45.52 -62.22
CA ALA F 92 -0.73 -45.41 -62.87
C ALA F 92 -0.68 -45.94 -64.29
N GLY F 93 -1.71 -46.68 -64.69
CA GLY F 93 -1.80 -47.22 -66.02
C GLY F 93 -1.63 -48.71 -66.08
N ALA F 94 -0.69 -49.25 -65.30
CA ALA F 94 -0.42 -50.68 -65.27
C ALA F 94 -1.25 -51.36 -64.18
N GLY F 95 -2.57 -51.34 -64.37
CA GLY F 95 -3.48 -51.95 -63.42
C GLY F 95 -3.45 -53.46 -63.42
N ALA F 96 -2.94 -54.06 -64.49
CA ALA F 96 -2.85 -55.52 -64.60
C ALA F 96 -1.52 -56.07 -64.10
N LEU F 97 -0.65 -55.22 -63.57
CA LEU F 97 0.65 -55.69 -63.07
C LEU F 97 0.45 -56.63 -61.89
N GLN F 98 1.29 -57.66 -61.81
CA GLN F 98 1.21 -58.66 -60.77
C GLN F 98 2.39 -58.63 -59.80
N ARG F 99 3.60 -58.40 -60.30
CA ARG F 99 4.80 -58.40 -59.47
C ARG F 99 5.50 -57.06 -59.61
N LEU F 100 5.78 -56.42 -58.46
CA LEU F 100 6.51 -55.16 -58.42
C LEU F 100 7.67 -55.30 -57.46
N ASP F 101 8.86 -54.88 -57.89
CA ASP F 101 10.08 -54.98 -57.11
C ASP F 101 10.69 -53.60 -56.94
N LEU F 102 11.04 -53.26 -55.70
CA LEU F 102 11.69 -51.98 -55.42
C LEU F 102 12.85 -52.16 -54.44
N ARG F 103 13.46 -53.35 -54.42
CA ARG F 103 14.53 -53.64 -53.48
C ARG F 103 15.78 -52.83 -53.82
N GLU F 104 16.51 -52.43 -52.77
CA GLU F 104 17.79 -51.73 -52.91
C GLU F 104 17.66 -50.47 -53.75
N ASN F 105 16.60 -49.72 -53.50
CA ASN F 105 16.34 -48.47 -54.23
C ASN F 105 16.43 -47.25 -53.33
N GLY F 106 16.76 -47.41 -52.05
CA GLY F 106 16.87 -46.28 -51.15
C GLY F 106 15.57 -45.54 -50.89
N LEU F 107 14.45 -46.26 -50.89
CA LEU F 107 13.16 -45.63 -50.60
C LEU F 107 13.13 -45.15 -49.15
N HIS F 108 12.59 -43.94 -48.95
CA HIS F 108 12.47 -43.37 -47.61
C HIS F 108 11.08 -42.85 -47.28
N SER F 109 10.23 -42.62 -48.27
CA SER F 109 8.87 -42.14 -48.02
C SER F 109 8.00 -42.51 -49.21
N VAL F 110 6.84 -43.08 -48.93
CA VAL F 110 5.89 -43.51 -49.95
C VAL F 110 4.56 -42.81 -49.70
N HIS F 111 4.00 -42.21 -50.74
CA HIS F 111 2.72 -41.53 -50.60
C HIS F 111 1.59 -42.54 -50.42
N VAL F 112 0.48 -42.05 -49.86
CA VAL F 112 -0.66 -42.92 -49.58
C VAL F 112 -1.27 -43.45 -50.87
N ARG F 113 -1.29 -42.61 -51.92
CA ARG F 113 -1.91 -42.98 -53.19
C ARG F 113 -0.87 -43.33 -54.26
N ALA F 114 0.34 -43.70 -53.86
CA ALA F 114 1.35 -44.11 -54.82
C ALA F 114 0.96 -45.40 -55.54
N PHE F 115 0.42 -46.35 -54.80
CA PHE F 115 0.09 -47.64 -55.40
C PHE F 115 -1.29 -47.59 -56.03
N TRP F 116 -1.54 -46.58 -56.85
CA TRP F 116 -2.85 -46.42 -57.45
C TRP F 116 -3.12 -47.43 -58.55
N GLY F 117 -4.37 -47.86 -58.69
CA GLY F 117 -4.74 -48.77 -59.75
C GLY F 117 -4.17 -50.17 -59.72
N LEU F 118 -3.27 -50.44 -58.77
CA LEU F 118 -2.62 -51.74 -58.72
C LEU F 118 -3.46 -52.78 -57.97
N GLY F 119 -4.77 -52.78 -58.21
CA GLY F 119 -5.61 -53.78 -57.57
C GLY F 119 -5.19 -55.20 -57.85
N ALA F 120 -4.53 -55.45 -58.98
CA ALA F 120 -4.09 -56.79 -59.34
C ALA F 120 -2.66 -57.10 -58.88
N LEU F 121 -2.00 -56.14 -58.24
CA LEU F 121 -0.62 -56.36 -57.78
C LEU F 121 -0.60 -57.42 -56.68
N GLN F 122 0.29 -58.39 -56.81
CA GLN F 122 0.39 -59.51 -55.88
C GLN F 122 1.69 -59.56 -55.11
N LEU F 123 2.80 -59.17 -55.73
CA LEU F 123 4.13 -59.28 -55.12
C LEU F 123 4.73 -57.89 -54.97
N LEU F 124 5.15 -57.56 -53.75
CA LEU F 124 5.83 -56.31 -53.46
C LEU F 124 7.13 -56.60 -52.73
N ASP F 125 8.21 -55.96 -53.16
CA ASP F 125 9.53 -56.12 -52.54
C ASP F 125 10.06 -54.73 -52.21
N LEU F 126 9.71 -54.23 -51.02
CA LEU F 126 10.21 -52.97 -50.51
C LEU F 126 11.42 -53.15 -49.61
N SER F 127 11.97 -54.36 -49.55
CA SER F 127 13.07 -54.66 -48.63
C SER F 127 14.35 -53.94 -49.06
N ALA F 128 15.34 -53.98 -48.16
CA ALA F 128 16.64 -53.36 -48.38
C ALA F 128 16.51 -51.88 -48.72
N ASN F 129 15.65 -51.18 -47.97
CA ASN F 129 15.44 -49.75 -48.17
C ASN F 129 15.55 -49.00 -46.85
N GLN F 130 15.22 -47.72 -46.85
CA GLN F 130 15.32 -46.87 -45.67
C GLN F 130 13.95 -46.33 -45.25
N LEU F 131 12.93 -47.17 -45.36
CA LEU F 131 11.58 -46.78 -44.97
C LEU F 131 11.47 -46.71 -43.45
N GLU F 132 11.33 -45.49 -42.93
CA GLU F 132 11.21 -45.31 -41.48
C GLU F 132 9.76 -45.19 -41.02
N ALA F 133 8.84 -44.82 -41.91
CA ALA F 133 7.43 -44.69 -41.54
C ALA F 133 6.57 -44.94 -42.78
N LEU F 134 5.39 -45.49 -42.54
CA LEU F 134 4.44 -45.79 -43.60
C LEU F 134 3.12 -45.10 -43.30
N ALA F 135 2.59 -44.39 -44.29
CA ALA F 135 1.30 -43.74 -44.12
C ALA F 135 0.18 -44.79 -44.15
N PRO F 136 -0.77 -44.70 -43.21
CA PRO F 136 -1.88 -45.66 -43.20
C PRO F 136 -2.70 -45.57 -44.49
N GLY F 137 -3.19 -46.73 -44.92
CA GLY F 137 -3.97 -46.82 -46.14
C GLY F 137 -3.16 -46.95 -47.42
N THR F 138 -1.82 -46.99 -47.31
CA THR F 138 -1.00 -47.13 -48.51
C THR F 138 -1.23 -48.47 -49.19
N PHE F 139 -1.35 -49.55 -48.41
CA PHE F 139 -1.54 -50.89 -48.94
C PHE F 139 -3.00 -51.32 -48.98
N ALA F 140 -3.93 -50.39 -48.75
CA ALA F 140 -5.35 -50.74 -48.76
C ALA F 140 -5.83 -51.26 -50.11
N PRO F 141 -5.53 -50.64 -51.26
CA PRO F 141 -6.03 -51.19 -52.53
C PRO F 141 -5.47 -52.55 -52.89
N LEU F 142 -4.36 -52.96 -52.26
CA LEU F 142 -3.72 -54.23 -52.60
C LEU F 142 -4.54 -55.38 -52.01
N ARG F 143 -5.68 -55.65 -52.63
CA ARG F 143 -6.53 -56.75 -52.21
C ARG F 143 -5.97 -58.11 -52.61
N ALA F 144 -5.16 -58.17 -53.66
CA ALA F 144 -4.58 -59.42 -54.14
C ALA F 144 -3.14 -59.61 -53.69
N LEU F 145 -2.66 -58.79 -52.74
CA LEU F 145 -1.30 -58.93 -52.24
C LEU F 145 -1.10 -60.28 -51.59
N ARG F 146 0.01 -60.92 -51.93
CA ARG F 146 0.36 -62.23 -51.39
C ARG F 146 1.70 -62.25 -50.67
N ASN F 147 2.67 -61.47 -51.13
CA ASN F 147 3.96 -61.35 -50.47
C ASN F 147 4.30 -59.88 -50.33
N LEU F 148 4.66 -59.46 -49.12
CA LEU F 148 5.05 -58.08 -48.83
C LEU F 148 6.40 -58.11 -48.12
N SER F 149 7.39 -57.45 -48.70
CA SER F 149 8.74 -57.44 -48.18
C SER F 149 9.04 -56.09 -47.54
N LEU F 150 9.54 -56.13 -46.31
CA LEU F 150 9.95 -54.92 -45.57
C LEU F 150 11.26 -55.15 -44.84
N ALA F 151 12.08 -56.08 -45.34
CA ALA F 151 13.33 -56.42 -44.67
C ALA F 151 14.37 -55.32 -44.85
N GLY F 152 15.32 -55.30 -43.93
CA GLY F 152 16.41 -54.34 -44.01
C GLY F 152 15.99 -52.88 -43.95
N ASN F 153 14.80 -52.60 -43.44
CA ASN F 153 14.29 -51.25 -43.35
C ASN F 153 14.44 -50.71 -41.93
N ARG F 154 14.28 -49.39 -41.80
CA ARG F 154 14.38 -48.71 -40.51
C ARG F 154 13.00 -48.40 -39.93
N LEU F 155 12.02 -49.25 -40.17
CA LEU F 155 10.67 -49.07 -39.63
C LEU F 155 10.70 -49.35 -38.14
N ALA F 156 10.77 -48.28 -37.34
CA ALA F 156 10.80 -48.45 -35.88
C ALA F 156 9.50 -49.05 -35.37
N ARG F 157 8.36 -48.59 -35.87
CA ARG F 157 7.06 -49.09 -35.46
C ARG F 157 6.20 -49.38 -36.67
N LEU F 158 5.50 -50.51 -36.63
CA LEU F 158 4.51 -50.87 -37.63
C LEU F 158 3.14 -50.89 -36.95
N GLU F 159 2.20 -50.13 -37.50
CA GLU F 159 0.89 -49.98 -36.87
C GLU F 159 -0.13 -50.87 -37.56
N PRO F 160 -1.16 -51.31 -36.82
CA PRO F 160 -2.22 -52.11 -37.44
C PRO F 160 -2.89 -51.44 -38.64
N ALA F 161 -3.07 -50.12 -38.59
CA ALA F 161 -3.70 -49.42 -39.70
C ALA F 161 -2.76 -49.25 -40.89
N ALA F 162 -1.45 -49.41 -40.68
CA ALA F 162 -0.51 -49.29 -41.79
C ALA F 162 -0.70 -50.40 -42.81
N LEU F 163 -0.94 -51.63 -42.33
CA LEU F 163 -1.14 -52.75 -43.24
C LEU F 163 -2.52 -52.73 -43.87
N GLY F 164 -3.54 -52.27 -43.15
CA GLY F 164 -4.88 -52.23 -43.70
C GLY F 164 -5.50 -53.61 -43.77
N ALA F 165 -6.60 -53.69 -44.52
CA ALA F 165 -7.32 -54.93 -44.71
C ALA F 165 -6.60 -55.77 -45.76
N LEU F 166 -6.02 -56.90 -45.32
CA LEU F 166 -5.25 -57.78 -46.19
C LEU F 166 -5.74 -59.20 -46.00
N PRO F 167 -6.91 -59.54 -46.57
CA PRO F 167 -7.46 -60.88 -46.37
C PRO F 167 -6.74 -61.96 -47.17
N LEU F 168 -6.29 -61.61 -48.38
CA LEU F 168 -5.64 -62.57 -49.27
C LEU F 168 -4.15 -62.72 -49.01
N LEU F 169 -3.59 -61.97 -48.06
CA LEU F 169 -2.17 -62.06 -47.78
C LEU F 169 -1.85 -63.40 -47.13
N ARG F 170 -0.78 -64.05 -47.61
CA ARG F 170 -0.40 -65.37 -47.10
C ARG F 170 0.89 -65.34 -46.28
N SER F 171 1.78 -64.39 -46.50
CA SER F 171 3.06 -64.38 -45.82
C SER F 171 3.55 -62.95 -45.65
N LEU F 172 4.45 -62.76 -44.69
CA LEU F 172 5.05 -61.47 -44.42
C LEU F 172 6.52 -61.66 -44.06
N SER F 173 7.30 -60.60 -44.25
CA SER F 173 8.72 -60.60 -43.92
C SER F 173 9.06 -59.27 -43.26
N LEU F 174 9.37 -59.31 -41.96
CA LEU F 174 9.66 -58.12 -41.18
C LEU F 174 11.03 -58.20 -40.53
N GLN F 175 11.95 -58.96 -41.11
CA GLN F 175 13.26 -59.14 -40.52
C GLN F 175 14.14 -57.92 -40.77
N ASP F 176 15.24 -57.86 -40.00
CA ASP F 176 16.25 -56.80 -40.16
C ASP F 176 15.63 -55.41 -40.04
N ASN F 177 14.72 -55.25 -39.09
CA ASN F 177 14.03 -53.98 -38.88
C ASN F 177 14.24 -53.54 -37.43
N GLU F 178 13.68 -52.37 -37.12
CA GLU F 178 13.76 -51.79 -35.77
C GLU F 178 12.45 -51.92 -35.02
N LEU F 179 11.66 -52.96 -35.32
CA LEU F 179 10.36 -53.16 -34.70
C LEU F 179 10.56 -53.59 -33.25
N ALA F 180 10.39 -52.65 -32.33
CA ALA F 180 10.57 -52.95 -30.91
C ALA F 180 9.52 -53.94 -30.42
N ALA F 181 8.26 -53.74 -30.80
CA ALA F 181 7.18 -54.62 -30.39
C ALA F 181 6.01 -54.45 -31.35
N LEU F 182 5.23 -55.51 -31.51
CA LEU F 182 4.05 -55.49 -32.35
C LEU F 182 2.83 -55.11 -31.52
N ALA F 183 2.19 -54.00 -31.89
CA ALA F 183 0.98 -53.58 -31.19
C ALA F 183 -0.14 -54.59 -31.42
N PRO F 184 -0.93 -54.90 -30.38
CA PRO F 184 -2.03 -55.84 -30.56
C PRO F 184 -3.03 -55.36 -31.59
N GLY F 185 -3.58 -56.31 -32.36
CA GLY F 185 -4.53 -56.01 -33.40
C GLY F 185 -3.96 -55.93 -34.80
N LEU F 186 -2.63 -55.86 -34.94
CA LEU F 186 -2.02 -55.82 -36.26
C LEU F 186 -2.27 -57.12 -37.03
N LEU F 187 -2.17 -58.26 -36.33
CA LEU F 187 -2.38 -59.55 -36.96
C LEU F 187 -3.84 -59.95 -37.04
N GLY F 188 -4.75 -59.16 -36.47
CA GLY F 188 -6.16 -59.49 -36.47
C GLY F 188 -6.83 -59.37 -37.82
N ARG F 189 -6.20 -58.69 -38.78
CA ARG F 189 -6.76 -58.53 -40.12
C ARG F 189 -6.01 -59.34 -41.17
N LEU F 190 -5.31 -60.39 -40.76
CA LEU F 190 -4.58 -61.28 -41.66
C LEU F 190 -5.00 -62.72 -41.38
N PRO F 191 -6.21 -63.10 -41.78
CA PRO F 191 -6.67 -64.48 -41.52
C PRO F 191 -5.83 -65.55 -42.21
N ALA F 192 -5.29 -65.26 -43.38
CA ALA F 192 -4.56 -66.24 -44.19
C ALA F 192 -3.05 -66.15 -44.00
N LEU F 193 -2.59 -65.46 -42.97
CA LEU F 193 -1.16 -65.32 -42.72
C LEU F 193 -0.62 -66.62 -42.13
N ASP F 194 0.27 -67.29 -42.87
CA ASP F 194 0.85 -68.55 -42.44
C ASP F 194 2.35 -68.54 -42.30
N ALA F 195 3.05 -67.57 -42.88
CA ALA F 195 4.50 -67.47 -42.79
C ALA F 195 4.89 -66.08 -42.36
N LEU F 196 5.96 -65.98 -41.56
CA LEU F 196 6.43 -64.71 -41.04
C LEU F 196 7.90 -64.84 -40.66
N HIS F 197 8.67 -63.79 -40.95
CA HIS F 197 10.08 -63.71 -40.59
C HIS F 197 10.28 -62.53 -39.66
N LEU F 198 11.00 -62.76 -38.55
CA LEU F 198 11.19 -61.73 -37.52
C LEU F 198 12.63 -61.70 -37.01
N ARG F 199 13.57 -62.30 -37.75
CA ARG F 199 14.95 -62.34 -37.31
C ARG F 199 15.58 -60.96 -37.34
N GLY F 200 16.50 -60.73 -36.41
CA GLY F 200 17.23 -59.46 -36.38
C GLY F 200 16.37 -58.26 -36.04
N ASN F 201 15.51 -58.38 -35.03
CA ASN F 201 14.65 -57.29 -34.60
C ASN F 201 14.81 -57.06 -33.11
N PRO F 202 14.67 -55.81 -32.65
CA PRO F 202 14.80 -55.50 -31.21
C PRO F 202 13.53 -55.84 -30.43
N TRP F 203 13.22 -57.13 -30.35
CA TRP F 203 12.00 -57.59 -29.69
C TRP F 203 12.17 -57.45 -28.19
N GLY F 204 11.41 -56.56 -27.57
CA GLY F 204 11.38 -56.44 -26.14
C GLY F 204 10.39 -57.39 -25.51
N CYS F 205 10.89 -58.45 -24.88
CA CYS F 205 10.04 -59.55 -24.44
C CYS F 205 9.22 -59.17 -23.22
N GLY F 206 8.01 -58.66 -23.46
CA GLY F 206 7.07 -58.33 -22.41
C GLY F 206 5.66 -58.72 -22.76
N CYS F 207 4.67 -58.02 -22.18
CA CYS F 207 3.28 -58.30 -22.52
C CYS F 207 2.86 -57.64 -23.83
N ALA F 208 3.68 -56.74 -24.37
CA ALA F 208 3.35 -56.09 -25.64
C ALA F 208 3.34 -57.07 -26.80
N LEU F 209 4.08 -58.18 -26.70
CA LEU F 209 4.17 -59.17 -27.76
C LEU F 209 3.45 -60.48 -27.41
N ARG F 210 2.53 -60.43 -26.45
CA ARG F 210 1.68 -61.60 -26.21
C ARG F 210 0.86 -62.00 -27.44
N PRO F 211 0.19 -61.09 -28.15
CA PRO F 211 -0.43 -61.51 -29.42
C PRO F 211 0.57 -62.02 -30.44
N LEU F 212 1.79 -61.50 -30.44
CA LEU F 212 2.82 -62.02 -31.34
C LEU F 212 3.14 -63.47 -31.03
N CYS F 213 3.31 -63.80 -29.75
CA CYS F 213 3.54 -65.20 -29.36
C CYS F 213 2.30 -66.05 -29.60
N ALA F 214 1.11 -65.45 -29.56
CA ALA F 214 -0.11 -66.21 -29.83
C ALA F 214 -0.10 -66.77 -31.24
N TRP F 215 0.34 -65.98 -32.22
CA TRP F 215 0.46 -66.49 -33.59
C TRP F 215 1.54 -67.55 -33.69
N LEU F 216 2.66 -67.36 -32.98
CA LEU F 216 3.78 -68.29 -33.10
C LEU F 216 3.45 -69.65 -32.49
N ARG F 217 2.67 -69.69 -31.42
CA ARG F 217 2.35 -70.96 -30.78
C ARG F 217 1.56 -71.87 -31.72
N ARG F 218 0.60 -71.32 -32.45
CA ARG F 218 -0.20 -72.12 -33.37
C ARG F 218 0.41 -72.19 -34.78
N HIS F 219 1.53 -71.51 -35.01
CA HIS F 219 2.26 -71.57 -36.27
C HIS F 219 3.69 -72.00 -35.96
N PRO F 220 3.97 -73.31 -35.98
CA PRO F 220 5.30 -73.78 -35.62
C PRO F 220 6.38 -73.29 -36.57
N LEU F 221 7.26 -72.43 -36.07
CA LEU F 221 8.35 -71.91 -36.88
C LEU F 221 9.42 -72.98 -37.03
N PRO F 222 10.10 -73.06 -38.18
CA PRO F 222 11.21 -74.03 -38.31
C PRO F 222 12.30 -73.76 -37.28
N ALA F 223 12.94 -74.85 -36.84
CA ALA F 223 13.96 -74.75 -35.80
C ALA F 223 15.12 -73.87 -36.24
N SER F 224 15.41 -73.85 -37.55
CA SER F 224 16.48 -72.97 -38.04
C SER F 224 16.15 -71.50 -37.81
N GLU F 225 14.91 -71.10 -38.11
CA GLU F 225 14.50 -69.72 -37.90
C GLU F 225 14.21 -69.44 -36.43
N ALA F 226 13.68 -70.42 -35.70
CA ALA F 226 13.35 -70.21 -34.29
C ALA F 226 14.59 -69.95 -33.46
N GLU F 227 15.67 -70.67 -33.73
CA GLU F 227 16.91 -70.48 -32.98
C GLU F 227 17.53 -69.11 -33.23
N THR F 228 17.18 -68.45 -34.33
CA THR F 228 17.68 -67.13 -34.64
C THR F 228 16.79 -66.01 -34.15
N VAL F 229 15.68 -66.33 -33.47
CA VAL F 229 14.77 -65.34 -32.91
C VAL F 229 14.94 -65.37 -31.40
N LEU F 230 15.27 -64.23 -30.81
CA LEU F 230 15.54 -64.14 -29.38
C LEU F 230 15.08 -62.79 -28.86
N CYS F 231 15.04 -62.68 -27.53
CA CYS F 231 14.72 -61.41 -26.90
C CYS F 231 15.91 -60.46 -26.99
N VAL F 232 15.66 -59.19 -26.66
CA VAL F 232 16.70 -58.17 -26.68
C VAL F 232 16.80 -57.53 -25.30
N TRP F 233 15.66 -57.02 -24.81
CA TRP F 233 15.60 -56.42 -23.48
C TRP F 233 14.34 -56.91 -22.79
N PRO F 234 14.35 -57.01 -21.45
CA PRO F 234 15.46 -56.70 -20.53
C PRO F 234 16.55 -57.76 -20.54
N GLY F 235 17.67 -57.46 -19.87
CA GLY F 235 18.78 -58.39 -19.82
C GLY F 235 18.48 -59.69 -19.09
N ARG F 236 17.45 -59.69 -18.23
CA ARG F 236 17.06 -60.90 -17.53
C ARG F 236 16.50 -61.97 -18.45
N LEU F 237 16.06 -61.58 -19.65
CA LEU F 237 15.43 -62.51 -20.59
C LEU F 237 16.26 -62.66 -21.87
N THR F 238 17.56 -62.37 -21.79
CA THR F 238 18.43 -62.50 -22.95
C THR F 238 18.62 -63.98 -23.31
N LEU F 239 18.88 -64.22 -24.59
CA LEU F 239 19.08 -65.56 -25.14
C LEU F 239 17.88 -66.46 -24.93
N SER F 240 16.67 -65.89 -24.88
CA SER F 240 15.45 -66.66 -24.67
C SER F 240 14.62 -66.66 -25.93
N PRO F 241 14.38 -67.80 -26.57
CA PRO F 241 13.54 -67.82 -27.76
C PRO F 241 12.11 -67.42 -27.44
N LEU F 242 11.46 -66.79 -28.42
CA LEU F 242 10.08 -66.33 -28.23
C LEU F 242 9.08 -67.48 -28.19
N THR F 243 9.40 -68.61 -28.83
CA THR F 243 8.48 -69.75 -28.84
C THR F 243 8.47 -70.50 -27.52
N ALA F 244 9.48 -70.32 -26.67
CA ALA F 244 9.53 -71.01 -25.38
C ALA F 244 8.75 -70.30 -24.29
N PHE F 245 8.24 -69.10 -24.56
CA PHE F 245 7.46 -68.36 -23.58
C PHE F 245 6.00 -68.82 -23.65
N SER F 246 5.51 -69.40 -22.55
CA SER F 246 4.15 -69.92 -22.48
C SER F 246 3.27 -68.99 -21.67
N ASP F 247 2.02 -69.43 -21.45
CA ASP F 247 1.08 -68.62 -20.68
C ASP F 247 1.53 -68.49 -19.23
N ALA F 248 2.11 -69.56 -18.67
CA ALA F 248 2.58 -69.50 -17.29
C ALA F 248 3.69 -68.47 -17.10
N ALA F 249 4.54 -68.30 -18.12
CA ALA F 249 5.63 -67.32 -18.02
C ALA F 249 5.10 -65.90 -17.95
N PHE F 250 3.93 -65.64 -18.56
CA PHE F 250 3.32 -64.31 -18.57
C PHE F 250 1.89 -64.36 -18.04
N SER F 251 1.68 -65.08 -16.93
CA SER F 251 0.36 -65.09 -16.31
C SER F 251 0.07 -63.76 -15.62
N HIS F 252 1.10 -62.99 -15.30
CA HIS F 252 0.91 -61.71 -14.64
C HIS F 252 0.58 -60.59 -15.62
N CYS F 253 0.54 -60.87 -16.92
CA CYS F 253 0.20 -59.85 -17.91
C CYS F 253 -1.24 -59.40 -17.73
N ALA F 254 -1.57 -58.26 -18.35
CA ALA F 254 -2.89 -57.66 -18.22
C ALA F 254 -3.93 -58.55 -18.92
N GLN F 255 -4.71 -59.27 -18.12
CA GLN F 255 -5.79 -60.08 -18.66
C GLN F 255 -6.95 -59.19 -19.11
N PRO F 256 -7.75 -59.65 -20.06
CA PRO F 256 -8.93 -58.87 -20.47
C PRO F 256 -9.92 -58.73 -19.32
N LEU F 257 -10.63 -57.61 -19.31
CA LEU F 257 -11.55 -57.31 -18.23
C LEU F 257 -12.65 -58.37 -18.15
N ALA F 258 -12.86 -58.89 -16.95
CA ALA F 258 -13.87 -59.90 -16.69
C ALA F 258 -15.13 -59.23 -16.15
N LEU F 259 -16.08 -60.04 -15.69
CA LEU F 259 -17.31 -59.52 -15.08
C LEU F 259 -17.30 -59.59 -13.56
N ARG F 260 -16.55 -60.52 -12.98
CA ARG F 260 -16.41 -60.58 -11.52
C ARG F 260 -15.54 -59.42 -11.03
N ASP F 261 -14.33 -59.30 -11.56
CA ASP F 261 -13.45 -58.21 -11.16
C ASP F 261 -14.05 -56.85 -11.50
N LEU F 262 -14.86 -56.78 -12.55
CA LEU F 262 -15.53 -55.52 -12.88
C LEU F 262 -16.45 -55.08 -11.76
N ALA F 263 -17.17 -56.02 -11.14
CA ALA F 263 -18.00 -55.66 -9.99
C ALA F 263 -17.15 -55.42 -8.75
N VAL F 264 -16.07 -56.18 -8.57
CA VAL F 264 -15.25 -56.03 -7.36
C VAL F 264 -14.58 -54.67 -7.32
N VAL F 265 -14.09 -54.18 -8.46
CA VAL F 265 -13.39 -52.89 -8.46
C VAL F 265 -14.37 -51.77 -8.13
N TYR F 266 -15.62 -51.88 -8.58
CA TYR F 266 -16.63 -50.89 -8.21
C TYR F 266 -16.99 -50.98 -6.73
N THR F 267 -17.15 -52.20 -6.21
CA THR F 267 -17.70 -52.36 -4.87
C THR F 267 -16.64 -52.31 -3.77
N LEU F 268 -15.36 -52.36 -4.11
CA LEU F 268 -14.33 -52.45 -3.07
C LEU F 268 -14.27 -51.20 -2.22
N GLY F 269 -14.48 -50.03 -2.83
CA GLY F 269 -14.39 -48.77 -2.11
C GLY F 269 -15.50 -48.59 -1.09
N PRO F 270 -16.75 -48.47 -1.56
CA PRO F 270 -17.86 -48.24 -0.61
C PRO F 270 -18.01 -49.34 0.42
N ALA F 271 -17.78 -50.61 0.03
CA ALA F 271 -17.90 -51.69 1.01
C ALA F 271 -16.85 -51.58 2.10
N SER F 272 -15.61 -51.27 1.73
CA SER F 272 -14.56 -51.10 2.73
C SER F 272 -14.84 -49.90 3.63
N PHE F 273 -15.35 -48.82 3.04
CA PHE F 273 -15.69 -47.65 3.85
C PHE F 273 -16.80 -47.98 4.85
N LEU F 274 -17.82 -48.72 4.40
CA LEU F 274 -18.90 -49.12 5.30
C LEU F 274 -18.40 -50.05 6.39
N VAL F 275 -17.50 -50.98 6.04
CA VAL F 275 -16.94 -51.88 7.04
C VAL F 275 -16.15 -51.09 8.09
N SER F 276 -15.34 -50.13 7.65
CA SER F 276 -14.58 -49.31 8.60
C SER F 276 -15.51 -48.51 9.49
N LEU F 277 -16.57 -47.92 8.91
CA LEU F 277 -17.52 -47.15 9.70
C LEU F 277 -18.21 -48.03 10.74
N ALA F 278 -18.65 -49.23 10.34
CA ALA F 278 -19.30 -50.13 11.27
C ALA F 278 -18.36 -50.57 12.37
N SER F 279 -17.10 -50.85 12.03
CA SER F 279 -16.12 -51.24 13.05
C SER F 279 -15.89 -50.11 14.04
N CYS F 280 -15.75 -48.87 13.54
CA CYS F 280 -15.55 -47.74 14.43
C CYS F 280 -16.75 -47.54 15.35
N LEU F 281 -17.97 -47.64 14.80
CA LEU F 281 -19.16 -47.47 15.61
C LEU F 281 -19.27 -48.55 16.67
N ALA F 282 -18.98 -49.80 16.29
CA ALA F 282 -19.04 -50.90 17.24
C ALA F 282 -18.01 -50.73 18.35
N LEU F 283 -16.79 -50.32 17.99
CA LEU F 283 -15.76 -50.10 18.99
C LEU F 283 -16.16 -48.99 19.95
N GLY F 284 -16.69 -47.89 19.42
CA GLY F 284 -17.12 -46.80 20.27
C GLY F 284 -18.25 -47.19 21.21
N SER F 285 -19.24 -47.92 20.68
CA SER F 285 -20.35 -48.36 21.51
C SER F 285 -19.88 -49.32 22.60
N GLY F 286 -18.99 -50.25 22.25
CA GLY F 286 -18.48 -51.18 23.25
C GLY F 286 -17.68 -50.49 24.33
N LEU F 287 -16.80 -49.56 23.94
CA LEU F 287 -16.01 -48.83 24.93
C LEU F 287 -16.90 -47.99 25.84
N THR F 288 -17.91 -47.33 25.27
CA THR F 288 -18.83 -46.54 26.08
C THR F 288 -19.60 -47.41 27.05
N ALA F 289 -20.09 -48.56 26.58
CA ALA F 289 -20.83 -49.47 27.47
C ALA F 289 -19.94 -49.99 28.58
N CYS F 290 -18.70 -50.37 28.24
CA CYS F 290 -17.75 -50.91 29.26
C CYS F 290 -17.48 -49.83 30.31
N ARG F 291 -17.16 -48.62 29.88
CA ARG F 291 -16.86 -47.50 30.82
C ARG F 291 -18.10 -47.18 31.65
N ALA F 292 -19.28 -47.17 31.03
CA ALA F 292 -20.53 -46.81 31.76
C ALA F 292 -20.70 -47.75 32.96
N ARG F 293 -20.70 -49.07 32.74
CA ARG F 293 -20.95 -50.03 33.85
C ARG F 293 -19.75 -50.05 34.80
N ARG F 294 -18.54 -49.81 34.31
CA ARG F 294 -17.37 -49.73 35.22
C ARG F 294 -17.58 -48.56 36.19
N ARG F 295 -18.12 -47.45 35.69
CA ARG F 295 -18.28 -46.23 36.53
C ARG F 295 -19.50 -46.34 37.44
N ARG F 296 -20.68 -46.66 36.89
CA ARG F 296 -21.90 -46.59 37.74
C ARG F 296 -21.91 -47.73 38.77
N LEU F 297 -21.66 -48.96 38.34
CA LEU F 297 -21.73 -50.09 39.24
C LEU F 297 -20.74 -50.00 40.40
N ARG F 298 -19.81 -49.03 40.36
CA ARG F 298 -18.84 -48.84 41.43
C ARG F 298 -18.84 -47.40 41.92
N THR F 299 -20.00 -46.74 41.90
CA THR F 299 -20.09 -45.37 42.36
C THR F 299 -19.77 -45.25 43.85
N ALA F 300 -20.30 -46.17 44.65
CA ALA F 300 -20.04 -46.15 46.09
C ALA F 300 -18.60 -46.51 46.41
N ALA F 301 -18.00 -47.41 45.63
CA ALA F 301 -16.62 -47.83 45.86
C ALA F 301 -15.65 -46.96 45.07
N PRO G 13 -15.46 -29.95 -54.59
CA PRO G 13 -14.00 -30.01 -54.50
C PRO G 13 -13.46 -29.29 -53.27
N CYS G 14 -12.14 -29.22 -53.15
CA CYS G 14 -11.47 -28.56 -52.04
C CYS G 14 -10.43 -27.58 -52.59
N ASP G 15 -9.70 -26.95 -51.67
CA ASP G 15 -8.69 -25.94 -52.01
C ASP G 15 -9.30 -24.84 -52.87
N SER G 16 -10.28 -24.14 -52.30
CA SER G 16 -11.05 -23.14 -53.02
C SER G 16 -10.47 -21.73 -52.91
N ARG G 17 -9.29 -21.56 -52.31
CA ARG G 17 -8.71 -20.25 -52.06
C ARG G 17 -7.41 -20.11 -52.86
N GLY G 18 -7.51 -19.44 -54.01
CA GLY G 18 -6.31 -19.14 -54.78
C GLY G 18 -5.64 -17.86 -54.35
N GLN G 19 -6.45 -16.85 -53.99
CA GLN G 19 -5.92 -15.56 -53.56
C GLN G 19 -6.76 -14.99 -52.42
N ARG G 20 -6.44 -13.78 -51.98
CA ARG G 20 -7.15 -13.17 -50.86
C ARG G 20 -7.91 -11.94 -51.33
N MET G 21 -9.16 -11.84 -50.89
CA MET G 21 -10.00 -10.66 -51.10
C MET G 21 -10.54 -10.17 -49.77
N TRP G 22 -9.69 -10.17 -48.74
CA TRP G 22 -10.09 -9.77 -47.40
C TRP G 22 -10.57 -8.33 -47.34
N TRP G 23 -10.18 -7.50 -48.31
CA TRP G 23 -10.52 -6.08 -48.24
C TRP G 23 -12.02 -5.85 -48.34
N ALA G 24 -12.76 -6.78 -48.94
CA ALA G 24 -14.19 -6.59 -49.16
C ALA G 24 -14.93 -6.46 -47.83
N PHE G 25 -14.73 -7.42 -46.93
CA PHE G 25 -15.41 -7.37 -45.63
C PHE G 25 -14.95 -6.17 -44.82
N LEU G 26 -13.64 -5.92 -44.80
CA LEU G 26 -13.10 -4.76 -44.07
C LEU G 26 -13.62 -3.46 -44.67
N ALA G 27 -13.67 -3.37 -46.00
CA ALA G 27 -14.20 -2.17 -46.63
C ALA G 27 -15.67 -1.96 -46.28
N SER G 28 -16.46 -3.05 -46.27
CA SER G 28 -17.87 -2.92 -45.92
C SER G 28 -18.05 -2.42 -44.50
N SER G 29 -17.32 -3.02 -43.55
CA SER G 29 -17.45 -2.60 -42.16
C SER G 29 -16.99 -1.15 -41.97
N MET G 30 -15.85 -0.80 -42.56
CA MET G 30 -15.32 0.56 -42.41
C MET G 30 -16.25 1.57 -43.06
N VAL G 31 -16.79 1.26 -44.23
CA VAL G 31 -17.68 2.21 -44.90
C VAL G 31 -18.97 2.38 -44.12
N THR G 32 -19.48 1.29 -43.52
CA THR G 32 -20.66 1.42 -42.68
C THR G 32 -20.39 2.35 -41.50
N PHE G 33 -19.32 2.08 -40.76
CA PHE G 33 -19.01 2.87 -39.56
C PHE G 33 -18.74 4.33 -39.92
N PHE G 34 -17.95 4.56 -40.97
CA PHE G 34 -17.56 5.92 -41.31
C PHE G 34 -18.70 6.68 -41.96
N GLY G 35 -19.57 6.00 -42.71
CA GLY G 35 -20.74 6.65 -43.24
C GLY G 35 -21.72 7.05 -42.15
N GLY G 36 -21.87 6.19 -41.13
CA GLY G 36 -22.68 6.56 -39.99
C GLY G 36 -22.13 7.79 -39.28
N LEU G 37 -20.82 7.79 -39.03
CA LEU G 37 -20.19 8.95 -38.39
C LEU G 37 -20.37 10.20 -39.22
N PHE G 38 -20.15 10.10 -40.55
CA PHE G 38 -20.23 11.27 -41.41
C PHE G 38 -21.65 11.80 -41.51
N ILE G 39 -22.64 10.91 -41.59
CA ILE G 39 -24.02 11.39 -41.67
C ILE G 39 -24.46 12.01 -40.35
N ILE G 40 -24.00 11.46 -39.22
CA ILE G 40 -24.34 12.07 -37.94
C ILE G 40 -23.69 13.44 -37.81
N LEU G 41 -22.42 13.57 -38.22
CA LEU G 41 -21.75 14.86 -38.14
C LEU G 41 -22.38 15.87 -39.10
N LEU G 42 -22.80 15.41 -40.28
CA LEU G 42 -23.47 16.29 -41.22
C LEU G 42 -24.81 16.77 -40.67
N TRP G 43 -25.56 15.88 -40.02
CA TRP G 43 -26.80 16.28 -39.36
C TRP G 43 -26.53 17.31 -38.28
N ARG G 44 -25.49 17.09 -37.48
CA ARG G 44 -25.16 18.04 -36.41
C ARG G 44 -24.77 19.40 -36.98
N THR G 45 -23.98 19.42 -38.06
CA THR G 45 -23.56 20.69 -38.65
C THR G 45 -24.73 21.40 -39.33
N LEU G 46 -25.61 20.65 -39.99
CA LEU G 46 -26.78 21.25 -40.61
C LEU G 46 -27.70 21.85 -39.55
N LYS G 47 -27.88 21.16 -38.43
CA LYS G 47 -28.64 21.75 -37.33
C LYS G 47 -27.95 22.99 -36.78
N TYR G 48 -26.62 22.95 -36.70
CA TYR G 48 -25.86 24.13 -36.25
C TYR G 48 -26.01 25.30 -37.21
N LEU G 49 -25.98 25.02 -38.52
CA LEU G 49 -26.05 26.04 -39.55
C LEU G 49 -27.47 26.28 -40.06
N TRP G 50 -28.46 25.66 -39.43
CA TRP G 50 -29.88 25.75 -39.82
C TRP G 50 -30.10 25.70 -41.34
N GLU G 90 -50.25 16.33 -30.56
CA GLU G 90 -50.46 15.36 -29.48
C GLU G 90 -49.37 15.49 -28.42
N VAL G 91 -48.55 14.43 -28.28
CA VAL G 91 -47.47 14.41 -27.31
C VAL G 91 -46.13 14.04 -27.92
N GLY G 92 -46.06 13.84 -29.23
CA GLY G 92 -44.82 13.48 -29.88
C GLY G 92 -44.74 12.02 -30.26
N TRP G 93 -44.84 11.74 -31.56
CA TRP G 93 -44.80 10.36 -32.02
C TRP G 93 -43.38 9.77 -31.94
N MET G 94 -42.36 10.59 -32.21
CA MET G 94 -40.98 10.12 -32.08
C MET G 94 -40.65 9.82 -30.62
N THR G 95 -41.12 10.67 -29.71
CA THR G 95 -40.93 10.39 -28.28
C THR G 95 -41.61 9.10 -27.86
N SER G 96 -42.79 8.81 -28.43
CA SER G 96 -43.50 7.59 -28.08
C SER G 96 -42.70 6.35 -28.48
N VAL G 97 -42.17 6.33 -29.70
CA VAL G 97 -41.39 5.17 -30.13
C VAL G 97 -40.06 5.10 -29.38
N LYS G 98 -39.47 6.25 -29.06
CA LYS G 98 -38.25 6.23 -28.27
C LYS G 98 -38.49 5.64 -26.88
N ASP G 99 -39.59 6.03 -26.24
CA ASP G 99 -39.93 5.45 -24.94
C ASP G 99 -40.25 3.96 -25.05
N TRP G 100 -40.93 3.57 -26.13
CA TRP G 100 -41.24 2.16 -26.33
C TRP G 100 -39.96 1.33 -26.46
N ALA G 101 -39.00 1.83 -27.24
CA ALA G 101 -37.73 1.13 -27.39
C ALA G 101 -36.96 1.10 -26.08
N GLY G 102 -36.96 2.21 -25.34
CA GLY G 102 -36.29 2.23 -24.05
C GLY G 102 -36.87 1.24 -23.07
N VAL G 103 -38.19 1.09 -23.07
CA VAL G 103 -38.82 0.06 -22.25
C VAL G 103 -38.45 -1.33 -22.75
N MET G 104 -38.38 -1.50 -24.07
CA MET G 104 -38.04 -2.80 -24.63
C MET G 104 -36.60 -3.19 -24.31
N ILE G 105 -35.67 -2.23 -24.38
CA ILE G 105 -34.27 -2.54 -24.10
C ILE G 105 -34.11 -2.99 -22.64
N SER G 106 -34.73 -2.26 -21.72
CA SER G 106 -34.71 -2.66 -20.33
C SER G 106 -35.64 -3.85 -20.10
N ALA G 107 -35.43 -4.53 -18.98
CA ALA G 107 -36.26 -5.69 -18.61
C ALA G 107 -37.42 -5.24 -17.71
N GLN G 108 -38.17 -4.27 -18.21
CA GLN G 108 -39.32 -3.74 -17.50
C GLN G 108 -40.63 -4.43 -17.88
N THR G 109 -40.66 -5.14 -19.00
CA THR G 109 -41.83 -5.90 -19.43
C THR G 109 -41.40 -7.32 -19.75
N LEU G 110 -42.39 -8.20 -19.91
CA LEU G 110 -42.09 -9.60 -20.22
C LEU G 110 -41.35 -9.72 -21.54
N THR G 111 -41.77 -8.96 -22.55
CA THR G 111 -41.08 -8.98 -23.83
C THR G 111 -39.65 -8.45 -23.67
N GLY G 112 -39.46 -7.42 -22.85
CA GLY G 112 -38.12 -6.91 -22.62
C GLY G 112 -37.21 -7.93 -21.96
N ARG G 113 -37.72 -8.63 -20.94
CA ARG G 113 -36.93 -9.68 -20.30
C ARG G 113 -36.60 -10.81 -21.28
N VAL G 114 -37.59 -11.19 -22.11
CA VAL G 114 -37.35 -12.23 -23.11
C VAL G 114 -36.26 -11.80 -24.08
N LEU G 115 -36.32 -10.55 -24.55
CA LEU G 115 -35.30 -10.04 -25.46
C LEU G 115 -33.93 -9.99 -24.80
N VAL G 116 -33.87 -9.61 -23.54
CA VAL G 116 -32.59 -9.55 -22.81
C VAL G 116 -31.99 -10.95 -22.68
N VAL G 117 -32.82 -11.92 -22.30
CA VAL G 117 -32.33 -13.29 -22.17
C VAL G 117 -31.89 -13.83 -23.52
N LEU G 118 -32.63 -13.49 -24.58
CA LEU G 118 -32.24 -13.91 -25.92
C LEU G 118 -30.91 -13.29 -26.34
N VAL G 119 -30.70 -12.02 -26.00
CA VAL G 119 -29.43 -11.37 -26.31
C VAL G 119 -28.29 -12.07 -25.60
N PHE G 120 -28.47 -12.39 -24.31
CA PHE G 120 -27.46 -13.13 -23.57
C PHE G 120 -27.15 -14.46 -24.24
N ALA G 121 -28.20 -15.24 -24.51
CA ALA G 121 -28.02 -16.59 -25.06
C ALA G 121 -27.37 -16.54 -26.43
N LEU G 122 -27.78 -15.61 -27.28
CA LEU G 122 -27.24 -15.55 -28.64
C LEU G 122 -25.84 -14.96 -28.66
N SER G 123 -25.48 -14.09 -27.71
CA SER G 123 -24.09 -13.67 -27.59
C SER G 123 -23.22 -14.86 -27.23
N ILE G 124 -23.67 -15.68 -26.26
CA ILE G 124 -22.92 -16.88 -25.90
C ILE G 124 -22.82 -17.81 -27.10
N GLY G 125 -23.91 -17.97 -27.84
CA GLY G 125 -23.90 -18.84 -29.01
C GLY G 125 -22.98 -18.35 -30.10
N ALA G 126 -22.95 -17.03 -30.33
CA ALA G 126 -22.03 -16.47 -31.32
C ALA G 126 -20.58 -16.68 -30.90
N LEU G 127 -20.29 -16.52 -29.62
CA LEU G 127 -18.93 -16.80 -29.14
C LEU G 127 -18.57 -18.27 -29.37
N VAL G 128 -19.50 -19.18 -29.09
CA VAL G 128 -19.25 -20.61 -29.31
C VAL G 128 -19.04 -20.89 -30.80
N ILE G 129 -19.84 -20.25 -31.65
CA ILE G 129 -19.72 -20.45 -33.10
C ILE G 129 -18.36 -19.97 -33.60
N TYR G 130 -17.92 -18.80 -33.11
CA TYR G 130 -16.59 -18.33 -33.48
C TYR G 130 -15.51 -19.28 -32.98
N PHE G 131 -15.70 -19.85 -31.78
CA PHE G 131 -14.75 -20.82 -31.27
C PHE G 131 -14.67 -22.04 -32.17
N ILE G 132 -15.82 -22.53 -32.64
CA ILE G 132 -15.85 -23.70 -33.51
C ILE G 132 -15.22 -23.38 -34.86
N ASP G 133 -15.56 -22.21 -35.42
CA ASP G 133 -15.08 -21.84 -36.75
C ASP G 133 -13.61 -21.48 -36.77
N SER G 134 -12.97 -21.36 -35.60
CA SER G 134 -11.56 -21.00 -35.56
C SER G 134 -10.68 -22.10 -36.16
N SER G 135 -11.11 -23.37 -36.06
CA SER G 135 -10.32 -24.46 -36.60
C SER G 135 -10.24 -24.43 -38.12
N ASN G 136 -11.23 -23.81 -38.77
CA ASN G 136 -11.22 -23.71 -40.21
C ASN G 136 -10.11 -22.76 -40.68
N PRO G 137 -9.66 -22.91 -41.93
CA PRO G 137 -8.63 -22.00 -42.45
C PRO G 137 -9.10 -20.55 -42.45
N ILE G 138 -8.15 -19.66 -42.76
CA ILE G 138 -8.44 -18.23 -42.74
C ILE G 138 -9.51 -17.89 -43.78
N GLU G 139 -9.38 -18.44 -44.98
CA GLU G 139 -10.35 -18.25 -46.05
C GLU G 139 -10.82 -19.60 -46.57
N SER G 140 -12.10 -19.67 -46.92
CA SER G 140 -12.67 -20.89 -47.48
C SER G 140 -13.96 -20.54 -48.20
N CYS G 141 -14.43 -21.48 -49.02
CA CYS G 141 -15.70 -21.35 -49.72
C CYS G 141 -16.67 -22.39 -49.18
N GLN G 142 -17.79 -21.93 -48.65
CA GLN G 142 -18.81 -22.80 -48.10
C GLN G 142 -20.17 -22.38 -48.60
N ASN G 143 -20.97 -23.37 -49.00
CA ASN G 143 -22.29 -23.14 -49.57
C ASN G 143 -23.28 -22.86 -48.46
N PHE G 144 -24.02 -21.75 -48.59
CA PHE G 144 -24.90 -21.31 -47.51
C PHE G 144 -26.02 -22.32 -47.26
N TYR G 145 -26.65 -22.82 -48.32
CA TYR G 145 -27.78 -23.73 -48.16
C TYR G 145 -27.36 -25.18 -47.99
N LYS G 146 -26.06 -25.47 -48.04
CA LYS G 146 -25.56 -26.81 -47.76
C LYS G 146 -24.73 -26.86 -46.48
N ASP G 147 -24.77 -25.82 -45.66
CA ASP G 147 -24.02 -25.77 -44.42
C ASP G 147 -24.96 -25.49 -43.26
N PHE G 148 -24.64 -26.06 -42.10
CA PHE G 148 -25.47 -25.93 -40.91
C PHE G 148 -25.04 -24.80 -39.99
N THR G 149 -23.78 -24.35 -40.09
CA THR G 149 -23.29 -23.30 -39.20
C THR G 149 -23.62 -21.91 -39.75
N LEU G 150 -23.52 -21.73 -41.07
CA LEU G 150 -23.71 -20.42 -41.67
C LEU G 150 -25.14 -19.92 -41.48
N GLN G 151 -26.13 -20.82 -41.57
CA GLN G 151 -27.51 -20.41 -41.35
C GLN G 151 -27.73 -19.94 -39.93
N ILE G 152 -27.18 -20.66 -38.95
CA ILE G 152 -27.33 -20.25 -37.55
C ILE G 152 -26.63 -18.91 -37.31
N ASP G 153 -25.45 -18.72 -37.92
CA ASP G 153 -24.75 -17.45 -37.79
C ASP G 153 -25.55 -16.31 -38.42
N MET G 154 -26.18 -16.58 -39.57
CA MET G 154 -27.01 -15.56 -40.21
C MET G 154 -28.18 -15.18 -39.33
N ALA G 155 -28.85 -16.18 -38.73
CA ALA G 155 -29.95 -15.88 -37.81
C ALA G 155 -29.47 -15.07 -36.61
N PHE G 156 -28.31 -15.46 -36.06
CA PHE G 156 -27.78 -14.75 -34.89
C PHE G 156 -27.48 -13.29 -35.22
N ASN G 157 -26.82 -13.03 -36.35
CA ASN G 157 -26.49 -11.65 -36.68
C ASN G 157 -27.70 -10.85 -37.13
N VAL G 158 -28.72 -11.51 -37.69
CA VAL G 158 -29.97 -10.80 -37.96
C VAL G 158 -30.62 -10.36 -36.67
N PHE G 159 -30.66 -11.24 -35.66
CA PHE G 159 -31.19 -10.85 -34.36
C PHE G 159 -30.36 -9.73 -33.75
N PHE G 160 -29.04 -9.80 -33.90
CA PHE G 160 -28.17 -8.74 -33.38
C PHE G 160 -28.43 -7.42 -34.09
N LEU G 161 -28.69 -7.47 -35.40
CA LEU G 161 -29.04 -6.25 -36.14
C LEU G 161 -30.35 -5.66 -35.64
N LEU G 162 -31.35 -6.51 -35.39
CA LEU G 162 -32.61 -6.01 -34.85
C LEU G 162 -32.41 -5.39 -33.48
N TYR G 163 -31.60 -6.03 -32.62
CA TYR G 163 -31.31 -5.48 -31.31
C TYR G 163 -30.57 -4.15 -31.40
N PHE G 164 -29.65 -4.04 -32.36
CA PHE G 164 -28.95 -2.78 -32.58
C PHE G 164 -29.92 -1.68 -33.01
N GLY G 165 -30.86 -2.01 -33.90
CA GLY G 165 -31.86 -1.03 -34.29
C GLY G 165 -32.70 -0.58 -33.11
N LEU G 166 -33.12 -1.53 -32.26
CA LEU G 166 -33.88 -1.18 -31.07
C LEU G 166 -33.08 -0.27 -30.14
N ARG G 167 -31.79 -0.57 -29.97
CA ARG G 167 -30.93 0.27 -29.14
C ARG G 167 -30.78 1.65 -29.74
N PHE G 168 -30.64 1.74 -31.06
CA PHE G 168 -30.46 3.02 -31.73
C PHE G 168 -31.71 3.89 -31.60
N ILE G 169 -32.89 3.28 -31.67
CA ILE G 169 -34.12 4.04 -31.49
C ILE G 169 -34.18 4.64 -30.09
N ALA G 170 -33.79 3.87 -29.08
CA ALA G 170 -33.83 4.33 -27.70
C ALA G 170 -32.59 5.13 -27.29
N ALA G 171 -31.60 5.25 -28.16
CA ALA G 171 -30.37 5.96 -27.80
C ALA G 171 -30.65 7.45 -27.60
N ASN G 172 -30.03 8.02 -26.57
CA ASN G 172 -30.21 9.44 -26.29
C ASN G 172 -29.39 10.30 -27.25
N ASP G 173 -28.07 10.12 -27.26
CA ASP G 173 -27.19 10.82 -28.18
C ASP G 173 -26.74 9.86 -29.26
N LYS G 174 -26.97 10.23 -30.51
CA LYS G 174 -26.68 9.32 -31.62
C LYS G 174 -25.17 9.21 -31.86
N LEU G 175 -24.46 10.33 -31.81
CA LEU G 175 -23.02 10.32 -32.08
C LEU G 175 -22.28 9.50 -31.04
N TRP G 176 -22.61 9.67 -29.76
CA TRP G 176 -21.92 8.92 -28.72
C TRP G 176 -22.42 7.48 -28.62
N PHE G 177 -23.59 7.18 -29.16
CA PHE G 177 -24.01 5.78 -29.27
C PHE G 177 -23.29 5.09 -30.41
N TRP G 178 -22.93 5.83 -31.46
CA TRP G 178 -22.19 5.26 -32.57
C TRP G 178 -20.80 4.79 -32.14
N LEU G 179 -20.24 5.40 -31.10
CA LEU G 179 -18.90 5.10 -30.64
C LEU G 179 -18.85 4.08 -29.52
N GLU G 180 -19.99 3.51 -29.13
CA GLU G 180 -19.98 2.50 -28.08
C GLU G 180 -19.34 1.20 -28.59
N VAL G 181 -18.84 0.40 -27.65
CA VAL G 181 -18.14 -0.82 -28.01
C VAL G 181 -19.07 -1.82 -28.66
N ASN G 182 -20.31 -1.94 -28.16
CA ASN G 182 -21.25 -2.88 -28.74
C ASN G 182 -21.62 -2.48 -30.17
N SER G 183 -21.79 -1.18 -30.40
CA SER G 183 -22.07 -0.70 -31.76
C SER G 183 -20.93 -1.01 -32.71
N VAL G 184 -19.69 -0.82 -32.26
CA VAL G 184 -18.53 -1.04 -33.12
C VAL G 184 -18.43 -2.53 -33.49
N VAL G 185 -18.62 -3.42 -32.51
CA VAL G 185 -18.55 -4.84 -32.81
C VAL G 185 -19.71 -5.27 -33.70
N ASP G 186 -20.90 -4.68 -33.53
CA ASP G 186 -21.98 -4.99 -34.47
C ASP G 186 -21.61 -4.55 -35.89
N PHE G 187 -21.05 -3.34 -36.03
CA PHE G 187 -20.67 -2.83 -37.34
C PHE G 187 -19.61 -3.71 -38.00
N PHE G 188 -18.64 -4.20 -37.23
CA PHE G 188 -17.56 -5.00 -37.77
C PHE G 188 -17.85 -6.49 -37.73
N THR G 189 -19.03 -6.89 -37.29
CA THR G 189 -19.36 -8.31 -37.25
C THR G 189 -20.50 -8.69 -38.19
N VAL G 190 -21.56 -7.90 -38.28
CA VAL G 190 -22.73 -8.32 -39.05
C VAL G 190 -22.52 -8.13 -40.56
N PRO G 191 -22.09 -6.97 -41.04
CA PRO G 191 -21.90 -6.79 -42.50
C PRO G 191 -20.93 -7.79 -43.10
N PRO G 192 -19.81 -8.14 -42.43
CA PRO G 192 -18.94 -9.17 -43.02
C PRO G 192 -19.62 -10.52 -43.18
N VAL G 193 -20.47 -10.93 -42.23
CA VAL G 193 -21.18 -12.19 -42.38
C VAL G 193 -22.21 -12.09 -43.50
N PHE G 194 -22.86 -10.94 -43.63
CA PHE G 194 -23.78 -10.74 -44.75
C PHE G 194 -23.06 -10.88 -46.09
N VAL G 195 -21.87 -10.26 -46.20
CA VAL G 195 -21.12 -10.34 -47.44
C VAL G 195 -20.65 -11.78 -47.69
N SER G 196 -20.24 -12.48 -46.63
CA SER G 196 -19.82 -13.86 -46.79
C SER G 196 -20.96 -14.73 -47.29
N VAL G 197 -22.17 -14.53 -46.76
CA VAL G 197 -23.34 -15.26 -47.26
C VAL G 197 -23.60 -14.89 -48.71
N TYR G 198 -23.47 -13.60 -49.05
CA TYR G 198 -23.69 -13.17 -50.43
C TYR G 198 -22.67 -13.78 -51.39
N LEU G 199 -21.38 -13.75 -51.02
CA LEU G 199 -20.32 -14.18 -51.90
C LEU G 199 -19.99 -15.67 -51.80
N ASN G 200 -20.67 -16.39 -50.90
CA ASN G 200 -20.40 -17.82 -50.68
C ASN G 200 -18.94 -18.07 -50.35
N ARG G 201 -18.35 -17.15 -49.57
CA ARG G 201 -16.94 -17.25 -49.21
C ARG G 201 -16.76 -16.64 -47.82
N SER G 202 -16.24 -17.41 -46.89
CA SER G 202 -16.11 -17.01 -45.50
C SER G 202 -14.65 -16.71 -45.17
N TRP G 203 -14.42 -15.53 -44.59
CA TRP G 203 -13.09 -15.12 -44.14
C TRP G 203 -13.14 -14.87 -42.65
N LEU G 204 -12.21 -15.50 -41.92
CA LEU G 204 -12.11 -15.32 -40.47
C LEU G 204 -11.31 -14.04 -40.23
N GLY G 205 -11.98 -12.90 -40.31
CA GLY G 205 -11.34 -11.62 -40.12
C GLY G 205 -11.49 -11.08 -38.72
N LEU G 206 -12.34 -10.05 -38.57
CA LEU G 206 -12.60 -9.44 -37.27
C LEU G 206 -13.73 -10.13 -36.52
N ARG G 207 -13.97 -11.41 -36.80
CA ARG G 207 -15.02 -12.15 -36.11
C ARG G 207 -14.70 -12.34 -34.63
N PHE G 208 -13.44 -12.17 -34.25
CA PHE G 208 -13.06 -12.30 -32.84
C PHE G 208 -13.63 -11.18 -31.98
N LEU G 209 -14.16 -10.12 -32.58
CA LEU G 209 -14.73 -9.01 -31.82
C LEU G 209 -16.00 -9.41 -31.09
N ARG G 210 -16.58 -10.57 -31.42
CA ARG G 210 -17.79 -11.02 -30.74
C ARG G 210 -17.56 -11.20 -29.24
N ALA G 211 -16.33 -11.52 -28.84
CA ALA G 211 -16.03 -11.64 -27.42
C ALA G 211 -16.21 -10.32 -26.68
N LEU G 212 -16.07 -9.20 -27.39
CA LEU G 212 -16.37 -7.91 -26.78
C LEU G 212 -17.83 -7.78 -26.40
N ARG G 213 -18.73 -8.43 -27.15
CA ARG G 213 -20.13 -8.50 -26.75
C ARG G 213 -20.31 -9.17 -25.40
N LEU G 214 -19.33 -9.96 -24.96
CA LEU G 214 -19.35 -10.55 -23.63
C LEU G 214 -19.27 -9.51 -22.53
N ILE G 215 -18.82 -8.29 -22.85
CA ILE G 215 -18.70 -7.25 -21.83
C ILE G 215 -20.08 -6.87 -21.29
N GLN G 216 -21.06 -6.71 -22.16
CA GLN G 216 -22.40 -6.29 -21.77
C GLN G 216 -23.17 -7.44 -21.14
N PHE G 217 -22.69 -7.87 -19.97
CA PHE G 217 -23.35 -8.88 -19.16
C PHE G 217 -23.80 -8.38 -17.80
N SER G 218 -23.02 -7.50 -17.17
CA SER G 218 -23.45 -6.92 -15.90
C SER G 218 -24.69 -6.07 -16.08
N GLU G 219 -24.75 -5.30 -17.17
CA GLU G 219 -25.96 -4.53 -17.46
C GLU G 219 -27.15 -5.45 -17.72
N ILE G 220 -26.90 -6.57 -18.41
CA ILE G 220 -27.96 -7.55 -18.65
C ILE G 220 -28.49 -8.11 -17.34
N LEU G 221 -27.60 -8.44 -16.41
CA LEU G 221 -28.03 -9.00 -15.14
C LEU G 221 -28.73 -7.95 -14.28
N GLN G 222 -28.27 -6.71 -14.34
CA GLN G 222 -28.90 -5.64 -13.56
C GLN G 222 -30.28 -5.29 -14.10
N PHE G 223 -30.47 -5.38 -15.42
CA PHE G 223 -31.80 -5.13 -15.98
C PHE G 223 -32.80 -6.16 -15.48
N LEU G 224 -32.38 -7.42 -15.33
CA LEU G 224 -33.24 -8.50 -14.89
C LEU G 224 -33.42 -8.56 -13.38
N ASN G 225 -32.82 -7.62 -12.64
CA ASN G 225 -32.89 -7.51 -11.18
C ASN G 225 -32.26 -8.70 -10.46
N ILE G 226 -31.58 -9.59 -11.18
CA ILE G 226 -30.90 -10.70 -10.53
C ILE G 226 -29.70 -10.21 -9.73
N LEU G 227 -28.98 -9.22 -10.26
CA LEU G 227 -27.72 -8.76 -9.70
C LEU G 227 -27.96 -7.42 -9.00
N LYS G 228 -27.97 -7.43 -7.67
CA LYS G 228 -28.32 -6.26 -6.88
C LYS G 228 -27.19 -5.75 -6.00
N THR G 229 -26.60 -6.62 -5.18
CA THR G 229 -25.59 -6.19 -4.22
C THR G 229 -24.34 -5.67 -4.92
N SER G 230 -23.68 -4.71 -4.27
CA SER G 230 -22.55 -4.03 -4.89
C SER G 230 -21.38 -4.97 -5.14
N ASN G 231 -21.08 -5.85 -4.19
CA ASN G 231 -19.93 -6.74 -4.35
C ASN G 231 -20.09 -7.66 -5.55
N SER G 232 -21.27 -8.25 -5.72
CA SER G 232 -21.48 -9.17 -6.83
C SER G 232 -21.47 -8.42 -8.17
N ILE G 233 -22.02 -7.20 -8.20
CA ILE G 233 -21.98 -6.40 -9.42
C ILE G 233 -20.54 -6.15 -9.83
N LYS G 234 -19.70 -5.76 -8.87
CA LYS G 234 -18.30 -5.46 -9.15
C LYS G 234 -17.55 -6.71 -9.59
N LEU G 235 -17.83 -7.85 -8.94
CA LEU G 235 -17.18 -9.10 -9.33
C LEU G 235 -17.55 -9.49 -10.75
N VAL G 236 -18.83 -9.39 -11.10
CA VAL G 236 -19.26 -9.73 -12.46
C VAL G 236 -18.64 -8.78 -13.47
N ASN G 237 -18.58 -7.49 -13.14
CA ASN G 237 -17.93 -6.52 -14.04
C ASN G 237 -16.48 -6.89 -14.29
N LEU G 238 -15.73 -7.16 -13.21
CA LEU G 238 -14.31 -7.48 -13.35
C LEU G 238 -14.12 -8.76 -14.17
N LEU G 239 -14.91 -9.80 -13.86
CA LEU G 239 -14.77 -11.07 -14.57
C LEU G 239 -15.09 -10.90 -16.05
N SER G 240 -16.18 -10.20 -16.36
CA SER G 240 -16.57 -10.02 -17.76
C SER G 240 -15.51 -9.23 -18.52
N ILE G 241 -15.02 -8.13 -17.93
CA ILE G 241 -14.01 -7.33 -18.61
C ILE G 241 -12.74 -8.14 -18.84
N PHE G 242 -12.29 -8.87 -17.82
CA PHE G 242 -11.07 -9.65 -17.94
C PHE G 242 -11.19 -10.71 -19.02
N ILE G 243 -12.27 -11.51 -18.97
CA ILE G 243 -12.43 -12.59 -19.93
C ILE G 243 -12.59 -12.04 -21.34
N SER G 244 -13.38 -10.98 -21.50
CA SER G 244 -13.59 -10.41 -22.84
C SER G 244 -12.29 -9.87 -23.43
N THR G 245 -11.52 -9.14 -22.63
CA THR G 245 -10.25 -8.61 -23.13
C THR G 245 -9.29 -9.75 -23.48
N TRP G 246 -9.22 -10.77 -22.63
CA TRP G 246 -8.35 -11.91 -22.90
C TRP G 246 -8.72 -12.57 -24.22
N LEU G 247 -10.01 -12.88 -24.41
CA LEU G 247 -10.45 -13.56 -25.62
C LEU G 247 -10.25 -12.69 -26.86
N THR G 248 -10.52 -11.39 -26.75
CA THR G 248 -10.35 -10.50 -27.90
C THR G 248 -8.89 -10.40 -28.30
N ALA G 249 -7.99 -10.26 -27.32
CA ALA G 249 -6.57 -10.19 -27.64
C ALA G 249 -6.09 -11.51 -28.25
N ALA G 250 -6.55 -12.64 -27.72
CA ALA G 250 -6.17 -13.93 -28.28
C ALA G 250 -6.66 -14.07 -29.71
N GLY G 251 -7.89 -13.65 -29.99
CA GLY G 251 -8.40 -13.72 -31.35
C GLY G 251 -7.64 -12.82 -32.31
N PHE G 252 -7.29 -11.62 -31.86
CA PHE G 252 -6.51 -10.73 -32.70
C PHE G 252 -5.13 -11.32 -33.01
N ILE G 253 -4.49 -11.92 -32.00
CA ILE G 253 -3.20 -12.58 -32.24
C ILE G 253 -3.36 -13.73 -33.21
N HIS G 254 -4.44 -14.51 -33.08
CA HIS G 254 -4.67 -15.63 -34.00
C HIS G 254 -4.81 -15.11 -35.43
N LEU G 255 -5.60 -14.06 -35.62
CA LEU G 255 -5.80 -13.51 -36.96
C LEU G 255 -4.49 -12.97 -37.53
N VAL G 256 -3.71 -12.27 -36.71
CA VAL G 256 -2.48 -11.66 -37.20
C VAL G 256 -1.43 -12.72 -37.54
N GLU G 257 -1.28 -13.72 -36.67
CA GLU G 257 -0.26 -14.74 -36.90
C GLU G 257 -0.63 -15.66 -38.06
N ASN G 258 -1.91 -16.01 -38.17
CA ASN G 258 -2.33 -16.88 -39.27
C ASN G 258 -2.28 -16.15 -40.60
N SER G 259 -2.62 -14.86 -40.61
CA SER G 259 -2.61 -14.04 -41.82
C SER G 259 -1.42 -13.08 -41.72
N GLY G 260 -0.31 -13.45 -42.34
CA GLY G 260 0.91 -12.69 -42.28
C GLY G 260 0.79 -11.24 -42.71
N ASP G 261 1.83 -10.45 -42.44
CA ASP G 261 1.80 -9.03 -42.76
C ASP G 261 1.66 -8.83 -44.26
N PRO G 262 0.78 -7.94 -44.71
CA PRO G 262 0.53 -7.79 -46.16
C PRO G 262 1.77 -7.38 -46.94
N TRP G 263 2.65 -6.54 -46.38
CA TRP G 263 3.80 -6.07 -47.13
C TRP G 263 4.83 -7.17 -47.39
N GLU G 264 4.73 -8.30 -46.71
CA GLU G 264 5.61 -9.45 -46.94
C GLU G 264 4.94 -10.55 -47.75
N ASN G 265 3.83 -10.22 -48.44
CA ASN G 265 3.12 -11.16 -49.30
C ASN G 265 2.58 -12.36 -48.51
N PHE G 266 2.21 -12.12 -47.25
CA PHE G 266 1.61 -13.14 -46.40
C PHE G 266 2.48 -14.40 -46.31
N GLN G 267 3.78 -14.21 -46.15
CA GLN G 267 4.74 -15.30 -46.10
C GLN G 267 5.21 -15.61 -44.69
N ASN G 268 4.50 -15.15 -43.66
CA ASN G 268 4.87 -15.37 -42.27
C ASN G 268 3.78 -16.11 -41.50
N ASN G 269 3.14 -17.08 -42.14
CA ASN G 269 2.11 -17.87 -41.49
C ASN G 269 2.73 -18.77 -40.43
N GLN G 270 2.51 -18.45 -39.16
CA GLN G 270 3.03 -19.25 -38.05
C GLN G 270 2.17 -20.46 -37.73
N ALA G 271 0.94 -20.51 -38.24
CA ALA G 271 0.03 -21.64 -38.02
C ALA G 271 -0.20 -21.88 -36.52
N LEU G 272 -0.77 -20.88 -35.87
CA LEU G 272 -1.08 -20.95 -34.44
C LEU G 272 -2.56 -21.22 -34.24
N THR G 273 -2.85 -22.27 -33.47
CA THR G 273 -4.24 -22.56 -33.12
C THR G 273 -4.76 -21.50 -32.14
N TYR G 274 -6.09 -21.37 -32.09
CA TYR G 274 -6.71 -20.37 -31.23
C TYR G 274 -6.41 -20.66 -29.76
N TRP G 275 -6.40 -21.93 -29.38
CA TRP G 275 -6.04 -22.29 -28.00
C TRP G 275 -4.60 -21.91 -27.70
N GLU G 276 -3.70 -22.10 -28.67
CA GLU G 276 -2.31 -21.70 -28.47
C GLU G 276 -2.20 -20.20 -28.27
N CYS G 277 -2.99 -19.41 -29.00
CA CYS G 277 -2.97 -17.97 -28.82
C CYS G 277 -3.55 -17.58 -27.46
N VAL G 278 -4.58 -18.29 -27.00
CA VAL G 278 -5.12 -18.03 -25.66
C VAL G 278 -4.04 -18.29 -24.60
N TYR G 279 -3.32 -19.40 -24.76
CA TYR G 279 -2.24 -19.72 -23.83
C TYR G 279 -1.13 -18.67 -23.88
N LEU G 280 -0.78 -18.21 -25.08
CA LEU G 280 0.25 -17.19 -25.22
C LEU G 280 -0.17 -15.88 -24.55
N LEU G 281 -1.42 -15.47 -24.73
CA LEU G 281 -1.90 -14.26 -24.08
C LEU G 281 -1.95 -14.41 -22.56
N MET G 282 -2.33 -15.59 -22.08
CA MET G 282 -2.33 -15.83 -20.63
C MET G 282 -0.92 -15.75 -20.07
N VAL G 283 0.06 -16.30 -20.80
CA VAL G 283 1.44 -16.30 -20.31
C VAL G 283 2.03 -14.90 -20.36
N THR G 284 1.77 -14.16 -21.45
CA THR G 284 2.40 -12.86 -21.64
C THR G 284 1.91 -11.84 -20.61
N MET G 285 0.60 -11.76 -20.42
CA MET G 285 0.06 -10.80 -19.47
C MET G 285 0.25 -11.22 -18.02
N SER G 286 0.70 -12.46 -17.79
CA SER G 286 1.05 -12.91 -16.45
C SER G 286 2.52 -12.68 -16.11
N THR G 287 3.28 -12.05 -17.01
CA THR G 287 4.68 -11.66 -16.84
C THR G 287 5.62 -12.86 -16.88
N VAL G 288 5.10 -14.09 -16.91
CA VAL G 288 5.95 -15.27 -16.79
C VAL G 288 6.84 -15.41 -18.02
N GLY G 289 6.24 -15.52 -19.20
CA GLY G 289 7.01 -15.49 -20.43
C GLY G 289 7.91 -16.68 -20.66
N TYR G 290 7.31 -17.86 -20.88
CA TYR G 290 8.11 -19.04 -21.19
C TYR G 290 8.92 -18.85 -22.45
N GLY G 291 8.32 -18.27 -23.49
CA GLY G 291 8.99 -18.09 -24.76
C GLY G 291 8.84 -19.23 -25.74
N ASP G 292 8.19 -20.32 -25.35
CA ASP G 292 7.95 -21.42 -26.28
C ASP G 292 7.01 -20.99 -27.40
N VAL G 293 5.99 -20.21 -27.07
CA VAL G 293 5.05 -19.67 -28.04
C VAL G 293 5.14 -18.15 -27.99
N TYR G 294 5.32 -17.51 -29.14
CA TYR G 294 5.42 -16.07 -29.20
C TYR G 294 5.09 -15.62 -30.62
N ALA G 295 4.82 -14.32 -30.75
CA ALA G 295 4.49 -13.73 -32.04
C ALA G 295 5.75 -13.42 -32.82
N LYS G 296 5.76 -13.79 -34.10
CA LYS G 296 6.91 -13.58 -34.97
C LYS G 296 6.65 -12.57 -36.08
N THR G 297 5.39 -12.34 -36.44
CA THR G 297 5.08 -11.36 -37.47
C THR G 297 5.28 -9.94 -36.95
N THR G 298 5.48 -9.00 -37.88
CA THR G 298 5.69 -7.61 -37.49
C THR G 298 4.47 -7.03 -36.80
N LEU G 299 3.27 -7.31 -37.34
CA LEU G 299 2.05 -6.82 -36.71
C LEU G 299 1.81 -7.49 -35.36
N GLY G 300 2.12 -8.78 -35.26
CA GLY G 300 1.95 -9.46 -33.99
C GLY G 300 2.85 -8.91 -32.89
N ARG G 301 4.12 -8.65 -33.23
CA ARG G 301 5.03 -8.07 -32.26
C ARG G 301 4.59 -6.66 -31.87
N LEU G 302 4.10 -5.88 -32.84
CA LEU G 302 3.62 -4.54 -32.53
C LEU G 302 2.42 -4.58 -31.59
N PHE G 303 1.48 -5.50 -31.84
CA PHE G 303 0.33 -5.60 -30.95
C PHE G 303 0.74 -6.11 -29.58
N MET G 304 1.71 -7.02 -29.52
CA MET G 304 2.23 -7.46 -28.22
C MET G 304 2.83 -6.30 -27.45
N VAL G 305 3.61 -5.46 -28.13
CA VAL G 305 4.24 -4.32 -27.47
C VAL G 305 3.18 -3.35 -26.97
N PHE G 306 2.18 -3.04 -27.80
CA PHE G 306 1.14 -2.10 -27.41
C PHE G 306 0.11 -2.71 -26.47
N PHE G 307 0.12 -4.02 -26.27
CA PHE G 307 -0.82 -4.68 -25.38
C PHE G 307 -0.21 -5.00 -24.02
N ILE G 308 1.12 -5.12 -23.94
CA ILE G 308 1.75 -5.38 -22.65
C ILE G 308 1.43 -4.28 -21.65
N LEU G 309 1.54 -3.02 -22.09
CA LEU G 309 1.33 -1.89 -21.19
C LEU G 309 -0.10 -1.88 -20.64
N GLY G 310 -1.09 -2.14 -21.50
CA GLY G 310 -2.46 -2.14 -21.07
C GLY G 310 -2.98 -3.44 -20.50
N GLY G 311 -2.20 -4.51 -20.55
CA GLY G 311 -2.66 -5.79 -20.06
C GLY G 311 -1.99 -6.27 -18.79
N LEU G 312 -0.70 -5.95 -18.59
CA LEU G 312 -0.04 -6.33 -17.36
C LEU G 312 -0.69 -5.65 -16.15
N ALA G 313 -0.95 -4.35 -16.27
CA ALA G 313 -1.63 -3.64 -15.19
C ALA G 313 -3.04 -4.18 -14.98
N MET G 314 -3.75 -4.48 -16.06
CA MET G 314 -5.09 -5.03 -15.95
C MET G 314 -5.08 -6.34 -15.20
N PHE G 315 -4.16 -7.24 -15.54
CA PHE G 315 -4.06 -8.53 -14.87
C PHE G 315 -3.73 -8.33 -13.39
N ALA G 316 -2.69 -7.54 -13.10
CA ALA G 316 -2.25 -7.35 -11.73
C ALA G 316 -3.28 -6.64 -10.87
N SER G 317 -4.17 -5.85 -11.46
CA SER G 317 -5.21 -5.16 -10.71
C SER G 317 -6.52 -5.93 -10.64
N TYR G 318 -6.74 -6.87 -11.55
CA TYR G 318 -8.00 -7.62 -11.58
C TYR G 318 -7.92 -8.96 -10.88
N VAL G 319 -6.87 -9.76 -11.14
CA VAL G 319 -6.82 -11.12 -10.60
C VAL G 319 -6.80 -11.13 -9.07
N PRO G 320 -5.92 -10.40 -8.38
CA PRO G 320 -5.99 -10.40 -6.91
C PRO G 320 -7.31 -9.85 -6.39
N GLU G 321 -7.86 -8.83 -7.06
CA GLU G 321 -9.12 -8.25 -6.61
C GLU G 321 -10.28 -9.21 -6.85
N ILE G 322 -10.28 -9.91 -8.00
CA ILE G 322 -11.30 -10.91 -8.25
C ILE G 322 -11.23 -12.01 -7.21
N ILE G 323 -10.01 -12.44 -6.86
CA ILE G 323 -9.85 -13.45 -5.81
C ILE G 323 -10.40 -12.92 -4.49
N GLU G 324 -10.12 -11.65 -4.17
CA GLU G 324 -10.60 -11.08 -2.92
C GLU G 324 -12.11 -11.05 -2.84
N LEU G 325 -12.78 -10.64 -3.93
CA LEU G 325 -14.25 -10.62 -3.92
C LEU G 325 -14.83 -12.03 -3.86
N ILE G 326 -14.16 -13.00 -4.49
CA ILE G 326 -14.64 -14.38 -4.42
C ILE G 326 -14.51 -14.92 -3.00
N GLY G 327 -13.46 -14.52 -2.29
CA GLY G 327 -13.19 -15.03 -0.96
C GLY G 327 -14.02 -14.43 0.16
N ASN G 328 -14.93 -13.52 -0.15
CA ASN G 328 -15.80 -12.91 0.85
C ASN G 328 -16.84 -13.95 1.29
N ARG G 329 -16.69 -14.48 2.50
CA ARG G 329 -17.59 -15.50 3.01
C ARG G 329 -17.65 -15.40 4.52
N LYS G 330 -18.71 -15.96 5.08
CA LYS G 330 -18.89 -16.01 6.53
C LYS G 330 -18.39 -17.37 7.03
N LYS G 331 -17.23 -17.36 7.69
CA LYS G 331 -16.64 -18.60 8.17
C LYS G 331 -17.48 -19.23 9.28
N TYR G 332 -17.83 -18.44 10.30
CA TYR G 332 -18.58 -18.94 11.45
C TYR G 332 -20.07 -18.66 11.29
N GLY G 333 -20.66 -19.32 10.29
CA GLY G 333 -22.09 -19.26 10.05
C GLY G 333 -22.80 -20.49 10.54
N GLY G 334 -24.05 -20.63 10.10
CA GLY G 334 -24.85 -21.78 10.44
C GLY G 334 -25.50 -21.65 11.81
N SER G 335 -26.29 -22.66 12.15
CA SER G 335 -27.02 -22.71 13.41
C SER G 335 -26.47 -23.84 14.27
N TYR G 336 -26.92 -23.86 15.53
CA TYR G 336 -26.50 -24.87 16.49
C TYR G 336 -27.58 -25.94 16.59
N SER G 337 -27.16 -27.20 16.53
CA SER G 337 -28.08 -28.32 16.64
C SER G 337 -28.28 -28.67 18.11
N ALA G 338 -29.53 -28.70 18.54
CA ALA G 338 -29.85 -28.98 19.94
C ALA G 338 -29.80 -30.49 20.17
N VAL G 339 -28.85 -30.94 20.99
CA VAL G 339 -28.72 -32.36 21.30
C VAL G 339 -29.59 -32.69 22.50
N SER G 340 -30.36 -33.76 22.39
CA SER G 340 -31.24 -34.18 23.46
C SER G 340 -30.45 -34.79 24.61
N GLY G 341 -30.91 -34.52 25.83
CA GLY G 341 -30.27 -35.04 27.02
C GLY G 341 -29.06 -34.26 27.50
N ARG G 342 -28.66 -33.20 26.80
CA ARG G 342 -27.52 -32.39 27.19
C ARG G 342 -27.91 -30.93 27.04
N LYS G 343 -28.01 -30.21 28.17
CA LYS G 343 -28.37 -28.81 28.15
C LYS G 343 -27.19 -27.96 27.69
N HIS G 344 -27.51 -26.81 27.10
CA HIS G 344 -26.50 -25.89 26.57
C HIS G 344 -26.82 -24.47 27.02
N ILE G 345 -25.78 -23.65 27.10
CA ILE G 345 -25.93 -22.25 27.49
C ILE G 345 -25.32 -21.38 26.40
N VAL G 346 -25.79 -20.13 26.35
CA VAL G 346 -25.33 -19.16 25.36
C VAL G 346 -24.60 -18.04 26.10
N VAL G 347 -23.39 -17.74 25.64
CA VAL G 347 -22.55 -16.70 26.22
C VAL G 347 -22.32 -15.62 25.17
N CYS G 348 -22.66 -14.38 25.50
CA CYS G 348 -22.48 -13.25 24.60
C CYS G 348 -21.92 -12.08 25.40
N GLY G 349 -21.83 -10.93 24.75
CA GLY G 349 -21.31 -9.73 25.39
C GLY G 349 -19.88 -9.45 24.96
N HIS G 350 -19.05 -9.07 25.92
CA HIS G 350 -17.63 -8.79 25.67
C HIS G 350 -16.88 -10.11 25.61
N ILE G 351 -16.53 -10.52 24.39
CA ILE G 351 -15.80 -11.76 24.16
C ILE G 351 -14.38 -11.40 23.75
N THR G 352 -13.41 -11.90 24.51
CA THR G 352 -12.00 -11.61 24.26
C THR G 352 -11.20 -12.84 24.65
N LEU G 353 -9.96 -12.90 24.17
CA LEU G 353 -9.12 -14.08 24.40
C LEU G 353 -8.94 -14.35 25.89
N GLU G 354 -8.64 -13.31 26.67
CA GLU G 354 -8.41 -13.51 28.10
C GLU G 354 -9.71 -13.82 28.84
N SER G 355 -10.78 -13.08 28.55
CA SER G 355 -12.04 -13.29 29.26
C SER G 355 -12.62 -14.66 28.95
N VAL G 356 -12.60 -15.07 27.67
CA VAL G 356 -13.12 -16.37 27.30
C VAL G 356 -12.28 -17.48 27.92
N SER G 357 -10.96 -17.33 27.92
CA SER G 357 -10.10 -18.35 28.52
C SER G 357 -10.37 -18.48 30.02
N ASN G 358 -10.50 -17.35 30.72
CA ASN G 358 -10.79 -17.40 32.15
C ASN G 358 -12.15 -18.06 32.41
N PHE G 359 -13.16 -17.68 31.62
CA PHE G 359 -14.47 -18.28 31.80
C PHE G 359 -14.45 -19.78 31.55
N LEU G 360 -13.73 -20.21 30.51
CA LEU G 360 -13.65 -21.63 30.20
C LEU G 360 -12.90 -22.41 31.28
N LYS G 361 -11.79 -21.86 31.77
CA LYS G 361 -11.03 -22.58 32.78
C LYS G 361 -11.74 -22.58 34.13
N ASP G 362 -12.64 -21.62 34.36
CA ASP G 362 -13.40 -21.63 35.61
C ASP G 362 -14.69 -22.44 35.48
N PHE G 363 -15.33 -22.39 34.32
CA PHE G 363 -16.57 -23.15 34.12
C PHE G 363 -16.28 -24.64 34.01
N LEU G 364 -15.24 -25.01 33.27
CA LEU G 364 -14.95 -26.40 32.96
C LEU G 364 -13.89 -27.02 33.86
N HIS G 365 -13.72 -26.50 35.08
CA HIS G 365 -12.74 -27.06 35.99
C HIS G 365 -13.16 -28.45 36.45
N LYS G 366 -12.16 -29.31 36.70
CA LYS G 366 -12.45 -30.67 37.16
C LYS G 366 -12.96 -30.69 38.59
N ASP G 367 -12.89 -29.57 39.31
CA ASP G 367 -13.35 -29.54 40.70
C ASP G 367 -14.85 -29.81 40.80
N ARG G 368 -15.63 -29.26 39.88
CA ARG G 368 -17.07 -29.44 39.91
C ARG G 368 -17.44 -30.89 39.56
N ASP G 369 -18.71 -31.21 39.75
CA ASP G 369 -19.21 -32.55 39.51
C ASP G 369 -19.17 -32.88 38.02
N ASP G 370 -19.39 -34.16 37.71
CA ASP G 370 -19.37 -34.65 36.33
C ASP G 370 -20.65 -34.19 35.63
N VAL G 371 -20.62 -32.95 35.15
CA VAL G 371 -21.75 -32.33 34.48
C VAL G 371 -21.33 -31.98 33.06
N ASN G 372 -22.19 -32.30 32.10
CA ASN G 372 -21.91 -32.11 30.68
C ASN G 372 -22.81 -31.00 30.12
N VAL G 373 -22.37 -29.77 30.28
CA VAL G 373 -23.05 -28.59 29.74
C VAL G 373 -22.19 -28.01 28.63
N GLU G 374 -22.79 -27.81 27.47
CA GLU G 374 -22.09 -27.32 26.29
C GLU G 374 -22.27 -25.82 26.17
N ILE G 375 -21.19 -25.11 25.86
CA ILE G 375 -21.17 -23.66 25.83
C ILE G 375 -21.17 -23.20 24.38
N VAL G 376 -22.04 -22.25 24.06
CA VAL G 376 -22.17 -21.69 22.72
C VAL G 376 -21.90 -20.19 22.82
N PHE G 377 -20.95 -19.70 22.03
CA PHE G 377 -20.60 -18.29 22.02
C PHE G 377 -21.24 -17.59 20.85
N LEU G 378 -21.60 -16.32 21.04
CA LEU G 378 -22.26 -15.51 20.02
C LEU G 378 -21.66 -14.11 20.08
N HIS G 379 -20.80 -13.80 19.12
CA HIS G 379 -20.15 -12.50 19.06
C HIS G 379 -20.15 -12.00 17.62
N ASN G 380 -20.19 -10.66 17.48
CA ASN G 380 -20.20 -10.07 16.14
C ASN G 380 -18.83 -10.17 15.48
N ILE G 381 -17.77 -9.88 16.23
CA ILE G 381 -16.41 -9.88 15.67
C ILE G 381 -15.92 -11.33 15.58
N SER G 382 -15.41 -11.70 14.40
CA SER G 382 -14.85 -13.02 14.22
C SER G 382 -13.62 -13.21 15.09
N PRO G 383 -13.44 -14.38 15.69
CA PRO G 383 -12.28 -14.59 16.56
C PRO G 383 -10.97 -14.57 15.79
N ASN G 384 -9.92 -14.13 16.46
CA ASN G 384 -8.59 -14.13 15.86
C ASN G 384 -7.96 -15.52 15.98
N LEU G 385 -6.71 -15.63 15.54
CA LEU G 385 -6.04 -16.94 15.52
C LEU G 385 -5.89 -17.50 16.92
N GLU G 386 -5.56 -16.64 17.90
CA GLU G 386 -5.40 -17.11 19.27
C GLU G 386 -6.72 -17.63 19.83
N LEU G 387 -7.82 -16.91 19.59
CA LEU G 387 -9.12 -17.36 20.08
C LEU G 387 -9.58 -18.63 19.38
N GLU G 388 -9.33 -18.73 18.07
CA GLU G 388 -9.64 -19.97 17.35
C GLU G 388 -8.81 -21.12 17.89
N ALA G 389 -7.53 -20.88 18.19
CA ALA G 389 -6.70 -21.93 18.77
C ALA G 389 -7.22 -22.36 20.13
N LEU G 390 -7.68 -21.39 20.94
CA LEU G 390 -8.27 -21.73 22.23
C LEU G 390 -9.53 -22.57 22.06
N PHE G 391 -10.36 -22.22 21.07
CA PHE G 391 -11.56 -23.00 20.82
C PHE G 391 -11.23 -24.40 20.30
N LYS G 392 -10.10 -24.55 19.59
CA LYS G 392 -9.71 -25.87 19.10
C LYS G 392 -9.37 -26.80 20.26
N ARG G 393 -8.74 -26.28 21.31
CA ARG G 393 -8.43 -27.08 22.48
C ARG G 393 -9.67 -27.47 23.27
N HIS G 394 -10.82 -26.88 22.95
CA HIS G 394 -12.10 -27.24 23.57
C HIS G 394 -13.05 -27.72 22.48
N PHE G 395 -12.57 -28.62 21.61
CA PHE G 395 -13.28 -28.97 20.39
C PHE G 395 -14.68 -29.52 20.67
N THR G 396 -14.80 -30.42 21.64
CA THR G 396 -16.07 -31.09 21.89
C THR G 396 -16.90 -30.39 22.96
N GLN G 397 -16.45 -29.24 23.47
CA GLN G 397 -17.13 -28.60 24.58
C GLN G 397 -17.67 -27.21 24.26
N VAL G 398 -17.10 -26.51 23.28
CA VAL G 398 -17.56 -25.16 22.94
C VAL G 398 -17.77 -25.06 21.44
N GLU G 399 -18.61 -24.09 21.05
CA GLU G 399 -18.83 -23.74 19.66
C GLU G 399 -18.97 -22.22 19.55
N PHE G 400 -18.61 -21.69 18.39
CA PHE G 400 -18.72 -20.27 18.10
C PHE G 400 -19.62 -20.07 16.90
N TYR G 401 -20.50 -19.07 16.97
CA TYR G 401 -21.36 -18.68 15.86
C TYR G 401 -21.34 -17.17 15.74
N GLN G 402 -20.83 -16.68 14.62
CA GLN G 402 -20.70 -15.24 14.42
C GLN G 402 -22.07 -14.63 14.15
N GLY G 403 -22.41 -13.58 14.89
CA GLY G 403 -23.69 -12.92 14.72
C GLY G 403 -23.88 -11.87 15.78
N SER G 404 -25.00 -11.17 15.67
CA SER G 404 -25.36 -10.09 16.59
C SER G 404 -26.48 -10.55 17.51
N VAL G 405 -26.31 -10.32 18.81
CA VAL G 405 -27.35 -10.66 19.77
C VAL G 405 -28.58 -9.79 19.59
N LEU G 406 -28.43 -8.60 19.00
CA LEU G 406 -29.58 -7.74 18.76
C LEU G 406 -30.50 -8.33 17.70
N ASN G 407 -29.93 -9.04 16.73
CA ASN G 407 -30.73 -9.62 15.66
C ASN G 407 -31.54 -10.81 16.17
N PRO G 408 -32.87 -10.79 16.05
CA PRO G 408 -33.65 -11.97 16.47
C PRO G 408 -33.35 -13.22 15.66
N HIS G 409 -32.82 -13.07 14.44
CA HIS G 409 -32.48 -14.25 13.64
C HIS G 409 -31.29 -15.00 14.24
N ASP G 410 -30.27 -14.26 14.71
CA ASP G 410 -29.12 -14.90 15.34
C ASP G 410 -29.51 -15.58 16.66
N LEU G 411 -30.47 -15.01 17.39
CA LEU G 411 -30.95 -15.66 18.60
C LEU G 411 -31.61 -16.99 18.28
N ALA G 412 -32.38 -17.06 17.19
CA ALA G 412 -32.91 -18.33 16.74
C ALA G 412 -31.83 -19.26 16.23
N ARG G 413 -30.74 -18.72 15.69
CA ARG G 413 -29.66 -19.56 15.19
C ARG G 413 -29.00 -20.35 16.31
N VAL G 414 -28.79 -19.72 17.48
CA VAL G 414 -28.19 -20.41 18.62
C VAL G 414 -29.19 -21.19 19.44
N LYS G 415 -30.47 -21.14 19.08
CA LYS G 415 -31.54 -21.92 19.73
C LYS G 415 -31.62 -21.61 21.22
N ILE G 416 -31.97 -20.35 21.52
CA ILE G 416 -32.21 -19.95 22.90
C ILE G 416 -33.45 -20.63 23.47
N GLU G 417 -34.34 -21.14 22.61
CA GLU G 417 -35.54 -21.81 23.07
C GLU G 417 -35.21 -22.97 24.00
N SER G 418 -34.17 -23.73 23.67
CA SER G 418 -33.72 -24.85 24.49
C SER G 418 -32.51 -24.51 25.34
N ALA G 419 -32.02 -23.27 25.29
CA ALA G 419 -30.87 -22.88 26.09
C ALA G 419 -31.21 -22.87 27.56
N ASP G 420 -30.28 -23.34 28.39
CA ASP G 420 -30.49 -23.37 29.82
C ASP G 420 -30.36 -21.97 30.44
N ALA G 421 -29.40 -21.18 29.97
CA ALA G 421 -29.18 -19.85 30.53
C ALA G 421 -28.46 -19.00 29.50
N CYS G 422 -28.54 -17.69 29.70
CA CYS G 422 -27.85 -16.72 28.85
C CYS G 422 -26.90 -15.91 29.71
N LEU G 423 -25.64 -15.83 29.27
CA LEU G 423 -24.58 -15.20 30.03
C LEU G 423 -24.01 -14.03 29.22
N ILE G 424 -23.96 -12.86 29.84
CA ILE G 424 -23.48 -11.65 29.18
C ILE G 424 -22.26 -11.15 29.96
N LEU G 425 -21.11 -11.08 29.29
CA LEU G 425 -19.93 -10.52 29.89
C LEU G 425 -19.89 -9.01 29.66
N ALA G 426 -19.15 -8.31 30.53
CA ALA G 426 -19.06 -6.86 30.49
C ALA G 426 -17.60 -6.42 30.39
N ASN G 427 -17.38 -5.32 29.65
CA ASN G 427 -16.05 -4.73 29.51
C ASN G 427 -15.81 -3.83 30.71
N LYS G 428 -15.24 -4.40 31.77
CA LYS G 428 -15.03 -3.65 33.00
C LYS G 428 -14.06 -2.50 32.80
N TYR G 429 -12.99 -2.73 32.05
CA TYR G 429 -11.92 -1.76 31.88
C TYR G 429 -12.21 -0.80 30.73
N CYS G 430 -13.36 -0.13 30.82
CA CYS G 430 -13.85 0.74 29.76
C CYS G 430 -13.64 2.20 30.11
N ALA G 431 -13.73 3.05 29.08
CA ALA G 431 -13.66 4.49 29.27
C ALA G 431 -15.02 5.13 29.52
N ASP G 432 -16.12 4.39 29.36
CA ASP G 432 -17.46 4.92 29.57
C ASP G 432 -18.32 3.83 30.18
N PRO G 433 -18.33 3.71 31.51
CA PRO G 433 -19.21 2.72 32.15
C PRO G 433 -20.68 2.92 31.82
N ASP G 434 -21.13 4.17 31.68
CA ASP G 434 -22.52 4.42 31.31
C ASP G 434 -22.83 3.86 29.92
N ALA G 435 -21.93 4.08 28.96
CA ALA G 435 -22.15 3.54 27.61
C ALA G 435 -22.12 2.02 27.61
N GLU G 436 -21.19 1.43 28.37
CA GLU G 436 -21.15 -0.04 28.42
C GLU G 436 -22.39 -0.61 29.08
N ASP G 437 -22.89 0.04 30.12
CA ASP G 437 -24.13 -0.42 30.75
C ASP G 437 -25.33 -0.25 29.82
N ALA G 438 -25.27 0.77 28.98
CA ALA G 438 -26.32 0.99 28.01
C ALA G 438 -26.38 -0.12 26.97
N SER G 439 -25.22 -0.59 26.52
CA SER G 439 -25.21 -1.70 25.58
C SER G 439 -25.69 -3.01 26.18
N ASN G 440 -25.33 -3.29 27.42
CA ASN G 440 -25.67 -4.57 28.02
C ASN G 440 -27.13 -4.64 28.36
N ILE G 441 -27.69 -3.51 28.76
CA ILE G 441 -29.09 -3.49 29.11
C ILE G 441 -29.80 -3.74 27.82
N MET G 442 -29.25 -3.24 26.74
CA MET G 442 -29.83 -3.52 25.44
C MET G 442 -29.76 -4.99 25.06
N ARG G 443 -28.61 -5.63 25.22
CA ARG G 443 -28.53 -7.05 24.93
C ARG G 443 -29.58 -7.76 25.73
N VAL G 444 -29.77 -7.32 26.96
CA VAL G 444 -30.71 -8.01 27.83
C VAL G 444 -32.09 -7.87 27.25
N ILE G 445 -32.52 -6.65 27.00
CA ILE G 445 -33.84 -6.42 26.46
C ILE G 445 -34.00 -7.10 25.13
N SER G 446 -32.97 -7.03 24.28
CA SER G 446 -33.11 -7.76 23.02
C SER G 446 -33.31 -9.25 23.28
N ILE G 447 -32.57 -9.81 24.24
CA ILE G 447 -32.76 -11.22 24.60
C ILE G 447 -34.15 -11.44 25.18
N LYS G 448 -34.62 -10.51 26.02
CA LYS G 448 -35.94 -10.64 26.63
C LYS G 448 -37.05 -10.58 25.60
N ASN G 449 -36.90 -9.73 24.59
CA ASN G 449 -37.94 -9.60 23.57
C ASN G 449 -38.16 -10.91 22.83
N TYR G 450 -37.08 -11.62 22.51
CA TYR G 450 -37.21 -12.88 21.79
C TYR G 450 -37.76 -13.99 22.68
N HIS G 451 -37.28 -14.08 23.92
CA HIS G 451 -37.68 -15.16 24.82
C HIS G 451 -37.64 -14.65 26.26
N PRO G 452 -38.77 -14.21 26.80
CA PRO G 452 -38.80 -13.78 28.21
C PRO G 452 -38.45 -14.89 29.19
N LYS G 453 -38.77 -16.14 28.87
CA LYS G 453 -38.61 -17.24 29.81
C LYS G 453 -37.15 -17.58 30.10
N ILE G 454 -36.21 -17.11 29.30
CA ILE G 454 -34.81 -17.42 29.53
C ILE G 454 -34.31 -16.69 30.77
N ARG G 455 -33.34 -17.29 31.46
CA ARG G 455 -32.71 -16.69 32.62
C ARG G 455 -31.39 -16.06 32.22
N ILE G 456 -31.07 -14.92 32.85
CA ILE G 456 -29.93 -14.10 32.46
C ILE G 456 -29.02 -13.89 33.66
N ILE G 457 -27.74 -14.17 33.48
CA ILE G 457 -26.69 -13.84 34.44
C ILE G 457 -25.78 -12.82 33.79
N THR G 458 -25.73 -11.61 34.35
CA THR G 458 -25.05 -10.50 33.69
C THR G 458 -24.26 -9.70 34.71
N GLN G 459 -23.30 -8.93 34.20
CA GLN G 459 -22.45 -8.06 35.01
C GLN G 459 -22.83 -6.61 34.76
N MET G 460 -23.00 -5.85 35.85
CA MET G 460 -23.33 -4.43 35.78
C MET G 460 -22.25 -3.64 36.49
N LEU G 461 -21.77 -2.57 35.84
CA LEU G 461 -20.69 -1.77 36.40
C LEU G 461 -21.19 -0.69 37.35
N GLN G 462 -22.49 -0.40 37.36
CA GLN G 462 -23.06 0.62 38.23
C GLN G 462 -24.34 0.10 38.88
N TYR G 463 -24.73 0.75 39.97
CA TYR G 463 -25.92 0.32 40.71
C TYR G 463 -27.20 0.92 40.15
N HIS G 464 -27.15 2.13 39.60
CA HIS G 464 -28.36 2.72 39.02
C HIS G 464 -28.79 1.98 37.77
N ASN G 465 -27.83 1.49 36.97
CA ASN G 465 -28.19 0.67 35.82
C ASN G 465 -28.80 -0.66 36.26
N LYS G 466 -28.28 -1.26 37.34
CA LYS G 466 -28.89 -2.47 37.89
C LYS G 466 -30.32 -2.20 38.35
N ALA G 467 -30.55 -1.05 38.98
CA ALA G 467 -31.91 -0.66 39.34
C ALA G 467 -32.79 -0.50 38.11
N HIS G 468 -32.23 0.09 37.04
CA HIS G 468 -32.97 0.21 35.79
C HIS G 468 -33.31 -1.17 35.22
N LEU G 469 -32.46 -2.16 35.47
CA LEU G 469 -32.74 -3.52 34.99
C LEU G 469 -34.01 -4.07 35.62
N LEU G 470 -34.34 -3.62 36.84
CA LEU G 470 -35.56 -4.06 37.48
C LEU G 470 -36.81 -3.54 36.78
N ASN G 471 -36.69 -2.44 36.02
CA ASN G 471 -37.82 -1.90 35.29
C ASN G 471 -38.19 -2.73 34.07
N ILE G 472 -37.34 -3.66 33.66
CA ILE G 472 -37.67 -4.55 32.54
C ILE G 472 -38.88 -5.39 32.91
N PRO G 473 -39.86 -5.55 32.03
CA PRO G 473 -41.06 -6.32 32.40
C PRO G 473 -40.76 -7.74 32.86
N SER G 474 -39.98 -8.50 32.12
CA SER G 474 -39.70 -9.90 32.45
C SER G 474 -38.39 -10.05 33.21
N TRP G 475 -38.24 -9.34 34.32
CA TRP G 475 -37.06 -9.50 35.18
C TRP G 475 -37.39 -10.45 36.34
N ASN G 476 -37.77 -11.67 35.96
CA ASN G 476 -38.27 -12.68 36.90
C ASN G 476 -37.10 -13.25 37.70
N TRP G 477 -36.78 -12.58 38.81
CA TRP G 477 -35.72 -13.05 39.69
C TRP G 477 -36.15 -14.17 40.62
N LYS G 478 -37.45 -14.50 40.64
CA LYS G 478 -37.93 -15.52 41.58
C LYS G 478 -37.53 -16.91 41.13
N GLU G 479 -37.98 -17.33 39.94
CA GLU G 479 -37.57 -18.64 39.42
C GLU G 479 -36.08 -18.68 39.12
N GLY G 480 -35.58 -17.66 38.42
CA GLY G 480 -34.15 -17.49 38.24
C GLY G 480 -33.80 -16.31 37.38
N ASP G 481 -32.88 -15.48 37.88
CA ASP G 481 -32.34 -14.33 37.19
C ASP G 481 -31.27 -13.72 38.10
N ASP G 482 -30.25 -13.13 37.49
CA ASP G 482 -29.13 -12.60 38.25
C ASP G 482 -28.58 -11.35 37.56
N ALA G 483 -28.01 -10.46 38.37
CA ALA G 483 -27.37 -9.25 37.87
C ALA G 483 -26.27 -8.89 38.84
N ILE G 484 -25.04 -9.31 38.53
CA ILE G 484 -23.90 -9.08 39.40
C ILE G 484 -23.42 -7.65 39.22
N CYS G 485 -23.63 -6.81 40.23
CA CYS G 485 -23.12 -5.44 40.22
C CYS G 485 -21.70 -5.47 40.77
N LEU G 486 -20.72 -5.31 39.88
CA LEU G 486 -19.32 -5.43 40.27
C LEU G 486 -18.91 -4.34 41.25
N ALA G 487 -19.37 -3.10 41.01
CA ALA G 487 -19.06 -2.01 41.94
C ALA G 487 -19.68 -2.28 43.30
N GLU G 488 -20.93 -2.72 43.34
CA GLU G 488 -21.60 -3.03 44.60
C GLU G 488 -20.87 -4.13 45.35
N LEU G 489 -20.54 -5.22 44.66
CA LEU G 489 -19.87 -6.33 45.33
C LEU G 489 -18.46 -5.96 45.75
N LYS G 490 -17.75 -5.18 44.93
CA LYS G 490 -16.42 -4.72 45.31
C LYS G 490 -16.47 -3.87 46.57
N LEU G 491 -17.40 -2.91 46.62
CA LEU G 491 -17.51 -2.05 47.80
C LEU G 491 -17.97 -2.84 49.02
N GLY G 492 -18.85 -3.83 48.83
CA GLY G 492 -19.24 -4.67 49.94
C GLY G 492 -18.08 -5.48 50.49
N PHE G 493 -17.24 -6.02 49.61
CA PHE G 493 -16.06 -6.75 50.05
C PHE G 493 -15.09 -5.82 50.78
N ILE G 494 -14.94 -4.58 50.28
CA ILE G 494 -14.07 -3.62 50.96
C ILE G 494 -14.60 -3.32 52.35
N ALA G 495 -15.90 -3.11 52.49
CA ALA G 495 -16.48 -2.83 53.80
C ALA G 495 -16.35 -4.04 54.72
N GLN G 496 -16.50 -5.25 54.17
CA GLN G 496 -16.32 -6.45 54.98
C GLN G 496 -14.88 -6.56 55.48
N SER G 497 -13.91 -6.26 54.62
CA SER G 497 -12.52 -6.22 55.05
C SER G 497 -12.31 -5.16 56.11
N CYS G 498 -13.01 -4.03 56.00
CA CYS G 498 -12.94 -3.01 57.04
C CYS G 498 -13.45 -3.53 58.36
N LEU G 499 -14.56 -4.26 58.34
CA LEU G 499 -15.09 -4.86 59.57
C LEU G 499 -14.14 -5.91 60.13
N ALA G 500 -13.59 -6.76 59.26
CA ALA G 500 -12.64 -7.80 59.66
C ALA G 500 -11.62 -7.94 58.54
N GLN G 501 -10.36 -7.61 58.83
CA GLN G 501 -9.34 -7.59 57.80
C GLN G 501 -9.10 -8.98 57.24
N GLY G 502 -8.83 -9.05 55.93
CA GLY G 502 -8.61 -10.29 55.24
C GLY G 502 -9.86 -11.03 54.82
N LEU G 503 -11.05 -10.48 55.10
CA LEU G 503 -12.28 -11.15 54.69
C LEU G 503 -12.49 -11.09 53.19
N SER G 504 -12.09 -9.98 52.56
CA SER G 504 -12.28 -9.85 51.10
C SER G 504 -11.48 -10.90 50.34
N THR G 505 -10.24 -11.15 50.77
CA THR G 505 -9.40 -12.13 50.08
C THR G 505 -10.01 -13.52 50.14
N MET G 506 -10.42 -13.96 51.33
CA MET G 506 -10.99 -15.29 51.44
C MET G 506 -12.35 -15.39 50.75
N LEU G 507 -13.15 -14.32 50.79
CA LEU G 507 -14.42 -14.32 50.08
C LEU G 507 -14.21 -14.46 48.57
N ALA G 508 -13.21 -13.75 48.03
CA ALA G 508 -12.90 -13.89 46.62
C ALA G 508 -12.35 -15.27 46.28
N ASN G 509 -11.51 -15.82 47.15
CA ASN G 509 -10.93 -17.14 46.91
C ASN G 509 -11.95 -18.26 47.04
N LEU G 510 -13.01 -18.07 47.82
CA LEU G 510 -14.02 -19.11 47.99
C LEU G 510 -14.80 -19.37 46.71
N PHE G 511 -14.81 -18.43 45.77
CA PHE G 511 -15.60 -18.54 44.56
C PHE G 511 -14.80 -19.01 43.35
N SER G 512 -13.50 -18.70 43.31
CA SER G 512 -12.65 -19.18 42.24
C SER G 512 -12.36 -20.67 42.45
N MET G 513 -12.44 -21.44 41.37
CA MET G 513 -12.21 -22.88 41.42
C MET G 513 -10.71 -23.14 41.33
N ARG G 514 -10.14 -23.66 42.41
CA ARG G 514 -8.70 -23.89 42.50
C ARG G 514 -8.45 -25.33 42.94
N SER G 515 -7.59 -26.03 42.22
CA SER G 515 -7.20 -27.39 42.61
C SER G 515 -6.09 -27.34 43.65
N PHE G 516 -5.99 -28.40 44.43
CA PHE G 516 -4.99 -28.46 45.49
C PHE G 516 -3.58 -28.52 44.89
N ILE G 517 -2.68 -27.74 45.48
CA ILE G 517 -1.29 -27.67 45.04
C ILE G 517 -0.38 -27.74 46.26
N LYS G 518 0.78 -28.37 46.11
CA LYS G 518 1.74 -28.54 47.18
C LYS G 518 3.11 -28.05 46.72
N ILE G 519 3.86 -27.46 47.66
CA ILE G 519 5.21 -26.98 47.40
C ILE G 519 6.15 -27.58 48.44
N GLU G 520 7.34 -27.97 47.99
CA GLU G 520 8.29 -28.63 48.89
C GLU G 520 8.78 -27.68 49.99
N GLU G 521 9.16 -26.47 49.61
CA GLU G 521 9.71 -25.52 50.58
C GLU G 521 8.65 -25.09 51.59
N ASP G 522 9.10 -24.86 52.83
CA ASP G 522 8.22 -24.42 53.91
C ASP G 522 8.22 -22.90 53.94
N THR G 523 7.18 -22.30 53.37
CA THR G 523 7.04 -20.85 53.33
C THR G 523 5.62 -20.49 53.74
N TRP G 524 5.32 -19.19 53.72
CA TRP G 524 3.97 -18.73 54.03
C TRP G 524 2.97 -19.16 52.97
N GLN G 525 3.43 -19.35 51.73
CA GLN G 525 2.53 -19.75 50.66
C GLN G 525 2.03 -21.18 50.84
N LYS G 526 2.82 -22.03 51.50
CA LYS G 526 2.44 -23.43 51.64
C LYS G 526 1.13 -23.58 52.41
N TYR G 527 0.98 -22.86 53.52
CA TYR G 527 -0.26 -22.92 54.27
C TYR G 527 -1.39 -22.16 53.58
N TYR G 528 -1.07 -21.07 52.89
CA TYR G 528 -2.10 -20.29 52.21
C TYR G 528 -2.75 -21.10 51.09
N LEU G 529 -1.95 -21.85 50.34
CA LEU G 529 -2.49 -22.64 49.23
C LEU G 529 -3.40 -23.77 49.70
N GLU G 530 -3.34 -24.13 50.99
CA GLU G 530 -4.25 -25.13 51.53
C GLU G 530 -5.62 -24.55 51.85
N GLY G 531 -5.78 -23.23 51.82
CA GLY G 531 -7.06 -22.61 52.09
C GLY G 531 -7.77 -22.16 50.85
N VAL G 532 -7.00 -21.84 49.79
CA VAL G 532 -7.60 -21.45 48.52
C VAL G 532 -8.25 -22.62 47.79
N SER G 533 -7.93 -23.87 48.19
CA SER G 533 -8.50 -25.04 47.56
C SER G 533 -9.96 -25.28 47.95
N ASN G 534 -10.46 -24.58 48.96
CA ASN G 534 -11.83 -24.75 49.42
C ASN G 534 -12.75 -23.81 48.65
N GLU G 535 -13.77 -24.37 48.01
CA GLU G 535 -14.74 -23.61 47.24
C GLU G 535 -16.09 -23.64 47.93
N MET G 536 -16.99 -22.77 47.46
CA MET G 536 -18.33 -22.64 48.00
C MET G 536 -19.28 -23.51 47.19
N TYR G 537 -19.96 -24.43 47.88
CA TYR G 537 -20.84 -25.39 47.24
C TYR G 537 -22.22 -25.36 47.90
N THR G 538 -23.19 -25.98 47.22
CA THR G 538 -24.54 -26.11 47.72
C THR G 538 -24.97 -27.56 47.61
N GLU G 539 -25.45 -28.12 48.72
CA GLU G 539 -25.84 -29.53 48.77
C GLU G 539 -27.00 -29.70 49.73
N TYR G 540 -27.85 -30.68 49.46
CA TYR G 540 -29.01 -30.96 50.29
C TYR G 540 -28.61 -31.81 51.49
N LEU G 541 -29.40 -31.70 52.56
CA LEU G 541 -29.13 -32.45 53.78
C LEU G 541 -29.68 -33.87 53.67
N SER G 542 -29.35 -34.68 54.68
CA SER G 542 -29.75 -36.08 54.71
C SER G 542 -31.06 -36.24 55.51
N SER G 543 -31.51 -37.50 55.58
CA SER G 543 -32.65 -37.87 56.42
C SER G 543 -32.25 -38.07 57.87
N ALA G 544 -30.95 -38.20 58.16
CA ALA G 544 -30.50 -38.30 59.55
C ALA G 544 -30.51 -36.95 60.25
N PHE G 545 -30.35 -35.86 59.50
CA PHE G 545 -30.34 -34.52 60.06
C PHE G 545 -31.70 -33.83 59.98
N VAL G 546 -32.73 -34.55 59.57
CA VAL G 546 -34.07 -33.98 59.46
C VAL G 546 -34.96 -34.41 60.65
N GLY G 547 -34.34 -34.79 61.76
CA GLY G 547 -35.07 -35.37 62.86
C GLY G 547 -35.63 -34.36 63.86
N LEU G 548 -35.15 -34.41 65.10
CA LEU G 548 -35.75 -33.62 66.16
C LEU G 548 -35.60 -32.12 65.90
N SER G 549 -34.44 -31.69 65.42
CA SER G 549 -34.22 -30.26 65.20
C SER G 549 -33.07 -30.08 64.21
N PHE G 550 -33.28 -29.19 63.25
CA PHE G 550 -32.21 -28.82 62.32
C PHE G 550 -31.01 -28.18 63.02
N PRO G 551 -31.18 -27.17 63.90
CA PRO G 551 -29.99 -26.47 64.43
C PRO G 551 -29.06 -27.34 65.25
N THR G 552 -29.59 -28.01 66.28
CA THR G 552 -28.73 -28.68 67.26
C THR G 552 -27.88 -29.78 66.63
N VAL G 553 -28.31 -30.35 65.51
CA VAL G 553 -27.52 -31.37 64.85
C VAL G 553 -26.39 -30.75 64.04
N CYS G 554 -26.55 -29.49 63.62
CA CYS G 554 -25.57 -28.85 62.74
C CYS G 554 -24.20 -28.71 63.43
N GLU G 555 -24.19 -28.31 64.70
CA GLU G 555 -22.92 -28.11 65.39
C GLU G 555 -22.26 -29.43 65.74
N LEU G 556 -20.93 -29.42 65.74
CA LEU G 556 -20.10 -30.52 66.23
C LEU G 556 -20.20 -31.77 65.35
N CYS G 557 -20.95 -31.70 64.26
CA CYS G 557 -21.06 -32.82 63.33
C CYS G 557 -20.00 -32.77 62.23
N PHE G 558 -19.13 -31.76 62.22
CA PHE G 558 -18.13 -31.63 61.18
C PHE G 558 -16.98 -32.61 61.35
N VAL G 559 -16.84 -33.23 62.52
CA VAL G 559 -15.77 -34.20 62.73
C VAL G 559 -16.00 -35.44 61.89
N LYS G 560 -17.24 -35.93 61.85
CA LYS G 560 -17.55 -37.12 61.06
C LYS G 560 -17.58 -36.81 59.57
N LEU G 561 -18.20 -35.68 59.20
CA LEU G 561 -18.37 -35.34 57.79
C LEU G 561 -17.10 -34.78 57.16
N LYS G 562 -16.18 -34.25 57.96
CA LYS G 562 -14.95 -33.62 57.47
C LYS G 562 -15.26 -32.50 56.48
N LEU G 563 -16.32 -31.74 56.76
CA LEU G 563 -16.71 -30.61 55.92
C LEU G 563 -17.40 -29.58 56.79
N LEU G 564 -17.46 -28.35 56.28
CA LEU G 564 -18.01 -27.22 57.03
C LEU G 564 -19.37 -26.85 56.48
N MET G 565 -20.25 -26.39 57.36
CA MET G 565 -21.59 -25.95 56.99
C MET G 565 -21.77 -24.48 57.32
N ILE G 566 -22.39 -23.74 56.41
CA ILE G 566 -22.66 -22.32 56.63
C ILE G 566 -24.08 -21.98 56.21
N SER G 581 -34.68 -23.95 53.81
CA SER G 581 -35.90 -23.30 53.35
C SER G 581 -35.62 -21.89 52.86
N ARG G 582 -34.88 -21.13 53.67
CA ARG G 582 -34.52 -19.75 53.34
C ARG G 582 -33.01 -19.60 53.50
N ILE G 583 -32.54 -18.36 53.43
CA ILE G 583 -31.11 -18.09 53.60
C ILE G 583 -30.72 -18.37 55.03
N LEU G 584 -29.72 -19.22 55.22
CA LEU G 584 -29.25 -19.62 56.54
C LEU G 584 -27.75 -19.39 56.64
N ILE G 585 -27.33 -18.65 57.66
CA ILE G 585 -25.93 -18.47 58.00
C ILE G 585 -25.77 -18.68 59.49
N ASN G 586 -24.89 -19.62 59.87
CA ASN G 586 -24.68 -20.02 61.26
C ASN G 586 -26.01 -20.28 61.95
N PRO G 587 -26.72 -21.36 61.58
CA PRO G 587 -28.06 -21.58 62.14
C PRO G 587 -28.02 -21.98 63.62
N GLY G 588 -28.42 -21.06 64.48
CA GLY G 588 -28.45 -21.32 65.91
C GLY G 588 -29.87 -21.32 66.47
N ASN G 589 -29.99 -20.93 67.74
CA ASN G 589 -31.29 -20.86 68.41
C ASN G 589 -32.02 -22.21 68.37
N GLY G 596 -36.55 -30.00 53.78
CA GLY G 596 -35.44 -29.86 52.86
C GLY G 596 -34.74 -28.52 52.99
N THR G 597 -33.46 -28.57 53.37
CA THR G 597 -32.65 -27.37 53.53
C THR G 597 -31.36 -27.53 52.73
N LEU G 598 -30.96 -26.45 52.05
CA LEU G 598 -29.77 -26.47 51.22
C LEU G 598 -28.56 -26.06 52.05
N GLY G 599 -27.61 -26.99 52.22
CA GLY G 599 -26.44 -26.73 53.01
C GLY G 599 -25.35 -26.04 52.21
N PHE G 600 -24.98 -24.84 52.65
CA PHE G 600 -23.93 -24.06 52.01
C PHE G 600 -22.59 -24.53 52.58
N PHE G 601 -21.89 -25.38 51.83
CA PHE G 601 -20.69 -26.03 52.31
C PHE G 601 -19.44 -25.29 51.82
N ILE G 602 -18.32 -25.58 52.48
CA ILE G 602 -17.02 -25.01 52.13
C ILE G 602 -16.08 -26.16 51.81
N ALA G 603 -16.62 -27.20 51.15
CA ALA G 603 -15.82 -28.36 50.81
C ALA G 603 -14.76 -27.99 49.79
N SER G 604 -13.66 -28.77 49.79
CA SER G 604 -12.56 -28.51 48.88
C SER G 604 -12.85 -29.00 47.46
N ASP G 605 -13.85 -29.85 47.28
CA ASP G 605 -14.15 -30.41 45.97
C ASP G 605 -15.58 -30.91 45.97
N ALA G 606 -16.10 -31.16 44.76
CA ALA G 606 -17.44 -31.69 44.61
C ALA G 606 -17.50 -33.20 44.72
N LYS G 607 -16.36 -33.89 44.77
CA LYS G 607 -16.38 -35.34 44.93
C LYS G 607 -16.71 -35.73 46.36
N GLU G 608 -16.14 -35.04 47.34
CA GLU G 608 -16.40 -35.35 48.74
C GLU G 608 -17.51 -34.51 49.35
N VAL G 609 -18.11 -33.60 48.59
CA VAL G 609 -19.26 -32.86 49.10
C VAL G 609 -20.49 -33.76 49.16
N LYS G 610 -20.46 -34.90 48.46
CA LYS G 610 -21.55 -35.86 48.51
C LYS G 610 -21.40 -36.77 49.71
N ARG G 611 -21.23 -36.18 50.90
CA ARG G 611 -21.10 -36.92 52.13
C ARG G 611 -22.12 -36.53 53.18
N ALA G 612 -22.90 -35.46 52.95
CA ALA G 612 -23.94 -35.08 53.90
C ALA G 612 -25.19 -35.92 53.70
N PHE G 613 -25.78 -35.86 52.51
CA PHE G 613 -27.00 -36.60 52.25
C PHE G 613 -26.73 -38.09 52.04
N PHE G 614 -25.56 -38.43 51.49
CA PHE G 614 -25.26 -39.82 51.20
C PHE G 614 -25.02 -40.63 52.47
N TYR G 615 -24.30 -40.05 53.43
CA TYR G 615 -23.95 -40.77 54.65
C TYR G 615 -25.08 -40.68 55.66
N CYS G 616 -25.50 -41.83 56.17
CA CYS G 616 -26.57 -41.92 57.16
C CYS G 616 -26.17 -42.87 58.29
N LYS G 617 -24.96 -42.69 58.80
CA LYS G 617 -24.41 -43.50 59.89
C LYS G 617 -24.42 -44.99 59.54
N LYS G 688 -37.45 5.97 64.31
CA LYS G 688 -36.63 6.74 63.38
C LYS G 688 -35.17 6.34 63.48
N LYS G 689 -34.84 5.58 64.53
CA LYS G 689 -33.47 5.13 64.72
C LYS G 689 -33.04 4.16 63.62
N TYR G 690 -33.94 3.27 63.22
CA TYR G 690 -33.67 2.30 62.17
C TYR G 690 -34.27 2.80 60.85
N ASP G 691 -34.22 1.97 59.82
CA ASP G 691 -34.80 2.30 58.53
C ASP G 691 -36.24 1.82 58.48
N SER G 692 -36.83 1.81 57.28
CA SER G 692 -38.23 1.41 57.12
C SER G 692 -38.47 -0.06 57.41
N THR G 693 -37.41 -0.88 57.51
CA THR G 693 -37.55 -2.30 57.76
C THR G 693 -36.79 -2.78 58.99
N GLY G 694 -35.76 -2.06 59.43
CA GLY G 694 -34.94 -2.50 60.54
C GLY G 694 -33.68 -3.23 60.13
N MET G 695 -33.37 -3.30 58.84
CA MET G 695 -32.14 -3.94 58.39
C MET G 695 -30.91 -3.08 58.63
N PHE G 696 -31.06 -1.76 58.66
CA PHE G 696 -29.92 -0.86 58.78
C PHE G 696 -30.30 0.28 59.73
N HIS G 697 -29.44 1.29 59.78
CA HIS G 697 -29.64 2.45 60.64
C HIS G 697 -29.93 3.68 59.79
N TRP G 698 -30.81 4.54 60.30
CA TRP G 698 -31.22 5.75 59.60
C TRP G 698 -31.27 6.91 60.57
N CYS G 699 -31.04 8.11 60.04
CA CYS G 699 -31.09 9.33 60.83
C CYS G 699 -31.55 10.48 59.94
N ALA G 700 -31.73 11.65 60.54
CA ALA G 700 -32.23 12.80 59.81
C ALA G 700 -31.22 13.23 58.75
N PRO G 701 -31.71 13.78 57.62
CA PRO G 701 -30.78 14.23 56.57
C PRO G 701 -29.88 15.35 57.07
N LYS G 702 -28.67 15.38 56.51
CA LYS G 702 -27.66 16.36 56.88
C LYS G 702 -27.28 17.21 55.67
N GLU G 703 -26.91 18.45 55.94
CA GLU G 703 -26.45 19.37 54.90
C GLU G 703 -24.94 19.24 54.73
N ILE G 704 -24.47 19.50 53.51
CA ILE G 704 -23.04 19.36 53.21
C ILE G 704 -22.21 20.33 54.05
N GLU G 705 -22.78 21.48 54.41
CA GLU G 705 -22.05 22.43 55.24
C GLU G 705 -21.95 21.98 56.69
N LYS G 706 -22.85 21.13 57.16
CA LYS G 706 -22.83 20.67 58.54
C LYS G 706 -21.84 19.52 58.77
N VAL G 707 -21.26 18.97 57.70
CA VAL G 707 -20.30 17.87 57.84
C VAL G 707 -18.93 18.21 57.30
N ILE G 708 -18.78 19.28 56.50
CA ILE G 708 -17.47 19.67 56.01
C ILE G 708 -16.60 20.11 57.18
N LEU G 709 -15.36 19.64 57.20
CA LEU G 709 -14.45 19.88 58.32
C LEU G 709 -13.22 20.63 57.83
N THR G 710 -12.30 20.89 58.77
CA THR G 710 -11.06 21.58 58.48
C THR G 710 -10.00 20.99 59.41
N ARG G 711 -8.73 21.16 59.02
CA ARG G 711 -7.63 20.56 59.76
C ARG G 711 -7.64 20.95 61.23
N SER G 712 -8.14 22.16 61.54
CA SER G 712 -8.18 22.61 62.92
C SER G 712 -9.16 21.79 63.75
N GLU G 713 -10.40 21.64 63.26
CA GLU G 713 -11.39 20.87 64.01
C GLU G 713 -11.18 19.37 63.87
N ALA G 714 -10.66 18.92 62.73
CA ALA G 714 -10.42 17.49 62.53
C ALA G 714 -9.43 16.95 63.54
N ALA G 715 -8.32 17.68 63.77
CA ALA G 715 -7.37 17.26 64.80
C ALA G 715 -7.96 17.42 66.20
N MET G 716 -8.75 18.47 66.40
CA MET G 716 -9.38 18.67 67.70
C MET G 716 -10.36 17.55 68.02
N THR G 717 -11.15 17.12 67.03
CA THR G 717 -12.07 16.01 67.23
C THR G 717 -11.30 14.71 67.41
N VAL G 718 -11.75 13.88 68.34
CA VAL G 718 -11.08 12.62 68.65
C VAL G 718 -11.71 11.50 67.82
N LEU G 719 -10.87 10.69 67.19
CA LEU G 719 -11.32 9.56 66.39
C LEU G 719 -10.40 8.38 66.66
N SER G 720 -10.99 7.26 67.06
CA SER G 720 -10.21 6.05 67.33
C SER G 720 -10.96 4.84 66.79
N GLY G 721 -10.23 3.98 66.08
CA GLY G 721 -10.84 2.80 65.50
C GLY G 721 -11.93 3.08 64.50
N HIS G 722 -11.84 4.21 63.80
CA HIS G 722 -12.85 4.63 62.86
C HIS G 722 -12.49 4.17 61.45
N VAL G 723 -13.24 4.64 60.46
CA VAL G 723 -13.04 4.29 59.06
C VAL G 723 -12.71 5.56 58.30
N VAL G 724 -11.61 5.53 57.54
CA VAL G 724 -11.20 6.65 56.70
C VAL G 724 -11.19 6.17 55.25
N VAL G 725 -11.82 6.95 54.37
CA VAL G 725 -11.95 6.60 52.96
C VAL G 725 -11.26 7.70 52.16
N CYS G 726 -10.24 7.34 51.39
CA CYS G 726 -9.56 8.28 50.53
C CYS G 726 -10.15 8.19 49.12
N ILE G 727 -10.73 9.30 48.67
CA ILE G 727 -11.45 9.34 47.40
C ILE G 727 -10.66 10.22 46.43
N PHE G 728 -10.34 9.69 45.26
CA PHE G 728 -9.71 10.42 44.18
C PHE G 728 -10.76 10.78 43.15
N GLY G 729 -10.80 12.05 42.76
CA GLY G 729 -11.79 12.49 41.79
C GLY G 729 -11.43 13.86 41.24
N ASP G 730 -12.18 14.24 40.20
CA ASP G 730 -11.97 15.50 39.51
C ASP G 730 -13.34 16.05 39.11
N VAL G 731 -13.33 17.12 38.32
CA VAL G 731 -14.58 17.71 37.86
C VAL G 731 -15.27 16.80 36.85
N SER G 732 -14.49 16.20 35.94
CA SER G 732 -15.04 15.34 34.90
C SER G 732 -14.88 13.85 35.23
N SER G 733 -14.54 13.52 36.48
CA SER G 733 -14.31 12.13 36.85
C SER G 733 -15.63 11.36 36.87
N ALA G 734 -15.51 10.03 36.80
CA ALA G 734 -16.67 9.15 36.77
C ALA G 734 -17.28 9.03 38.17
N LEU G 735 -18.42 8.34 38.25
CA LEU G 735 -19.15 8.17 39.49
C LEU G 735 -18.94 6.77 40.04
N ILE G 736 -18.39 6.69 41.25
CA ILE G 736 -18.24 5.38 41.90
C ILE G 736 -19.54 4.97 42.58
N GLY G 737 -20.01 5.78 43.53
CA GLY G 737 -21.18 5.45 44.32
C GLY G 737 -20.79 4.91 45.68
N LEU G 738 -20.82 5.78 46.69
CA LEU G 738 -20.38 5.41 48.03
C LEU G 738 -21.52 4.91 48.91
N ARG G 739 -22.74 4.84 48.38
CA ARG G 739 -23.86 4.34 49.18
C ARG G 739 -23.69 2.87 49.51
N ASN G 740 -22.99 2.11 48.66
CA ASN G 740 -22.78 0.69 48.92
C ASN G 740 -21.58 0.43 49.82
N LEU G 741 -20.85 1.47 50.23
CA LEU G 741 -19.73 1.30 51.13
C LEU G 741 -20.09 1.54 52.59
N VAL G 742 -20.96 2.53 52.85
CA VAL G 742 -21.38 2.81 54.22
C VAL G 742 -22.54 1.92 54.65
N MET G 743 -23.29 1.37 53.70
CA MET G 743 -24.39 0.46 54.04
C MET G 743 -23.95 -0.78 54.79
N PRO G 744 -22.90 -1.51 54.37
CA PRO G 744 -22.53 -2.73 55.12
C PRO G 744 -22.09 -2.45 56.54
N LEU G 745 -21.63 -1.24 56.84
CA LEU G 745 -21.11 -0.91 58.16
C LEU G 745 -22.18 -0.47 59.14
N ARG G 746 -23.46 -0.46 58.73
CA ARG G 746 -24.56 0.01 59.55
C ARG G 746 -25.65 -1.04 59.65
N ALA G 747 -25.27 -2.28 59.97
CA ALA G 747 -26.21 -3.38 60.02
C ALA G 747 -27.10 -3.27 61.26
N SER G 748 -28.00 -4.24 61.42
CA SER G 748 -28.94 -4.20 62.55
C SER G 748 -28.23 -4.47 63.87
N ASN G 749 -27.39 -5.50 63.91
CA ASN G 749 -26.71 -5.89 65.15
C ASN G 749 -25.52 -5.00 65.47
N PHE G 750 -25.35 -3.88 64.78
CA PHE G 750 -24.31 -2.91 65.08
C PHE G 750 -24.96 -1.77 65.87
N HIS G 751 -24.69 -1.71 67.16
CA HIS G 751 -25.26 -0.68 68.01
C HIS G 751 -24.69 0.69 67.65
N TYR G 752 -25.43 1.74 68.03
CA TYR G 752 -24.98 3.10 67.75
C TYR G 752 -23.65 3.39 68.43
N HIS G 753 -23.41 2.80 69.60
CA HIS G 753 -22.12 2.96 70.26
C HIS G 753 -21.03 2.18 69.53
N GLU G 754 -21.38 1.03 68.97
CA GLU G 754 -20.42 0.20 68.26
C GLU G 754 -20.28 0.57 66.79
N LEU G 755 -21.11 1.47 66.29
CA LEU G 755 -21.03 1.89 64.89
C LEU G 755 -19.68 2.56 64.63
N LYS G 756 -19.04 2.17 63.53
CA LYS G 756 -17.73 2.70 63.19
C LYS G 756 -17.87 4.00 62.42
N HIS G 757 -17.26 5.06 62.94
CA HIS G 757 -17.34 6.36 62.29
C HIS G 757 -16.60 6.33 60.95
N ILE G 758 -17.19 6.96 59.95
CA ILE G 758 -16.66 6.98 58.59
C ILE G 758 -16.34 8.42 58.21
N VAL G 759 -15.13 8.65 57.74
CA VAL G 759 -14.69 9.98 57.31
C VAL G 759 -14.14 9.87 55.90
N PHE G 760 -14.55 10.79 55.03
CA PHE G 760 -14.13 10.81 53.63
C PHE G 760 -13.17 11.98 53.42
N VAL G 761 -12.00 11.70 52.83
CA VAL G 761 -11.01 12.71 52.51
C VAL G 761 -10.80 12.74 51.01
N GLY G 762 -10.85 13.95 50.44
CA GLY G 762 -10.69 14.11 49.01
C GLY G 762 -11.21 15.46 48.58
N SER G 763 -11.39 15.59 47.26
CA SER G 763 -11.93 16.83 46.70
C SER G 763 -13.38 16.99 47.11
N ILE G 764 -13.75 18.22 47.47
CA ILE G 764 -15.11 18.47 47.94
C ILE G 764 -16.11 18.47 46.79
N GLU G 765 -15.65 18.77 45.58
CA GLU G 765 -16.56 18.80 44.43
C GLU G 765 -17.11 17.40 44.14
N TYR G 766 -16.27 16.38 44.22
CA TYR G 766 -16.74 15.01 44.01
C TYR G 766 -17.75 14.60 45.08
N LEU G 767 -17.47 14.93 46.35
CA LEU G 767 -18.41 14.64 47.42
C LEU G 767 -19.71 15.41 47.26
N LYS G 768 -19.63 16.66 46.78
CA LYS G 768 -20.84 17.42 46.49
C LYS G 768 -21.65 16.75 45.37
N ARG G 769 -20.95 16.23 44.36
CA ARG G 769 -21.64 15.50 43.29
C ARG G 769 -22.33 14.25 43.83
N GLU G 770 -21.68 13.54 44.74
CA GLU G 770 -22.24 12.34 45.33
C GLU G 770 -23.10 12.63 46.55
N TRP G 771 -23.32 13.90 46.90
CA TRP G 771 -24.03 14.23 48.12
C TRP G 771 -25.53 14.00 47.99
N GLU G 772 -26.05 13.91 46.76
CA GLU G 772 -27.48 13.71 46.56
C GLU G 772 -27.96 12.39 47.17
N THR G 773 -27.07 11.40 47.26
CA THR G 773 -27.41 10.15 47.93
C THR G 773 -26.75 10.01 49.31
N LEU G 774 -25.68 10.74 49.56
CA LEU G 774 -24.94 10.66 50.82
C LEU G 774 -25.40 11.73 51.81
N HIS G 775 -26.68 11.76 52.15
CA HIS G 775 -27.18 12.72 53.12
C HIS G 775 -28.05 12.13 54.22
N ASN G 776 -28.62 10.95 54.03
CA ASN G 776 -29.41 10.28 55.07
C ASN G 776 -28.59 9.29 55.88
N PHE G 777 -27.28 9.51 55.98
CA PHE G 777 -26.39 8.58 56.66
C PHE G 777 -25.80 9.22 57.91
N PRO G 778 -25.93 8.58 59.07
CA PRO G 778 -25.40 9.17 60.30
C PRO G 778 -23.93 8.88 60.53
N LYS G 779 -23.32 9.72 61.36
CA LYS G 779 -21.93 9.58 61.78
C LYS G 779 -20.99 9.52 60.57
N VAL G 780 -21.07 10.55 59.74
CA VAL G 780 -20.22 10.68 58.56
C VAL G 780 -19.57 12.04 58.57
N SER G 781 -18.30 12.10 58.18
CA SER G 781 -17.54 13.34 58.12
C SER G 781 -16.79 13.41 56.79
N ILE G 782 -16.59 14.65 56.31
CA ILE G 782 -15.91 14.90 55.05
C ILE G 782 -14.89 16.00 55.27
N LEU G 783 -13.63 15.72 54.94
CA LEU G 783 -12.56 16.70 55.02
C LEU G 783 -12.05 17.02 53.62
N PRO G 784 -12.21 18.26 53.13
CA PRO G 784 -11.67 18.61 51.80
C PRO G 784 -10.16 18.48 51.72
N GLY G 785 -9.62 18.63 50.51
CA GLY G 785 -8.19 18.53 50.27
C GLY G 785 -7.86 17.38 49.33
N THR G 786 -6.78 16.67 49.64
CA THR G 786 -6.36 15.53 48.84
C THR G 786 -5.78 14.48 49.77
N PRO G 787 -5.95 13.19 49.46
CA PRO G 787 -5.34 12.15 50.32
C PRO G 787 -3.82 12.10 50.25
N LEU G 788 -3.21 12.75 49.26
CA LEU G 788 -1.75 12.77 49.15
C LEU G 788 -1.10 13.74 50.14
N SER G 789 -1.88 14.54 50.86
CA SER G 789 -1.35 15.51 51.81
C SER G 789 -1.19 14.83 53.17
N ARG G 790 0.01 14.93 53.74
CA ARG G 790 0.28 14.32 55.04
C ARG G 790 -0.53 14.99 56.15
N ALA G 791 -0.63 16.33 56.11
CA ALA G 791 -1.30 17.05 57.18
C ALA G 791 -2.78 16.69 57.28
N ASP G 792 -3.46 16.57 56.13
CA ASP G 792 -4.86 16.18 56.14
C ASP G 792 -5.03 14.79 56.73
N LEU G 793 -4.13 13.86 56.38
CA LEU G 793 -4.17 12.53 56.97
C LEU G 793 -3.86 12.57 58.46
N ARG G 794 -2.91 13.42 58.88
CA ARG G 794 -2.59 13.54 60.29
C ARG G 794 -3.78 14.07 61.08
N ALA G 795 -4.58 14.94 60.48
CA ALA G 795 -5.69 15.57 61.19
C ALA G 795 -6.77 14.54 61.55
N VAL G 796 -7.00 13.57 60.66
CA VAL G 796 -8.13 12.65 60.83
C VAL G 796 -7.72 11.42 61.62
N ASN G 797 -6.54 11.48 62.26
CA ASN G 797 -6.04 10.40 63.12
C ASN G 797 -5.92 9.09 62.34
N ILE G 798 -5.06 9.13 61.32
CA ILE G 798 -4.87 7.96 60.46
C ILE G 798 -4.19 6.83 61.22
N ASN G 799 -3.37 7.15 62.22
CA ASN G 799 -2.58 6.13 62.90
C ASN G 799 -3.45 5.12 63.64
N LEU G 800 -4.53 5.58 64.29
CA LEU G 800 -5.37 4.69 65.09
C LEU G 800 -6.63 4.25 64.36
N CYS G 801 -6.74 4.51 63.06
CA CYS G 801 -7.91 4.09 62.31
C CYS G 801 -7.96 2.57 62.19
N ASP G 802 -9.18 2.04 62.07
CA ASP G 802 -9.35 0.59 61.93
C ASP G 802 -9.03 0.11 60.53
N MET G 803 -9.29 0.94 59.51
CA MET G 803 -9.05 0.54 58.13
C MET G 803 -9.00 1.79 57.26
N CYS G 804 -8.00 1.86 56.38
CA CYS G 804 -7.87 2.94 55.41
C CYS G 804 -8.17 2.39 54.02
N VAL G 805 -9.07 3.05 53.30
CA VAL G 805 -9.53 2.59 52.00
C VAL G 805 -9.09 3.61 50.96
N ILE G 806 -8.36 3.14 49.95
CA ILE G 806 -7.95 3.98 48.82
C ILE G 806 -8.82 3.64 47.63
N LEU G 807 -9.56 4.62 47.13
CA LEU G 807 -10.44 4.44 45.98
C LEU G 807 -10.19 5.54 44.96
N SER G 808 -10.35 5.18 43.69
CA SER G 808 -10.13 6.11 42.60
C SER G 808 -11.29 6.04 41.61
N ALA G 809 -11.55 7.17 40.95
CA ALA G 809 -12.61 7.27 39.96
C ALA G 809 -12.12 7.74 38.59
N ASN G 810 -10.99 8.43 38.53
CA ASN G 810 -10.47 9.00 37.29
C ASN G 810 -9.78 7.97 36.39
N GLN G 811 -9.58 6.74 36.86
CA GLN G 811 -8.89 5.74 36.06
C GLN G 811 -9.61 5.40 34.77
N ASN G 812 -10.90 5.69 34.67
CA ASN G 812 -11.66 5.47 33.45
C ASN G 812 -11.42 6.54 32.40
N ASN G 813 -10.70 7.61 32.75
CA ASN G 813 -10.39 8.67 31.79
C ASN G 813 -9.10 8.38 31.03
N ILE G 814 -8.02 8.08 31.77
CA ILE G 814 -6.74 7.76 31.14
C ILE G 814 -6.76 6.31 30.69
N ASP G 815 -6.27 6.07 29.46
CA ASP G 815 -6.18 4.73 28.90
C ASP G 815 -4.76 4.19 28.87
N ASP G 816 -3.83 4.85 29.56
CA ASP G 816 -2.44 4.42 29.57
C ASP G 816 -2.25 3.36 30.65
N THR G 817 -1.72 2.20 30.25
CA THR G 817 -1.54 1.09 31.19
C THR G 817 -0.54 1.46 32.29
N SER G 818 0.55 2.13 31.91
CA SER G 818 1.58 2.47 32.90
C SER G 818 1.05 3.46 33.93
N LEU G 819 0.25 4.44 33.50
CA LEU G 819 -0.23 5.49 34.38
C LEU G 819 -1.40 5.06 35.26
N GLN G 820 -1.91 3.85 35.05
CA GLN G 820 -3.04 3.37 35.84
C GLN G 820 -2.63 3.02 37.26
N ASP G 821 -3.51 3.31 38.24
CA ASP G 821 -3.22 3.05 39.67
C ASP G 821 -2.17 3.94 40.33
N LYS G 822 -1.62 4.89 39.59
CA LYS G 822 -0.51 5.70 40.14
C LYS G 822 -0.72 6.28 41.51
N GLU G 823 -1.77 7.08 41.69
CA GLU G 823 -1.94 7.75 42.97
C GLU G 823 -2.33 6.80 44.08
N CYS G 824 -3.09 5.77 43.75
CA CYS G 824 -3.47 4.80 44.76
C CYS G 824 -2.23 4.11 45.28
N ILE G 825 -1.22 3.97 44.43
CA ILE G 825 0.03 3.35 44.88
C ILE G 825 0.88 4.36 45.63
N LEU G 826 0.87 5.61 45.19
CA LEU G 826 1.64 6.62 45.87
C LEU G 826 1.05 6.87 47.25
N ALA G 827 -0.28 6.82 47.36
CA ALA G 827 -0.92 7.11 48.63
C ALA G 827 -0.73 5.97 49.58
N SER G 828 -0.86 4.76 49.07
CA SER G 828 -0.62 3.62 49.92
C SER G 828 0.75 3.76 50.49
N LEU G 829 1.66 4.34 49.72
CA LEU G 829 3.05 4.41 50.17
C LEU G 829 3.22 5.52 51.19
N ASN G 830 2.66 6.68 50.93
CA ASN G 830 2.71 7.77 51.88
C ASN G 830 2.10 7.29 53.18
N ILE G 831 1.02 6.51 53.10
CA ILE G 831 0.47 5.96 54.34
C ILE G 831 1.52 5.11 55.06
N LYS G 832 2.22 4.26 54.32
CA LYS G 832 3.20 3.37 54.93
C LYS G 832 4.41 4.14 55.46
N SER G 833 4.79 5.22 54.77
CA SER G 833 6.02 5.94 55.09
C SER G 833 5.85 6.99 56.18
N MET G 834 4.64 7.18 56.70
CA MET G 834 4.43 8.19 57.72
C MET G 834 5.10 7.79 59.04
N GLN G 835 5.47 8.79 59.83
CA GLN G 835 6.09 8.58 61.13
C GLN G 835 5.27 9.30 62.18
N PHE G 836 4.90 8.59 63.24
CA PHE G 836 4.11 9.13 64.33
C PHE G 836 4.93 9.15 65.61
N ASP G 837 4.37 9.79 66.63
CA ASP G 837 5.03 9.90 67.93
C ASP G 837 5.11 8.55 68.63
N THR G 875 5.54 5.99 66.07
CA THR G 875 6.04 4.84 65.32
C THR G 875 5.72 4.97 63.84
N THR G 876 6.34 4.11 63.03
CA THR G 876 6.10 4.11 61.59
C THR G 876 4.71 3.56 61.29
N GLY G 877 4.08 4.11 60.24
CA GLY G 877 2.77 3.70 59.81
C GLY G 877 2.73 2.51 58.86
N VAL G 878 3.85 1.78 58.74
CA VAL G 878 3.89 0.64 57.84
C VAL G 878 2.93 -0.47 58.25
N ASN G 879 2.60 -0.55 59.54
CA ASN G 879 1.70 -1.57 60.05
C ASN G 879 0.25 -1.12 60.08
N ILE G 880 -0.04 0.08 59.58
CA ILE G 880 -1.42 0.57 59.56
C ILE G 880 -2.25 -0.26 58.59
N PRO G 881 -3.40 -0.81 59.00
CA PRO G 881 -4.20 -1.61 58.08
C PRO G 881 -4.84 -0.77 56.98
N ILE G 882 -4.34 -0.93 55.77
CA ILE G 882 -4.82 -0.17 54.61
C ILE G 882 -5.11 -1.13 53.47
N ILE G 883 -6.24 -0.94 52.81
CA ILE G 883 -6.64 -1.75 51.67
C ILE G 883 -6.79 -0.84 50.45
N THR G 884 -6.22 -1.25 49.33
CA THR G 884 -6.20 -0.45 48.11
C THR G 884 -6.91 -1.20 46.99
N GLU G 885 -7.69 -0.47 46.20
CA GLU G 885 -8.40 -1.04 45.06
C GLU G 885 -7.62 -0.71 43.79
N LEU G 886 -7.27 -1.74 43.02
CA LEU G 886 -6.47 -1.60 41.81
C LEU G 886 -7.30 -2.01 40.61
N VAL G 887 -7.23 -1.21 39.54
CA VAL G 887 -7.89 -1.57 38.29
C VAL G 887 -6.98 -2.47 37.46
N ASN G 888 -5.67 -2.28 37.58
CA ASN G 888 -4.68 -3.10 36.88
C ASN G 888 -4.04 -4.06 37.86
N ASP G 889 -4.04 -5.35 37.51
CA ASP G 889 -3.49 -6.36 38.41
C ASP G 889 -1.97 -6.31 38.43
N THR G 890 -1.35 -5.72 37.40
CA THR G 890 0.11 -5.65 37.34
C THR G 890 0.68 -4.75 38.42
N ASN G 891 -0.01 -3.68 38.79
CA ASN G 891 0.51 -2.70 39.75
C ASN G 891 0.63 -3.25 41.16
N VAL G 892 0.05 -4.41 41.45
CA VAL G 892 0.06 -4.95 42.81
C VAL G 892 1.47 -5.17 43.31
N GLN G 893 2.43 -5.44 42.42
CA GLN G 893 3.82 -5.63 42.83
C GLN G 893 4.39 -4.40 43.51
N PHE G 894 3.84 -3.22 43.25
CA PHE G 894 4.30 -2.00 43.88
C PHE G 894 3.74 -1.80 45.28
N LEU G 895 2.74 -2.58 45.67
CA LEU G 895 2.13 -2.40 46.98
C LEU G 895 3.11 -2.74 48.10
N ASP G 896 3.87 -3.81 47.92
CA ASP G 896 4.86 -4.25 48.90
C ASP G 896 6.25 -4.27 48.30
N GLN G 897 7.24 -3.98 49.14
CA GLN G 897 8.64 -4.01 48.71
C GLN G 897 9.39 -5.23 49.20
N ASP G 898 8.98 -5.84 50.31
CA ASP G 898 9.64 -7.03 50.85
C ASP G 898 8.97 -8.31 50.35
N ASP G 899 8.84 -8.44 49.02
CA ASP G 899 8.22 -9.60 48.42
C ASP G 899 8.77 -9.78 47.02
N ASP G 900 8.59 -11.00 46.49
CA ASP G 900 9.05 -11.33 45.15
C ASP G 900 8.01 -10.87 44.14
N ASP G 901 8.45 -10.08 43.16
CA ASP G 901 7.56 -9.51 42.15
C ASP G 901 7.83 -10.19 40.81
N ASP G 902 6.88 -11.02 40.36
CA ASP G 902 6.98 -11.71 39.09
C ASP G 902 5.69 -11.47 38.30
N PRO G 903 5.78 -10.97 37.06
CA PRO G 903 4.55 -10.80 36.27
C PRO G 903 3.84 -12.11 35.95
N ASP G 904 4.56 -13.23 35.99
CA ASP G 904 3.95 -14.51 35.61
C ASP G 904 2.95 -14.99 36.65
N THR G 905 3.23 -14.77 37.93
CA THR G 905 2.36 -15.27 38.99
C THR G 905 1.01 -14.58 38.95
N GLU G 906 0.00 -15.29 39.46
CA GLU G 906 -1.37 -14.79 39.44
C GLU G 906 -1.62 -13.86 40.63
N LEU G 907 -2.75 -13.15 40.57
CA LEU G 907 -3.07 -12.16 41.59
C LEU G 907 -3.31 -12.83 42.95
N TYR G 908 -3.96 -14.00 42.95
CA TYR G 908 -4.28 -14.66 44.22
C TYR G 908 -3.03 -15.14 44.94
N LEU G 909 -1.92 -15.30 44.23
CA LEU G 909 -0.65 -15.70 44.85
C LEU G 909 0.15 -14.53 45.38
N THR G 910 -0.18 -13.29 44.99
CA THR G 910 0.55 -12.14 45.45
C THR G 910 0.36 -11.92 46.94
N GLN G 911 1.44 -11.55 47.62
CA GLN G 911 1.39 -11.33 49.07
C GLN G 911 0.42 -10.23 49.48
N PRO G 912 0.43 -9.04 48.86
CA PRO G 912 -0.54 -8.01 49.29
C PRO G 912 -1.99 -8.43 49.15
N PHE G 913 -2.32 -9.22 48.14
CA PHE G 913 -3.69 -9.71 48.01
C PHE G 913 -3.98 -10.79 49.03
N ALA G 914 -3.02 -11.68 49.28
CA ALA G 914 -3.23 -12.75 50.25
C ALA G 914 -3.37 -12.21 51.67
N CYS G 915 -2.85 -11.02 51.93
CA CYS G 915 -2.93 -10.41 53.25
C CYS G 915 -4.17 -9.55 53.43
N GLY G 916 -5.03 -9.46 52.42
CA GLY G 916 -6.24 -8.67 52.53
C GLY G 916 -6.04 -7.17 52.35
N THR G 917 -4.85 -6.73 51.97
CA THR G 917 -4.58 -5.32 51.75
C THR G 917 -4.77 -4.90 50.29
N ALA G 918 -5.14 -5.82 49.41
CA ALA G 918 -5.35 -5.52 48.00
C ALA G 918 -6.64 -6.17 47.53
N PHE G 919 -7.30 -5.51 46.57
CA PHE G 919 -8.51 -6.04 45.98
C PHE G 919 -8.66 -5.48 44.57
N ALA G 920 -9.17 -6.32 43.67
CA ALA G 920 -9.41 -5.91 42.29
C ALA G 920 -10.71 -6.56 41.81
N VAL G 921 -11.36 -5.90 40.85
CA VAL G 921 -12.61 -6.42 40.31
C VAL G 921 -12.39 -7.66 39.45
N SER G 922 -11.14 -7.93 39.05
CA SER G 922 -10.85 -9.08 38.20
C SER G 922 -11.14 -10.40 38.88
N VAL G 923 -11.05 -10.46 40.22
CA VAL G 923 -11.34 -11.71 40.93
C VAL G 923 -12.82 -12.00 41.02
N LEU G 924 -13.68 -11.06 40.64
CA LEU G 924 -15.12 -11.25 40.69
C LEU G 924 -15.70 -11.78 39.39
N ASP G 925 -14.86 -12.00 38.36
CA ASP G 925 -15.36 -12.54 37.11
C ASP G 925 -15.73 -14.01 37.23
N SER G 926 -15.14 -14.74 38.19
CA SER G 926 -15.51 -16.12 38.43
C SER G 926 -16.88 -16.27 39.07
N LEU G 927 -17.49 -15.16 39.49
CA LEU G 927 -18.78 -15.22 40.16
C LEU G 927 -19.87 -15.73 39.23
N MET G 928 -19.75 -15.45 37.93
CA MET G 928 -20.77 -15.85 36.96
C MET G 928 -20.89 -17.36 36.88
N SER G 929 -19.75 -18.06 36.84
CA SER G 929 -19.77 -19.52 36.71
C SER G 929 -20.38 -20.16 37.94
N ALA G 930 -20.02 -19.69 39.14
CA ALA G 930 -20.60 -20.22 40.36
C ALA G 930 -22.09 -19.90 40.44
N THR G 931 -22.48 -18.70 40.02
CA THR G 931 -23.89 -18.30 40.06
C THR G 931 -24.72 -19.18 39.13
N TYR G 932 -24.19 -19.52 37.96
CA TYR G 932 -24.96 -20.30 37.00
C TYR G 932 -25.35 -21.68 37.54
N PHE G 933 -24.40 -22.38 38.17
CA PHE G 933 -24.60 -23.78 38.53
C PHE G 933 -25.64 -23.94 39.64
N ASN G 934 -25.70 -23.01 40.59
CA ASN G 934 -26.79 -22.95 41.56
C ASN G 934 -26.88 -21.49 42.00
N ASP G 935 -28.04 -20.87 41.76
CA ASP G 935 -28.18 -19.43 41.93
C ASP G 935 -28.21 -19.00 43.39
N ASN G 936 -28.35 -19.94 44.32
CA ASN G 936 -28.57 -19.56 45.72
C ASN G 936 -27.37 -18.80 46.28
N ILE G 937 -26.22 -18.90 45.60
CA ILE G 937 -25.00 -18.29 46.13
C ILE G 937 -25.08 -16.77 46.08
N LEU G 938 -25.61 -16.22 44.98
CA LEU G 938 -25.61 -14.77 44.80
C LEU G 938 -26.42 -14.06 45.89
N THR G 939 -27.60 -14.60 46.22
CA THR G 939 -28.35 -14.03 47.33
C THR G 939 -27.65 -14.28 48.66
N LEU G 940 -26.93 -15.41 48.78
CA LEU G 940 -26.10 -15.64 49.95
C LEU G 940 -24.99 -14.61 50.05
N ILE G 941 -24.38 -14.26 48.92
CA ILE G 941 -23.39 -13.19 48.92
C ILE G 941 -24.02 -11.88 49.35
N ARG G 942 -25.21 -11.57 48.82
CA ARG G 942 -25.85 -10.30 49.14
C ARG G 942 -26.31 -10.22 50.59
N THR G 943 -26.59 -11.35 51.23
CA THR G 943 -26.93 -11.35 52.65
C THR G 943 -25.71 -11.49 53.55
N LEU G 944 -24.57 -11.93 53.01
CA LEU G 944 -23.33 -11.98 53.78
C LEU G 944 -22.54 -10.68 53.73
N VAL G 945 -22.63 -9.92 52.65
CA VAL G 945 -22.02 -8.61 52.57
C VAL G 945 -23.17 -7.60 52.51
N THR G 946 -22.83 -6.31 52.44
CA THR G 946 -23.78 -5.19 52.34
C THR G 946 -24.94 -5.32 53.34
N GLY G 947 -24.71 -5.99 54.46
CA GLY G 947 -25.71 -6.17 55.49
C GLY G 947 -26.73 -7.24 55.15
N GLY G 948 -27.62 -6.93 54.21
CA GLY G 948 -28.66 -7.85 53.80
C GLY G 948 -29.51 -7.25 52.70
N ALA G 949 -29.86 -8.07 51.71
CA ALA G 949 -30.66 -7.58 50.58
C ALA G 949 -32.03 -8.25 50.65
N THR G 950 -32.88 -7.80 51.57
CA THR G 950 -34.23 -8.38 51.70
C THR G 950 -35.02 -8.08 50.44
N PRO G 951 -35.90 -8.99 49.98
CA PRO G 951 -36.75 -8.75 48.80
C PRO G 951 -37.47 -7.38 48.84
N GLU G 952 -38.02 -6.99 49.98
CA GLU G 952 -38.73 -5.72 50.12
C GLU G 952 -37.80 -4.53 49.88
N LEU G 953 -36.57 -4.61 50.37
CA LEU G 953 -35.65 -3.49 50.24
C LEU G 953 -35.30 -3.22 48.78
N GLU G 954 -35.22 -4.28 47.96
CA GLU G 954 -34.96 -4.09 46.54
C GLU G 954 -36.10 -3.29 45.90
N ALA G 955 -37.34 -3.62 46.22
CA ALA G 955 -38.47 -2.86 45.67
C ALA G 955 -38.46 -1.42 46.17
N LEU G 956 -38.16 -1.23 47.46
CA LEU G 956 -38.12 0.13 48.01
C LEU G 956 -37.06 0.97 47.33
N ILE G 957 -35.88 0.38 47.09
CA ILE G 957 -34.82 1.11 46.38
C ILE G 957 -35.23 1.37 44.93
N ALA G 958 -35.95 0.42 44.33
CA ALA G 958 -36.39 0.59 42.94
C ALA G 958 -37.37 1.74 42.80
N GLU G 959 -38.30 1.89 43.75
CA GLU G 959 -39.38 2.84 43.55
C GLU G 959 -39.05 4.27 44.00
N GLU G 960 -38.32 4.45 45.11
CA GLU G 960 -37.93 5.80 45.51
C GLU G 960 -36.49 6.15 45.14
N ASN G 961 -35.61 5.17 45.05
CA ASN G 961 -34.18 5.39 44.82
C ASN G 961 -33.58 6.28 45.92
N ALA G 962 -34.09 6.11 47.14
CA ALA G 962 -33.61 6.87 48.29
C ALA G 962 -34.05 6.15 49.55
N LEU G 963 -33.09 5.78 50.40
CA LEU G 963 -33.40 5.06 51.62
C LEU G 963 -34.10 5.98 52.61
N ARG G 964 -35.23 5.53 53.15
CA ARG G 964 -36.00 6.26 54.13
C ARG G 964 -36.40 5.32 55.26
N GLY G 965 -36.69 5.91 56.43
CA GLY G 965 -37.02 5.13 57.59
C GLY G 965 -38.27 5.66 58.28
N GLY G 966 -38.70 4.91 59.30
CA GLY G 966 -39.88 5.28 60.06
C GLY G 966 -39.83 4.79 61.49
N TYR G 967 -40.94 4.91 62.21
CA TYR G 967 -40.99 4.47 63.60
C TYR G 967 -40.88 2.95 63.68
N SER G 968 -40.11 2.48 64.65
CA SER G 968 -39.85 1.05 64.78
C SER G 968 -41.08 0.32 65.32
N THR G 969 -41.12 -0.99 65.03
CA THR G 969 -42.17 -1.89 65.47
C THR G 969 -41.53 -3.08 66.15
N PRO G 970 -42.27 -3.80 67.00
CA PRO G 970 -41.70 -5.01 67.62
C PRO G 970 -41.17 -6.01 66.60
N GLN G 971 -41.85 -6.17 65.47
CA GLN G 971 -41.33 -7.04 64.41
C GLN G 971 -40.12 -6.42 63.73
N THR G 972 -40.07 -5.09 63.63
CA THR G 972 -38.92 -4.42 63.05
C THR G 972 -37.66 -4.70 63.87
N LEU G 973 -37.77 -4.61 65.20
CA LEU G 973 -36.64 -4.95 66.06
C LEU G 973 -36.38 -6.45 66.06
N ALA G 974 -37.40 -7.26 65.79
CA ALA G 974 -37.21 -8.70 65.71
C ALA G 974 -36.39 -9.10 64.49
N ASN G 975 -36.29 -8.23 63.50
CA ASN G 975 -35.47 -8.49 62.30
C ASN G 975 -34.01 -8.13 62.58
N ARG G 976 -33.46 -8.77 63.61
CA ARG G 976 -32.12 -8.46 64.08
C ARG G 976 -31.32 -9.71 64.42
N ASP G 977 -31.85 -10.91 64.15
CA ASP G 977 -31.20 -12.15 64.52
C ASP G 977 -30.01 -12.48 63.62
N ARG G 978 -29.72 -11.60 62.67
CA ARG G 978 -28.62 -11.83 61.74
C ARG G 978 -27.29 -11.86 62.48
N CYS G 979 -26.43 -12.80 62.07
CA CYS G 979 -25.08 -12.91 62.61
C CYS G 979 -24.10 -12.35 61.58
N ARG G 980 -23.21 -11.47 62.04
CA ARG G 980 -22.28 -10.78 61.16
C ARG G 980 -20.83 -11.09 61.55
N VAL G 981 -19.93 -10.82 60.61
CA VAL G 981 -18.53 -11.18 60.80
C VAL G 981 -17.88 -10.30 61.86
N ALA G 982 -16.85 -10.84 62.50
CA ALA G 982 -16.07 -10.11 63.49
C ALA G 982 -14.69 -10.74 63.58
N GLN G 983 -13.72 -9.95 64.05
CA GLN G 983 -12.36 -10.41 64.23
C GLN G 983 -12.10 -10.57 65.72
N LEU G 984 -11.65 -11.76 66.12
CA LEU G 984 -11.41 -12.09 67.52
C LEU G 984 -9.91 -12.33 67.74
N ALA G 985 -9.38 -11.75 68.81
CA ALA G 985 -7.98 -11.94 69.14
C ALA G 985 -7.77 -13.29 69.83
N LEU G 986 -6.52 -13.58 70.19
CA LEU G 986 -6.19 -14.84 70.84
C LEU G 986 -5.31 -14.67 72.07
N LEU G 987 -4.65 -13.52 72.27
CA LEU G 987 -3.74 -13.37 73.40
C LEU G 987 -4.48 -13.44 74.73
N ASP G 988 -5.66 -12.82 74.81
CA ASP G 988 -6.42 -12.77 76.06
C ASP G 988 -7.82 -13.33 75.83
N GLY G 989 -8.33 -14.05 76.84
CA GLY G 989 -9.64 -14.63 76.77
C GLY G 989 -9.70 -15.99 77.44
N PRO G 990 -10.91 -16.49 77.70
CA PRO G 990 -11.05 -17.82 78.29
C PRO G 990 -10.52 -18.93 77.41
N PHE G 991 -10.40 -18.70 76.10
CA PHE G 991 -9.88 -19.68 75.16
C PHE G 991 -8.37 -19.62 75.01
N ALA G 992 -7.66 -19.08 76.01
CA ALA G 992 -6.21 -18.99 75.92
C ALA G 992 -5.54 -20.36 75.95
N ASP G 993 -6.22 -21.37 76.50
CA ASP G 993 -5.67 -22.72 76.54
C ASP G 993 -5.47 -23.28 75.14
N LEU G 994 -6.28 -22.84 74.17
CA LEU G 994 -6.18 -23.30 72.80
C LEU G 994 -5.27 -22.41 71.94
N GLY G 995 -4.59 -21.44 72.56
CA GLY G 995 -3.69 -20.58 71.79
C GLY G 995 -2.57 -21.36 71.12
N ASP G 996 -2.00 -22.33 71.83
CA ASP G 996 -0.94 -23.18 71.31
C ASP G 996 -1.24 -24.64 71.60
N GLY G 997 -2.51 -25.05 71.45
CA GLY G 997 -2.89 -26.42 71.73
C GLY G 997 -2.41 -27.42 70.69
N GLY G 998 -2.06 -26.96 69.50
CA GLY G 998 -1.60 -27.85 68.45
C GLY G 998 -2.68 -28.57 67.68
N CYS G 999 -3.95 -28.23 67.90
CA CYS G 999 -5.07 -28.85 67.22
C CYS G 999 -6.13 -27.78 66.97
N TYR G 1000 -6.27 -27.38 65.70
CA TYR G 1000 -7.25 -26.34 65.36
C TYR G 1000 -8.67 -26.85 65.56
N GLY G 1001 -8.91 -28.15 65.32
CA GLY G 1001 -10.26 -28.67 65.39
C GLY G 1001 -10.90 -28.50 66.76
N ASP G 1002 -10.11 -28.71 67.82
CA ASP G 1002 -10.63 -28.51 69.17
C ASP G 1002 -11.07 -27.06 69.37
N LEU G 1003 -10.38 -26.12 68.74
CA LEU G 1003 -10.71 -24.70 68.93
C LEU G 1003 -12.12 -24.40 68.43
N PHE G 1004 -12.43 -24.77 67.18
CA PHE G 1004 -13.75 -24.44 66.67
C PHE G 1004 -14.81 -25.36 67.24
N CYS G 1005 -14.45 -26.58 67.63
CA CYS G 1005 -15.39 -27.44 68.34
C CYS G 1005 -15.83 -26.80 69.66
N LYS G 1006 -14.86 -26.26 70.42
CA LYS G 1006 -15.20 -25.58 71.66
C LYS G 1006 -15.98 -24.30 71.40
N ALA G 1007 -15.62 -23.58 70.34
CA ALA G 1007 -16.34 -22.36 69.99
C ALA G 1007 -17.80 -22.67 69.69
N LEU G 1008 -18.05 -23.76 68.98
CA LEU G 1008 -19.42 -24.15 68.66
C LEU G 1008 -20.17 -24.62 69.90
N LYS G 1009 -19.51 -25.46 70.73
CA LYS G 1009 -20.21 -26.09 71.85
C LYS G 1009 -20.28 -25.22 73.10
N THR G 1010 -19.63 -24.05 73.11
CA THR G 1010 -19.66 -23.18 74.27
C THR G 1010 -20.42 -21.89 74.00
N TYR G 1011 -20.04 -21.14 72.96
CA TYR G 1011 -20.63 -19.83 72.69
C TYR G 1011 -21.35 -19.80 71.34
N ASN G 1012 -21.47 -20.95 70.67
CA ASN G 1012 -22.21 -21.07 69.41
C ASN G 1012 -21.62 -20.16 68.33
N MET G 1013 -20.33 -20.33 68.06
CA MET G 1013 -19.64 -19.55 67.03
C MET G 1013 -18.83 -20.48 66.14
N LEU G 1014 -18.95 -20.29 64.83
CA LEU G 1014 -18.18 -21.04 63.85
C LEU G 1014 -17.15 -20.12 63.20
N CYS G 1015 -15.95 -20.64 62.98
CA CYS G 1015 -14.85 -19.87 62.42
C CYS G 1015 -14.58 -20.31 60.99
N PHE G 1016 -14.46 -19.33 60.09
CA PHE G 1016 -14.09 -19.65 58.71
C PHE G 1016 -12.69 -20.25 58.64
N GLY G 1017 -11.75 -19.70 59.41
CA GLY G 1017 -10.39 -20.19 59.37
C GLY G 1017 -9.41 -19.43 60.25
N ILE G 1018 -8.18 -19.26 59.75
CA ILE G 1018 -7.08 -18.72 60.54
C ILE G 1018 -6.50 -17.50 59.82
N TYR G 1019 -6.32 -16.41 60.57
CA TYR G 1019 -5.62 -15.22 60.09
C TYR G 1019 -4.23 -15.24 60.73
N ARG G 1020 -3.24 -15.69 59.97
CA ARG G 1020 -1.94 -16.09 60.52
C ARG G 1020 -0.85 -15.13 60.05
N LEU G 1021 0.09 -14.84 60.94
CA LEU G 1021 1.23 -14.00 60.62
C LEU G 1021 2.08 -14.63 59.53
N ARG G 1022 2.65 -13.77 58.67
CA ARG G 1022 3.45 -14.25 57.55
C ARG G 1022 4.72 -14.95 58.02
N ASP G 1023 5.38 -14.39 59.05
CA ASP G 1023 6.64 -14.93 59.55
C ASP G 1023 6.46 -15.81 60.79
N ALA G 1024 5.22 -16.14 61.16
CA ALA G 1024 5.01 -16.98 62.32
C ALA G 1024 5.50 -18.41 62.08
N HIS G 1025 5.61 -18.82 60.81
CA HIS G 1025 6.03 -20.18 60.52
C HIS G 1025 7.51 -20.41 60.78
N LEU G 1026 8.31 -19.36 60.87
CA LEU G 1026 9.74 -19.49 61.13
C LEU G 1026 10.02 -19.42 62.63
N SER G 1027 11.01 -20.19 63.07
CA SER G 1027 11.34 -20.25 64.49
C SER G 1027 11.84 -18.90 64.99
N THR G 1028 12.70 -18.24 64.22
CA THR G 1028 13.26 -16.97 64.66
C THR G 1028 12.18 -15.88 64.66
N PRO G 1029 12.21 -14.97 65.62
CA PRO G 1029 11.25 -13.87 65.64
C PRO G 1029 11.53 -12.86 64.53
N SER G 1030 10.50 -12.08 64.22
CA SER G 1030 10.61 -11.06 63.19
C SER G 1030 9.66 -9.92 63.54
N GLN G 1031 9.85 -8.79 62.87
CA GLN G 1031 9.04 -7.60 63.09
C GLN G 1031 7.91 -7.46 62.07
N CYS G 1032 7.65 -8.49 61.28
CA CYS G 1032 6.61 -8.43 60.27
C CYS G 1032 5.24 -8.36 60.92
N THR G 1033 4.32 -7.63 60.27
CA THR G 1033 2.97 -7.46 60.76
C THR G 1033 1.91 -8.02 59.81
N LYS G 1034 2.22 -8.15 58.53
CA LYS G 1034 1.24 -8.63 57.56
C LYS G 1034 0.80 -10.05 57.89
N ARG G 1035 -0.51 -10.30 57.80
CA ARG G 1035 -1.10 -11.59 58.07
C ARG G 1035 -1.91 -12.06 56.86
N TYR G 1036 -1.72 -13.31 56.46
CA TYR G 1036 -2.46 -13.91 55.37
C TYR G 1036 -3.59 -14.78 55.94
N VAL G 1037 -4.52 -15.15 55.07
CA VAL G 1037 -5.76 -15.81 55.47
C VAL G 1037 -5.64 -17.30 55.22
N ILE G 1038 -6.22 -18.09 56.13
CA ILE G 1038 -6.38 -19.52 55.98
C ILE G 1038 -7.87 -19.83 56.08
N THR G 1039 -8.39 -20.60 55.13
CA THR G 1039 -9.80 -20.96 55.10
C THR G 1039 -9.94 -22.44 55.40
N ASN G 1040 -10.68 -22.76 56.46
CA ASN G 1040 -10.96 -24.12 56.90
C ASN G 1040 -9.67 -24.94 57.05
N PRO G 1041 -8.88 -24.68 58.10
CA PRO G 1041 -7.70 -25.51 58.32
C PRO G 1041 -8.09 -26.94 58.65
N PRO G 1042 -7.23 -27.90 58.35
CA PRO G 1042 -7.53 -29.30 58.70
C PRO G 1042 -7.69 -29.48 60.19
N TYR G 1043 -8.19 -30.66 60.57
CA TYR G 1043 -8.42 -30.97 61.98
C TYR G 1043 -7.12 -30.98 62.76
N GLU G 1044 -6.07 -31.58 62.18
CA GLU G 1044 -4.77 -31.67 62.85
C GLU G 1044 -3.86 -30.53 62.40
N PHE G 1045 -4.34 -29.31 62.67
CA PHE G 1045 -3.63 -28.09 62.30
C PHE G 1045 -3.08 -27.44 63.57
N GLU G 1046 -1.78 -27.21 63.59
CA GLU G 1046 -1.14 -26.57 64.73
C GLU G 1046 -1.50 -25.09 64.78
N LEU G 1047 -1.59 -24.57 66.00
CA LEU G 1047 -1.96 -23.17 66.23
C LEU G 1047 -0.76 -22.39 66.76
N VAL G 1048 -0.87 -21.07 66.69
CA VAL G 1048 0.16 -20.15 67.17
C VAL G 1048 -0.51 -19.21 68.18
N PRO G 1049 0.15 -18.88 69.29
CA PRO G 1049 -0.47 -17.97 70.27
C PRO G 1049 -0.83 -16.62 69.69
N THR G 1050 -0.01 -16.07 68.79
CA THR G 1050 -0.34 -14.81 68.12
C THR G 1050 -1.16 -15.12 66.88
N ASP G 1051 -2.46 -14.86 66.95
CA ASP G 1051 -3.36 -15.24 65.87
C ASP G 1051 -4.65 -14.43 65.98
N LEU G 1052 -5.37 -14.37 64.87
CA LEU G 1052 -6.69 -13.75 64.80
C LEU G 1052 -7.68 -14.76 64.23
N ILE G 1053 -8.92 -14.67 64.69
CA ILE G 1053 -9.95 -15.65 64.35
C ILE G 1053 -11.12 -14.94 63.70
N PHE G 1054 -11.52 -15.43 62.52
CA PHE G 1054 -12.76 -14.98 61.90
C PHE G 1054 -13.95 -15.68 62.56
N CYS G 1055 -15.01 -14.92 62.79
CA CYS G 1055 -16.20 -15.48 63.43
C CYS G 1055 -17.43 -14.72 62.94
N LEU G 1056 -18.59 -15.37 63.08
CA LEU G 1056 -19.88 -14.78 62.77
C LEU G 1056 -20.61 -14.54 64.09
N MET G 1057 -20.35 -13.39 64.70
CA MET G 1057 -20.95 -13.09 65.99
C MET G 1057 -22.44 -12.82 65.84
N GLN G 1058 -23.22 -13.29 66.81
CA GLN G 1058 -24.66 -13.08 66.82
C GLN G 1058 -25.00 -11.75 67.45
N PHE G 1059 -26.28 -11.40 67.39
CA PHE G 1059 -26.76 -10.18 68.03
C PHE G 1059 -26.92 -10.41 69.54
N ASP G 1060 -27.26 -9.34 70.25
CA ASP G 1060 -27.44 -9.41 71.69
C ASP G 1060 -28.67 -8.61 72.15
N ALA H 40 45.10 -26.68 -79.27
CA ALA H 40 44.50 -25.40 -79.59
C ALA H 40 44.08 -24.66 -78.32
N PRO H 41 44.40 -23.36 -78.25
CA PRO H 41 44.10 -22.59 -77.03
C PRO H 41 42.63 -22.50 -76.70
N ASP H 42 41.74 -22.59 -77.69
CA ASP H 42 40.31 -22.45 -77.43
C ASP H 42 39.68 -23.68 -76.81
N CYS H 43 40.44 -24.77 -76.65
CA CYS H 43 39.93 -26.01 -76.06
C CYS H 43 40.49 -26.19 -74.66
N PRO H 44 39.67 -26.61 -73.69
CA PRO H 44 40.21 -26.92 -72.36
C PRO H 44 41.19 -28.08 -72.43
N GLU H 45 42.20 -28.03 -71.55
CA GLU H 45 43.25 -29.03 -71.56
C GLU H 45 42.71 -30.43 -71.24
N VAL H 46 41.82 -30.53 -70.24
CA VAL H 46 41.32 -31.84 -69.80
C VAL H 46 40.12 -32.32 -70.60
N CYS H 47 39.51 -31.46 -71.40
CA CYS H 47 38.32 -31.83 -72.17
C CYS H 47 38.71 -32.21 -73.60
N THR H 48 37.71 -32.67 -74.34
CA THR H 48 37.87 -33.06 -75.74
C THR H 48 37.02 -32.15 -76.61
N CYS H 49 37.61 -31.61 -77.68
CA CYS H 49 36.93 -30.71 -78.58
C CYS H 49 37.02 -31.21 -80.01
N VAL H 50 36.01 -30.87 -80.80
CA VAL H 50 35.99 -31.21 -82.23
C VAL H 50 35.76 -29.92 -83.01
N PRO H 51 36.15 -29.91 -84.29
CA PRO H 51 35.92 -28.71 -85.10
C PRO H 51 34.43 -28.36 -85.15
N GLY H 52 34.15 -27.06 -85.15
CA GLY H 52 32.80 -26.56 -85.09
C GLY H 52 32.38 -26.01 -83.75
N GLY H 53 33.28 -25.93 -82.77
CA GLY H 53 32.95 -25.35 -81.49
C GLY H 53 32.19 -26.26 -80.54
N LEU H 54 32.28 -27.57 -80.73
CA LEU H 54 31.61 -28.53 -79.85
C LEU H 54 32.64 -29.10 -78.89
N ALA H 55 32.45 -28.85 -77.60
CA ALA H 55 33.35 -29.31 -76.56
C ALA H 55 32.60 -30.20 -75.58
N SER H 56 33.21 -31.34 -75.23
CA SER H 56 32.62 -32.30 -74.31
C SER H 56 33.58 -32.52 -73.15
N CYS H 57 33.07 -32.35 -71.92
CA CYS H 57 33.85 -32.57 -70.72
C CYS H 57 33.26 -33.68 -69.84
N SER H 58 32.45 -34.57 -70.42
CA SER H 58 31.81 -35.62 -69.66
C SER H 58 32.81 -36.68 -69.23
N ALA H 59 32.45 -37.41 -68.16
CA ALA H 59 33.25 -38.51 -67.63
C ALA H 59 34.66 -38.06 -67.27
N LEU H 60 34.78 -36.88 -66.67
CA LEU H 60 36.06 -36.36 -66.23
C LEU H 60 36.13 -36.14 -64.72
N SER H 61 35.02 -36.28 -64.00
CA SER H 61 34.98 -36.08 -62.55
C SER H 61 35.52 -34.70 -62.17
N LEU H 62 35.13 -33.68 -62.93
CA LEU H 62 35.60 -32.32 -62.68
C LEU H 62 35.01 -31.79 -61.39
N PRO H 63 35.83 -31.27 -60.46
CA PRO H 63 35.27 -30.69 -59.23
C PRO H 63 34.78 -29.27 -59.41
N ALA H 64 35.11 -28.60 -60.52
CA ALA H 64 34.66 -27.25 -60.78
C ALA H 64 34.62 -27.04 -62.29
N VAL H 65 34.10 -25.89 -62.69
CA VAL H 65 34.02 -25.57 -64.12
C VAL H 65 35.43 -25.38 -64.68
N PRO H 66 35.77 -25.98 -65.81
CA PRO H 66 37.10 -25.78 -66.39
C PRO H 66 37.30 -24.33 -66.82
N PRO H 67 38.50 -23.80 -66.66
CA PRO H 67 38.79 -22.42 -67.05
C PRO H 67 39.11 -22.34 -68.54
N GLY H 68 39.51 -21.14 -68.97
CA GLY H 68 39.91 -20.92 -70.34
C GLY H 68 38.79 -21.03 -71.35
N LEU H 69 37.62 -20.48 -71.05
CA LEU H 69 36.52 -20.48 -72.01
C LEU H 69 36.81 -19.53 -73.16
N SER H 70 36.35 -19.90 -74.35
CA SER H 70 36.60 -19.15 -75.57
C SER H 70 35.31 -18.93 -76.34
N LEU H 71 35.31 -17.89 -77.17
CA LEU H 71 34.14 -17.58 -78.00
C LEU H 71 34.01 -18.54 -79.18
N ARG H 72 35.04 -19.33 -79.47
CA ARG H 72 35.00 -20.27 -80.59
C ARG H 72 34.15 -21.51 -80.28
N LEU H 73 33.87 -21.78 -79.02
CA LEU H 73 33.08 -22.95 -78.66
C LEU H 73 31.60 -22.60 -78.68
N ARG H 74 30.82 -23.43 -79.38
CA ARG H 74 29.37 -23.20 -79.51
C ARG H 74 28.55 -24.08 -78.57
N ALA H 75 29.02 -25.29 -78.25
CA ALA H 75 28.31 -26.20 -77.37
C ALA H 75 29.28 -26.75 -76.33
N LEU H 76 28.82 -26.84 -75.09
CA LEU H 76 29.63 -27.35 -73.98
C LEU H 76 28.87 -28.45 -73.26
N LEU H 77 29.57 -29.55 -72.97
CA LEU H 77 29.02 -30.67 -72.23
C LEU H 77 29.72 -30.80 -70.88
N LEU H 78 28.94 -30.86 -69.80
CA LEU H 78 29.50 -30.93 -68.47
C LEU H 78 28.77 -31.94 -67.59
N ASP H 79 28.09 -32.93 -68.17
CA ASP H 79 27.30 -33.86 -67.39
C ASP H 79 28.18 -34.86 -66.66
N HIS H 80 27.61 -35.50 -65.65
CA HIS H 80 28.28 -36.54 -64.85
C HIS H 80 29.58 -36.02 -64.22
N ASN H 81 29.50 -34.84 -63.61
CA ASN H 81 30.61 -34.26 -62.88
C ASN H 81 30.20 -34.00 -61.43
N ARG H 82 31.10 -33.41 -60.65
CA ARG H 82 30.83 -33.11 -59.26
C ARG H 82 30.98 -31.62 -58.98
N VAL H 83 30.45 -30.78 -59.86
CA VAL H 83 30.49 -29.32 -59.67
C VAL H 83 29.25 -28.97 -58.86
N ARG H 84 29.37 -29.12 -57.54
CA ARG H 84 28.24 -28.85 -56.66
C ARG H 84 27.90 -27.37 -56.62
N ALA H 85 28.91 -26.52 -56.54
CA ALA H 85 28.73 -25.07 -56.42
C ALA H 85 29.16 -24.40 -57.72
N LEU H 86 28.32 -23.48 -58.21
CA LEU H 86 28.61 -22.74 -59.43
C LEU H 86 29.00 -21.32 -59.07
N PRO H 87 30.26 -20.91 -59.25
CA PRO H 87 30.64 -19.56 -58.88
C PRO H 87 30.03 -18.54 -59.82
N PRO H 88 29.83 -17.30 -59.36
CA PRO H 88 29.29 -16.26 -60.24
C PRO H 88 30.23 -16.00 -61.42
N GLY H 89 29.63 -15.83 -62.61
CA GLY H 89 30.42 -15.62 -63.81
C GLY H 89 31.33 -16.76 -64.15
N ALA H 90 30.91 -18.01 -63.90
CA ALA H 90 31.75 -19.16 -64.19
C ALA H 90 31.95 -19.34 -65.69
N PHE H 91 30.90 -19.11 -66.47
CA PHE H 91 30.93 -19.29 -67.91
C PHE H 91 31.33 -18.02 -68.66
N ALA H 92 32.04 -17.11 -68.00
CA ALA H 92 32.45 -15.86 -68.63
C ALA H 92 33.43 -16.12 -69.76
N GLY H 93 33.26 -15.41 -70.86
CA GLY H 93 34.14 -15.53 -72.00
C GLY H 93 33.51 -16.20 -73.19
N ALA H 94 32.72 -17.25 -72.95
CA ALA H 94 32.05 -17.99 -74.02
C ALA H 94 30.65 -17.42 -74.27
N GLY H 95 30.62 -16.17 -74.74
CA GLY H 95 29.36 -15.51 -75.03
C GLY H 95 28.65 -16.06 -76.25
N ALA H 96 29.36 -16.76 -77.12
CA ALA H 96 28.78 -17.34 -78.32
C ALA H 96 28.29 -18.77 -78.12
N LEU H 97 28.37 -19.29 -76.90
CA LEU H 97 27.91 -20.66 -76.64
C LEU H 97 26.42 -20.77 -76.86
N GLN H 98 25.99 -21.91 -77.40
CA GLN H 98 24.60 -22.15 -77.71
C GLN H 98 23.96 -23.24 -76.84
N ARG H 99 24.69 -24.31 -76.54
CA ARG H 99 24.17 -25.42 -75.76
C ARG H 99 25.03 -25.62 -74.53
N LEU H 100 24.40 -25.65 -73.36
CA LEU H 100 25.08 -25.90 -72.10
C LEU H 100 24.36 -27.03 -71.37
N ASP H 101 25.12 -28.01 -70.89
CA ASP H 101 24.58 -29.18 -70.21
C ASP H 101 25.20 -29.29 -68.83
N LEU H 102 24.35 -29.47 -67.82
CA LEU H 102 24.81 -29.65 -66.44
C LEU H 102 24.06 -30.79 -65.75
N ARG H 103 23.58 -31.75 -66.52
CA ARG H 103 22.80 -32.85 -65.96
C ARG H 103 23.67 -33.75 -65.09
N GLU H 104 23.07 -34.29 -64.02
CA GLU H 104 23.72 -35.26 -63.14
C GLU H 104 25.03 -34.72 -62.58
N ASN H 105 25.01 -33.46 -62.16
CA ASN H 105 26.20 -32.81 -61.60
C ASN H 105 26.02 -32.45 -60.13
N GLY H 106 24.88 -32.80 -59.52
CA GLY H 106 24.67 -32.50 -58.12
C GLY H 106 24.60 -31.03 -57.78
N LEU H 107 24.08 -30.21 -58.70
CA LEU H 107 23.92 -28.79 -58.43
C LEU H 107 22.90 -28.56 -57.33
N HIS H 108 23.22 -27.64 -56.41
CA HIS H 108 22.31 -27.32 -55.31
C HIS H 108 22.06 -25.83 -55.14
N SER H 109 22.89 -24.96 -55.71
CA SER H 109 22.69 -23.52 -55.61
C SER H 109 23.41 -22.84 -56.77
N VAL H 110 22.71 -21.94 -57.45
CA VAL H 110 23.24 -21.22 -58.59
C VAL H 110 23.15 -19.72 -58.30
N HIS H 111 24.24 -19.01 -58.51
CA HIS H 111 24.26 -17.57 -58.27
C HIS H 111 23.44 -16.85 -59.34
N VAL H 112 23.01 -15.63 -59.00
CA VAL H 112 22.18 -14.85 -59.90
C VAL H 112 22.94 -14.48 -61.16
N ARG H 113 24.25 -14.19 -61.03
CA ARG H 113 25.07 -13.76 -62.15
C ARG H 113 25.99 -14.87 -62.66
N ALA H 114 25.70 -16.11 -62.29
CA ALA H 114 26.59 -17.23 -62.64
C ALA H 114 26.72 -17.46 -64.13
N PHE H 115 25.61 -17.60 -64.83
CA PHE H 115 25.64 -17.80 -66.27
C PHE H 115 25.99 -16.51 -66.98
N TRP H 116 27.06 -15.86 -66.54
CA TRP H 116 27.47 -14.59 -67.13
C TRP H 116 27.91 -14.77 -68.58
N GLY H 117 27.73 -13.73 -69.38
CA GLY H 117 28.14 -13.80 -70.78
C GLY H 117 27.58 -14.99 -71.51
N LEU H 118 26.26 -15.05 -71.63
CA LEU H 118 25.61 -16.17 -72.33
C LEU H 118 24.34 -15.74 -73.05
N GLY H 119 24.26 -14.49 -73.47
CA GLY H 119 23.10 -14.03 -74.22
C GLY H 119 22.73 -14.91 -75.38
N ALA H 120 23.69 -15.64 -75.95
CA ALA H 120 23.43 -16.51 -77.08
C ALA H 120 23.11 -17.95 -76.67
N LEU H 121 23.12 -18.24 -75.37
CA LEU H 121 22.83 -19.60 -74.91
C LEU H 121 21.37 -19.96 -75.20
N GLN H 122 21.16 -21.13 -75.78
CA GLN H 122 19.83 -21.58 -76.19
C GLN H 122 19.35 -22.81 -75.44
N LEU H 123 20.25 -23.74 -75.10
CA LEU H 123 19.88 -25.01 -74.49
C LEU H 123 20.51 -25.10 -73.11
N LEU H 124 19.68 -25.36 -72.10
CA LEU H 124 20.13 -25.57 -70.73
C LEU H 124 19.56 -26.88 -70.21
N ASP H 125 20.41 -27.68 -69.58
CA ASP H 125 20.01 -28.96 -69.00
C ASP H 125 20.48 -28.99 -67.55
N LEU H 126 19.63 -28.47 -66.65
CA LEU H 126 19.87 -28.50 -65.22
C LEU H 126 19.19 -29.68 -64.55
N SER H 127 18.65 -30.61 -65.33
CA SER H 127 17.89 -31.73 -64.78
C SER H 127 18.80 -32.69 -64.03
N ALA H 128 18.16 -33.63 -63.31
CA ALA H 128 18.86 -34.64 -62.52
C ALA H 128 19.83 -34.02 -61.53
N ASN H 129 19.39 -32.97 -60.86
CA ASN H 129 20.21 -32.28 -59.86
C ASN H 129 19.44 -32.11 -58.55
N GLN H 130 20.01 -31.35 -57.62
CA GLN H 130 19.41 -31.15 -56.31
C GLN H 130 19.09 -29.67 -56.07
N LEU H 131 18.62 -29.00 -57.12
CA LEU H 131 18.27 -27.59 -57.01
C LEU H 131 16.97 -27.43 -56.22
N GLU H 132 17.08 -26.88 -55.01
CA GLU H 132 15.90 -26.67 -54.17
C GLU H 132 15.33 -25.26 -54.28
N ALA H 133 16.12 -24.29 -54.71
CA ALA H 133 15.65 -22.92 -54.85
C ALA H 133 16.47 -22.22 -55.93
N LEU H 134 15.81 -21.29 -56.62
CA LEU H 134 16.44 -20.51 -57.68
C LEU H 134 16.30 -19.03 -57.37
N ALA H 135 17.41 -18.31 -57.45
CA ALA H 135 17.38 -16.87 -57.23
C ALA H 135 16.72 -16.17 -58.42
N PRO H 136 15.81 -15.23 -58.17
CA PRO H 136 15.17 -14.52 -59.28
C PRO H 136 16.18 -13.74 -60.10
N GLY H 137 15.93 -13.68 -61.41
CA GLY H 137 16.82 -13.00 -62.33
C GLY H 137 17.99 -13.83 -62.83
N THR H 138 18.08 -15.10 -62.41
CA THR H 138 19.18 -15.95 -62.88
C THR H 138 19.09 -16.19 -64.37
N PHE H 139 17.89 -16.43 -64.89
CA PHE H 139 17.67 -16.72 -66.29
C PHE H 139 17.27 -15.49 -67.10
N ALA H 140 17.37 -14.30 -66.52
CA ALA H 140 16.99 -13.09 -67.24
C ALA H 140 17.83 -12.83 -68.49
N PRO H 141 19.17 -12.92 -68.47
CA PRO H 141 19.92 -12.66 -69.70
C PRO H 141 19.67 -13.65 -70.82
N LEU H 142 19.11 -14.83 -70.50
CA LEU H 142 18.89 -15.87 -71.50
C LEU H 142 17.70 -15.48 -72.38
N ARG H 143 17.93 -14.51 -73.26
CA ARG H 143 16.90 -14.08 -74.19
C ARG H 143 16.68 -15.07 -75.33
N ALA H 144 17.69 -15.87 -75.66
CA ALA H 144 17.60 -16.85 -76.74
C ALA H 144 17.34 -18.27 -76.23
N LEU H 145 17.00 -18.41 -74.95
CA LEU H 145 16.71 -19.73 -74.39
C LEU H 145 15.53 -20.37 -75.10
N ARG H 146 15.70 -21.64 -75.47
CA ARG H 146 14.65 -22.40 -76.14
C ARG H 146 14.23 -23.65 -75.39
N ASN H 147 15.16 -24.31 -74.70
CA ASN H 147 14.84 -25.47 -73.87
C ASN H 147 15.49 -25.29 -72.51
N LEU H 148 14.69 -25.47 -71.45
CA LEU H 148 15.16 -25.35 -70.07
C LEU H 148 14.75 -26.62 -69.33
N SER H 149 15.73 -27.34 -68.79
CA SER H 149 15.49 -28.60 -68.11
C SER H 149 15.63 -28.41 -66.61
N LEU H 150 14.62 -28.87 -65.86
CA LEU H 150 14.63 -28.83 -64.40
C LEU H 150 14.10 -30.13 -63.81
N ALA H 151 14.21 -31.23 -64.57
CA ALA H 151 13.66 -32.50 -64.14
C ALA H 151 14.51 -33.11 -63.02
N GLY H 152 13.88 -33.98 -62.25
CA GLY H 152 14.57 -34.68 -61.19
C GLY H 152 15.15 -33.79 -60.10
N ASN H 153 14.65 -32.57 -59.98
CA ASN H 153 15.15 -31.62 -59.00
C ASN H 153 14.20 -31.57 -57.79
N ARG H 154 14.70 -30.96 -56.72
CA ARG H 154 13.92 -30.79 -55.48
C ARG H 154 13.36 -29.38 -55.35
N LEU H 155 13.00 -28.75 -56.46
CA LEU H 155 12.41 -27.42 -56.45
C LEU H 155 10.99 -27.51 -55.92
N ALA H 156 10.83 -27.20 -54.63
CA ALA H 156 9.49 -27.26 -54.02
C ALA H 156 8.55 -26.23 -54.65
N ARG H 157 9.04 -25.01 -54.87
CA ARG H 157 8.23 -23.95 -55.46
C ARG H 157 9.01 -23.26 -56.56
N LEU H 158 8.32 -22.99 -57.67
CA LEU H 158 8.86 -22.20 -58.76
C LEU H 158 8.05 -20.91 -58.85
N GLU H 159 8.73 -19.77 -58.80
CA GLU H 159 8.06 -18.49 -58.75
C GLU H 159 8.06 -17.83 -60.13
N PRO H 160 7.06 -17.00 -60.42
CA PRO H 160 7.04 -16.29 -61.70
C PRO H 160 8.29 -15.46 -61.97
N ALA H 161 8.86 -14.83 -60.93
CA ALA H 161 10.05 -14.02 -61.11
C ALA H 161 11.31 -14.87 -61.28
N ALA H 162 11.26 -16.16 -60.92
CA ALA H 162 12.42 -17.02 -61.09
C ALA H 162 12.74 -17.23 -62.57
N LEU H 163 11.70 -17.42 -63.39
CA LEU H 163 11.91 -17.63 -64.82
C LEU H 163 12.25 -16.33 -65.54
N GLY H 164 11.69 -15.20 -65.10
CA GLY H 164 11.97 -13.94 -65.75
C GLY H 164 11.28 -13.82 -67.10
N ALA H 165 11.72 -12.83 -67.87
CA ALA H 165 11.18 -12.58 -69.19
C ALA H 165 11.79 -13.56 -70.18
N LEU H 166 10.96 -14.48 -70.69
CA LEU H 166 11.42 -15.53 -71.61
C LEU H 166 10.49 -15.54 -72.82
N PRO H 167 10.64 -14.57 -73.73
CA PRO H 167 9.74 -14.50 -74.89
C PRO H 167 10.03 -15.56 -75.94
N LEU H 168 11.31 -15.89 -76.13
CA LEU H 168 11.72 -16.84 -77.16
C LEU H 168 11.66 -18.29 -76.69
N LEU H 169 11.28 -18.54 -75.45
CA LEU H 169 11.22 -19.90 -74.95
C LEU H 169 10.07 -20.65 -75.61
N ARG H 170 10.34 -21.88 -76.05
CA ARG H 170 9.33 -22.68 -76.75
C ARG H 170 8.83 -23.87 -75.93
N SER H 171 9.62 -24.39 -75.00
CA SER H 171 9.23 -25.57 -74.26
C SER H 171 9.85 -25.54 -72.87
N LEU H 172 9.25 -26.31 -71.96
CA LEU H 172 9.73 -26.43 -70.60
C LEU H 172 9.56 -27.86 -70.12
N SER H 173 10.35 -28.25 -69.12
CA SER H 173 10.29 -29.58 -68.53
C SER H 173 10.41 -29.43 -67.02
N LEU H 174 9.32 -29.72 -66.31
CA LEU H 174 9.26 -29.57 -64.86
C LEU H 174 8.87 -30.88 -64.18
N GLN H 175 9.15 -32.01 -64.82
CA GLN H 175 8.76 -33.30 -64.27
C GLN H 175 9.70 -33.71 -63.14
N ASP H 176 9.24 -34.70 -62.37
CA ASP H 176 10.04 -35.30 -61.29
C ASP H 176 10.51 -34.24 -60.29
N ASN H 177 9.62 -33.31 -59.96
CA ASN H 177 9.94 -32.24 -59.03
C ASN H 177 8.93 -32.26 -57.88
N GLU H 178 9.13 -31.32 -56.95
CA GLU H 178 8.26 -31.18 -55.77
C GLU H 178 7.34 -29.97 -55.90
N LEU H 179 6.99 -29.59 -57.13
CA LEU H 179 6.15 -28.42 -57.37
C LEU H 179 4.72 -28.73 -56.93
N ALA H 180 4.35 -28.24 -55.75
CA ALA H 180 3.00 -28.48 -55.23
C ALA H 180 1.94 -27.82 -56.11
N ALA H 181 2.17 -26.58 -56.51
CA ALA H 181 1.23 -25.86 -57.35
C ALA H 181 1.95 -24.72 -58.04
N LEU H 182 1.46 -24.35 -59.22
CA LEU H 182 2.01 -23.24 -59.98
C LEU H 182 1.29 -21.95 -59.62
N ALA H 183 2.03 -20.98 -59.11
CA ALA H 183 1.44 -19.69 -58.78
C ALA H 183 0.98 -18.98 -60.05
N PRO H 184 -0.18 -18.32 -60.02
CA PRO H 184 -0.66 -17.61 -61.20
C PRO H 184 0.31 -16.53 -61.64
N GLY H 185 0.44 -16.35 -62.95
CA GLY H 185 1.33 -15.37 -63.53
C GLY H 185 2.67 -15.91 -63.99
N LEU H 186 3.02 -17.13 -63.61
CA LEU H 186 4.28 -17.72 -64.05
C LEU H 186 4.28 -17.94 -65.56
N LEU H 187 3.15 -18.41 -66.10
CA LEU H 187 3.04 -18.66 -67.53
C LEU H 187 2.69 -17.42 -68.34
N GLY H 188 2.43 -16.30 -67.68
CA GLY H 188 2.06 -15.07 -68.38
C GLY H 188 3.18 -14.43 -69.16
N ARG H 189 4.43 -14.81 -68.91
CA ARG H 189 5.58 -14.25 -69.62
C ARG H 189 6.21 -15.25 -70.58
N LEU H 190 5.46 -16.26 -71.01
CA LEU H 190 5.93 -17.26 -71.97
C LEU H 190 4.93 -17.35 -73.11
N PRO H 191 4.91 -16.35 -73.99
CA PRO H 191 3.95 -16.38 -75.12
C PRO H 191 4.17 -17.54 -76.07
N ALA H 192 5.40 -17.98 -76.26
CA ALA H 192 5.74 -19.01 -77.25
C ALA H 192 5.86 -20.40 -76.62
N LEU H 193 5.37 -20.58 -75.40
CA LEU H 193 5.45 -21.87 -74.73
C LEU H 193 4.40 -22.81 -75.32
N ASP H 194 4.85 -23.89 -75.97
CA ASP H 194 3.97 -24.84 -76.61
C ASP H 194 4.09 -26.27 -76.06
N ALA H 195 5.17 -26.60 -75.36
CA ALA H 195 5.37 -27.93 -74.80
C ALA H 195 5.72 -27.81 -73.33
N LEU H 196 5.24 -28.77 -72.53
CA LEU H 196 5.48 -28.77 -71.10
C LEU H 196 5.31 -30.19 -70.57
N HIS H 197 6.19 -30.56 -69.63
CA HIS H 197 6.14 -31.85 -68.97
C HIS H 197 5.93 -31.63 -67.47
N LEU H 198 4.97 -32.36 -66.89
CA LEU H 198 4.61 -32.17 -65.48
C LEU H 198 4.41 -33.50 -64.77
N ARG H 199 4.91 -34.60 -65.33
CA ARG H 199 4.72 -35.91 -64.73
C ARG H 199 5.51 -36.04 -63.44
N GLY H 200 4.96 -36.81 -62.51
CA GLY H 200 5.65 -37.05 -61.24
C GLY H 200 5.80 -35.84 -60.35
N ASN H 201 4.74 -35.05 -60.21
CA ASN H 201 4.76 -33.87 -59.37
C ASN H 201 3.60 -33.91 -58.39
N PRO H 202 3.78 -33.34 -57.19
CA PRO H 202 2.71 -33.34 -56.17
C PRO H 202 1.67 -32.25 -56.44
N TRP H 203 0.94 -32.38 -57.53
CA TRP H 203 -0.04 -31.38 -57.94
C TRP H 203 -1.25 -31.48 -57.02
N GLY H 204 -1.47 -30.43 -56.23
CA GLY H 204 -2.66 -30.35 -55.40
C GLY H 204 -3.81 -29.73 -56.16
N CYS H 205 -4.79 -30.55 -56.55
CA CYS H 205 -5.83 -30.12 -57.48
C CYS H 205 -6.83 -29.19 -56.81
N GLY H 206 -6.57 -27.88 -56.88
CA GLY H 206 -7.47 -26.88 -56.36
C GLY H 206 -7.56 -25.67 -57.29
N CYS H 207 -7.89 -24.51 -56.72
CA CYS H 207 -7.95 -23.29 -57.54
C CYS H 207 -6.56 -22.70 -57.79
N ALA H 208 -5.54 -23.18 -57.08
CA ALA H 208 -4.18 -22.67 -57.30
C ALA H 208 -3.65 -23.01 -58.68
N LEU H 209 -4.16 -24.08 -59.30
CA LEU H 209 -3.70 -24.52 -60.61
C LEU H 209 -4.74 -24.29 -61.71
N ARG H 210 -5.69 -23.38 -61.48
CA ARG H 210 -6.59 -22.98 -62.55
C ARG H 210 -5.85 -22.37 -63.74
N PRO H 211 -4.90 -21.44 -63.57
CA PRO H 211 -4.10 -21.02 -64.73
C PRO H 211 -3.31 -22.16 -65.36
N LEU H 212 -2.87 -23.13 -64.57
CA LEU H 212 -2.18 -24.29 -65.13
C LEU H 212 -3.10 -25.08 -66.05
N CYS H 213 -4.33 -25.32 -65.62
CA CYS H 213 -5.30 -26.01 -66.49
C CYS H 213 -5.69 -25.14 -67.68
N ALA H 214 -5.62 -23.81 -67.53
CA ALA H 214 -5.95 -22.93 -68.65
C ALA H 214 -5.00 -23.15 -69.81
N TRP H 215 -3.71 -23.32 -69.53
CA TRP H 215 -2.75 -23.63 -70.59
C TRP H 215 -3.00 -25.01 -71.18
N LEU H 216 -3.34 -25.98 -70.33
CA LEU H 216 -3.51 -27.35 -70.80
C LEU H 216 -4.75 -27.50 -71.70
N ARG H 217 -5.81 -26.75 -71.42
CA ARG H 217 -7.02 -26.87 -72.23
C ARG H 217 -6.76 -26.46 -73.67
N ARG H 218 -6.02 -25.38 -73.89
CA ARG H 218 -5.73 -24.92 -75.24
C ARG H 218 -4.46 -25.54 -75.82
N HIS H 219 -3.76 -26.36 -75.05
CA HIS H 219 -2.58 -27.09 -75.51
C HIS H 219 -2.83 -28.58 -75.27
N PRO H 220 -3.40 -29.28 -76.25
CA PRO H 220 -3.72 -30.69 -76.05
C PRO H 220 -2.50 -31.56 -75.81
N LEU H 221 -2.39 -32.09 -74.60
CA LEU H 221 -1.27 -32.95 -74.25
C LEU H 221 -1.48 -34.32 -74.88
N PRO H 222 -0.42 -35.01 -75.31
CA PRO H 222 -0.60 -36.38 -75.82
C PRO H 222 -1.18 -37.29 -74.77
N ALA H 223 -1.98 -38.27 -75.23
CA ALA H 223 -2.68 -39.17 -74.31
C ALA H 223 -1.69 -39.97 -73.47
N SER H 224 -0.51 -40.26 -74.03
CA SER H 224 0.50 -40.97 -73.24
C SER H 224 0.96 -40.16 -72.03
N GLU H 225 1.22 -38.86 -72.24
CA GLU H 225 1.63 -38.00 -71.14
C GLU H 225 0.45 -37.61 -70.26
N ALA H 226 -0.74 -37.43 -70.84
CA ALA H 226 -1.90 -37.02 -70.06
C ALA H 226 -2.30 -38.09 -69.05
N GLU H 227 -2.25 -39.36 -69.45
CA GLU H 227 -2.61 -40.44 -68.55
C GLU H 227 -1.64 -40.56 -67.37
N THR H 228 -0.43 -40.03 -67.50
CA THR H 228 0.55 -40.06 -66.44
C THR H 228 0.52 -38.82 -65.55
N VAL H 229 -0.39 -37.88 -65.80
CA VAL H 229 -0.54 -36.68 -65.00
C VAL H 229 -1.83 -36.81 -64.22
N LEU H 230 -1.74 -36.74 -62.89
CA LEU H 230 -2.89 -36.94 -62.02
C LEU H 230 -2.77 -36.02 -60.81
N CYS H 231 -3.87 -35.94 -60.06
CA CYS H 231 -3.86 -35.19 -58.81
C CYS H 231 -3.14 -35.98 -57.72
N VAL H 232 -2.86 -35.32 -56.61
CA VAL H 232 -2.19 -35.95 -55.47
C VAL H 232 -3.05 -35.80 -54.24
N TRP H 233 -3.42 -34.55 -53.91
CA TRP H 233 -4.28 -34.26 -52.79
C TRP H 233 -5.31 -33.23 -53.21
N PRO H 234 -6.52 -33.25 -52.61
CA PRO H 234 -6.99 -34.17 -51.57
C PRO H 234 -7.32 -35.55 -52.09
N GLY H 235 -7.57 -36.49 -51.18
CA GLY H 235 -7.89 -37.86 -51.57
C GLY H 235 -9.20 -38.00 -52.34
N ARG H 236 -10.09 -37.02 -52.22
CA ARG H 236 -11.35 -37.05 -52.97
C ARG H 236 -11.14 -36.91 -54.47
N LEU H 237 -9.99 -36.38 -54.90
CA LEU H 237 -9.72 -36.13 -56.30
C LEU H 237 -8.56 -36.98 -56.82
N THR H 238 -8.29 -38.10 -56.15
CA THR H 238 -7.22 -38.98 -56.58
C THR H 238 -7.58 -39.67 -57.90
N LEU H 239 -6.55 -40.02 -58.67
CA LEU H 239 -6.68 -40.67 -59.97
C LEU H 239 -7.49 -39.84 -60.95
N SER H 240 -7.44 -38.51 -60.82
CA SER H 240 -8.19 -37.63 -61.71
C SER H 240 -7.23 -36.86 -62.59
N PRO H 241 -7.26 -37.04 -63.92
CA PRO H 241 -6.37 -36.27 -64.79
C PRO H 241 -6.68 -34.78 -64.74
N LEU H 242 -5.63 -33.98 -64.92
CA LEU H 242 -5.79 -32.53 -64.86
C LEU H 242 -6.54 -31.98 -66.07
N THR H 243 -6.47 -32.67 -67.21
CA THR H 243 -7.15 -32.19 -68.42
C THR H 243 -8.66 -32.42 -68.37
N ALA H 244 -9.15 -33.29 -67.49
CA ALA H 244 -10.58 -33.55 -67.38
C ALA H 244 -11.31 -32.55 -66.49
N PHE H 245 -10.58 -31.66 -65.82
CA PHE H 245 -11.20 -30.66 -64.96
C PHE H 245 -11.58 -29.45 -65.80
N SER H 246 -12.88 -29.17 -65.87
CA SER H 246 -13.41 -28.07 -66.67
C SER H 246 -13.80 -26.91 -65.77
N ASP H 247 -14.39 -25.88 -66.39
CA ASP H 247 -14.82 -24.71 -65.63
C ASP H 247 -15.94 -25.05 -64.66
N ALA H 248 -16.85 -25.96 -65.07
CA ALA H 248 -17.94 -26.35 -64.18
C ALA H 248 -17.44 -27.05 -62.92
N ALA H 249 -16.33 -27.80 -63.04
CA ALA H 249 -15.79 -28.49 -61.87
C ALA H 249 -15.25 -27.51 -60.84
N PHE H 250 -14.78 -26.34 -61.29
CA PHE H 250 -14.23 -25.31 -60.40
C PHE H 250 -14.93 -23.97 -60.61
N SER H 251 -16.27 -24.00 -60.71
CA SER H 251 -17.02 -22.76 -60.79
C SER H 251 -17.02 -22.01 -59.46
N HIS H 252 -16.77 -22.71 -58.36
CA HIS H 252 -16.75 -22.08 -57.05
C HIS H 252 -15.43 -21.41 -56.73
N CYS H 253 -14.45 -21.49 -57.64
CA CYS H 253 -13.16 -20.84 -57.40
C CYS H 253 -13.32 -19.34 -57.39
N ALA H 254 -12.29 -18.65 -56.87
CA ALA H 254 -12.32 -17.20 -56.73
C ALA H 254 -12.31 -16.55 -58.10
N GLN H 255 -13.46 -16.04 -58.52
CA GLN H 255 -13.56 -15.31 -59.77
C GLN H 255 -12.92 -13.92 -59.63
N PRO H 256 -12.45 -13.34 -60.73
CA PRO H 256 -11.90 -11.98 -60.66
C PRO H 256 -12.99 -10.98 -60.27
N LEU H 257 -12.56 -9.93 -59.57
CA LEU H 257 -13.50 -8.94 -59.06
C LEU H 257 -14.25 -8.26 -60.21
N ALA H 258 -15.57 -8.23 -60.09
CA ALA H 258 -16.44 -7.61 -61.08
C ALA H 258 -16.78 -6.19 -60.64
N LEU H 259 -17.71 -5.56 -61.35
CA LEU H 259 -18.18 -4.22 -61.00
C LEU H 259 -19.53 -4.23 -60.29
N ARG H 260 -20.36 -5.24 -60.52
CA ARG H 260 -21.62 -5.36 -59.79
C ARG H 260 -21.36 -5.77 -58.35
N ASP H 261 -20.65 -6.89 -58.15
CA ASP H 261 -20.34 -7.34 -56.80
C ASP H 261 -19.49 -6.32 -56.05
N LEU H 262 -18.67 -5.54 -56.77
CA LEU H 262 -17.89 -4.50 -56.12
C LEU H 262 -18.79 -3.46 -55.47
N ALA H 263 -19.89 -3.09 -56.14
CA ALA H 263 -20.84 -2.17 -55.52
C ALA H 263 -21.66 -2.86 -54.44
N VAL H 264 -22.01 -4.13 -54.65
CA VAL H 264 -22.86 -4.83 -53.67
C VAL H 264 -22.14 -5.00 -52.34
N VAL H 265 -20.84 -5.32 -52.37
CA VAL H 265 -20.12 -5.53 -51.12
C VAL H 265 -20.02 -4.23 -50.35
N TYR H 266 -19.87 -3.09 -51.04
CA TYR H 266 -19.88 -1.81 -50.35
C TYR H 266 -21.26 -1.47 -49.79
N THR H 267 -22.31 -1.73 -50.56
CA THR H 267 -23.64 -1.24 -50.18
C THR H 267 -24.40 -2.20 -49.27
N LEU H 268 -23.93 -3.43 -49.09
CA LEU H 268 -24.71 -4.40 -48.33
C LEU H 268 -24.83 -4.03 -46.87
N GLY H 269 -23.77 -3.44 -46.30
CA GLY H 269 -23.78 -3.08 -44.89
C GLY H 269 -24.75 -1.96 -44.56
N PRO H 270 -24.49 -0.75 -45.08
CA PRO H 270 -25.37 0.38 -44.76
C PRO H 270 -26.81 0.17 -45.17
N ALA H 271 -27.04 -0.48 -46.32
CA ALA H 271 -28.43 -0.72 -46.74
C ALA H 271 -29.15 -1.65 -45.79
N SER H 272 -28.48 -2.72 -45.34
CA SER H 272 -29.10 -3.63 -44.39
C SER H 272 -29.35 -2.94 -43.05
N PHE H 273 -28.41 -2.10 -42.62
CA PHE H 273 -28.60 -1.37 -41.37
C PHE H 273 -29.80 -0.42 -41.48
N LEU H 274 -29.92 0.28 -42.60
CA LEU H 274 -31.06 1.17 -42.80
C LEU H 274 -32.37 0.40 -42.85
N VAL H 275 -32.37 -0.77 -43.50
CA VAL H 275 -33.58 -1.58 -43.56
C VAL H 275 -33.98 -2.03 -42.16
N SER H 276 -33.01 -2.48 -41.36
CA SER H 276 -33.32 -2.89 -39.99
C SER H 276 -33.85 -1.73 -39.17
N LEU H 277 -33.24 -0.55 -39.31
CA LEU H 277 -33.70 0.62 -38.58
C LEU H 277 -35.13 0.99 -38.98
N ALA H 278 -35.42 0.99 -40.28
CA ALA H 278 -36.76 1.31 -40.74
C ALA H 278 -37.78 0.30 -40.25
N SER H 279 -37.42 -0.99 -40.27
CA SER H 279 -38.33 -2.02 -39.78
C SER H 279 -38.61 -1.84 -38.29
N CYS H 280 -37.56 -1.56 -37.50
CA CYS H 280 -37.76 -1.35 -36.07
C CYS H 280 -38.64 -0.13 -35.81
N LEU H 281 -38.41 0.97 -36.54
CA LEU H 281 -39.21 2.16 -36.35
C LEU H 281 -40.66 1.92 -36.74
N ALA H 282 -40.89 1.21 -37.85
CA ALA H 282 -42.25 0.92 -38.28
C ALA H 282 -42.96 0.02 -37.27
N LEU H 283 -42.27 -0.99 -36.75
CA LEU H 283 -42.86 -1.87 -35.75
C LEU H 283 -43.22 -1.10 -34.49
N GLY H 284 -42.32 -0.24 -34.03
CA GLY H 284 -42.60 0.55 -32.85
C GLY H 284 -43.77 1.50 -33.04
N SER H 285 -43.82 2.18 -34.19
CA SER H 285 -44.93 3.09 -34.47
C SER H 285 -46.25 2.34 -34.55
N GLY H 286 -46.25 1.17 -35.21
CA GLY H 286 -47.48 0.40 -35.30
C GLY H 286 -47.96 -0.11 -33.96
N LEU H 287 -47.04 -0.62 -33.13
CA LEU H 287 -47.42 -1.10 -31.81
C LEU H 287 -47.95 0.04 -30.95
N THR H 288 -47.29 1.20 -31.00
CA THR H 288 -47.76 2.35 -30.23
C THR H 288 -49.14 2.80 -30.68
N ALA H 289 -49.36 2.86 -31.99
CA ALA H 289 -50.67 3.27 -32.51
C ALA H 289 -51.75 2.27 -32.10
N CYS H 290 -51.45 0.97 -32.21
CA CYS H 290 -52.43 -0.08 -31.85
C CYS H 290 -52.79 0.04 -30.36
N ARG H 291 -51.77 0.15 -29.50
CA ARG H 291 -52.01 0.26 -28.03
C ARG H 291 -52.77 1.55 -27.73
N ALA H 292 -52.41 2.65 -28.39
CA ALA H 292 -53.06 3.96 -28.11
C ALA H 292 -54.58 3.83 -28.31
N ARG H 293 -55.02 3.37 -29.49
CA ARG H 293 -56.48 3.30 -29.78
C ARG H 293 -57.12 2.18 -28.96
N ARG H 294 -56.39 1.11 -28.64
CA ARG H 294 -56.96 0.06 -27.77
C ARG H 294 -57.27 0.66 -26.39
N ARG H 295 -56.39 1.55 -25.91
CA ARG H 295 -56.56 2.13 -24.55
C ARG H 295 -57.59 3.25 -24.56
N ARG H 296 -57.45 4.25 -25.45
CA ARG H 296 -58.34 5.43 -25.33
C ARG H 296 -59.78 5.07 -25.74
N LEU H 297 -59.95 4.41 -26.87
CA LEU H 297 -61.29 4.11 -27.35
C LEU H 297 -62.09 3.23 -26.40
N ARG H 298 -61.45 2.69 -25.36
CA ARG H 298 -62.13 1.87 -24.37
C ARG H 298 -61.85 2.35 -22.96
N THR H 299 -61.71 3.67 -22.78
CA THR H 299 -61.46 4.22 -21.46
C THR H 299 -62.64 3.99 -20.53
N ALA H 300 -63.86 4.19 -21.03
CA ALA H 300 -65.05 3.98 -20.21
C ALA H 300 -65.27 2.51 -19.90
N ALA H 301 -64.94 1.63 -20.84
CA ALA H 301 -65.12 0.19 -20.65
C ALA H 301 -63.87 -0.44 -20.05
#